data_8Z9M
#
_entry.id   8Z9M
#
loop_
_entity.id
_entity.type
_entity.pdbx_description
1 polymer 'Protein FAM91A1'
2 polymer 'WD repeat-containing protein 11'
#
loop_
_entity_poly.entity_id
_entity_poly.type
_entity_poly.pdbx_seq_one_letter_code
_entity_poly.pdbx_strand_id
1 'polypeptide(L)'
;MHHHHHHHHMNIDVEFHIRHNYPWNKLPANVRQSLGNSQREYEKQVVLYSIRNQLRYRNNLVKHVKKDERRYYEELLKYS
RDHLMLYPYHLSDIMVKGLRITPFSYYTGIMEDIMNSEKSYDSLPNFTAADCLRLLGIGRNQYIDLMNQCRSSKKFFRRK
TARDLLPIKPVEIAIEAWWVVQAGYITEDDIKICTLPEKCAVDKIIDSGPQLSGSLDYNVVHSLYNKGFIYLDVPISDDS
CIAVPPLEGFVMNRVQGDYFETLLYKIFVSIDEHTNVAELANVLEIDLSLVKNAVSMYCRLGFAHKKGQVINLDQLHSSW
KNVPSVNRLKSTLDPQKMLLSWDGGESRSPVQEASSATDTDTNSQEDPADTASVSSLSLSTGHTKRIAFLFDSTLTAFLM
MGNLSPNLKSHAVTMFEVGKLSDESLDSFLIELEKVQSTGEGEAQRYFDHALTLRNTILFLRHNKDLVAQTAQPDQPNYG
FPLDLLRCESLLGLDPATCSRVLNKNYTLLVSMAPLTNEIRPVSSCTPQHIGPAIPEVSSVWFKLYIYHVTGQGPPSLLL
SKGTRLRKLPDIFQSYDRLLITSWGHDPGVVPTSNVLTMLNDALTHSAVLIQGHGLHGIGETVHVPFPFDETELQGEFTR
VNMGVHKALQILRNRVDLQHLCGYVTMLNASSQLADRKLSDASDERGEPDLASGSDVNGSTESFEMVIEEATIDSATKQT
SGATTEADWVPLELCFGIPLFSSELNRKVCRKIAAHGLCRKESLQNLLHSSRKLSLQVLNFVHSFQEGASILDIHTEPSF
SSLLSQSSCADMGVPLPAKNLIFKDGVLSEWSGRSPSSLLIANLHLQ
;
C,A
2 'polypeptide(L)'
;MLPYTVNFKVSARTLTGALNAHNKAAVDWGWQGLIAYGCHSLVVVIDSITAQTLQVLEKHKADVVKVKWARENYHHNIGS
PYCLRLASADVNGKIIVWDVAAGVAQCEIQEHAKPIQDVQWLWNQDASRDLLLAIHPPNYIVLWNADTGTKLWKKSYADN
ILSFSFDPFDPSHLTLLTSEGIVFISDFSPSKPPSGPGKKVYISSPHSSPAHNKLATATGAKKALNKVKILITQEKPSAE
FITLNDCLQLAYLPSKRNHMLLLYPREILILDLEVNQTVGVIAIERTGVPFLQVIPCFQRDGLFCLHENGCITLRVRRSY
NNIFTTSNEEPDPDPVQELTYDLRSQCDAIRVTKTVRPFSMVCCPVNENAAALVVSDGRVMIWELKSAVCNRNSRNSSSG
VSPLYSPVSFCGIPVGVLQNKLPDLSLDNMIGQSAIAGEEHPRGSILREVHLKFLLTGLLSGLPAPQFAIRMCPPLTTKN
IKMYQPLLAVGTSNGSVLVYHLTSGLLHKELSIHSCEVKGIEWTSLTSFLSFATSTPNNMGLVRNELQLVDLPTGRSIAF
RGERGNDESAIEMIKVSHLKQYLAVVFRDKPLELWDVRTCTLLREMSKNFPTITALEWSPSHNLKSLRKKQLATREAMAR
QTVVSDTELSIVESSVISLLQEAESKSELSQNISAREHFVFTDIDGQVYHLTVEGNSVKDSARIPPDGSMGSITCIAWKG
DTLVLGDMDGNLNFWDLKGRVSRGIPTHRSWVRKIRFAPGKGNQKLIAMYNDGAEVWDTKEVQMVSSLRSGRNVTFRILD
VDWCTSDKVILASDDGCIRVLEMSMKSACFRMDEQELTEPVWCPYLLVPRASLALKAFLLHQPWNGQYSLDISHVDYPEN
EEIKNLLQEQLNSLSNDIKKLLLDPEFTLLQRCLLVSRLYGDESELHFWTVAAHYLHSLSQEKSASTTAPKEAAPRDKLS
NPLDICYDVLCENAYFQKFQLERVNLQEVKRSTYDHTRKCTDQLLLLGQTDRAVQLLLETSADNQHYYCDSLKACLVTTV
TSSGPSQSTIKLVATNMIANGKLAEGVQLLCLIDKAADACRYLQTYGEWNRAAWLAKVRLNPEECADVLRRWVDHLCSPQ
VNQKSKALLVLLSLGCFFSVAETLHSMRYFDRAALFVEACLKYGAFEVTEDTEKLITAIYADYARSLKNLGFKQGAVLFA
SKAGAAGKDLLNELESPKEEPIEE
;
D,B
#
# COMPACT_ATOMS: atom_id res chain seq x y z
N LYS A 385 97.74 1.09 71.37
CA LYS A 385 97.14 2.26 70.72
C LYS A 385 95.72 1.98 70.24
N ARG A 386 95.37 2.43 69.04
CA ARG A 386 93.97 2.47 68.62
C ARG A 386 93.78 1.70 67.32
N ILE A 387 92.54 1.27 67.09
CA ILE A 387 92.12 0.66 65.84
C ILE A 387 91.34 1.69 65.06
N ALA A 388 91.62 1.79 63.76
CA ALA A 388 90.92 2.68 62.86
C ALA A 388 89.84 1.91 62.12
N PHE A 389 88.61 2.41 62.18
CA PHE A 389 87.45 1.78 61.54
C PHE A 389 87.14 2.61 60.29
N LEU A 390 87.71 2.18 59.16
CA LEU A 390 87.52 2.89 57.91
C LEU A 390 86.10 2.74 57.41
N PHE A 391 85.53 3.82 56.88
CA PHE A 391 84.20 3.82 56.31
C PHE A 391 84.11 4.93 55.26
N ASP A 392 82.92 5.11 54.70
CA ASP A 392 82.68 6.09 53.65
C ASP A 392 81.49 6.97 54.04
N SER A 393 81.12 7.86 53.11
CA SER A 393 80.03 8.80 53.34
C SER A 393 78.66 8.12 53.38
N THR A 394 78.56 6.86 52.94
CA THR A 394 77.27 6.16 52.96
C THR A 394 76.77 5.99 54.39
N LEU A 395 77.66 5.62 55.32
CA LEU A 395 77.24 5.43 56.70
C LEU A 395 76.79 6.75 57.32
N THR A 396 77.51 7.83 57.05
CA THR A 396 77.10 9.13 57.57
C THR A 396 75.76 9.56 56.98
N ALA A 397 75.56 9.33 55.70
CA ALA A 397 74.29 9.68 55.07
C ALA A 397 73.14 8.89 55.68
N PHE A 398 73.34 7.58 55.91
CA PHE A 398 72.30 6.77 56.50
C PHE A 398 72.04 7.11 57.97
N LEU A 399 73.06 7.54 58.71
CA LEU A 399 72.88 7.96 60.09
C LEU A 399 72.35 9.38 60.22
N MET A 400 72.40 10.17 59.15
CA MET A 400 71.90 11.54 59.20
C MET A 400 70.38 11.61 59.22
N MET A 401 69.69 10.60 58.71
CA MET A 401 68.23 10.58 58.73
C MET A 401 67.73 9.40 59.55
N ASN A 407 70.34 16.12 68.56
CA ASN A 407 71.75 16.25 68.91
C ASN A 407 72.62 15.37 68.01
N LEU A 408 72.15 14.15 67.75
CA LEU A 408 72.90 13.23 66.90
C LEU A 408 73.01 13.78 65.48
N LYS A 409 71.93 14.35 64.95
CA LYS A 409 71.98 14.96 63.63
C LYS A 409 72.90 16.18 63.63
N SER A 410 72.84 16.99 64.69
CA SER A 410 73.72 18.15 64.78
C SER A 410 75.17 17.74 64.93
N HIS A 411 75.43 16.66 65.67
CA HIS A 411 76.78 16.16 65.86
C HIS A 411 77.27 15.32 64.69
N ALA A 412 76.40 15.01 63.73
CA ALA A 412 76.78 14.23 62.56
C ALA A 412 77.66 15.00 61.58
N VAL A 413 77.67 16.34 61.66
CA VAL A 413 78.54 17.11 60.79
C VAL A 413 80.01 16.88 61.14
N THR A 414 80.32 16.68 62.41
CA THR A 414 81.69 16.33 62.79
C THR A 414 82.10 14.99 62.18
N MET A 415 81.18 14.02 62.18
CA MET A 415 81.42 12.77 61.47
C MET A 415 81.54 13.02 59.97
N PHE A 416 80.67 13.88 59.42
CA PHE A 416 80.66 14.13 57.99
C PHE A 416 81.84 14.97 57.55
N GLU A 417 82.11 16.07 58.27
CA GLU A 417 83.15 17.01 57.84
C GLU A 417 84.51 16.70 58.45
N VAL A 418 84.59 16.72 59.79
CA VAL A 418 85.87 16.45 60.45
C VAL A 418 86.28 15.00 60.23
N GLY A 419 85.37 14.07 60.51
CA GLY A 419 85.64 12.66 60.29
C GLY A 419 86.79 12.09 61.10
N LYS A 420 87.11 12.71 62.23
CA LYS A 420 88.23 12.30 63.08
C LYS A 420 87.76 12.04 64.50
N LEU A 421 86.65 11.29 64.64
CA LEU A 421 86.08 11.05 65.96
C LEU A 421 87.01 10.17 66.80
N SER A 422 87.59 10.76 67.83
CA SER A 422 88.49 10.06 68.72
C SER A 422 87.71 9.35 69.83
N ASP A 423 88.45 8.69 70.73
CA ASP A 423 87.81 8.00 71.85
C ASP A 423 87.10 9.00 72.76
N GLU A 424 87.71 10.16 73.01
CA GLU A 424 87.09 11.19 73.83
C GLU A 424 85.82 11.76 73.21
N SER A 425 85.60 11.51 71.92
CA SER A 425 84.32 11.84 71.30
C SER A 425 83.41 10.61 71.16
N LEU A 426 84.00 9.43 71.01
CA LEU A 426 83.21 8.20 70.91
C LEU A 426 82.49 7.87 72.20
N ASP A 427 83.14 8.07 73.36
CA ASP A 427 82.46 7.82 74.62
C ASP A 427 81.27 8.75 74.79
N SER A 428 81.36 9.98 74.27
CA SER A 428 80.23 10.89 74.29
C SER A 428 79.14 10.44 73.32
N PHE A 429 79.52 10.09 72.10
CA PHE A 429 78.55 9.66 71.10
C PHE A 429 77.90 8.33 71.42
N LEU A 430 78.44 7.59 72.39
CA LEU A 430 77.80 6.35 72.84
C LEU A 430 76.37 6.61 73.31
N ILE A 431 76.16 7.69 74.06
CA ILE A 431 74.82 7.98 74.58
C ILE A 431 73.87 8.35 73.45
N GLU A 432 74.37 9.06 72.44
CA GLU A 432 73.52 9.39 71.29
C GLU A 432 73.20 8.17 70.43
N LEU A 433 74.14 7.22 70.32
CA LEU A 433 73.88 5.99 69.60
C LEU A 433 73.06 5.00 70.42
N GLU A 434 72.93 5.20 71.72
CA GLU A 434 72.13 4.33 72.57
C GLU A 434 70.68 4.78 72.67
N LYS A 435 70.43 6.10 72.70
CA LYS A 435 69.07 6.60 72.82
C LYS A 435 68.23 6.28 71.59
N VAL A 436 68.86 6.19 70.42
CA VAL A 436 68.15 5.90 69.19
C VAL A 436 67.70 4.44 69.18
N GLN A 445 62.98 1.00 57.42
CA GLN A 445 63.51 0.10 58.44
C GLN A 445 65.03 0.06 58.38
N ARG A 446 65.58 0.38 57.21
CA ARG A 446 67.03 0.34 57.04
C ARG A 446 67.73 1.34 57.95
N TYR A 447 67.07 2.45 58.28
CA TYR A 447 67.64 3.39 59.23
C TYR A 447 67.82 2.75 60.60
N PHE A 448 66.82 1.99 61.05
CA PHE A 448 66.94 1.29 62.33
C PHE A 448 67.97 0.18 62.27
N ASP A 449 68.04 -0.53 61.13
CA ASP A 449 68.99 -1.63 61.01
C ASP A 449 70.43 -1.13 61.09
N HIS A 450 70.74 -0.04 60.37
CA HIS A 450 72.10 0.49 60.38
C HIS A 450 72.50 1.00 61.75
N ALA A 451 71.60 1.73 62.42
CA ALA A 451 71.93 2.31 63.72
C ALA A 451 72.21 1.22 64.76
N LEU A 452 71.46 0.11 64.71
CA LEU A 452 71.67 -0.95 65.69
C LEU A 452 73.00 -1.66 65.48
N THR A 453 73.46 -1.76 64.23
CA THR A 453 74.69 -2.50 63.95
C THR A 453 75.92 -1.82 64.55
N LEU A 454 75.99 -0.48 64.49
CA LEU A 454 77.18 0.21 64.99
C LEU A 454 77.34 0.04 66.49
N ARG A 455 76.23 0.08 67.24
CA ARG A 455 76.33 -0.04 68.69
C ARG A 455 76.93 -1.38 69.11
N ASN A 456 76.52 -2.45 68.45
CA ASN A 456 77.10 -3.76 68.74
C ASN A 456 78.57 -3.81 68.33
N THR A 457 78.92 -3.19 67.19
CA THR A 457 80.29 -3.24 66.70
C THR A 457 81.23 -2.46 67.62
N ILE A 458 80.82 -1.27 68.04
CA ILE A 458 81.68 -0.45 68.89
C ILE A 458 81.88 -1.11 70.25
N LEU A 459 80.82 -1.70 70.81
CA LEU A 459 80.89 -2.34 72.12
C LEU A 459 81.65 -3.66 72.10
N PHE A 460 82.02 -4.15 70.91
CA PHE A 460 82.76 -5.40 70.79
C PHE A 460 84.26 -5.19 70.54
N LEU A 461 84.64 -4.08 69.91
CA LEU A 461 86.03 -3.79 69.61
C LEU A 461 86.66 -2.87 70.64
N ARG A 462 86.16 -2.92 71.88
CA ARG A 462 86.67 -2.04 72.94
C ARG A 462 86.95 -2.77 74.23
N HIS A 463 86.71 -4.09 74.30
CA HIS A 463 86.97 -4.84 75.52
C HIS A 463 88.29 -5.60 75.42
N ASN A 464 88.61 -6.47 76.38
CA ASN A 464 89.94 -7.13 76.38
C ASN A 464 89.92 -8.50 75.70
N LYS A 465 90.92 -8.77 74.84
CA LYS A 465 90.88 -9.90 73.87
C LYS A 465 92.28 -10.09 73.29
N GLY A 480 90.00 -2.62 77.41
CA GLY A 480 91.01 -1.65 77.77
C GLY A 480 91.95 -1.32 76.63
N PHE A 481 91.37 -1.07 75.45
CA PHE A 481 92.14 -0.75 74.26
C PHE A 481 91.29 0.12 73.35
N PRO A 482 91.62 1.40 73.20
CA PRO A 482 90.70 2.33 72.54
C PRO A 482 90.69 2.18 71.03
N LEU A 483 89.75 2.90 70.41
CA LEU A 483 89.47 2.79 68.98
C LEU A 483 89.31 4.19 68.39
N ASP A 484 89.71 4.32 67.12
CA ASP A 484 89.57 5.56 66.37
C ASP A 484 88.74 5.32 65.12
N LEU A 485 88.10 6.38 64.62
CA LEU A 485 87.05 6.27 63.62
C LEU A 485 87.34 7.20 62.44
N LEU A 486 88.54 7.07 61.87
CA LEU A 486 88.91 7.82 60.69
C LEU A 486 88.04 7.42 59.50
N ARG A 487 88.04 8.28 58.47
CA ARG A 487 87.31 8.02 57.23
C ARG A 487 88.12 8.54 56.06
N CYS A 488 88.11 7.79 54.96
CA CYS A 488 88.83 8.19 53.76
C CYS A 488 87.89 8.78 52.71
N VAL A 502 102.19 8.56 57.68
CA VAL A 502 102.33 8.88 59.09
C VAL A 502 101.33 8.03 59.87
N LEU A 503 100.82 6.98 59.22
CA LEU A 503 99.84 6.07 59.81
C LEU A 503 100.47 5.09 60.79
N ASN A 504 101.80 5.08 60.92
CA ASN A 504 102.51 4.18 61.81
C ASN A 504 102.86 4.84 63.14
N LYS A 505 102.07 5.82 63.55
CA LYS A 505 102.33 6.56 64.79
C LYS A 505 101.23 6.37 65.83
N ASN A 506 99.96 6.44 65.42
CA ASN A 506 98.85 6.35 66.35
C ASN A 506 97.98 5.11 66.16
N TYR A 507 98.20 4.35 65.08
CA TYR A 507 97.36 3.20 64.78
C TYR A 507 98.23 1.99 64.46
N THR A 508 97.77 0.82 64.92
CA THR A 508 98.47 -0.43 64.67
C THR A 508 97.62 -1.49 63.99
N LEU A 509 96.31 -1.29 63.89
CA LEU A 509 95.43 -2.25 63.24
C LEU A 509 94.41 -1.48 62.40
N LEU A 510 94.23 -1.93 61.15
CA LEU A 510 93.31 -1.29 60.22
C LEU A 510 92.18 -2.25 59.91
N VAL A 511 90.97 -1.88 60.33
CA VAL A 511 89.78 -2.69 60.09
C VAL A 511 88.79 -1.85 59.29
N SER A 512 88.39 -2.34 58.12
CA SER A 512 87.38 -1.72 57.29
C SER A 512 86.10 -2.53 57.31
N MET A 513 85.06 -1.99 56.68
CA MET A 513 83.77 -2.66 56.58
C MET A 513 83.51 -3.05 55.13
N ALA A 514 82.54 -3.93 54.93
CA ALA A 514 82.10 -4.32 53.60
C ALA A 514 80.60 -4.14 53.49
N PRO A 515 80.09 -3.81 52.28
CA PRO A 515 80.84 -3.49 51.06
C PRO A 515 81.44 -2.08 51.08
N LEU A 516 82.54 -1.89 50.35
CA LEU A 516 83.05 -0.55 50.11
C LEU A 516 82.51 -0.04 48.78
N THR A 517 81.89 1.13 48.79
CA THR A 517 81.29 1.68 47.58
C THR A 517 82.35 1.98 46.54
N ASN A 518 82.00 1.76 45.27
CA ASN A 518 82.94 2.00 44.19
C ASN A 518 83.26 3.48 44.03
N GLU A 519 82.45 4.37 44.60
CA GLU A 519 82.76 5.80 44.57
C GLU A 519 84.07 6.07 45.32
N ILE A 520 84.26 5.44 46.46
CA ILE A 520 85.49 5.57 47.24
C ILE A 520 86.22 4.24 47.25
N ARG A 521 87.16 4.07 46.32
CA ARG A 521 87.95 2.85 46.19
C ARG A 521 87.06 1.61 46.06
N PRO A 528 100.29 -0.33 58.32
CA PRO A 528 100.54 -1.65 58.90
C PRO A 528 99.59 -2.72 58.35
N GLN A 529 99.08 -3.57 59.24
CA GLN A 529 98.16 -4.61 58.83
C GLN A 529 96.80 -4.00 58.48
N HIS A 530 96.05 -4.73 57.64
CA HIS A 530 94.73 -4.26 57.20
C HIS A 530 93.84 -5.46 57.03
N ILE A 531 92.76 -5.53 57.81
CA ILE A 531 91.78 -6.61 57.71
C ILE A 531 90.74 -6.15 56.69
N GLY A 532 91.01 -6.41 55.42
CA GLY A 532 90.15 -6.00 54.34
C GLY A 532 90.84 -6.06 53.00
N PRO A 533 90.36 -5.28 52.03
CA PRO A 533 91.03 -5.24 50.72
C PRO A 533 92.45 -4.70 50.84
N ALA A 534 93.35 -5.27 50.04
CA ALA A 534 94.75 -4.85 50.07
C ALA A 534 95.01 -3.75 49.05
N ILE A 535 94.62 -3.98 47.79
CA ILE A 535 94.83 -3.01 46.73
C ILE A 535 93.46 -2.53 46.25
N PRO A 536 93.34 -1.33 45.68
CA PRO A 536 92.02 -0.82 45.28
C PRO A 536 91.32 -1.67 44.23
N GLU A 537 92.06 -2.44 43.43
CA GLU A 537 91.42 -3.29 42.43
C GLU A 537 90.60 -4.41 43.05
N VAL A 538 90.88 -4.79 44.30
CA VAL A 538 90.11 -5.83 44.95
C VAL A 538 88.67 -5.39 45.15
N SER A 539 88.45 -4.16 45.61
CA SER A 539 87.11 -3.62 45.82
C SER A 539 86.67 -2.87 44.56
N SER A 540 86.52 -3.64 43.47
CA SER A 540 86.15 -3.08 42.19
C SER A 540 85.48 -4.17 41.35
N VAL A 541 85.07 -3.80 40.14
CA VAL A 541 84.43 -4.75 39.24
C VAL A 541 85.41 -5.82 38.78
N TRP A 542 86.69 -5.50 38.71
CA TRP A 542 87.69 -6.44 38.22
C TRP A 542 87.77 -7.71 39.05
N PHE A 543 87.43 -7.64 40.34
CA PHE A 543 87.46 -8.82 41.19
C PHE A 543 86.35 -9.81 40.86
N LYS A 544 85.22 -9.33 40.35
CA LYS A 544 84.13 -10.24 40.00
C LYS A 544 84.52 -11.17 38.87
N LEU A 545 85.21 -10.65 37.86
CA LEU A 545 85.65 -11.50 36.75
C LEU A 545 86.76 -12.45 37.17
N TYR A 546 87.62 -12.03 38.11
CA TYR A 546 88.68 -12.91 38.58
C TYR A 546 88.12 -14.14 39.28
N ILE A 547 87.07 -13.97 40.08
CA ILE A 547 86.45 -15.09 40.78
C ILE A 547 85.84 -16.06 39.77
N TYR A 548 85.14 -15.54 38.76
CA TYR A 548 84.53 -16.41 37.76
C TYR A 548 85.59 -17.15 36.96
N HIS A 549 86.69 -16.49 36.64
CA HIS A 549 87.76 -17.14 35.87
C HIS A 549 88.39 -18.30 36.62
N VAL A 550 88.63 -18.14 37.92
CA VAL A 550 89.29 -19.19 38.69
C VAL A 550 88.32 -20.27 39.15
N THR A 551 87.01 -20.04 39.05
CA THR A 551 86.00 -21.01 39.45
C THR A 551 85.28 -21.65 38.28
N GLY A 552 84.85 -20.84 37.30
CA GLY A 552 84.12 -21.36 36.15
C GLY A 552 82.62 -21.39 36.30
N GLN A 553 82.09 -21.01 37.47
CA GLN A 553 80.66 -20.98 37.72
C GLN A 553 80.24 -19.56 38.09
N GLY A 554 79.20 -19.06 37.42
CA GLY A 554 78.70 -17.74 37.70
C GLY A 554 77.63 -17.31 36.72
N PRO A 555 76.95 -16.21 37.03
CA PRO A 555 75.90 -15.71 36.13
C PRO A 555 76.51 -15.12 34.87
N PRO A 556 75.75 -15.04 33.78
CA PRO A 556 76.26 -14.42 32.55
C PRO A 556 76.67 -12.97 32.80
N SER A 557 77.76 -12.56 32.17
CA SER A 557 78.30 -11.22 32.35
C SER A 557 78.67 -10.63 30.99
N LEU A 558 78.63 -9.30 30.92
CA LEU A 558 78.98 -8.59 29.69
C LEU A 558 79.55 -7.24 30.08
N LEU A 559 80.84 -7.04 29.83
CA LEU A 559 81.53 -5.79 30.15
C LEU A 559 81.71 -5.00 28.86
N LEU A 560 81.24 -3.75 28.87
CA LEU A 560 81.30 -2.88 27.71
C LEU A 560 82.11 -1.64 28.05
N SER A 561 83.00 -1.25 27.14
CA SER A 561 83.81 -0.06 27.36
C SER A 561 82.97 1.20 27.18
N LYS A 562 83.54 2.32 27.62
CA LYS A 562 82.86 3.60 27.51
C LYS A 562 82.67 3.98 26.04
N GLY A 563 81.46 4.45 25.71
CA GLY A 563 81.15 4.84 24.35
C GLY A 563 80.62 3.74 23.47
N THR A 564 80.60 2.49 23.95
CA THR A 564 80.08 1.39 23.15
C THR A 564 78.58 1.55 22.93
N ARG A 565 78.15 1.35 21.68
CA ARG A 565 76.75 1.48 21.30
C ARG A 565 76.16 0.10 21.05
N LEU A 566 75.01 -0.17 21.67
CA LEU A 566 74.30 -1.43 21.51
C LEU A 566 73.14 -1.23 20.55
N ARG A 567 73.09 -2.04 19.50
CA ARG A 567 72.00 -1.96 18.52
C ARG A 567 70.98 -3.08 18.66
N LYS A 568 71.38 -4.23 19.19
CA LYS A 568 70.47 -5.35 19.38
C LYS A 568 70.67 -5.95 20.76
N LEU A 569 69.59 -6.44 21.34
CA LEU A 569 69.66 -7.08 22.65
C LEU A 569 70.33 -8.44 22.53
N PRO A 570 71.31 -8.75 23.37
CA PRO A 570 71.96 -10.07 23.31
C PRO A 570 70.96 -11.20 23.55
N ASP A 571 71.17 -12.31 22.85
CA ASP A 571 70.27 -13.45 22.97
C ASP A 571 70.39 -14.13 24.33
N ILE A 572 71.57 -14.06 24.96
CA ILE A 572 71.77 -14.68 26.25
C ILE A 572 71.03 -13.98 27.38
N PHE A 573 70.69 -12.71 27.19
CA PHE A 573 69.97 -11.94 28.20
C PHE A 573 68.49 -11.77 27.85
N GLN A 574 68.03 -12.40 26.77
CA GLN A 574 66.66 -12.25 26.32
C GLN A 574 65.68 -13.13 27.09
N SER A 575 66.16 -14.18 27.77
CA SER A 575 65.30 -15.07 28.52
C SER A 575 65.11 -14.63 29.96
N TYR A 576 65.97 -13.75 30.47
CA TYR A 576 65.85 -13.27 31.84
C TYR A 576 64.78 -12.17 31.93
N ASP A 577 64.16 -12.09 33.11
CA ASP A 577 63.17 -11.04 33.37
C ASP A 577 63.73 -9.89 34.19
N ARG A 578 64.76 -10.12 34.98
CA ARG A 578 65.40 -9.09 35.78
C ARG A 578 66.91 -9.14 35.56
N LEU A 579 67.52 -7.96 35.40
CA LEU A 579 68.95 -7.86 35.18
C LEU A 579 69.57 -6.89 36.19
N LEU A 580 70.87 -7.07 36.44
CA LEU A 580 71.64 -6.22 37.35
C LEU A 580 72.55 -5.34 36.50
N ILE A 581 72.46 -4.03 36.71
CA ILE A 581 73.25 -3.05 35.97
C ILE A 581 74.22 -2.39 36.93
N THR A 582 75.51 -2.44 36.60
CA THR A 582 76.56 -1.88 37.43
C THR A 582 77.37 -0.90 36.59
N SER A 583 77.48 0.34 37.08
CA SER A 583 78.27 1.37 36.42
C SER A 583 79.62 1.51 37.10
N TRP A 584 80.63 1.91 36.33
CA TRP A 584 81.97 2.07 36.85
C TRP A 584 82.00 3.22 37.85
N GLY A 585 82.17 2.89 39.12
CA GLY A 585 82.20 3.87 40.19
C GLY A 585 80.90 3.99 40.97
N HIS A 586 79.80 3.45 40.45
CA HIS A 586 78.51 3.53 41.10
C HIS A 586 78.16 2.18 41.73
N ASP A 587 76.95 2.09 42.32
CA ASP A 587 76.46 0.89 42.98
C ASP A 587 75.55 0.08 42.05
N PRO A 588 75.52 -1.24 42.21
CA PRO A 588 74.66 -2.06 41.36
C PRO A 588 73.18 -1.80 41.62
N GLY A 589 72.38 -2.00 40.57
CA GLY A 589 70.96 -1.81 40.67
C GLY A 589 70.23 -2.86 39.84
N VAL A 590 68.93 -2.98 40.10
CA VAL A 590 68.06 -3.96 39.44
C VAL A 590 67.05 -3.21 38.59
N VAL A 591 67.03 -3.51 37.29
CA VAL A 591 66.12 -2.86 36.36
C VAL A 591 65.41 -3.90 35.51
N PRO A 592 64.20 -3.63 35.03
CA PRO A 592 63.51 -4.59 34.16
C PRO A 592 64.16 -4.69 32.79
N THR A 593 63.87 -5.80 32.11
CA THR A 593 64.41 -6.07 30.79
C THR A 593 63.51 -5.58 29.65
N SER A 594 62.34 -5.04 29.97
CA SER A 594 61.42 -4.59 28.93
C SER A 594 62.01 -3.43 28.12
N ASN A 595 62.63 -2.48 28.80
CA ASN A 595 63.20 -1.30 28.16
C ASN A 595 64.62 -1.06 28.64
N VAL A 596 65.41 -2.13 28.77
CA VAL A 596 66.80 -1.98 29.21
C VAL A 596 67.68 -1.36 28.14
N LEU A 597 67.28 -1.43 26.86
CA LEU A 597 68.12 -0.89 25.80
C LEU A 597 68.22 0.64 25.88
N THR A 598 67.13 1.31 26.27
CA THR A 598 67.15 2.78 26.33
C THR A 598 68.16 3.28 27.36
N MET A 599 68.17 2.67 28.55
CA MET A 599 69.09 3.11 29.60
C MET A 599 70.52 2.65 29.32
N LEU A 600 70.67 1.52 28.62
CA LEU A 600 72.00 1.00 28.34
C LEU A 600 72.77 1.95 27.41
N ASN A 601 72.11 2.47 26.39
CA ASN A 601 72.76 3.40 25.46
C ASN A 601 72.95 4.78 26.06
N ASP A 602 72.29 5.09 27.18
CA ASP A 602 72.45 6.37 27.85
C ASP A 602 73.49 6.31 28.97
N ALA A 603 73.52 5.23 29.74
CA ALA A 603 74.49 5.08 30.81
C ALA A 603 75.89 4.76 30.30
N LEU A 604 76.01 4.20 29.10
CA LEU A 604 77.31 3.89 28.52
C LEU A 604 78.03 5.12 27.99
N THR A 605 77.33 6.24 27.82
CA THR A 605 77.94 7.47 27.35
C THR A 605 78.83 8.12 28.39
N HIS A 606 78.58 7.88 29.68
CA HIS A 606 79.34 8.49 30.76
C HIS A 606 80.39 7.58 31.36
N SER A 607 80.13 6.28 31.46
CA SER A 607 81.07 5.35 32.06
C SER A 607 80.74 3.94 31.59
N ALA A 608 81.64 3.01 31.89
CA ALA A 608 81.45 1.62 31.52
C ALA A 608 80.30 1.01 32.32
N VAL A 609 79.58 0.09 31.68
CA VAL A 609 78.42 -0.55 32.28
C VAL A 609 78.62 -2.07 32.24
N LEU A 610 78.40 -2.72 33.38
CA LEU A 610 78.46 -4.16 33.49
C LEU A 610 77.04 -4.72 33.51
N ILE A 611 76.80 -5.76 32.72
CA ILE A 611 75.48 -6.35 32.56
C ILE A 611 75.52 -7.76 33.11
N GLN A 612 74.61 -8.07 34.04
CA GLN A 612 74.51 -9.39 34.62
C GLN A 612 73.04 -9.77 34.77
N GLY A 613 72.78 -11.08 34.71
CA GLY A 613 71.43 -11.59 34.89
C GLY A 613 71.14 -11.87 36.36
N HIS A 614 69.90 -11.62 36.76
CA HIS A 614 69.47 -11.79 38.14
C HIS A 614 68.48 -12.93 38.32
N GLY A 615 67.38 -12.92 37.58
CA GLY A 615 66.37 -13.95 37.70
C GLY A 615 65.62 -14.24 36.43
N LEU A 616 65.27 -15.51 36.22
CA LEU A 616 64.52 -15.92 35.04
C LEU A 616 63.02 -15.65 35.17
N HIS A 617 62.53 -15.40 36.38
CA HIS A 617 61.11 -15.16 36.60
C HIS A 617 60.84 -13.97 37.52
N GLY A 618 61.87 -13.30 38.02
CA GLY A 618 61.66 -12.17 38.91
C GLY A 618 62.91 -11.88 39.71
N ILE A 619 62.71 -11.38 40.92
CA ILE A 619 63.82 -11.05 41.81
C ILE A 619 64.48 -12.34 42.28
N GLY A 620 65.81 -12.40 42.15
CA GLY A 620 66.54 -13.58 42.53
C GLY A 620 66.69 -13.70 44.05
N GLU A 621 67.24 -14.83 44.46
CA GLU A 621 67.45 -15.15 45.87
C GLU A 621 68.93 -15.00 46.20
N THR A 622 69.23 -14.26 47.27
CA THR A 622 70.61 -13.99 47.69
C THR A 622 70.80 -14.50 49.11
N VAL A 623 71.85 -15.29 49.31
CA VAL A 623 72.22 -15.82 50.62
C VAL A 623 73.69 -15.55 50.85
N HIS A 624 74.02 -14.99 52.02
CA HIS A 624 75.39 -14.63 52.36
C HIS A 624 76.01 -15.69 53.26
N VAL A 625 77.20 -16.15 52.89
CA VAL A 625 77.91 -17.16 53.65
C VAL A 625 79.21 -16.56 54.19
N PRO A 626 79.35 -16.38 55.50
CA PRO A 626 80.56 -15.76 56.05
C PRO A 626 81.71 -16.74 56.17
N PHE A 627 82.92 -16.17 56.25
CA PHE A 627 84.15 -16.89 56.45
C PHE A 627 84.95 -16.20 57.54
N PRO A 628 85.90 -16.90 58.19
CA PRO A 628 86.37 -18.27 57.98
C PRO A 628 85.37 -19.35 58.38
N PHE A 629 85.38 -20.46 57.65
CA PHE A 629 84.43 -21.54 57.88
C PHE A 629 84.84 -22.36 59.08
N ASP A 630 83.85 -22.86 59.81
CA ASP A 630 84.08 -23.68 60.98
C ASP A 630 84.23 -25.15 60.58
N GLU A 631 84.83 -25.93 61.49
CA GLU A 631 85.05 -27.34 61.24
C GLU A 631 83.76 -28.16 61.28
N THR A 632 82.74 -27.67 61.99
CA THR A 632 81.45 -28.35 62.07
C THR A 632 80.50 -27.95 60.94
N GLU A 633 80.93 -27.04 60.05
CA GLU A 633 80.11 -26.58 58.95
C GLU A 633 80.59 -27.10 57.60
N LEU A 634 81.80 -27.64 57.53
CA LEU A 634 82.38 -28.13 56.29
C LEU A 634 82.00 -29.58 55.99
N GLN A 635 80.90 -30.05 56.56
CA GLN A 635 80.45 -31.41 56.32
C GLN A 635 78.93 -31.48 56.42
N GLY A 636 78.36 -32.52 55.81
CA GLY A 636 76.92 -32.73 55.82
C GLY A 636 76.38 -32.78 54.39
N GLU A 637 75.21 -32.17 54.20
CA GLU A 637 74.55 -32.12 52.91
C GLU A 637 74.21 -30.67 52.56
N PHE A 638 74.16 -30.38 51.27
CA PHE A 638 73.88 -29.03 50.81
C PHE A 638 72.43 -28.66 51.11
N THR A 639 72.25 -27.64 51.93
CA THR A 639 70.93 -27.13 52.28
C THR A 639 70.96 -25.61 52.18
N ARG A 640 69.87 -24.97 52.59
CA ARG A 640 69.79 -23.52 52.58
C ARG A 640 70.50 -22.87 53.76
N VAL A 641 70.80 -23.65 54.81
CA VAL A 641 71.51 -23.15 55.98
C VAL A 641 72.93 -23.69 56.08
N ASN A 642 73.31 -24.64 55.22
CA ASN A 642 74.66 -25.21 55.21
C ASN A 642 75.12 -25.23 53.77
N MET A 643 75.78 -24.15 53.35
CA MET A 643 76.24 -23.98 51.97
C MET A 643 77.76 -24.04 51.86
N GLY A 644 78.44 -24.64 52.82
CA GLY A 644 79.88 -24.77 52.80
C GLY A 644 80.41 -25.96 52.04
N VAL A 645 79.55 -26.74 51.40
CA VAL A 645 79.96 -27.91 50.62
C VAL A 645 79.88 -27.66 49.13
N HIS A 646 79.58 -26.44 48.71
CA HIS A 646 79.50 -26.14 47.28
C HIS A 646 80.87 -26.25 46.63
N LYS A 647 80.90 -26.75 45.41
CA LYS A 647 82.17 -26.91 44.69
C LYS A 647 82.80 -25.56 44.36
N ALA A 648 81.98 -24.53 44.13
CA ALA A 648 82.52 -23.21 43.82
C ALA A 648 83.32 -22.66 44.99
N LEU A 649 82.81 -22.82 46.21
CA LEU A 649 83.55 -22.35 47.39
C LEU A 649 84.74 -23.22 47.71
N GLN A 650 84.71 -24.51 47.34
CA GLN A 650 85.84 -25.38 47.58
C GLN A 650 87.06 -24.95 46.78
N ILE A 651 86.86 -24.54 45.53
CA ILE A 651 87.97 -24.10 44.70
C ILE A 651 88.53 -22.77 45.20
N LEU A 652 87.65 -21.84 45.58
CA LEU A 652 88.09 -20.53 46.05
C LEU A 652 88.86 -20.62 47.36
N ARG A 653 88.76 -21.72 48.09
CA ARG A 653 89.41 -21.85 49.38
C ARG A 653 90.92 -22.08 49.26
N ASN A 654 91.38 -22.69 48.16
CA ASN A 654 92.79 -22.99 47.97
C ASN A 654 93.51 -21.96 47.12
N ARG A 655 92.83 -20.92 46.67
CA ARG A 655 93.44 -19.89 45.84
C ARG A 655 93.27 -18.47 46.37
N VAL A 656 92.38 -18.24 47.33
CA VAL A 656 92.13 -16.89 47.84
C VAL A 656 92.62 -16.72 49.28
N ASP A 657 92.81 -17.82 50.03
CA ASP A 657 93.24 -17.79 51.42
C ASP A 657 92.22 -17.05 52.29
N LEU A 658 91.03 -17.66 52.37
CA LEU A 658 89.91 -17.14 53.15
C LEU A 658 89.95 -17.56 54.61
N GLN A 659 91.13 -17.95 55.13
CA GLN A 659 91.26 -18.39 56.51
C GLN A 659 91.76 -17.31 57.45
N HIS A 660 92.45 -16.28 56.92
CA HIS A 660 92.98 -15.20 57.75
C HIS A 660 92.25 -13.88 57.51
N LEU A 661 91.07 -13.92 56.88
CA LEU A 661 90.30 -12.72 56.60
C LEU A 661 88.85 -12.97 56.93
N CYS A 662 88.11 -11.87 57.13
CA CYS A 662 86.70 -11.92 57.49
C CYS A 662 85.86 -11.25 56.41
N GLY A 663 84.61 -11.68 56.31
CA GLY A 663 83.70 -11.13 55.32
C GLY A 663 82.53 -12.08 55.09
N TYR A 664 82.01 -12.03 53.87
CA TYR A 664 80.91 -12.90 53.48
C TYR A 664 81.00 -13.16 51.98
N VAL A 665 80.31 -14.22 51.55
CA VAL A 665 80.28 -14.62 50.15
C VAL A 665 78.83 -14.58 49.67
N THR A 666 78.62 -13.92 48.53
CA THR A 666 77.29 -13.74 47.96
C THR A 666 76.99 -14.83 46.94
N MET A 667 75.84 -15.48 47.08
CA MET A 667 75.39 -16.51 46.17
C MET A 667 74.03 -16.12 45.60
N LEU A 668 73.84 -16.39 44.30
CA LEU A 668 72.64 -16.01 43.60
C LEU A 668 71.93 -17.24 43.04
N ASN A 669 70.62 -17.29 43.22
CA ASN A 669 69.78 -18.37 42.71
C ASN A 669 68.73 -17.74 41.78
N ALA A 670 68.92 -17.90 40.47
CA ALA A 670 68.04 -17.31 39.49
C ALA A 670 66.83 -18.18 39.15
N SER A 671 66.79 -19.42 39.63
CA SER A 671 65.70 -20.34 39.35
C SER A 671 64.64 -20.35 40.43
N SER A 672 64.76 -19.50 41.44
CA SER A 672 63.80 -19.46 42.52
C SER A 672 62.45 -18.93 42.03
N GLN A 673 61.38 -19.55 42.49
CA GLN A 673 60.03 -19.14 42.10
C GLN A 673 59.38 -18.30 43.20
N THR A 724 66.90 -28.71 47.44
CA THR A 724 67.55 -27.90 46.41
C THR A 724 68.86 -28.55 45.97
N THR A 725 69.22 -28.33 44.70
CA THR A 725 70.43 -28.88 44.12
C THR A 725 71.54 -27.84 44.13
N GLU A 726 72.78 -28.32 43.94
CA GLU A 726 73.95 -27.45 43.93
C GLU A 726 74.15 -26.74 42.60
N ALA A 727 73.45 -27.14 41.55
CA ALA A 727 73.60 -26.53 40.23
C ALA A 727 72.81 -25.23 40.09
N ASP A 728 71.93 -24.93 41.03
CA ASP A 728 71.11 -23.72 40.97
C ASP A 728 71.72 -22.54 41.73
N TRP A 729 72.90 -22.72 42.33
CA TRP A 729 73.56 -21.69 43.11
C TRP A 729 74.93 -21.39 42.50
N VAL A 730 75.20 -20.12 42.25
CA VAL A 730 76.50 -19.69 41.72
C VAL A 730 77.00 -18.50 42.52
N PRO A 731 78.31 -18.33 42.67
CA PRO A 731 78.82 -17.16 43.40
C PRO A 731 78.57 -15.88 42.62
N LEU A 732 78.40 -14.78 43.35
CA LEU A 732 78.14 -13.48 42.75
C LEU A 732 79.14 -12.42 43.14
N GLU A 733 79.56 -12.36 44.41
CA GLU A 733 80.47 -11.32 44.86
C GLU A 733 81.16 -11.80 46.13
N LEU A 734 82.34 -11.22 46.38
CA LEU A 734 83.10 -11.50 47.60
C LEU A 734 83.62 -10.18 48.14
N CYS A 735 83.33 -9.90 49.41
CA CYS A 735 83.70 -8.65 50.05
C CYS A 735 84.47 -8.93 51.33
N PHE A 736 85.50 -8.12 51.58
CA PHE A 736 86.33 -8.24 52.77
C PHE A 736 86.01 -7.12 53.74
N GLY A 737 85.82 -7.48 55.02
CA GLY A 737 85.54 -6.54 56.08
C GLY A 737 84.42 -7.03 56.96
N ILE A 738 83.86 -6.13 57.74
CA ILE A 738 82.77 -6.41 58.66
C ILE A 738 81.48 -5.87 58.05
N PRO A 739 80.49 -6.71 57.78
CA PRO A 739 79.24 -6.22 57.21
C PRO A 739 78.50 -5.32 58.19
N LEU A 740 77.73 -4.37 57.64
CA LEU A 740 77.02 -3.41 58.46
C LEU A 740 75.57 -3.20 58.04
N PHE A 741 75.09 -3.89 57.00
CA PHE A 741 73.73 -3.70 56.53
C PHE A 741 72.73 -4.57 57.28
N SER A 742 73.12 -5.78 57.65
CA SER A 742 72.25 -6.72 58.35
C SER A 742 72.68 -6.87 59.81
N SER A 743 71.79 -7.46 60.60
CA SER A 743 72.03 -7.68 62.03
C SER A 743 72.44 -9.11 62.33
N GLU A 744 71.78 -10.09 61.71
CA GLU A 744 72.16 -11.49 61.93
C GLU A 744 73.57 -11.77 61.42
N LEU A 745 73.91 -11.22 60.26
CA LEU A 745 75.23 -11.48 59.67
C LEU A 745 76.34 -10.71 60.38
N ASN A 746 75.99 -9.62 61.09
CA ASN A 746 76.97 -8.83 61.81
C ASN A 746 77.35 -9.47 63.15
N ARG A 747 76.53 -10.37 63.67
CA ARG A 747 76.82 -11.01 64.95
C ARG A 747 77.56 -12.34 64.81
N LYS A 748 77.42 -13.01 63.67
CA LYS A 748 78.22 -14.21 63.42
C LYS A 748 79.64 -13.85 63.03
N VAL A 749 79.82 -12.76 62.27
CA VAL A 749 81.16 -12.34 61.86
C VAL A 749 81.98 -11.93 63.07
N CYS A 750 81.40 -11.15 63.97
CA CYS A 750 82.12 -10.70 65.16
C CYS A 750 82.48 -11.88 66.06
N ARG A 751 81.61 -12.89 66.14
CA ARG A 751 81.90 -14.07 66.95
C ARG A 751 83.11 -14.83 66.41
N LYS A 752 83.24 -14.93 65.09
CA LYS A 752 84.36 -15.66 64.50
C LYS A 752 85.69 -14.97 64.75
N ILE A 753 85.69 -13.64 64.84
CA ILE A 753 86.93 -12.89 65.08
C ILE A 753 87.50 -13.24 66.44
N ALA A 754 86.66 -13.29 67.47
CA ALA A 754 87.09 -13.55 68.83
C ALA A 754 87.22 -15.04 69.14
N ALA A 755 86.89 -15.91 68.20
CA ALA A 755 86.97 -17.35 68.40
C ALA A 755 88.14 -17.99 67.67
N HIS A 756 88.30 -17.71 66.38
CA HIS A 756 89.41 -18.28 65.64
C HIS A 756 90.73 -17.62 65.98
N GLY A 757 90.70 -16.34 66.38
CA GLY A 757 91.92 -15.65 66.74
C GLY A 757 92.55 -14.87 65.59
N LEU A 758 91.78 -13.99 64.96
CA LEU A 758 92.29 -13.17 63.87
C LEU A 758 92.93 -11.88 64.35
N CYS A 759 93.06 -11.68 65.66
CA CYS A 759 93.66 -10.47 66.21
C CYS A 759 94.94 -10.74 67.00
N ARG A 760 95.32 -12.00 67.18
CA ARG A 760 96.53 -12.32 67.92
C ARG A 760 97.76 -11.87 67.13
N LYS A 761 98.84 -11.56 67.85
CA LYS A 761 100.05 -11.04 67.22
C LYS A 761 100.63 -12.05 66.24
N GLU A 762 100.70 -13.32 66.64
CA GLU A 762 101.17 -14.37 65.75
C GLU A 762 100.02 -15.01 64.98
N SER A 763 99.17 -14.15 64.40
CA SER A 763 98.13 -14.60 63.49
C SER A 763 97.96 -13.67 62.30
N LEU A 764 98.69 -12.56 62.25
CA LEU A 764 98.64 -11.63 61.12
C LEU A 764 99.92 -11.64 60.31
N GLN A 765 100.96 -12.35 60.78
CA GLN A 765 102.20 -12.49 60.02
C GLN A 765 101.98 -13.24 58.71
N ASN A 766 101.16 -14.30 58.73
CA ASN A 766 100.80 -14.99 57.49
C ASN A 766 99.94 -14.13 56.58
N LEU A 767 99.21 -13.15 57.14
CA LEU A 767 98.46 -12.23 56.30
C LEU A 767 99.38 -11.31 55.51
N LEU A 768 100.55 -10.98 56.07
CA LEU A 768 101.53 -10.17 55.34
C LEU A 768 102.01 -10.90 54.09
N HIS A 769 102.28 -12.20 54.21
CA HIS A 769 102.69 -12.98 53.05
C HIS A 769 101.56 -13.09 52.03
N SER A 770 100.32 -13.26 52.51
CA SER A 770 99.17 -13.35 51.62
C SER A 770 98.74 -12.01 51.07
N SER A 771 99.21 -10.90 51.66
CA SER A 771 98.85 -9.58 51.15
C SER A 771 99.47 -9.32 49.79
N ARG A 772 100.73 -9.72 49.59
CA ARG A 772 101.41 -9.56 48.33
C ARG A 772 101.22 -10.75 47.40
N LYS A 773 100.64 -11.84 47.88
CA LYS A 773 100.35 -12.98 47.02
C LYS A 773 99.08 -12.77 46.19
N LEU A 774 98.04 -12.21 46.80
CA LEU A 774 96.81 -11.95 46.06
C LEU A 774 96.96 -10.72 45.17
N SER A 775 97.74 -9.73 45.61
CA SER A 775 97.88 -8.50 44.85
C SER A 775 98.51 -8.74 43.49
N LEU A 776 99.57 -9.57 43.44
CA LEU A 776 100.24 -9.84 42.18
C LEU A 776 99.35 -10.61 41.22
N GLN A 777 98.59 -11.59 41.74
CA GLN A 777 97.74 -12.39 40.86
C GLN A 777 96.63 -11.55 40.24
N VAL A 778 96.02 -10.66 41.03
CA VAL A 778 94.95 -9.82 40.50
C VAL A 778 95.50 -8.79 39.52
N LEU A 779 96.64 -8.18 39.85
CA LEU A 779 97.24 -7.20 38.94
C LEU A 779 97.68 -7.84 37.63
N ASN A 780 98.27 -9.03 37.68
CA ASN A 780 98.67 -9.71 36.46
C ASN A 780 97.47 -10.12 35.62
N PHE A 781 96.39 -10.58 36.27
CA PHE A 781 95.20 -10.96 35.53
C PHE A 781 94.57 -9.77 34.83
N VAL A 782 94.53 -8.61 35.51
CA VAL A 782 93.99 -7.40 34.89
C VAL A 782 94.84 -6.99 33.70
N HIS A 783 96.16 -7.03 33.87
CA HIS A 783 97.06 -6.67 32.77
C HIS A 783 96.94 -7.63 31.60
N SER A 784 96.55 -8.88 31.86
CA SER A 784 96.41 -9.85 30.79
C SER A 784 95.29 -9.45 29.82
N PHE A 785 94.13 -9.10 30.35
CA PHE A 785 92.99 -8.66 29.52
C PHE A 785 92.97 -7.14 29.39
N GLN A 786 94.11 -6.56 29.00
CA GLN A 786 94.19 -5.12 28.79
C GLN A 786 94.94 -4.73 27.53
N GLU A 787 95.69 -5.63 26.90
CA GLU A 787 96.45 -5.30 25.70
C GLU A 787 95.54 -5.19 24.48
N GLY A 813 92.40 5.96 39.75
CA GLY A 813 92.60 4.79 40.58
C GLY A 813 92.75 3.51 39.79
N VAL A 814 91.71 2.69 39.80
CA VAL A 814 91.74 1.43 39.07
C VAL A 814 91.76 1.71 37.57
N PRO A 815 92.47 0.92 36.76
CA PRO A 815 92.48 1.17 35.31
C PRO A 815 91.11 0.94 34.71
N LEU A 816 90.77 1.76 33.71
CA LEU A 816 89.51 1.60 33.00
C LEU A 816 89.61 0.46 31.98
N PRO A 817 88.51 -0.27 31.76
CA PRO A 817 88.53 -1.32 30.74
C PRO A 817 88.72 -0.75 29.35
N ALA A 818 89.40 -1.51 28.51
CA ALA A 818 89.66 -1.12 27.13
C ALA A 818 89.04 -2.06 26.11
N LYS A 819 88.82 -3.33 26.44
CA LYS A 819 88.22 -4.30 25.56
C LYS A 819 86.86 -4.74 26.10
N ASN A 820 86.16 -5.53 25.29
CA ASN A 820 84.85 -6.06 25.66
C ASN A 820 85.01 -7.53 26.04
N LEU A 821 84.52 -7.89 27.22
CA LEU A 821 84.63 -9.23 27.75
C LEU A 821 83.25 -9.79 28.06
N ILE A 822 83.04 -11.05 27.70
CA ILE A 822 81.79 -11.75 27.94
C ILE A 822 82.09 -13.07 28.63
N PHE A 823 81.29 -13.41 29.63
CA PHE A 823 81.46 -14.64 30.40
C PHE A 823 80.24 -15.53 30.16
N LYS A 824 80.43 -16.61 29.41
CA LYS A 824 79.37 -17.58 29.15
C LYS A 824 79.99 -18.97 29.06
N ASP A 825 79.24 -19.96 29.54
CA ASP A 825 79.68 -21.36 29.56
C ASP A 825 80.97 -21.55 30.36
N GLY A 826 81.20 -20.67 31.33
CA GLY A 826 82.38 -20.78 32.18
C GLY A 826 83.68 -20.39 31.53
N VAL A 827 83.65 -19.70 30.39
CA VAL A 827 84.86 -19.31 29.67
C VAL A 827 84.84 -17.80 29.49
N LEU A 828 85.94 -17.15 29.85
CA LEU A 828 86.10 -15.71 29.67
C LEU A 828 86.92 -15.45 28.41
N SER A 829 86.37 -14.62 27.53
CA SER A 829 87.02 -14.33 26.25
C SER A 829 86.65 -12.89 25.86
N GLU A 830 86.90 -12.55 24.60
CA GLU A 830 86.62 -11.22 24.07
C GLU A 830 85.37 -11.26 23.21
N TRP A 831 84.47 -10.31 23.44
CA TRP A 831 83.21 -10.26 22.71
C TRP A 831 83.44 -9.74 21.29
N SER A 832 83.05 -10.55 20.30
CA SER A 832 83.22 -10.15 18.91
C SER A 832 82.25 -9.02 18.55
N GLY A 833 80.99 -9.15 18.97
CA GLY A 833 79.99 -8.14 18.69
C GLY A 833 78.75 -8.70 18.02
N PHE B 8 92.04 -0.08 2.72
CA PHE B 8 91.07 0.79 3.38
C PHE B 8 90.35 1.66 2.35
N LYS B 9 89.45 1.05 1.59
CA LYS B 9 88.69 1.79 0.58
C LYS B 9 87.48 2.46 1.20
N VAL B 10 87.23 3.70 0.76
CA VAL B 10 86.11 4.50 1.24
C VAL B 10 85.16 4.73 0.08
N SER B 11 83.89 4.39 0.29
CA SER B 11 82.85 4.54 -0.72
C SER B 11 81.95 5.72 -0.38
N ALA B 12 81.45 6.39 -1.42
CA ALA B 12 80.56 7.53 -1.22
C ALA B 12 79.27 7.09 -0.54
N ARG B 13 78.87 7.84 0.49
CA ARG B 13 77.67 7.53 1.26
C ARG B 13 77.21 8.78 1.97
N THR B 14 75.97 8.73 2.47
CA THR B 14 75.38 9.84 3.19
C THR B 14 74.83 9.34 4.53
N LEU B 15 74.88 10.20 5.53
CA LEU B 15 74.39 9.88 6.87
C LEU B 15 73.21 10.79 7.21
N THR B 16 72.14 10.18 7.71
CA THR B 16 70.92 10.91 8.05
C THR B 16 70.92 11.28 9.54
N GLY B 17 70.04 12.22 9.88
CA GLY B 17 69.94 12.67 11.26
C GLY B 17 68.50 12.75 11.74
N ALA B 18 68.11 13.93 12.24
CA ALA B 18 66.77 14.12 12.76
C ALA B 18 65.75 14.19 11.62
N LEU B 19 64.47 14.16 11.99
CA LEU B 19 63.37 14.23 11.04
C LEU B 19 62.76 15.62 11.04
N ASN B 20 61.83 15.83 10.11
CA ASN B 20 61.14 17.10 9.95
C ASN B 20 59.66 16.93 10.27
N ALA B 21 58.96 18.06 10.35
CA ALA B 21 57.53 18.03 10.66
C ALA B 21 56.72 17.46 9.50
N HIS B 22 57.22 17.57 8.27
CA HIS B 22 56.51 17.06 7.11
C HIS B 22 56.65 15.55 6.95
N ASN B 23 57.51 14.90 7.73
CA ASN B 23 57.70 13.46 7.68
C ASN B 23 56.90 12.74 8.77
N LYS B 24 55.79 13.31 9.20
CA LYS B 24 55.00 12.69 10.27
C LYS B 24 54.42 11.35 9.84
N ALA B 25 53.93 11.26 8.60
CA ALA B 25 53.28 10.06 8.09
C ALA B 25 54.00 9.52 6.86
N ALA B 26 55.32 9.47 6.91
CA ALA B 26 56.14 8.93 5.82
C ALA B 26 56.89 7.71 6.36
N VAL B 27 56.23 6.56 6.32
CA VAL B 27 56.81 5.30 6.75
C VAL B 27 55.92 4.17 6.25
N ASP B 28 56.54 3.04 5.93
CA ASP B 28 55.79 1.88 5.45
C ASP B 28 56.61 0.62 5.69
N TRP B 29 55.92 -0.47 6.01
CA TRP B 29 56.52 -1.78 6.18
C TRP B 29 55.89 -2.71 5.14
N GLY B 30 56.66 -3.05 4.10
CA GLY B 30 56.17 -3.86 3.01
C GLY B 30 56.33 -5.35 3.29
N TRP B 31 55.86 -6.14 2.32
CA TRP B 31 55.95 -7.59 2.41
C TRP B 31 57.35 -8.12 2.16
N GLN B 32 58.26 -7.29 1.65
CA GLN B 32 59.62 -7.71 1.37
C GLN B 32 60.48 -7.83 2.62
N GLY B 33 60.02 -7.30 3.74
CA GLY B 33 60.77 -7.36 4.98
C GLY B 33 61.64 -6.16 5.28
N LEU B 34 61.48 -5.06 4.54
CA LEU B 34 62.28 -3.86 4.75
C LEU B 34 61.38 -2.70 5.17
N ILE B 35 61.94 -1.81 5.99
CA ILE B 35 61.23 -0.64 6.50
C ILE B 35 61.83 0.60 5.85
N ALA B 36 60.96 1.44 5.29
CA ALA B 36 61.38 2.66 4.61
C ALA B 36 60.68 3.85 5.23
N TYR B 37 61.45 4.89 5.55
CA TYR B 37 60.91 6.12 6.11
C TYR B 37 61.56 7.31 5.41
N GLY B 38 60.87 8.44 5.44
CA GLY B 38 61.29 9.63 4.72
C GLY B 38 62.06 10.59 5.59
N CYS B 39 63.24 10.97 5.10
CA CYS B 39 64.07 11.98 5.75
C CYS B 39 63.59 13.36 5.31
N HIS B 40 64.41 14.39 5.57
CA HIS B 40 64.07 15.74 5.14
C HIS B 40 63.78 15.80 3.65
N SER B 41 64.70 15.27 2.84
CA SER B 41 64.50 15.16 1.39
C SER B 41 65.05 13.85 0.87
N LEU B 42 65.14 12.82 1.72
CA LEU B 42 65.75 11.55 1.35
C LEU B 42 64.88 10.41 1.85
N VAL B 43 65.05 9.25 1.22
CA VAL B 43 64.35 8.03 1.60
C VAL B 43 65.38 7.03 2.10
N VAL B 44 65.15 6.51 3.31
CA VAL B 44 66.08 5.60 3.98
C VAL B 44 65.42 4.24 4.12
N VAL B 45 66.13 3.20 3.69
CA VAL B 45 65.65 1.82 3.79
C VAL B 45 66.53 1.10 4.82
N ILE B 46 65.89 0.52 5.83
CA ILE B 46 66.58 -0.16 6.91
C ILE B 46 65.96 -1.54 7.11
N ASP B 47 66.71 -2.41 7.77
CA ASP B 47 66.27 -3.75 8.09
C ASP B 47 65.86 -3.84 9.56
N SER B 48 64.99 -4.80 9.87
CA SER B 48 64.52 -5.01 11.23
C SER B 48 65.22 -6.15 11.94
N ILE B 49 65.66 -7.18 11.21
CA ILE B 49 66.32 -8.31 11.84
C ILE B 49 67.70 -7.91 12.34
N THR B 50 68.45 -7.14 11.55
CA THR B 50 69.80 -6.73 11.92
C THR B 50 69.89 -5.26 12.34
N ALA B 51 68.88 -4.45 12.03
CA ALA B 51 68.83 -3.04 12.43
C ALA B 51 70.05 -2.27 11.94
N GLN B 52 70.18 -2.19 10.62
CA GLN B 52 71.25 -1.41 10.00
C GLN B 52 70.75 -0.83 8.69
N THR B 53 71.24 0.37 8.37
CA THR B 53 70.83 1.03 7.13
C THR B 53 71.43 0.31 5.92
N LEU B 54 70.63 0.16 4.88
CA LEU B 54 71.03 -0.55 3.67
C LEU B 54 71.16 0.34 2.46
N GLN B 55 70.17 1.18 2.17
CA GLN B 55 70.21 2.02 0.98
C GLN B 55 69.49 3.33 1.26
N VAL B 56 70.05 4.43 0.75
CA VAL B 56 69.48 5.76 0.90
C VAL B 56 69.27 6.34 -0.49
N LEU B 57 68.07 6.85 -0.74
CA LEU B 57 67.70 7.44 -2.02
C LEU B 57 67.61 8.95 -1.88
N GLU B 58 68.25 9.67 -2.79
CA GLU B 58 68.31 11.14 -2.75
C GLU B 58 68.11 11.68 -4.16
N LYS B 59 66.86 11.95 -4.52
CA LYS B 59 66.56 12.66 -5.77
C LYS B 59 65.48 13.72 -5.63
N HIS B 60 64.67 13.69 -4.58
CA HIS B 60 63.61 14.68 -4.42
C HIS B 60 64.19 16.06 -4.10
N LYS B 61 63.50 17.09 -4.60
CA LYS B 61 63.86 18.48 -4.33
C LYS B 61 62.99 19.10 -3.25
N ALA B 62 62.14 18.32 -2.59
CA ALA B 62 61.27 18.83 -1.55
C ALA B 62 61.10 17.75 -0.48
N ASP B 63 60.29 18.07 0.53
CA ASP B 63 60.07 17.14 1.62
C ASP B 63 59.19 15.98 1.17
N VAL B 64 59.51 14.78 1.68
CA VAL B 64 58.75 13.57 1.37
C VAL B 64 57.58 13.46 2.35
N VAL B 65 56.39 13.20 1.83
CA VAL B 65 55.19 13.18 2.65
C VAL B 65 54.61 11.77 2.72
N LYS B 66 54.84 10.96 1.68
CA LYS B 66 54.27 9.63 1.62
C LYS B 66 55.27 8.64 1.05
N VAL B 67 55.38 7.48 1.69
CA VAL B 67 56.18 6.36 1.19
C VAL B 67 55.33 5.10 1.29
N LYS B 68 55.18 4.39 0.17
CA LYS B 68 54.36 3.19 0.11
C LYS B 68 55.10 2.11 -0.67
N TRP B 69 55.15 0.91 -0.10
CA TRP B 69 55.78 -0.22 -0.76
C TRP B 69 54.82 -0.86 -1.76
N ALA B 70 55.39 -1.59 -2.71
CA ALA B 70 54.60 -2.28 -3.72
C ALA B 70 53.94 -3.52 -3.14
N ARG B 71 52.88 -3.97 -3.81
CA ARG B 71 52.14 -5.16 -3.41
C ARG B 71 52.55 -6.35 -4.29
N GLU B 72 52.62 -7.52 -3.68
CA GLU B 72 53.04 -8.75 -4.36
C GLU B 72 51.94 -9.80 -4.19
N ASN B 73 51.03 -9.85 -5.16
CA ASN B 73 49.91 -10.79 -5.17
C ASN B 73 49.78 -11.43 -6.55
N TYR B 74 50.90 -11.89 -7.09
CA TYR B 74 50.92 -12.47 -8.43
C TYR B 74 51.96 -13.57 -8.48
N HIS B 75 51.82 -14.45 -9.47
CA HIS B 75 52.78 -15.53 -9.67
C HIS B 75 54.13 -14.98 -10.12
N HIS B 76 55.20 -15.54 -9.57
CA HIS B 76 56.55 -15.10 -9.86
C HIS B 76 57.25 -16.12 -10.75
N ASN B 77 57.87 -15.63 -11.82
CA ASN B 77 58.58 -16.49 -12.76
C ASN B 77 59.72 -15.68 -13.37
N ILE B 78 60.28 -16.17 -14.48
CA ILE B 78 61.35 -15.43 -15.15
C ILE B 78 60.83 -14.09 -15.67
N GLY B 79 59.63 -14.09 -16.25
CA GLY B 79 59.07 -12.85 -16.77
C GLY B 79 58.81 -11.82 -15.68
N SER B 80 58.41 -12.28 -14.50
CA SER B 80 58.13 -11.41 -13.36
C SER B 80 58.93 -11.89 -12.16
N PRO B 81 60.22 -11.57 -12.10
CA PRO B 81 61.06 -12.03 -11.00
C PRO B 81 60.85 -11.19 -9.75
N TYR B 82 61.54 -11.57 -8.68
CA TYR B 82 61.44 -10.88 -7.41
C TYR B 82 62.30 -9.61 -7.46
N CYS B 83 61.65 -8.45 -7.36
CA CYS B 83 62.34 -7.18 -7.40
C CYS B 83 61.71 -6.23 -6.38
N LEU B 84 62.48 -5.23 -5.98
CA LEU B 84 62.03 -4.24 -5.01
C LEU B 84 61.54 -3.00 -5.75
N ARG B 85 60.33 -2.55 -5.40
CA ARG B 85 59.72 -1.38 -6.03
C ARG B 85 59.18 -0.47 -4.94
N LEU B 86 59.47 0.82 -5.04
CA LEU B 86 59.06 1.80 -4.05
C LEU B 86 58.45 3.01 -4.74
N ALA B 87 57.51 3.65 -4.05
CA ALA B 87 56.85 4.85 -4.55
C ALA B 87 56.88 5.92 -3.47
N SER B 88 57.19 7.15 -3.88
CA SER B 88 57.29 8.27 -2.95
C SER B 88 56.62 9.50 -3.54
N ALA B 89 56.20 10.40 -2.67
CA ALA B 89 55.58 11.66 -3.06
C ALA B 89 56.21 12.81 -2.27
N ASP B 90 56.19 13.99 -2.87
CA ASP B 90 56.82 15.17 -2.28
C ASP B 90 55.80 16.30 -2.15
N VAL B 91 56.26 17.41 -1.55
CA VAL B 91 55.41 18.58 -1.39
C VAL B 91 55.16 19.29 -2.71
N ASN B 92 56.11 19.25 -3.64
CA ASN B 92 55.96 19.93 -4.92
C ASN B 92 54.97 19.23 -5.85
N GLY B 93 54.53 18.03 -5.52
CA GLY B 93 53.55 17.32 -6.33
C GLY B 93 54.16 16.40 -7.35
N LYS B 94 55.23 15.70 -6.98
CA LYS B 94 55.91 14.76 -7.85
C LYS B 94 55.87 13.37 -7.24
N ILE B 95 55.55 12.37 -8.07
CA ILE B 95 55.52 10.98 -7.66
C ILE B 95 56.61 10.24 -8.43
N ILE B 96 57.50 9.58 -7.69
CA ILE B 96 58.63 8.87 -8.28
C ILE B 96 58.51 7.39 -7.95
N VAL B 97 58.61 6.55 -8.98
CA VAL B 97 58.60 5.10 -8.81
C VAL B 97 60.04 4.63 -8.73
N TRP B 98 60.39 3.96 -7.64
CA TRP B 98 61.76 3.58 -7.35
C TRP B 98 61.98 2.09 -7.58
N ASP B 99 63.19 1.76 -7.99
CA ASP B 99 63.69 0.38 -8.10
C ASP B 99 64.93 0.34 -7.22
N VAL B 100 64.77 -0.14 -5.99
CA VAL B 100 65.84 -0.02 -4.98
C VAL B 100 66.73 -1.24 -5.18
N ALA B 101 67.60 -1.16 -6.18
CA ALA B 101 68.73 -2.06 -6.32
C ALA B 101 69.99 -1.35 -6.77
N ALA B 102 69.87 -0.15 -7.36
CA ALA B 102 71.02 0.64 -7.78
C ALA B 102 70.90 2.12 -7.48
N GLY B 103 69.73 2.64 -7.13
CA GLY B 103 69.56 4.05 -6.89
C GLY B 103 69.01 4.85 -8.04
N VAL B 104 68.40 4.21 -9.03
CA VAL B 104 67.90 4.86 -10.23
C VAL B 104 66.38 4.73 -10.27
N ALA B 105 65.71 5.80 -10.69
CA ALA B 105 64.26 5.80 -10.80
C ALA B 105 63.84 5.22 -12.15
N GLN B 106 62.54 4.89 -12.26
CA GLN B 106 61.97 4.34 -13.47
C GLN B 106 60.78 5.12 -14.01
N CYS B 107 60.14 5.98 -13.22
CA CYS B 107 58.95 6.67 -13.65
C CYS B 107 58.81 7.98 -12.89
N GLU B 108 58.39 9.02 -13.58
CA GLU B 108 58.15 10.34 -13.01
C GLU B 108 56.73 10.77 -13.31
N ILE B 109 55.99 11.15 -12.26
CA ILE B 109 54.62 11.61 -12.39
C ILE B 109 54.48 12.95 -11.67
N GLN B 110 53.97 13.95 -12.38
CA GLN B 110 53.77 15.27 -11.80
C GLN B 110 52.54 15.91 -12.41
N GLU B 111 51.69 16.48 -11.56
CA GLU B 111 50.51 17.20 -12.00
C GLU B 111 50.25 18.33 -11.02
N HIS B 112 50.22 19.57 -11.53
CA HIS B 112 50.01 20.76 -10.72
C HIS B 112 51.13 20.96 -9.70
N ALA B 113 51.03 22.01 -8.89
CA ALA B 113 52.07 22.34 -7.93
C ALA B 113 51.53 22.29 -6.50
N LYS B 114 50.77 21.25 -6.18
CA LYS B 114 50.21 21.08 -4.84
C LYS B 114 50.68 19.77 -4.23
N PRO B 115 50.82 19.71 -2.91
CA PRO B 115 51.32 18.48 -2.28
C PRO B 115 50.36 17.32 -2.48
N ILE B 116 50.94 16.13 -2.62
CA ILE B 116 50.15 14.90 -2.75
C ILE B 116 49.70 14.47 -1.36
N GLN B 117 48.40 14.21 -1.22
CA GLN B 117 47.81 13.95 0.09
C GLN B 117 47.73 12.47 0.43
N ASP B 118 47.55 11.59 -0.55
CA ASP B 118 47.43 10.17 -0.27
C ASP B 118 47.87 9.37 -1.48
N VAL B 119 48.68 8.33 -1.22
CA VAL B 119 49.14 7.41 -2.25
C VAL B 119 48.92 5.99 -1.76
N GLN B 120 48.40 5.13 -2.63
CA GLN B 120 48.16 3.74 -2.27
C GLN B 120 48.10 2.91 -3.55
N TRP B 121 48.68 1.71 -3.49
CA TRP B 121 48.66 0.78 -4.61
C TRP B 121 47.34 0.01 -4.64
N LEU B 122 47.16 -0.77 -5.70
CA LEU B 122 46.00 -1.61 -5.86
C LEU B 122 46.38 -3.07 -5.63
N TRP B 123 45.59 -3.75 -4.79
CA TRP B 123 45.90 -5.14 -4.45
C TRP B 123 45.44 -6.12 -5.52
N ASN B 124 44.60 -5.70 -6.45
CA ASN B 124 44.12 -6.56 -7.53
C ASN B 124 45.15 -6.51 -8.67
N GLN B 125 46.02 -7.52 -8.71
CA GLN B 125 47.08 -7.60 -9.72
C GLN B 125 46.90 -8.81 -10.64
N ASP B 126 45.67 -9.28 -10.80
CA ASP B 126 45.41 -10.42 -11.67
C ASP B 126 45.72 -10.09 -13.12
N ALA B 127 45.35 -8.89 -13.57
CA ALA B 127 45.58 -8.47 -14.95
C ALA B 127 46.82 -7.60 -15.09
N SER B 128 46.93 -6.53 -14.31
CA SER B 128 48.07 -5.64 -14.36
C SER B 128 48.54 -5.34 -12.95
N ARG B 129 49.86 -5.27 -12.78
CA ARG B 129 50.47 -5.02 -11.48
C ARG B 129 51.16 -3.66 -11.40
N ASP B 130 50.78 -2.73 -12.26
CA ASP B 130 51.39 -1.41 -12.34
C ASP B 130 50.32 -0.32 -12.31
N LEU B 131 49.38 -0.43 -11.38
CA LEU B 131 48.32 0.55 -11.20
C LEU B 131 48.51 1.30 -9.88
N LEU B 132 48.35 2.62 -9.94
CA LEU B 132 48.53 3.46 -8.77
C LEU B 132 47.44 4.50 -8.74
N LEU B 133 46.88 4.73 -7.55
CA LEU B 133 45.84 5.74 -7.32
C LEU B 133 46.35 6.77 -6.33
N ALA B 134 46.19 8.04 -6.67
CA ALA B 134 46.65 9.13 -5.82
C ALA B 134 45.59 10.24 -5.81
N ILE B 135 45.60 11.02 -4.75
CA ILE B 135 44.67 12.13 -4.57
C ILE B 135 45.39 13.43 -4.88
N HIS B 136 44.83 14.22 -5.80
CA HIS B 136 45.35 15.53 -6.13
C HIS B 136 44.42 16.59 -5.56
N PRO B 137 44.93 17.52 -4.75
CA PRO B 137 44.04 18.52 -4.16
C PRO B 137 43.46 19.42 -5.24
N PRO B 138 42.26 19.98 -5.00
CA PRO B 138 41.48 19.77 -3.77
C PRO B 138 40.47 18.62 -3.86
N ASN B 139 40.02 18.30 -5.07
CA ASN B 139 38.96 17.32 -5.25
C ASN B 139 39.22 16.41 -6.45
N TYR B 140 40.48 16.12 -6.75
CA TYR B 140 40.86 15.33 -7.91
C TYR B 140 41.46 14.00 -7.48
N ILE B 141 40.98 12.93 -8.09
CA ILE B 141 41.54 11.59 -7.90
C ILE B 141 41.92 11.04 -9.27
N VAL B 142 43.15 10.57 -9.39
CA VAL B 142 43.70 10.12 -10.67
C VAL B 142 44.29 8.73 -10.50
N LEU B 143 43.96 7.83 -11.42
CA LEU B 143 44.54 6.49 -11.46
C LEU B 143 45.73 6.52 -12.41
N TRP B 144 46.91 6.18 -11.91
CA TRP B 144 48.15 6.27 -12.67
C TRP B 144 48.67 4.89 -13.01
N ASN B 145 49.62 4.85 -13.94
CA ASN B 145 50.28 3.63 -14.36
C ASN B 145 51.75 3.71 -13.93
N ALA B 146 52.21 2.68 -13.22
CA ALA B 146 53.58 2.68 -12.70
C ALA B 146 54.61 2.21 -13.71
N ASP B 147 54.19 1.76 -14.90
CA ASP B 147 55.12 1.27 -15.90
C ASP B 147 55.56 2.36 -16.86
N THR B 148 54.60 3.09 -17.44
CA THR B 148 54.91 4.13 -18.41
C THR B 148 54.47 5.52 -17.97
N GLY B 149 53.84 5.65 -16.81
CA GLY B 149 53.37 6.95 -16.36
C GLY B 149 52.29 7.56 -17.22
N THR B 150 51.32 6.75 -17.65
CA THR B 150 50.24 7.20 -18.52
C THR B 150 48.94 7.27 -17.72
N LYS B 151 48.27 8.41 -17.78
CA LYS B 151 47.01 8.58 -17.07
C LYS B 151 45.93 7.72 -17.69
N LEU B 152 45.08 7.14 -16.83
CA LEU B 152 43.97 6.30 -17.26
C LEU B 152 42.65 7.07 -17.29
N TRP B 153 42.25 7.65 -16.17
CA TRP B 153 41.03 8.45 -16.09
C TRP B 153 41.15 9.40 -14.91
N LYS B 154 40.32 10.45 -14.94
CA LYS B 154 40.30 11.45 -13.89
C LYS B 154 38.86 11.73 -13.50
N LYS B 155 38.60 11.77 -12.19
CA LYS B 155 37.28 12.02 -11.65
C LYS B 155 37.35 13.16 -10.65
N SER B 156 36.39 14.08 -10.73
CA SER B 156 36.32 15.24 -9.85
C SER B 156 35.07 15.17 -8.99
N TYR B 157 35.18 15.63 -7.75
CA TYR B 157 34.09 15.65 -6.80
C TYR B 157 33.84 17.09 -6.34
N ALA B 158 32.85 17.25 -5.46
CA ALA B 158 32.45 18.57 -4.96
C ALA B 158 32.72 18.69 -3.46
N ASP B 159 33.77 18.03 -2.96
CA ASP B 159 34.13 18.08 -1.56
C ASP B 159 35.64 18.11 -1.45
N ASN B 160 36.15 17.98 -0.23
CA ASN B 160 37.59 17.95 0.04
C ASN B 160 37.95 16.55 0.55
N ILE B 161 38.57 15.75 -0.30
CA ILE B 161 38.90 14.38 0.04
C ILE B 161 40.13 14.35 0.94
N LEU B 162 40.03 13.66 2.07
CA LEU B 162 41.12 13.53 3.02
C LEU B 162 41.87 12.21 2.91
N SER B 163 41.16 11.09 2.86
CA SER B 163 41.79 9.78 2.79
C SER B 163 40.82 8.79 2.17
N PHE B 164 41.35 7.65 1.76
CA PHE B 164 40.55 6.60 1.13
C PHE B 164 41.10 5.25 1.50
N SER B 165 40.26 4.23 1.38
CA SER B 165 40.64 2.85 1.64
C SER B 165 39.93 1.93 0.67
N PHE B 166 40.55 0.78 0.41
CA PHE B 166 40.00 -0.20 -0.51
C PHE B 166 39.38 -1.37 0.25
N ASP B 167 38.37 -1.98 -0.36
CA ASP B 167 37.72 -3.13 0.24
C ASP B 167 38.57 -4.38 0.02
N PRO B 168 39.05 -5.04 1.07
CA PRO B 168 39.89 -6.24 0.86
C PRO B 168 39.17 -7.40 0.21
N PHE B 169 37.84 -7.43 0.23
CA PHE B 169 37.08 -8.54 -0.32
C PHE B 169 36.52 -8.25 -1.71
N ASP B 170 36.01 -7.04 -1.95
CA ASP B 170 35.43 -6.68 -3.23
C ASP B 170 36.31 -5.61 -3.89
N PRO B 171 36.98 -5.92 -5.00
CA PRO B 171 37.83 -4.90 -5.65
C PRO B 171 37.06 -3.74 -6.26
N SER B 172 35.74 -3.88 -6.44
CA SER B 172 34.93 -2.84 -7.07
C SER B 172 34.35 -1.85 -6.06
N HIS B 173 34.67 -1.99 -4.78
CA HIS B 173 34.17 -1.10 -3.73
C HIS B 173 35.28 -0.19 -3.24
N LEU B 174 34.98 1.10 -3.15
CA LEU B 174 35.93 2.09 -2.69
C LEU B 174 35.19 3.16 -1.92
N THR B 175 35.81 3.67 -0.85
CA THR B 175 35.20 4.69 0.00
C THR B 175 36.14 5.89 0.10
N LEU B 176 35.55 7.05 0.39
CA LEU B 176 36.30 8.29 0.51
C LEU B 176 35.91 8.99 1.81
N LEU B 177 36.88 9.66 2.42
CA LEU B 177 36.66 10.47 3.61
C LEU B 177 36.79 11.93 3.24
N THR B 178 35.73 12.70 3.43
CA THR B 178 35.68 14.11 3.10
C THR B 178 35.47 14.94 4.37
N SER B 179 35.54 16.26 4.21
CA SER B 179 35.31 17.15 5.35
C SER B 179 33.85 17.19 5.77
N GLU B 180 32.94 16.77 4.89
CA GLU B 180 31.51 16.74 5.21
C GLU B 180 31.09 15.38 5.77
N GLY B 181 31.37 14.31 5.03
CA GLY B 181 31.01 12.98 5.46
C GLY B 181 31.80 11.88 4.79
N ILE B 182 31.14 10.76 4.47
CA ILE B 182 31.77 9.61 3.85
C ILE B 182 31.07 9.33 2.52
N VAL B 183 31.86 9.17 1.47
CA VAL B 183 31.36 8.91 0.12
C VAL B 183 31.70 7.47 -0.25
N PHE B 184 30.71 6.73 -0.73
CA PHE B 184 30.87 5.33 -1.09
C PHE B 184 30.80 5.19 -2.61
N ILE B 185 31.74 4.43 -3.17
CA ILE B 185 31.81 4.17 -4.60
C ILE B 185 31.69 2.66 -4.82
N SER B 186 30.77 2.25 -5.69
CA SER B 186 30.52 0.84 -5.94
C SER B 186 30.72 0.47 -7.41
N ASP B 187 31.37 1.31 -8.19
CA ASP B 187 31.63 1.02 -9.61
C ASP B 187 33.06 1.36 -9.97
N PHE B 188 34.00 1.03 -9.09
CA PHE B 188 35.41 1.26 -9.37
C PHE B 188 35.91 0.25 -10.40
N SER B 189 36.59 0.75 -11.42
CA SER B 189 37.11 -0.11 -12.48
C SER B 189 38.25 0.62 -13.18
N PRO B 190 39.31 -0.09 -13.59
CA PRO B 190 40.42 0.56 -14.28
C PRO B 190 40.12 0.94 -15.73
N SER B 191 38.95 0.59 -16.24
CA SER B 191 38.58 0.88 -17.62
C SER B 191 37.79 2.17 -17.77
N LYS B 192 36.86 2.44 -16.87
CA LYS B 192 36.03 3.62 -16.94
C LYS B 192 35.99 4.33 -15.60
N PRO B 193 35.83 5.66 -15.61
CA PRO B 193 35.72 6.40 -14.35
C PRO B 193 34.38 6.14 -13.68
N PRO B 194 34.24 6.49 -12.40
CA PRO B 194 32.94 6.32 -11.73
C PRO B 194 31.85 7.13 -12.42
N SER B 195 30.64 6.57 -12.41
CA SER B 195 29.53 7.19 -13.13
C SER B 195 29.08 8.48 -12.45
N GLY B 196 28.65 8.39 -11.20
CA GLY B 196 28.13 9.53 -10.48
C GLY B 196 28.88 9.81 -9.20
N PRO B 197 28.41 10.80 -8.43
CA PRO B 197 29.07 11.13 -7.16
C PRO B 197 29.00 10.01 -6.14
N GLY B 198 28.06 9.08 -6.26
CA GLY B 198 27.94 8.00 -5.31
C GLY B 198 27.10 8.35 -4.11
N LYS B 199 26.95 7.37 -3.21
CA LYS B 199 26.17 7.53 -2.00
C LYS B 199 27.00 8.25 -0.93
N LYS B 200 26.43 9.29 -0.35
CA LYS B 200 27.10 10.09 0.68
C LYS B 200 26.28 10.07 1.96
N VAL B 201 26.97 9.94 3.09
CA VAL B 201 26.35 9.95 4.40
C VAL B 201 27.08 10.95 5.28
N TYR B 202 26.38 11.44 6.30
CA TYR B 202 26.92 12.41 7.24
C TYR B 202 27.01 11.80 8.62
N ILE B 203 28.18 11.91 9.24
CA ILE B 203 28.40 11.38 10.59
C ILE B 203 27.91 12.40 11.61
N SER B 204 27.22 11.90 12.64
CA SER B 204 26.68 12.77 13.67
C SER B 204 26.94 12.19 15.06
N ASN B 245 33.73 15.34 11.59
CA ASN B 245 34.54 16.53 11.36
C ASN B 245 35.94 16.38 11.95
N ASP B 246 36.00 15.84 13.17
CA ASP B 246 37.25 15.64 13.89
C ASP B 246 37.73 14.19 13.82
N CYS B 247 37.39 13.47 12.74
CA CYS B 247 37.84 12.10 12.58
C CYS B 247 39.34 12.06 12.31
N LEU B 248 40.01 11.07 12.89
CA LEU B 248 41.46 10.93 12.75
C LEU B 248 41.87 9.91 11.70
N GLN B 249 41.13 8.81 11.56
CA GLN B 249 41.51 7.76 10.62
C GLN B 249 40.26 7.04 10.15
N LEU B 250 40.35 6.47 8.94
CA LEU B 250 39.27 5.68 8.37
C LEU B 250 39.88 4.54 7.59
N ALA B 251 39.60 3.31 8.01
CA ALA B 251 40.14 2.13 7.35
C ALA B 251 39.16 0.98 7.50
N TYR B 252 39.27 0.01 6.58
CA TYR B 252 38.44 -1.17 6.63
C TYR B 252 38.99 -2.20 7.61
N LEU B 253 38.15 -3.18 7.92
CA LEU B 253 38.54 -4.29 8.79
C LEU B 253 38.80 -5.53 7.95
N PRO B 254 40.03 -6.01 7.84
CA PRO B 254 40.32 -7.19 7.02
C PRO B 254 39.95 -8.52 7.65
N SER B 255 39.46 -8.53 8.88
CA SER B 255 39.05 -9.76 9.54
C SER B 255 37.55 -10.02 9.47
N LYS B 256 36.74 -8.97 9.44
CA LYS B 256 35.29 -9.09 9.35
C LYS B 256 34.81 -8.37 8.10
N ARG B 257 34.00 -9.05 7.29
CA ARG B 257 33.50 -8.47 6.05
C ARG B 257 32.50 -7.36 6.34
N ASN B 258 32.52 -6.33 5.48
CA ASN B 258 31.60 -5.20 5.56
C ASN B 258 31.68 -4.51 6.92
N HIS B 259 32.89 -4.37 7.43
CA HIS B 259 33.14 -3.71 8.71
C HIS B 259 34.28 -2.70 8.55
N MET B 260 34.11 -1.54 9.16
CA MET B 260 35.17 -0.54 9.20
C MET B 260 35.13 0.18 10.54
N LEU B 261 36.22 0.86 10.85
CA LEU B 261 36.38 1.56 12.12
C LEU B 261 36.60 3.05 11.88
N LEU B 262 36.08 3.86 12.80
CA LEU B 262 36.31 5.29 12.81
C LEU B 262 37.12 5.65 14.05
N LEU B 263 38.22 6.38 13.84
CA LEU B 263 39.15 6.70 14.91
C LEU B 263 38.82 8.07 15.49
N TYR B 264 38.70 8.14 16.80
CA TYR B 264 38.46 9.36 17.55
C TYR B 264 39.46 9.45 18.69
N PRO B 265 39.76 10.67 19.16
CA PRO B 265 40.76 10.80 20.23
C PRO B 265 40.42 10.04 21.50
N ARG B 266 39.14 9.90 21.82
CA ARG B 266 38.74 9.22 23.06
C ARG B 266 37.85 8.00 22.82
N GLU B 267 37.46 7.72 21.58
CA GLU B 267 36.57 6.60 21.30
C GLU B 267 37.00 5.90 20.03
N ILE B 268 36.61 4.63 19.91
CA ILE B 268 36.77 3.85 18.70
C ILE B 268 35.43 3.22 18.36
N LEU B 269 34.96 3.43 17.14
CA LEU B 269 33.64 2.98 16.72
C LEU B 269 33.78 1.90 15.65
N ILE B 270 32.99 0.84 15.78
CA ILE B 270 32.90 -0.21 14.78
C ILE B 270 31.54 -0.08 14.11
N LEU B 271 31.54 0.04 12.79
CA LEU B 271 30.35 0.34 12.01
C LEU B 271 29.96 -0.84 11.15
N ASP B 272 28.66 -1.12 11.10
CA ASP B 272 28.12 -2.20 10.28
C ASP B 272 27.45 -1.62 9.04
N LEU B 273 27.85 -2.10 7.87
CA LEU B 273 27.53 -1.47 6.60
C LEU B 273 26.07 -1.63 6.19
N GLU B 274 25.52 -2.85 6.28
CA GLU B 274 24.18 -3.07 5.76
C GLU B 274 23.10 -2.43 6.63
N VAL B 275 23.42 -2.01 7.84
CA VAL B 275 22.49 -1.27 8.67
C VAL B 275 22.94 0.15 8.94
N ASN B 276 24.20 0.50 8.64
CA ASN B 276 24.76 1.82 8.91
C ASN B 276 24.61 2.20 10.39
N GLN B 277 25.00 1.26 11.25
CA GLN B 277 24.87 1.43 12.69
C GLN B 277 26.16 1.01 13.36
N THR B 278 26.39 1.55 14.56
CA THR B 278 27.55 1.20 15.37
C THR B 278 27.25 -0.06 16.17
N VAL B 279 28.13 -1.05 16.07
CA VAL B 279 27.96 -2.33 16.76
C VAL B 279 29.03 -2.57 17.82
N GLY B 280 30.00 -1.68 17.96
CA GLY B 280 31.03 -1.86 18.97
C GLY B 280 31.77 -0.57 19.29
N VAL B 281 31.99 -0.31 20.57
CA VAL B 281 32.65 0.90 21.03
C VAL B 281 33.83 0.51 21.91
N ILE B 282 35.01 1.02 21.58
CA ILE B 282 36.21 0.83 22.39
C ILE B 282 36.57 2.18 22.98
N ALA B 283 36.48 2.31 24.30
CA ALA B 283 36.71 3.57 24.99
C ALA B 283 37.75 3.40 26.09
N ILE B 284 38.56 4.43 26.28
CA ILE B 284 39.56 4.44 27.34
C ILE B 284 38.93 4.98 28.63
N GLU B 285 39.62 4.75 29.74
CA GLU B 285 39.13 5.20 31.04
C GLU B 285 39.12 6.72 31.11
N ARG B 286 38.59 7.24 32.22
CA ARG B 286 38.47 8.69 32.39
C ARG B 286 39.83 9.36 32.40
N THR B 287 40.79 8.76 33.09
CA THR B 287 42.16 9.28 33.18
C THR B 287 43.06 8.39 32.33
N GLY B 288 43.18 8.71 31.04
CA GLY B 288 43.98 7.93 30.14
C GLY B 288 44.54 8.81 29.03
N VAL B 289 45.40 8.19 28.21
CA VAL B 289 46.07 8.89 27.12
C VAL B 289 45.23 8.75 25.85
N PRO B 290 44.92 9.85 25.16
CA PRO B 290 44.11 9.75 23.95
C PRO B 290 44.81 8.97 22.85
N PHE B 291 44.00 8.33 22.01
CA PHE B 291 44.51 7.52 20.91
C PHE B 291 45.17 8.40 19.85
N LEU B 292 46.11 7.81 19.14
CA LEU B 292 46.82 8.51 18.07
C LEU B 292 46.71 7.78 16.73
N GLN B 293 46.81 6.45 16.72
CA GLN B 293 46.73 5.69 15.48
C GLN B 293 46.37 4.25 15.81
N VAL B 294 45.73 3.59 14.85
CA VAL B 294 45.32 2.19 14.99
C VAL B 294 45.65 1.45 13.71
N ILE B 295 46.10 0.19 13.86
CA ILE B 295 46.46 -0.65 12.72
C ILE B 295 45.77 -1.99 12.89
N PRO B 296 44.91 -2.41 11.96
CA PRO B 296 44.23 -3.70 12.09
C PRO B 296 45.11 -4.86 11.67
N CYS B 297 44.65 -6.06 11.98
CA CYS B 297 45.33 -7.30 11.63
C CYS B 297 44.43 -8.16 10.75
N PHE B 298 45.06 -9.09 10.02
CA PHE B 298 44.36 -9.95 9.08
C PHE B 298 44.30 -11.40 9.53
N GLN B 299 45.42 -11.96 10.00
CA GLN B 299 45.44 -13.36 10.40
C GLN B 299 44.51 -13.61 11.58
N ARG B 300 44.52 -12.71 12.56
CA ARG B 300 43.66 -12.82 13.73
C ARG B 300 42.95 -11.49 13.96
N ASP B 301 41.77 -11.57 14.59
CA ASP B 301 40.99 -10.38 14.87
C ASP B 301 41.64 -9.58 15.99
N GLY B 302 42.49 -8.63 15.64
CA GLY B 302 43.18 -7.83 16.63
C GLY B 302 43.55 -6.48 16.07
N LEU B 303 43.80 -5.53 16.97
CA LEU B 303 44.13 -4.17 16.62
C LEU B 303 45.35 -3.71 17.40
N PHE B 304 46.24 -2.99 16.73
CA PHE B 304 47.40 -2.37 17.36
C PHE B 304 47.13 -0.88 17.49
N CYS B 305 47.19 -0.37 18.72
CA CYS B 305 46.84 1.01 19.02
C CYS B 305 48.06 1.76 19.50
N LEU B 306 48.23 2.99 19.00
CA LEU B 306 49.31 3.88 19.41
C LEU B 306 48.73 5.07 20.15
N HIS B 307 49.33 5.40 21.29
CA HIS B 307 48.86 6.49 22.13
C HIS B 307 49.76 7.70 21.97
N GLU B 308 49.35 8.82 22.58
CA GLU B 308 50.08 10.07 22.46
C GLU B 308 51.41 10.05 23.22
N ASN B 309 51.54 9.20 24.23
CA ASN B 309 52.76 9.13 25.02
C ASN B 309 53.76 8.11 24.48
N GLY B 310 53.47 7.50 23.34
CA GLY B 310 54.37 6.52 22.76
C GLY B 310 54.13 5.09 23.19
N CYS B 311 52.97 4.79 23.76
CA CYS B 311 52.66 3.45 24.22
C CYS B 311 51.89 2.68 23.15
N ILE B 312 52.17 1.38 23.06
CA ILE B 312 51.53 0.50 22.08
C ILE B 312 50.78 -0.59 22.85
N THR B 313 49.51 -0.76 22.52
CA THR B 313 48.66 -1.76 23.16
C THR B 313 48.05 -2.67 22.09
N LEU B 314 47.83 -3.92 22.48
CA LEU B 314 47.25 -4.93 21.60
C LEU B 314 45.93 -5.42 22.21
N ARG B 315 44.87 -5.41 21.41
CA ARG B 315 43.55 -5.84 21.83
C ARG B 315 43.07 -6.96 20.94
N VAL B 316 42.52 -8.01 21.56
CA VAL B 316 42.03 -9.18 20.85
C VAL B 316 40.55 -9.36 21.18
N ARG B 317 39.78 -9.73 20.17
CA ARG B 317 38.35 -9.95 20.33
C ARG B 317 38.08 -11.05 21.36
N ARG B 318 37.12 -10.79 22.24
CA ARG B 318 36.75 -11.77 23.27
C ARG B 318 36.00 -12.93 22.63
N SER B 319 36.42 -14.15 22.97
CA SER B 319 35.78 -15.35 22.44
C SER B 319 35.39 -16.37 23.51
N TYR B 320 35.88 -16.24 24.74
CA TYR B 320 35.58 -17.18 25.80
C TYR B 320 35.20 -16.41 27.06
N ASN B 321 34.39 -17.06 27.90
CA ASN B 321 33.94 -16.45 29.15
C ASN B 321 34.96 -16.67 30.26
N GLN B 337 24.27 -6.52 24.16
CA GLN B 337 25.21 -7.35 23.41
C GLN B 337 25.95 -6.52 22.37
N GLU B 338 27.28 -6.48 22.48
CA GLU B 338 28.11 -5.73 21.55
C GLU B 338 29.49 -6.36 21.51
N LEU B 339 30.23 -6.04 20.45
CA LEU B 339 31.60 -6.53 20.31
C LEU B 339 32.49 -5.92 21.38
N THR B 340 33.30 -6.76 22.01
CA THR B 340 34.20 -6.32 23.08
C THR B 340 35.62 -6.75 22.76
N TYR B 341 36.55 -5.80 22.88
CA TYR B 341 37.97 -6.07 22.68
C TYR B 341 38.69 -5.91 24.00
N ASP B 342 39.46 -6.93 24.39
CA ASP B 342 40.14 -6.96 25.66
C ASP B 342 41.63 -6.71 25.46
N LEU B 343 42.19 -5.82 26.27
CA LEU B 343 43.62 -5.55 26.21
C LEU B 343 44.42 -6.77 26.66
N ARG B 344 45.48 -7.07 25.94
CA ARG B 344 46.30 -8.24 26.20
C ARG B 344 47.73 -7.89 26.59
N SER B 345 48.38 -6.98 25.87
CA SER B 345 49.77 -6.62 26.12
C SER B 345 49.91 -5.12 26.10
N GLN B 346 50.94 -4.63 26.81
CA GLN B 346 51.24 -3.21 26.88
C GLN B 346 52.74 -3.04 26.99
N CYS B 347 53.24 -1.93 26.44
CA CYS B 347 54.66 -1.61 26.45
C CYS B 347 54.92 -0.46 27.42
N ASP B 348 56.16 -0.01 27.45
CA ASP B 348 56.60 1.06 28.34
C ASP B 348 56.63 2.38 27.57
N ALA B 349 56.05 3.42 28.15
CA ALA B 349 56.03 4.73 27.50
C ALA B 349 57.42 5.36 27.52
N ILE B 350 57.64 6.28 26.59
CA ILE B 350 58.90 6.99 26.47
C ILE B 350 58.70 8.42 26.93
N ARG B 351 59.82 9.11 27.17
CA ARG B 351 59.78 10.49 27.62
C ARG B 351 59.21 11.39 26.52
N VAL B 352 58.36 12.33 26.93
CA VAL B 352 57.70 13.25 26.02
C VAL B 352 58.19 14.67 26.31
N THR B 353 58.65 15.36 25.26
CA THR B 353 59.21 16.69 25.39
C THR B 353 58.63 17.54 24.25
N LYS B 354 58.66 18.86 24.43
CA LYS B 354 58.16 19.76 23.40
C LYS B 354 58.92 19.62 22.08
N THR B 355 60.13 19.05 22.10
CA THR B 355 60.91 18.85 20.90
C THR B 355 60.95 17.40 20.43
N VAL B 356 60.60 16.43 21.29
CA VAL B 356 60.64 15.01 20.96
C VAL B 356 59.24 14.45 21.11
N ARG B 357 58.70 13.88 20.05
CA ARG B 357 57.36 13.31 20.07
C ARG B 357 57.28 12.21 19.01
N PRO B 358 56.51 11.16 19.25
CA PRO B 358 56.35 10.11 18.23
C PRO B 358 55.46 10.57 17.08
N PHE B 359 55.81 10.10 15.87
CA PHE B 359 55.06 10.44 14.67
C PHE B 359 54.02 9.38 14.32
N SER B 360 54.46 8.14 14.10
CA SER B 360 53.57 7.06 13.70
C SER B 360 54.29 5.75 13.91
N MET B 361 53.55 4.65 13.75
CA MET B 361 54.08 3.31 13.94
C MET B 361 53.63 2.40 12.80
N VAL B 362 54.38 1.34 12.58
CA VAL B 362 54.08 0.36 11.54
C VAL B 362 54.18 -1.04 12.13
N CYS B 363 53.57 -2.00 11.45
CA CYS B 363 53.56 -3.39 11.87
C CYS B 363 53.89 -4.29 10.69
N CYS B 364 54.41 -5.47 11.00
CA CYS B 364 54.78 -6.43 9.97
C CYS B 364 53.53 -7.01 9.31
N PRO B 365 53.37 -6.90 7.99
CA PRO B 365 52.17 -7.44 7.34
C PRO B 365 52.21 -8.93 7.09
N VAL B 366 53.34 -9.59 7.33
CA VAL B 366 53.49 -11.02 7.06
C VAL B 366 53.20 -11.86 8.28
N ASN B 367 53.83 -11.55 9.42
CA ASN B 367 53.66 -12.33 10.64
C ASN B 367 52.87 -11.62 11.72
N GLU B 368 52.79 -10.28 11.66
CA GLU B 368 52.05 -9.50 12.65
C GLU B 368 52.53 -9.78 14.07
N ASN B 369 53.85 -9.88 14.22
CA ASN B 369 54.46 -10.13 15.52
C ASN B 369 55.51 -9.08 15.90
N ALA B 370 55.76 -8.11 15.03
CA ALA B 370 56.76 -7.08 15.29
C ALA B 370 56.18 -5.71 14.96
N ALA B 371 56.59 -4.71 15.72
CA ALA B 371 56.15 -3.34 15.53
C ALA B 371 57.34 -2.40 15.58
N ALA B 372 57.26 -1.32 14.80
CA ALA B 372 58.31 -0.32 14.73
C ALA B 372 57.72 1.06 15.01
N LEU B 373 58.43 1.84 15.81
CA LEU B 373 58.00 3.18 16.18
C LEU B 373 59.05 4.20 15.73
N VAL B 374 58.57 5.31 15.18
CA VAL B 374 59.42 6.38 14.68
C VAL B 374 59.12 7.65 15.48
N VAL B 375 60.15 8.27 16.04
CA VAL B 375 60.02 9.49 16.81
C VAL B 375 60.80 10.60 16.11
N SER B 376 60.56 11.84 16.56
CA SER B 376 61.03 13.02 15.83
C SER B 376 62.54 13.16 15.80
N ASP B 377 63.25 12.66 16.81
CA ASP B 377 64.68 12.88 16.90
C ASP B 377 65.50 11.89 16.09
N GLY B 378 64.86 10.98 15.37
CA GLY B 378 65.56 10.03 14.54
C GLY B 378 65.79 8.66 15.15
N ARG B 379 65.14 8.35 16.27
CA ARG B 379 65.32 7.06 16.92
C ARG B 379 64.24 6.09 16.45
N VAL B 380 64.64 4.87 16.10
CA VAL B 380 63.73 3.84 15.64
C VAL B 380 63.74 2.72 16.67
N MET B 381 62.55 2.38 17.19
CA MET B 381 62.40 1.32 18.17
C MET B 381 61.66 0.16 17.53
N ILE B 382 62.18 -1.05 17.71
CA ILE B 382 61.59 -2.26 17.16
C ILE B 382 61.15 -3.14 18.32
N TRP B 383 59.87 -3.48 18.35
CA TRP B 383 59.29 -4.29 19.40
C TRP B 383 58.91 -5.67 18.86
N GLU B 384 58.94 -6.66 19.73
CA GLU B 384 58.62 -8.03 19.38
C GLU B 384 57.60 -8.59 20.35
N LEU B 385 56.72 -9.45 19.82
CA LEU B 385 55.67 -10.09 20.62
C LEU B 385 56.07 -11.52 20.91
N LYS B 386 56.02 -11.90 22.19
CA LYS B 386 56.39 -13.24 22.63
C LYS B 386 55.25 -13.87 23.41
N SER B 387 55.16 -15.19 23.32
CA SER B 387 54.11 -15.96 23.97
C SER B 387 54.72 -16.91 25.00
N ALA B 388 53.95 -17.18 26.06
CA ALA B 388 54.40 -18.07 27.12
C ALA B 388 53.21 -18.84 27.65
N VAL B 389 53.49 -19.98 28.27
CA VAL B 389 52.45 -20.84 28.83
C VAL B 389 52.54 -20.86 30.34
N VAL B 401 40.27 -11.52 32.83
CA VAL B 401 39.97 -11.26 31.43
C VAL B 401 39.64 -12.57 30.71
N SER B 402 39.24 -12.46 29.45
CA SER B 402 38.90 -13.64 28.67
C SER B 402 40.14 -14.48 28.41
N PRO B 403 40.08 -15.79 28.66
CA PRO B 403 41.24 -16.64 28.42
C PRO B 403 41.47 -16.89 26.94
N LEU B 404 42.71 -17.26 26.62
CA LEU B 404 43.11 -17.58 25.26
C LEU B 404 43.89 -18.89 25.28
N TYR B 405 43.77 -19.63 24.18
CA TYR B 405 44.35 -20.97 24.07
C TYR B 405 45.26 -21.05 22.86
N SER B 406 46.11 -22.09 22.84
CA SER B 406 47.09 -22.38 21.80
C SER B 406 46.42 -22.96 20.56
N PRO B 407 46.97 -22.71 19.38
CA PRO B 407 46.40 -23.29 18.16
C PRO B 407 46.58 -24.80 18.12
N VAL B 408 45.66 -25.45 17.41
CA VAL B 408 45.74 -26.90 17.26
C VAL B 408 46.65 -27.30 16.10
N SER B 409 46.62 -26.58 15.00
CA SER B 409 47.41 -26.89 13.81
C SER B 409 48.65 -26.02 13.77
N PHE B 410 49.80 -26.65 13.55
CA PHE B 410 51.08 -25.96 13.43
C PHE B 410 51.54 -26.02 11.98
N CYS B 411 51.82 -24.85 11.40
CA CYS B 411 52.26 -24.74 10.01
C CYS B 411 51.27 -25.39 9.05
N GLY B 412 49.98 -25.22 9.34
CA GLY B 412 48.92 -25.65 8.46
C GLY B 412 48.30 -26.99 8.80
N ILE B 413 48.98 -27.82 9.58
CA ILE B 413 48.46 -29.15 9.92
C ILE B 413 48.56 -29.38 11.42
N PRO B 414 47.66 -30.16 12.01
CA PRO B 414 47.80 -30.50 13.44
C PRO B 414 49.06 -31.31 13.68
N VAL B 415 49.62 -31.12 14.88
CA VAL B 415 50.83 -31.83 15.28
C VAL B 415 50.56 -32.59 16.57
N GLY B 416 51.50 -33.45 16.97
CA GLY B 416 51.39 -34.23 18.19
C GLY B 416 52.03 -33.53 19.37
N VAL B 417 52.55 -34.34 20.30
CA VAL B 417 53.17 -33.82 21.51
C VAL B 417 54.65 -34.23 21.60
N LEU B 418 55.25 -34.63 20.47
CA LEU B 418 56.65 -35.03 20.46
C LEU B 418 57.40 -34.43 19.27
N GLN B 419 56.83 -33.44 18.60
CA GLN B 419 57.47 -32.79 17.46
C GLN B 419 57.88 -31.38 17.85
N ASN B 420 58.91 -30.88 17.17
CA ASN B 420 59.39 -29.53 17.41
C ASN B 420 58.36 -28.51 16.97
N LYS B 421 58.17 -27.48 17.78
CA LYS B 421 57.19 -26.44 17.50
C LYS B 421 57.83 -25.06 17.66
N LEU B 422 57.34 -24.11 16.88
CA LEU B 422 57.82 -22.72 16.91
C LEU B 422 56.62 -21.81 17.09
N PRO B 423 56.12 -21.65 18.32
CA PRO B 423 54.95 -20.79 18.53
C PRO B 423 55.19 -19.33 18.20
N ASP B 424 56.44 -18.86 18.21
CA ASP B 424 56.75 -17.46 17.97
C ASP B 424 57.01 -17.18 16.49
N LEU B 425 56.81 -18.15 15.61
CA LEU B 425 57.04 -17.92 14.18
C LEU B 425 56.10 -16.86 13.62
N SER B 426 54.84 -16.90 14.01
CA SER B 426 53.85 -15.97 13.50
C SER B 426 52.72 -15.83 14.51
N LEU B 427 51.88 -14.81 14.29
CA LEU B 427 50.78 -14.55 15.21
C LEU B 427 49.75 -15.69 15.22
N ASP B 428 49.47 -16.27 14.05
CA ASP B 428 48.49 -17.35 13.98
C ASP B 428 48.93 -18.60 14.73
N ASN B 429 50.22 -18.72 15.04
CA ASN B 429 50.74 -19.85 15.81
C ASN B 429 50.78 -19.56 17.31
N MET B 430 50.32 -18.39 17.74
CA MET B 430 50.32 -18.01 19.15
C MET B 430 48.96 -18.17 19.80
N ILE B 431 47.88 -17.85 19.09
CA ILE B 431 46.52 -17.90 19.63
C ILE B 431 45.63 -18.68 18.68
N GLY B 432 44.51 -19.15 19.21
CA GLY B 432 43.58 -19.94 18.45
C GLY B 432 42.67 -19.09 17.57
N GLN B 433 41.74 -19.77 16.92
CA GLN B 433 40.81 -19.12 16.01
C GLN B 433 39.67 -18.46 16.78
N SER B 434 38.79 -17.78 16.04
CA SER B 434 37.67 -17.09 16.65
C SER B 434 36.61 -18.08 17.15
N ALA B 435 35.83 -17.63 18.12
CA ALA B 435 34.77 -18.45 18.71
C ALA B 435 33.70 -17.53 19.28
N ILE B 436 32.54 -18.11 19.55
CA ILE B 436 31.40 -17.39 20.10
C ILE B 436 31.37 -17.62 21.61
N ALA B 437 31.36 -16.53 22.37
CA ALA B 437 31.30 -16.63 23.82
C ALA B 437 29.94 -17.16 24.26
N GLY B 438 29.94 -17.91 25.36
CA GLY B 438 28.73 -18.50 25.89
C GLY B 438 28.37 -19.85 25.32
N GLU B 439 29.28 -20.51 24.61
CA GLU B 439 29.04 -21.82 24.03
C GLU B 439 29.95 -22.85 24.68
N GLU B 440 29.45 -24.07 24.79
CA GLU B 440 30.22 -25.15 25.40
C GLU B 440 31.42 -25.50 24.54
N HIS B 441 32.55 -25.76 25.19
CA HIS B 441 33.79 -26.08 24.50
C HIS B 441 33.79 -27.54 24.03
N LEU B 447 43.62 -27.18 25.97
CA LEU B 447 43.26 -25.88 26.50
C LEU B 447 44.36 -25.33 27.41
N ARG B 448 45.40 -24.78 26.81
CA ARG B 448 46.55 -24.24 27.54
C ARG B 448 46.53 -22.73 27.47
N GLU B 449 46.70 -22.08 28.62
CA GLU B 449 46.69 -20.63 28.67
C GLU B 449 47.92 -20.05 27.98
N VAL B 450 47.72 -18.92 27.29
CA VAL B 450 48.77 -18.24 26.56
C VAL B 450 48.81 -16.78 27.03
N HIS B 451 50.01 -16.31 27.37
CA HIS B 451 50.23 -14.94 27.80
C HIS B 451 51.21 -14.26 26.86
N LEU B 452 50.90 -13.03 26.48
CA LEU B 452 51.70 -12.27 25.52
C LEU B 452 52.33 -11.07 26.22
N LYS B 453 53.58 -10.78 25.86
CA LYS B 453 54.30 -9.65 26.42
C LYS B 453 55.14 -9.00 25.32
N PHE B 454 55.47 -7.72 25.54
CA PHE B 454 56.25 -6.95 24.58
C PHE B 454 57.68 -6.81 25.06
N LEU B 455 58.62 -6.94 24.12
CA LEU B 455 60.05 -6.82 24.41
C LEU B 455 60.71 -5.94 23.36
N LEU B 456 61.63 -5.10 23.81
CA LEU B 456 62.38 -4.21 22.92
C LEU B 456 63.71 -4.87 22.58
N THR B 457 63.94 -5.08 21.28
CA THR B 457 65.15 -5.75 20.81
C THR B 457 65.92 -4.96 19.76
N GLY B 458 65.48 -3.76 19.41
CA GLY B 458 66.16 -2.98 18.40
C GLY B 458 66.16 -1.50 18.76
N LEU B 459 67.21 -0.81 18.29
CA LEU B 459 67.35 0.63 18.55
C LEU B 459 68.33 1.19 17.54
N LEU B 460 67.89 2.21 16.79
CA LEU B 460 68.72 2.90 15.81
C LEU B 460 68.76 4.39 16.14
N SER B 461 69.93 4.98 16.00
CA SER B 461 70.13 6.40 16.32
C SER B 461 70.79 7.09 15.13
N GLY B 462 70.49 8.40 15.01
CA GLY B 462 71.04 9.19 13.93
C GLY B 462 71.81 10.40 14.41
N LEU B 463 72.17 11.29 13.50
CA LEU B 463 72.94 12.47 13.86
C LEU B 463 72.08 13.45 14.66
N PRO B 464 72.67 14.14 15.63
CA PRO B 464 71.92 15.13 16.42
C PRO B 464 71.61 16.40 15.64
N ALA B 465 71.10 17.41 16.35
CA ALA B 465 70.67 18.70 15.79
C ALA B 465 71.74 19.35 14.93
N PRO B 466 71.36 20.29 14.05
CA PRO B 466 72.33 20.91 13.13
C PRO B 466 73.45 21.68 13.83
N GLN B 467 74.29 22.33 13.02
CA GLN B 467 75.50 23.01 13.46
C GLN B 467 76.51 22.01 14.01
N PHE B 468 76.96 21.09 13.15
CA PHE B 468 77.97 20.10 13.51
C PHE B 468 79.35 20.75 13.61
N ALA B 469 80.34 19.94 13.97
CA ALA B 469 81.74 20.34 13.97
C ALA B 469 82.57 19.09 13.69
N ILE B 470 83.08 18.98 12.46
CA ILE B 470 83.68 17.74 12.00
C ILE B 470 85.19 17.92 11.86
N ARG B 471 85.90 16.79 11.92
CA ARG B 471 87.33 16.75 11.72
C ARG B 471 87.71 15.36 11.24
N MET B 472 88.81 15.29 10.48
CA MET B 472 89.25 14.05 9.86
C MET B 472 90.49 13.52 10.54
N CYS B 473 90.66 12.20 10.48
CA CYS B 473 91.82 11.55 11.06
C CYS B 473 93.08 11.89 10.25
N PRO B 474 94.26 11.71 10.83
CA PRO B 474 95.48 12.00 10.09
C PRO B 474 95.56 11.15 8.84
N PRO B 475 96.15 11.67 7.77
CA PRO B 475 96.15 10.95 6.49
C PRO B 475 96.98 9.68 6.56
N LEU B 476 96.63 8.74 5.66
CA LEU B 476 97.28 7.44 5.59
C LEU B 476 98.66 7.61 4.97
N THR B 477 99.69 7.37 5.77
CA THR B 477 101.07 7.37 5.29
C THR B 477 101.56 5.91 5.21
N THR B 478 102.82 5.73 4.83
CA THR B 478 103.40 4.39 4.74
C THR B 478 104.04 3.94 6.05
N LYS B 479 104.08 4.79 7.06
CA LYS B 479 104.61 4.43 8.37
C LYS B 479 103.56 3.91 9.33
N ASN B 480 102.27 3.97 8.95
CA ASN B 480 101.20 3.55 9.83
C ASN B 480 100.13 2.77 9.09
N ILE B 481 100.51 2.06 8.02
CA ILE B 481 99.54 1.29 7.23
C ILE B 481 98.97 0.14 8.07
N LYS B 482 99.74 -0.40 9.01
CA LYS B 482 99.29 -1.55 9.77
C LYS B 482 98.07 -1.23 10.64
N MET B 483 98.08 -0.06 11.28
CA MET B 483 97.03 0.29 12.24
C MET B 483 96.19 1.48 11.82
N TYR B 484 96.24 1.87 10.55
CA TYR B 484 95.45 3.00 10.08
C TYR B 484 93.97 2.65 10.05
N GLN B 485 93.13 3.60 10.47
CA GLN B 485 91.69 3.43 10.48
C GLN B 485 91.06 4.78 10.15
N PRO B 486 90.25 4.86 9.09
CA PRO B 486 89.65 6.16 8.69
C PRO B 486 88.52 6.59 9.62
N LEU B 487 88.89 7.18 10.75
CA LEU B 487 87.93 7.63 11.74
C LEU B 487 87.53 9.08 11.48
N LEU B 488 86.29 9.40 11.86
CA LEU B 488 85.75 10.74 11.70
C LEU B 488 85.15 11.19 13.03
N ALA B 489 85.46 12.42 13.42
CA ALA B 489 84.97 12.99 14.67
C ALA B 489 83.99 14.12 14.36
N VAL B 490 82.80 14.06 14.93
CA VAL B 490 81.75 15.05 14.71
C VAL B 490 81.35 15.63 16.07
N GLY B 491 81.37 16.95 16.17
CA GLY B 491 80.95 17.65 17.37
C GLY B 491 79.54 18.18 17.24
N THR B 492 78.82 18.21 18.37
CA THR B 492 77.43 18.64 18.40
C THR B 492 77.26 19.67 19.52
N SER B 493 76.07 20.27 19.58
CA SER B 493 75.76 21.28 20.58
C SER B 493 75.41 20.69 21.94
N ASN B 494 75.11 19.39 22.01
CA ASN B 494 74.80 18.78 23.29
C ASN B 494 76.05 18.63 24.17
N GLY B 495 77.23 18.61 23.55
CA GLY B 495 78.46 18.44 24.29
C GLY B 495 79.09 17.07 24.09
N SER B 496 78.56 16.33 23.12
CA SER B 496 79.03 14.98 22.81
C SER B 496 79.78 14.97 21.48
N VAL B 497 80.64 13.97 21.33
CA VAL B 497 81.45 13.80 20.13
C VAL B 497 81.14 12.43 19.55
N LEU B 498 80.83 12.39 18.26
CA LEU B 498 80.49 11.16 17.56
C LEU B 498 81.67 10.67 16.73
N VAL B 499 81.95 9.38 16.80
CA VAL B 499 83.04 8.75 16.07
C VAL B 499 82.46 7.79 15.06
N TYR B 500 82.82 7.98 13.79
CA TYR B 500 82.34 7.15 12.69
C TYR B 500 83.48 6.38 12.06
N HIS B 501 83.11 5.36 11.29
CA HIS B 501 84.08 4.53 10.58
C HIS B 501 84.19 4.85 9.10
N LEU B 502 83.09 5.25 8.46
CA LEU B 502 83.01 5.66 7.06
C LEU B 502 83.24 4.52 6.08
N THR B 503 83.57 3.32 6.56
CA THR B 503 83.69 2.14 5.71
C THR B 503 82.40 1.32 5.71
N SER B 504 81.98 0.87 6.90
CA SER B 504 80.71 0.16 7.02
C SER B 504 79.55 1.13 7.21
N GLY B 505 79.84 2.32 7.74
CA GLY B 505 78.81 3.31 7.99
C GLY B 505 78.18 3.28 9.36
N LEU B 506 78.71 2.47 10.28
CA LEU B 506 78.14 2.34 11.62
C LEU B 506 78.80 3.34 12.58
N LEU B 507 78.02 3.80 13.55
CA LEU B 507 78.54 4.70 14.58
C LEU B 507 79.44 3.91 15.52
N HIS B 508 80.71 4.33 15.60
CA HIS B 508 81.67 3.58 16.40
C HIS B 508 81.50 3.86 17.89
N LYS B 509 81.67 5.12 18.30
CA LYS B 509 81.60 5.49 19.71
C LYS B 509 80.90 6.83 19.84
N GLU B 510 80.30 7.03 21.01
CA GLU B 510 79.66 8.30 21.37
C GLU B 510 80.01 8.60 22.82
N LEU B 511 80.65 9.74 23.05
CA LEU B 511 81.14 10.12 24.36
C LEU B 511 80.63 11.51 24.72
N SER B 512 80.20 11.68 25.98
CA SER B 512 79.82 12.97 26.51
C SER B 512 81.07 13.63 27.11
N ILE B 513 81.40 14.82 26.63
CA ILE B 513 82.65 15.46 27.00
C ILE B 513 82.38 16.79 27.68
N HIS B 514 81.74 17.71 26.97
CA HIS B 514 81.52 19.06 27.46
C HIS B 514 80.05 19.26 27.84
N SER B 515 79.79 20.36 28.54
CA SER B 515 78.44 20.74 28.94
C SER B 515 77.84 21.81 28.04
N CYS B 516 78.55 22.21 26.98
CA CYS B 516 78.07 23.24 26.07
C CYS B 516 78.41 22.79 24.65
N GLU B 517 78.20 23.69 23.69
CA GLU B 517 78.47 23.39 22.29
C GLU B 517 79.97 23.23 22.06
N VAL B 518 80.34 22.22 21.28
CA VAL B 518 81.73 21.98 20.92
C VAL B 518 82.10 22.87 19.76
N LYS B 519 83.19 23.62 19.90
CA LYS B 519 83.62 24.58 18.90
C LYS B 519 84.62 23.99 17.89
N GLY B 520 85.58 23.20 18.34
CA GLY B 520 86.57 22.63 17.45
C GLY B 520 87.12 21.32 17.96
N ILE B 521 87.50 20.47 17.02
CA ILE B 521 88.09 19.17 17.32
C ILE B 521 89.37 19.03 16.52
N GLU B 522 90.45 18.62 17.19
CA GLU B 522 91.74 18.42 16.53
C GLU B 522 92.36 17.14 17.07
N TRP B 523 93.05 16.41 16.19
CA TRP B 523 93.63 15.12 16.54
C TRP B 523 95.11 15.27 16.89
N THR B 524 95.54 14.54 17.91
CA THR B 524 96.94 14.49 18.30
C THR B 524 97.61 13.17 17.94
N SER B 525 96.85 12.11 17.67
CA SER B 525 97.39 10.82 17.27
C SER B 525 96.29 10.06 16.55
N LEU B 526 96.53 8.78 16.29
CA LEU B 526 95.53 7.93 15.65
C LEU B 526 94.46 7.45 16.61
N THR B 527 94.69 7.54 17.93
CA THR B 527 93.71 7.11 18.92
C THR B 527 93.32 8.18 19.92
N SER B 528 93.76 9.43 19.73
CA SER B 528 93.44 10.52 20.65
C SER B 528 93.16 11.79 19.86
N PHE B 529 92.38 12.67 20.48
CA PHE B 529 92.05 13.97 19.87
C PHE B 529 91.82 14.97 21.00
N LEU B 530 91.59 16.22 20.61
CA LEU B 530 91.37 17.31 21.55
C LEU B 530 90.15 18.11 21.14
N SER B 531 89.50 18.72 22.14
CA SER B 531 88.31 19.52 21.89
C SER B 531 88.18 20.57 22.99
N PHE B 532 87.55 21.69 22.65
CA PHE B 532 87.36 22.79 23.58
C PHE B 532 85.96 23.36 23.42
N ALA B 533 85.48 24.01 24.47
CA ALA B 533 84.15 24.60 24.47
C ALA B 533 84.13 25.81 25.39
N THR B 534 83.15 26.67 25.18
CA THR B 534 82.98 27.90 25.94
C THR B 534 81.58 27.96 26.55
N SER B 535 81.48 28.69 27.66
CA SER B 535 80.22 28.83 28.38
C SER B 535 79.55 30.14 27.98
N THR B 536 78.39 30.39 28.60
CA THR B 536 77.64 31.62 28.29
C THR B 536 78.35 32.83 28.89
N PRO B 537 78.63 33.86 28.09
CA PRO B 537 79.30 35.04 28.64
C PRO B 537 78.41 35.79 29.62
N ASN B 538 79.06 36.45 30.57
CA ASN B 538 78.38 37.26 31.57
C ASN B 538 78.23 38.69 31.07
N ASN B 539 77.85 39.60 31.96
CA ASN B 539 77.68 41.01 31.60
C ASN B 539 79.00 41.74 31.39
N MET B 540 80.13 41.10 31.67
CA MET B 540 81.44 41.70 31.47
C MET B 540 82.21 41.09 30.30
N GLY B 541 82.05 39.80 30.05
CA GLY B 541 82.68 39.17 28.91
C GLY B 541 83.52 37.96 29.26
N LEU B 542 83.82 37.78 30.54
CA LEU B 542 84.63 36.65 30.97
C LEU B 542 83.87 35.34 30.79
N VAL B 543 84.54 34.36 30.19
CA VAL B 543 83.91 33.10 29.82
C VAL B 543 84.75 31.94 30.34
N ARG B 544 84.10 30.96 30.95
CA ARG B 544 84.78 29.75 31.39
C ARG B 544 85.29 28.97 30.18
N ASN B 545 86.53 28.48 30.27
CA ASN B 545 87.16 27.74 29.20
C ASN B 545 87.40 26.31 29.63
N GLU B 546 87.10 25.36 28.74
CA GLU B 546 87.29 23.95 28.99
C GLU B 546 88.15 23.33 27.91
N LEU B 547 89.06 22.45 28.32
CA LEU B 547 89.96 21.74 27.41
C LEU B 547 90.14 20.32 27.92
N GLN B 548 89.70 19.35 27.13
CA GLN B 548 89.73 17.94 27.54
C GLN B 548 90.46 17.10 26.50
N LEU B 549 91.30 16.19 26.98
CA LEU B 549 92.01 15.24 26.14
C LEU B 549 91.37 13.87 26.29
N VAL B 550 90.99 13.28 25.17
CA VAL B 550 90.22 12.03 25.16
C VAL B 550 90.98 10.98 24.38
N ASP B 551 91.06 9.77 24.95
CA ASP B 551 91.67 8.62 24.31
C ASP B 551 90.55 7.65 23.97
N LEU B 552 90.42 7.33 22.67
CA LEU B 552 89.23 6.60 22.20
C LEU B 552 89.09 5.20 22.81
N PRO B 553 90.11 4.33 22.81
CA PRO B 553 89.87 2.98 23.36
C PRO B 553 89.45 2.95 24.82
N THR B 554 89.92 3.90 25.63
CA THR B 554 89.60 3.91 27.06
C THR B 554 88.49 4.89 27.41
N GLY B 555 88.33 5.96 26.64
CA GLY B 555 87.31 6.95 26.91
C GLY B 555 87.65 7.95 27.99
N ARG B 556 88.86 7.91 28.54
CA ARG B 556 89.22 8.82 29.62
C ARG B 556 89.29 10.25 29.11
N SER B 557 88.83 11.19 29.94
CA SER B 557 88.87 12.61 29.64
C SER B 557 89.55 13.33 30.78
N ILE B 558 90.62 14.06 30.49
CA ILE B 558 91.36 14.81 31.50
C ILE B 558 91.57 16.23 31.00
N ALA B 559 91.73 17.16 31.96
CA ALA B 559 91.96 18.55 31.60
C ALA B 559 93.38 18.74 31.11
N PHE B 560 93.54 19.63 30.12
CA PHE B 560 94.85 19.94 29.56
C PHE B 560 95.52 21.10 30.28
N ARG B 561 94.85 22.26 30.33
CA ARG B 561 95.42 23.41 31.02
C ARG B 561 95.37 23.25 32.53
N GLY B 562 94.33 22.60 33.05
CA GLY B 562 94.19 22.42 34.48
C GLY B 562 93.00 23.16 35.05
N GLU B 563 93.15 23.68 36.26
CA GLU B 563 92.11 24.44 36.94
C GLU B 563 92.45 25.93 36.82
N ARG B 564 91.95 26.56 35.76
CA ARG B 564 92.19 27.97 35.50
C ARG B 564 91.04 28.85 35.94
N GLY B 565 90.06 28.30 36.65
CA GLY B 565 88.93 29.06 37.11
C GLY B 565 87.89 29.27 36.03
N ASN B 566 86.91 30.12 36.36
CA ASN B 566 85.80 30.43 35.46
C ASN B 566 85.79 31.91 35.10
N ASP B 567 86.92 32.59 35.23
CA ASP B 567 87.04 34.02 34.94
C ASP B 567 88.21 34.23 33.99
N GLU B 568 87.96 34.08 32.70
CA GLU B 568 88.99 34.24 31.67
C GLU B 568 88.31 34.58 30.35
N SER B 569 89.13 34.93 29.37
CA SER B 569 88.62 35.21 28.03
C SER B 569 88.36 33.91 27.28
N ALA B 570 87.56 34.00 26.22
CA ALA B 570 87.20 32.85 25.42
C ALA B 570 88.35 32.48 24.46
N ILE B 571 88.24 31.29 23.89
CA ILE B 571 89.24 30.76 22.96
C ILE B 571 88.61 30.70 21.57
N GLU B 572 89.30 31.26 20.59
CA GLU B 572 88.80 31.28 19.22
C GLU B 572 89.27 30.09 18.40
N MET B 573 90.56 29.77 18.42
CA MET B 573 91.09 28.70 17.60
C MET B 573 92.28 28.06 18.29
N ILE B 574 92.51 26.79 17.98
CA ILE B 574 93.66 26.03 18.47
C ILE B 574 94.27 25.28 17.30
N LYS B 575 95.59 25.20 17.27
CA LYS B 575 96.31 24.55 16.18
C LYS B 575 97.30 23.54 16.75
N VAL B 576 97.40 22.39 16.07
CA VAL B 576 98.37 21.36 16.40
C VAL B 576 99.30 21.19 15.20
N SER B 577 100.61 21.17 15.48
CA SER B 577 101.60 21.14 14.42
C SER B 577 101.54 19.82 13.66
N HIS B 578 102.32 19.76 12.58
CA HIS B 578 102.28 18.59 11.69
C HIS B 578 102.75 17.32 12.41
N LEU B 579 103.81 17.42 13.20
CA LEU B 579 104.36 16.26 13.90
C LEU B 579 103.71 16.01 15.25
N LYS B 580 102.58 16.67 15.53
CA LYS B 580 101.86 16.52 16.80
C LYS B 580 102.78 16.76 18.00
N GLN B 581 103.57 17.83 17.90
CA GLN B 581 104.57 18.15 18.91
C GLN B 581 104.18 19.36 19.76
N TYR B 582 103.83 20.47 19.14
CA TYR B 582 103.48 21.69 19.85
C TYR B 582 102.02 22.04 19.61
N LEU B 583 101.52 22.99 20.41
CA LEU B 583 100.13 23.43 20.32
C LEU B 583 100.06 24.89 20.71
N ALA B 584 99.13 25.61 20.08
CA ALA B 584 98.93 27.02 20.33
C ALA B 584 97.46 27.29 20.63
N VAL B 585 97.20 28.19 21.59
CA VAL B 585 95.86 28.57 21.98
C VAL B 585 95.71 30.06 21.77
N VAL B 586 94.63 30.47 21.09
CA VAL B 586 94.40 31.86 20.72
C VAL B 586 93.17 32.36 21.46
N PHE B 587 93.32 33.48 22.16
CA PHE B 587 92.24 34.13 22.88
C PHE B 587 91.84 35.42 22.18
N ARG B 588 90.75 36.03 22.67
CA ARG B 588 90.30 37.30 22.11
C ARG B 588 91.25 38.43 22.47
N ASP B 589 91.61 38.55 23.75
CA ASP B 589 92.46 39.63 24.22
C ASP B 589 93.50 39.11 25.22
N LYS B 590 94.10 37.96 24.92
CA LYS B 590 95.12 37.38 25.76
C LYS B 590 96.27 36.92 24.86
N PRO B 591 97.52 37.10 25.30
CA PRO B 591 98.66 36.71 24.45
C PRO B 591 98.70 35.22 24.18
N LEU B 592 99.41 34.87 23.11
CA LEU B 592 99.51 33.49 22.67
C LEU B 592 100.24 32.62 23.69
N GLU B 593 99.83 31.36 23.78
CA GLU B 593 100.44 30.38 24.66
C GLU B 593 100.85 29.15 23.86
N LEU B 594 102.00 28.59 24.22
CA LEU B 594 102.53 27.40 23.56
C LEU B 594 102.53 26.24 24.55
N TRP B 595 102.05 25.09 24.11
CA TRP B 595 101.92 23.90 24.94
C TRP B 595 102.65 22.73 24.29
N ASP B 596 102.73 21.62 25.04
CA ASP B 596 103.34 20.39 24.56
C ASP B 596 102.33 19.26 24.71
N VAL B 597 102.13 18.49 23.63
CA VAL B 597 101.14 17.42 23.66
C VAL B 597 101.61 16.28 24.57
N ARG B 598 102.87 15.88 24.43
CA ARG B 598 103.37 14.73 25.20
C ARG B 598 103.55 15.08 26.66
N THR B 599 104.15 16.24 26.95
CA THR B 599 104.50 16.61 28.31
C THR B 599 103.35 17.27 29.05
N CYS B 600 102.44 17.95 28.34
CA CYS B 600 101.29 18.63 28.93
C CYS B 600 101.73 19.66 29.96
N THR B 601 102.78 20.41 29.62
CA THR B 601 103.29 21.50 30.44
C THR B 601 103.51 22.73 29.58
N LEU B 602 103.42 23.90 30.20
CA LEU B 602 103.58 25.15 29.48
C LEU B 602 105.04 25.36 29.08
N LEU B 603 105.24 26.02 27.95
CA LEU B 603 106.57 26.32 27.44
C LEU B 603 106.91 27.80 27.46
N ARG B 604 106.08 28.65 26.84
CA ARG B 604 106.36 30.07 26.76
C ARG B 604 105.05 30.82 26.56
N GLU B 605 104.91 31.95 27.26
CA GLU B 605 103.72 32.78 27.17
C GLU B 605 104.11 34.16 26.66
N MET B 606 103.39 34.64 25.66
CA MET B 606 103.74 35.91 25.02
C MET B 606 103.51 37.09 25.96
N SER B 607 104.25 38.16 25.71
CA SER B 607 104.12 39.36 26.51
C SER B 607 102.84 40.12 26.13
N LYS B 608 102.53 41.15 26.93
CA LYS B 608 101.34 41.95 26.67
C LYS B 608 101.44 42.68 25.34
N ASN B 609 102.63 43.22 25.02
CA ASN B 609 102.85 43.94 23.78
C ASN B 609 102.97 42.94 22.62
N PHE B 610 101.83 42.34 22.28
CA PHE B 610 101.75 41.33 21.25
C PHE B 610 100.58 41.63 20.32
N PRO B 611 100.77 41.59 19.01
CA PRO B 611 99.67 41.89 18.09
C PRO B 611 98.52 40.92 18.26
N THR B 612 97.30 41.43 18.02
CA THR B 612 96.12 40.60 18.10
C THR B 612 96.14 39.54 17.01
N ILE B 613 95.67 38.34 17.36
CA ILE B 613 95.70 37.19 16.47
C ILE B 613 94.37 37.10 15.72
N THR B 614 94.44 36.96 14.40
CA THR B 614 93.26 36.75 13.58
C THR B 614 93.32 35.50 12.71
N ALA B 615 94.50 34.96 12.42
CA ALA B 615 94.64 33.73 11.64
C ALA B 615 96.02 33.15 11.89
N LEU B 616 96.09 31.83 11.99
CA LEU B 616 97.34 31.15 12.27
C LEU B 616 97.35 29.80 11.56
N GLU B 617 98.54 29.39 11.10
CA GLU B 617 98.70 28.12 10.40
C GLU B 617 100.14 27.65 10.55
N TRP B 618 100.31 26.34 10.70
CA TRP B 618 101.64 25.75 10.82
C TRP B 618 102.23 25.52 9.43
N SER B 619 103.40 24.91 9.37
CA SER B 619 104.07 24.63 8.10
C SER B 619 104.28 23.13 7.97
N PRO B 620 103.50 22.42 7.15
CA PRO B 620 103.69 20.98 6.94
C PRO B 620 104.97 20.65 6.17
N SER B 621 106.12 20.96 6.76
CA SER B 621 107.40 20.71 6.13
C SER B 621 108.32 19.93 7.06
N ALA B 675 113.73 19.32 16.09
CA ALA B 675 112.29 19.51 16.10
C ALA B 675 111.92 20.95 15.75
N ARG B 676 112.61 21.50 14.75
CA ARG B 676 112.37 22.88 14.32
C ARG B 676 111.16 22.90 13.40
N GLU B 677 110.08 23.51 13.86
CA GLU B 677 108.85 23.64 13.08
C GLU B 677 108.44 25.09 13.00
N HIS B 678 107.85 25.47 11.88
CA HIS B 678 107.53 26.87 11.58
C HIS B 678 106.03 27.07 11.53
N PHE B 679 105.60 28.27 11.96
CA PHE B 679 104.21 28.68 11.85
C PHE B 679 104.17 30.18 11.57
N VAL B 680 103.12 30.61 10.86
CA VAL B 680 102.96 32.00 10.48
C VAL B 680 101.58 32.48 10.91
N PHE B 681 101.46 33.79 11.09
CA PHE B 681 100.20 34.39 11.49
C PHE B 681 100.18 35.84 11.03
N THR B 682 98.97 36.40 10.98
CA THR B 682 98.75 37.79 10.63
C THR B 682 98.08 38.51 11.79
N ASP B 683 98.03 39.84 11.69
CA ASP B 683 97.44 40.68 12.72
C ASP B 683 96.27 41.45 12.13
N ILE B 684 95.69 42.35 12.94
CA ILE B 684 94.56 43.16 12.51
C ILE B 684 94.93 44.14 11.40
N ASP B 685 96.22 44.50 11.29
CA ASP B 685 96.68 45.43 10.26
C ASP B 685 96.91 44.75 8.92
N GLY B 686 97.52 43.57 8.93
CA GLY B 686 97.77 42.84 7.69
C GLY B 686 99.19 42.32 7.57
N GLN B 687 100.04 42.71 8.50
CA GLN B 687 101.44 42.28 8.47
C GLN B 687 101.53 40.79 8.74
N VAL B 688 102.40 40.10 8.00
CA VAL B 688 102.60 38.67 8.16
C VAL B 688 103.84 38.44 9.01
N TYR B 689 103.68 37.69 10.09
CA TYR B 689 104.76 37.40 11.02
C TYR B 689 105.12 35.92 10.95
N HIS B 690 106.40 35.62 10.78
CA HIS B 690 106.90 34.26 10.71
C HIS B 690 107.77 33.99 11.94
N LEU B 691 107.44 32.92 12.67
CA LEU B 691 108.16 32.55 13.88
C LEU B 691 108.59 31.10 13.81
N THR B 692 109.63 30.76 14.57
CA THR B 692 110.15 29.41 14.65
C THR B 692 110.20 28.97 16.10
N VAL B 693 110.01 27.67 16.34
CA VAL B 693 110.00 27.11 17.68
C VAL B 693 110.98 25.95 17.73
N GLU B 694 111.74 25.88 18.84
CA GLU B 694 112.67 24.79 19.07
C GLU B 694 112.84 24.66 20.59
N GLY B 695 112.19 23.66 21.16
CA GLY B 695 112.19 23.52 22.61
C GLY B 695 111.50 24.70 23.26
N ASN B 696 112.15 25.30 24.24
CA ASN B 696 111.60 26.48 24.92
C ASN B 696 111.91 27.78 24.19
N SER B 697 112.99 27.82 23.41
CA SER B 697 113.39 29.04 22.72
C SER B 697 112.51 29.26 21.49
N VAL B 698 112.02 30.49 21.32
CA VAL B 698 111.20 30.88 20.18
C VAL B 698 111.84 32.12 19.56
N LYS B 699 112.11 32.05 18.26
CA LYS B 699 112.75 33.14 17.54
C LYS B 699 111.86 33.58 16.37
N ASP B 700 112.30 34.65 15.70
CA ASP B 700 111.58 35.22 14.57
C ASP B 700 112.38 34.99 13.29
N SER B 701 111.66 34.74 12.19
CA SER B 701 112.30 34.38 10.93
C SER B 701 112.44 35.58 9.98
N ALA B 702 111.32 36.21 9.63
CA ALA B 702 111.34 37.32 8.68
C ALA B 702 110.03 38.09 8.80
N ARG B 703 109.84 39.07 7.92
CA ARG B 703 108.63 39.88 7.91
C ARG B 703 108.21 40.09 6.45
N ILE B 704 106.94 40.42 6.28
CA ILE B 704 106.37 40.64 4.95
C ILE B 704 105.64 41.98 4.94
N PRO B 705 105.80 42.79 3.89
CA PRO B 705 105.10 44.07 3.82
C PRO B 705 103.59 43.86 3.76
N PRO B 706 102.81 44.81 4.29
CA PRO B 706 101.35 44.61 4.34
C PRO B 706 100.75 44.51 2.94
N ASP B 707 99.72 43.69 2.81
CA ASP B 707 99.06 43.46 1.54
C ASP B 707 97.59 43.11 1.74
N MET B 710 93.90 41.86 0.55
CA MET B 710 94.23 43.29 0.55
C MET B 710 93.76 43.92 1.86
N GLY B 711 92.69 43.38 2.42
CA GLY B 711 92.14 43.87 3.65
C GLY B 711 92.62 43.11 4.87
N SER B 712 91.73 42.36 5.50
CA SER B 712 92.04 41.58 6.68
C SER B 712 91.96 40.09 6.35
N ILE B 713 92.99 39.35 6.76
CA ILE B 713 93.07 37.91 6.47
C ILE B 713 92.35 37.15 7.57
N THR B 714 91.53 36.17 7.15
CA THR B 714 90.78 35.35 8.09
C THR B 714 91.12 33.87 8.03
N CYS B 715 91.90 33.42 7.06
CA CYS B 715 92.26 32.01 6.95
C CYS B 715 93.59 31.89 6.23
N ILE B 716 94.43 30.99 6.72
CA ILE B 716 95.76 30.75 6.16
C ILE B 716 95.95 29.25 5.98
N ALA B 717 96.40 28.85 4.80
CA ALA B 717 96.69 27.45 4.50
C ALA B 717 98.08 27.35 3.90
N TRP B 718 98.82 26.33 4.33
CA TRP B 718 100.20 26.12 3.88
C TRP B 718 100.41 24.68 3.47
N LYS B 719 101.08 24.48 2.34
CA LYS B 719 101.46 23.16 1.88
C LYS B 719 102.54 23.32 0.82
N GLY B 720 103.65 22.61 1.00
CA GLY B 720 104.74 22.71 0.04
C GLY B 720 105.33 24.10 0.02
N ASP B 721 105.47 24.67 -1.17
CA ASP B 721 106.05 25.99 -1.35
C ASP B 721 105.01 27.06 -1.67
N THR B 722 103.72 26.73 -1.57
CA THR B 722 102.64 27.64 -1.91
C THR B 722 101.89 28.05 -0.65
N LEU B 723 101.57 29.34 -0.55
CA LEU B 723 100.82 29.90 0.56
C LEU B 723 99.62 30.65 0.02
N VAL B 724 98.44 30.38 0.58
CA VAL B 724 97.19 30.95 0.11
C VAL B 724 96.57 31.76 1.23
N LEU B 725 96.08 32.96 0.91
CA LEU B 725 95.49 33.88 1.87
C LEU B 725 94.06 34.18 1.47
N GLY B 726 93.17 34.22 2.44
CA GLY B 726 91.76 34.55 2.22
C GLY B 726 91.43 35.89 2.85
N ASP B 727 90.60 36.66 2.17
CA ASP B 727 90.24 38.02 2.59
C ASP B 727 88.72 38.11 2.77
N MET B 728 88.28 39.23 3.33
CA MET B 728 86.87 39.51 3.55
C MET B 728 86.11 39.76 2.25
N ASP B 729 86.72 40.48 1.31
CA ASP B 729 86.04 40.81 0.06
C ASP B 729 85.83 39.60 -0.82
N GLY B 730 86.56 38.51 -0.58
CA GLY B 730 86.43 37.32 -1.41
C GLY B 730 87.57 37.18 -2.38
N ASN B 731 88.78 37.52 -1.93
CA ASN B 731 89.98 37.44 -2.76
C ASN B 731 90.91 36.38 -2.20
N LEU B 732 91.59 35.67 -3.10
CA LEU B 732 92.53 34.62 -2.74
C LEU B 732 93.88 34.95 -3.35
N ASN B 733 94.84 35.31 -2.51
CA ASN B 733 96.19 35.64 -2.95
C ASN B 733 97.05 34.38 -2.94
N PHE B 734 97.57 34.00 -4.11
CA PHE B 734 98.35 32.77 -4.25
C PHE B 734 99.83 33.13 -4.15
N TRP B 735 100.27 33.38 -2.93
CA TRP B 735 101.69 33.65 -2.70
C TRP B 735 102.51 32.38 -2.87
N ASP B 736 103.68 32.53 -3.47
CA ASP B 736 104.60 31.41 -3.72
C ASP B 736 105.99 31.86 -3.27
N LEU B 737 106.55 31.15 -2.29
CA LEU B 737 107.86 31.50 -1.75
C LEU B 737 108.99 30.90 -2.57
N LYS B 738 108.97 31.13 -3.88
CA LYS B 738 110.08 30.71 -4.74
C LYS B 738 110.56 31.87 -5.60
N GLY B 739 109.63 32.72 -6.04
CA GLY B 739 109.94 33.85 -6.88
C GLY B 739 109.42 35.19 -6.41
N ARG B 740 108.85 35.27 -5.20
CA ARG B 740 108.26 36.48 -4.67
C ARG B 740 107.20 37.05 -5.62
N VAL B 741 106.16 36.28 -5.90
CA VAL B 741 105.12 36.67 -6.84
C VAL B 741 103.75 36.40 -6.22
N SER B 742 102.80 37.30 -6.48
CA SER B 742 101.43 37.17 -5.99
C SER B 742 100.48 37.02 -7.17
N ARG B 743 99.38 36.30 -6.94
CA ARG B 743 98.35 36.07 -7.95
C ARG B 743 96.99 36.22 -7.29
N GLY B 744 96.43 37.43 -7.36
CA GLY B 744 95.12 37.70 -6.81
C GLY B 744 93.98 37.46 -7.78
N ILE B 745 93.16 36.45 -7.52
CA ILE B 745 92.05 36.08 -8.38
C ILE B 745 90.76 36.26 -7.58
N PRO B 746 90.05 37.37 -7.80
CA PRO B 746 88.75 37.55 -7.13
C PRO B 746 87.78 36.44 -7.48
N THR B 747 87.01 36.01 -6.48
CA THR B 747 86.02 34.96 -6.67
C THR B 747 84.62 35.48 -6.93
N HIS B 748 84.42 36.79 -6.84
CA HIS B 748 83.12 37.43 -7.08
C HIS B 748 82.05 36.94 -6.10
N ARG B 749 82.48 36.32 -5.01
CA ARG B 749 81.57 35.81 -4.00
C ARG B 749 81.46 36.82 -2.85
N SER B 750 80.79 36.43 -1.77
CA SER B 750 80.52 37.34 -0.66
C SER B 750 81.65 37.36 0.36
N TRP B 751 81.97 36.21 0.96
CA TRP B 751 82.95 36.16 2.02
C TRP B 751 83.53 34.76 2.10
N VAL B 752 84.81 34.66 2.45
CA VAL B 752 85.49 33.38 2.59
C VAL B 752 85.57 33.02 4.07
N ARG B 753 85.20 31.78 4.39
CA ARG B 753 85.18 31.30 5.76
C ARG B 753 86.42 30.50 6.12
N LYS B 754 86.71 29.43 5.38
CA LYS B 754 87.84 28.58 5.68
C LYS B 754 88.31 27.89 4.40
N ILE B 755 89.61 27.61 4.35
CA ILE B 755 90.23 26.91 3.23
C ILE B 755 91.15 25.83 3.79
N ARG B 756 91.17 24.67 3.13
CA ARG B 756 92.00 23.57 3.54
C ARG B 756 92.53 22.85 2.31
N PHE B 757 93.74 22.31 2.42
CA PHE B 757 94.36 21.61 1.31
C PHE B 757 94.06 20.11 1.37
N ALA B 758 94.37 19.42 0.28
CA ALA B 758 94.16 17.98 0.15
C ALA B 758 95.37 17.22 0.67
N PRO B 759 95.15 16.19 1.48
CA PRO B 759 96.28 15.40 1.99
C PRO B 759 96.99 14.63 0.89
N GLY B 760 98.29 14.41 1.10
CA GLY B 760 99.09 13.67 0.16
C GLY B 760 100.23 14.48 -0.42
N LYS B 761 101.38 13.83 -0.64
CA LYS B 761 102.53 14.50 -1.20
C LYS B 761 102.30 14.77 -2.68
N GLY B 762 102.57 16.01 -3.11
CA GLY B 762 102.35 16.37 -4.50
C GLY B 762 100.91 16.53 -4.89
N ASN B 763 100.00 16.66 -3.92
CA ASN B 763 98.58 16.85 -4.17
C ASN B 763 98.28 18.32 -3.90
N GLN B 764 98.38 19.14 -4.94
CA GLN B 764 98.19 20.59 -4.82
C GLN B 764 96.75 20.94 -5.19
N LYS B 765 95.86 20.75 -4.22
CA LYS B 765 94.45 21.08 -4.38
C LYS B 765 93.91 21.60 -3.05
N LEU B 766 93.05 22.60 -3.12
CA LEU B 766 92.41 23.17 -1.94
C LEU B 766 90.91 23.28 -2.16
N ILE B 767 90.17 23.29 -1.05
CA ILE B 767 88.73 23.51 -1.06
C ILE B 767 88.45 24.78 -0.28
N ALA B 768 87.69 25.69 -0.88
CA ALA B 768 87.38 26.98 -0.28
C ALA B 768 85.91 27.04 0.08
N MET B 769 85.63 27.39 1.33
CA MET B 769 84.27 27.49 1.84
C MET B 769 83.85 28.96 1.89
N TYR B 770 82.71 29.26 1.29
CA TYR B 770 82.15 30.60 1.26
C TYR B 770 80.83 30.61 2.03
N ASN B 771 80.17 31.77 2.03
CA ASN B 771 78.88 31.91 2.68
C ASN B 771 77.74 31.28 1.89
N ASP B 772 77.99 30.87 0.64
CA ASP B 772 76.95 30.27 -0.19
C ASP B 772 77.30 28.90 -0.72
N GLY B 773 78.54 28.44 -0.59
CA GLY B 773 78.89 27.13 -1.10
C GLY B 773 80.38 26.86 -0.95
N ALA B 774 80.85 25.88 -1.72
CA ALA B 774 82.25 25.48 -1.67
C ALA B 774 82.76 25.31 -3.10
N GLU B 775 84.08 25.51 -3.26
CA GLU B 775 84.73 25.40 -4.56
C GLU B 775 86.05 24.67 -4.40
N VAL B 776 86.46 23.97 -5.45
CA VAL B 776 87.74 23.25 -5.49
C VAL B 776 88.64 23.95 -6.49
N TRP B 777 89.86 24.29 -6.06
CA TRP B 777 90.81 25.05 -6.86
C TRP B 777 92.08 24.22 -7.10
N ASP B 778 92.99 24.80 -7.86
CA ASP B 778 94.28 24.18 -8.15
C ASP B 778 95.36 25.25 -8.07
N THR B 779 96.40 24.98 -7.28
CA THR B 779 97.46 25.95 -7.05
C THR B 779 98.58 25.89 -8.09
N LYS B 780 98.60 24.87 -8.95
CA LYS B 780 99.57 24.80 -10.03
C LYS B 780 99.11 25.63 -11.22
N GLU B 781 97.91 25.35 -11.73
CA GLU B 781 97.26 26.18 -12.72
C GLU B 781 96.00 26.77 -12.10
N VAL B 782 95.90 28.10 -12.10
CA VAL B 782 94.75 28.78 -11.49
C VAL B 782 93.53 28.63 -12.39
N GLN B 783 92.66 27.69 -12.05
CA GLN B 783 91.47 27.40 -12.83
C GLN B 783 90.48 26.64 -11.97
N MET B 784 89.26 27.16 -11.85
CA MET B 784 88.25 26.52 -11.03
C MET B 784 87.81 25.20 -11.67
N VAL B 785 87.81 24.14 -10.88
CA VAL B 785 87.46 22.82 -11.35
C VAL B 785 85.96 22.55 -11.26
N SER B 786 85.36 22.82 -10.09
CA SER B 786 83.94 22.60 -9.89
C SER B 786 83.45 23.51 -8.79
N SER B 787 82.17 23.87 -8.86
CA SER B 787 81.54 24.75 -7.89
C SER B 787 80.20 24.20 -7.48
N LEU B 788 79.75 24.58 -6.28
CA LEU B 788 78.46 24.15 -5.75
C LEU B 788 77.85 25.34 -5.00
N ARG B 789 76.91 26.01 -5.65
CA ARG B 789 76.27 27.20 -5.09
C ARG B 789 74.87 26.83 -4.59
N SER B 790 74.56 27.26 -3.36
CA SER B 790 73.25 26.99 -2.78
C SER B 790 72.21 27.92 -3.39
N GLY B 791 71.12 27.35 -3.88
CA GLY B 791 70.04 28.09 -4.51
C GLY B 791 70.01 27.97 -6.02
N ARG B 792 71.17 27.72 -6.63
CA ARG B 792 71.27 27.56 -8.08
C ARG B 792 71.56 26.12 -8.48
N ASN B 793 72.53 25.49 -7.82
CA ASN B 793 72.92 24.12 -8.11
C ASN B 793 72.47 23.12 -7.05
N VAL B 794 72.53 23.50 -5.78
CA VAL B 794 72.15 22.62 -4.69
C VAL B 794 71.11 23.32 -3.82
N THR B 795 70.27 22.53 -3.17
CA THR B 795 69.16 23.06 -2.39
C THR B 795 69.50 23.33 -0.94
N PHE B 796 70.53 22.68 -0.40
CA PHE B 796 70.89 22.86 1.01
C PHE B 796 72.16 23.71 1.12
N ARG B 797 72.45 24.11 2.35
CA ARG B 797 73.62 24.94 2.67
C ARG B 797 74.77 24.06 3.13
N ILE B 798 75.94 24.68 3.25
CA ILE B 798 77.16 24.01 3.68
C ILE B 798 77.64 24.67 4.96
N LEU B 799 77.80 23.86 6.01
CA LEU B 799 78.26 24.36 7.31
C LEU B 799 79.70 24.01 7.63
N ASP B 800 80.25 22.95 7.04
CA ASP B 800 81.62 22.57 7.28
C ASP B 800 82.12 21.73 6.11
N VAL B 801 83.42 21.82 5.84
CA VAL B 801 84.06 21.05 4.78
C VAL B 801 85.30 20.38 5.35
N ASP B 802 85.71 19.30 4.69
CA ASP B 802 86.88 18.53 5.12
C ASP B 802 87.35 17.69 3.93
N TRP B 803 88.41 16.92 4.16
CA TRP B 803 88.99 16.04 3.13
C TRP B 803 89.01 14.62 3.67
N CYS B 804 88.18 13.76 3.09
CA CYS B 804 88.16 12.36 3.51
C CYS B 804 89.41 11.63 3.03
N THR B 805 89.62 11.57 1.72
CA THR B 805 90.82 10.99 1.14
C THR B 805 91.39 11.91 0.07
N SER B 806 92.37 11.44 -0.69
CA SER B 806 92.99 12.26 -1.72
C SER B 806 92.04 12.53 -2.88
N ASP B 807 90.95 11.78 -3.00
CA ASP B 807 90.02 11.93 -4.11
C ASP B 807 88.59 12.19 -3.69
N LYS B 808 88.30 12.31 -2.40
CA LYS B 808 86.95 12.51 -1.92
C LYS B 808 86.92 13.62 -0.87
N VAL B 809 85.77 14.27 -0.74
CA VAL B 809 85.57 15.36 0.20
C VAL B 809 84.32 15.07 1.03
N ILE B 810 84.24 15.73 2.18
CA ILE B 810 83.12 15.59 3.11
C ILE B 810 82.45 16.95 3.25
N LEU B 811 81.13 16.98 3.07
CA LEU B 811 80.35 18.21 3.16
C LEU B 811 79.33 18.06 4.29
N ALA B 812 79.19 19.12 5.10
CA ALA B 812 78.21 19.15 6.17
C ALA B 812 77.05 20.05 5.77
N SER B 813 75.84 19.54 5.87
CA SER B 813 74.64 20.25 5.47
C SER B 813 73.92 20.84 6.67
N ASP B 814 73.04 21.80 6.39
CA ASP B 814 72.30 22.50 7.45
C ASP B 814 71.09 21.74 7.94
N ASP B 815 70.65 20.69 7.23
CA ASP B 815 69.48 19.93 7.63
C ASP B 815 69.82 18.74 8.52
N GLY B 816 71.10 18.53 8.82
CA GLY B 816 71.51 17.41 9.66
C GLY B 816 71.96 16.20 8.87
N CYS B 817 72.63 16.43 7.76
CA CYS B 817 73.12 15.36 6.89
C CYS B 817 74.58 15.58 6.56
N ILE B 818 75.33 14.49 6.49
CA ILE B 818 76.75 14.49 6.14
C ILE B 818 76.91 13.64 4.89
N ARG B 819 77.49 14.22 3.85
CA ARG B 819 77.64 13.55 2.55
C ARG B 819 79.11 13.47 2.17
N VAL B 820 79.51 12.33 1.62
CA VAL B 820 80.84 12.12 1.08
C VAL B 820 80.72 12.08 -0.43
N LEU B 821 81.33 13.05 -1.11
CA LEU B 821 81.15 13.21 -2.55
C LEU B 821 82.51 13.09 -3.25
N GLU B 822 82.46 13.20 -4.58
CA GLU B 822 83.62 13.05 -5.45
C GLU B 822 84.30 14.40 -5.67
N MET B 823 85.18 14.45 -6.67
CA MET B 823 85.93 15.67 -6.97
C MET B 823 85.01 16.84 -7.28
N SER B 824 83.95 16.61 -8.07
CA SER B 824 83.05 17.68 -8.49
C SER B 824 81.82 17.80 -7.59
N MET B 825 81.73 17.01 -6.52
CA MET B 825 80.55 16.98 -5.66
C MET B 825 79.29 16.70 -6.46
N LYS B 826 79.39 15.75 -7.39
CA LYS B 826 78.28 15.33 -8.22
C LYS B 826 77.59 14.13 -7.55
N SER B 827 76.28 14.22 -7.38
CA SER B 827 75.54 13.15 -6.72
C SER B 827 75.63 11.87 -7.54
N ALA B 828 75.94 10.77 -6.86
CA ALA B 828 76.07 9.47 -7.51
C ALA B 828 74.89 8.58 -7.11
N CYS B 829 74.84 7.40 -7.71
CA CYS B 829 73.79 6.41 -7.45
C CYS B 829 74.40 5.27 -6.67
N PHE B 830 74.21 5.29 -5.34
CA PHE B 830 74.73 4.23 -4.49
C PHE B 830 74.01 2.92 -4.79
N ARG B 831 74.77 1.85 -5.00
CA ARG B 831 74.24 0.55 -5.36
C ARG B 831 74.49 -0.44 -4.23
N MET B 832 73.46 -1.22 -3.89
CA MET B 832 73.57 -2.22 -2.83
C MET B 832 74.45 -3.40 -3.21
N ASP B 833 74.75 -3.58 -4.50
CA ASP B 833 75.58 -4.71 -4.92
C ASP B 833 76.99 -4.61 -4.34
N GLU B 834 77.59 -3.41 -4.41
CA GLU B 834 78.94 -3.19 -3.87
C GLU B 834 78.81 -2.42 -2.56
N GLN B 835 78.62 -3.18 -1.48
CA GLN B 835 78.52 -2.61 -0.14
C GLN B 835 78.93 -3.65 0.87
N GLU B 836 79.86 -3.29 1.75
CA GLU B 836 80.35 -4.19 2.79
C GLU B 836 79.44 -4.07 4.01
N LEU B 837 79.00 -5.21 4.53
CA LEU B 837 78.13 -5.27 5.69
C LEU B 837 78.74 -6.14 6.77
N THR B 838 78.67 -5.67 8.01
CA THR B 838 79.21 -6.44 9.14
C THR B 838 78.42 -7.72 9.35
N GLU B 839 77.10 -7.64 9.25
CA GLU B 839 76.23 -8.79 9.45
C GLU B 839 75.43 -9.07 8.19
N PRO B 840 75.42 -10.32 7.70
CA PRO B 840 74.64 -10.64 6.50
C PRO B 840 73.15 -10.42 6.72
N VAL B 841 72.47 -10.04 5.65
CA VAL B 841 71.04 -9.77 5.67
C VAL B 841 70.34 -10.76 4.75
N TRP B 842 69.33 -11.45 5.27
CA TRP B 842 68.55 -12.40 4.50
C TRP B 842 67.54 -11.64 3.66
N CYS B 843 67.78 -11.58 2.35
CA CYS B 843 66.90 -10.87 1.42
C CYS B 843 67.06 -11.49 0.05
N PRO B 844 66.16 -12.39 -0.36
CA PRO B 844 66.28 -12.99 -1.70
C PRO B 844 66.10 -12.00 -2.84
N TYR B 845 65.49 -10.83 -2.57
CA TYR B 845 65.25 -9.87 -3.64
C TYR B 845 66.53 -9.22 -4.15
N LEU B 846 67.60 -9.22 -3.35
CA LEU B 846 68.86 -8.63 -3.77
C LEU B 846 69.66 -9.55 -4.70
N LEU B 847 69.26 -10.82 -4.81
CA LEU B 847 69.95 -11.76 -5.68
C LEU B 847 69.46 -11.62 -7.11
N VAL B 848 70.17 -12.27 -8.04
CA VAL B 848 69.81 -12.28 -9.45
C VAL B 848 68.55 -13.13 -9.60
N PRO B 849 67.73 -12.89 -10.64
CA PRO B 849 66.49 -13.69 -10.80
C PRO B 849 66.74 -15.18 -10.91
N ARG B 850 67.86 -15.59 -11.52
CA ARG B 850 68.13 -17.01 -11.67
C ARG B 850 68.53 -17.69 -10.37
N ALA B 851 68.83 -16.94 -9.32
CA ALA B 851 69.29 -17.52 -8.06
C ALA B 851 68.15 -17.72 -7.06
N SER B 852 67.19 -16.80 -7.01
CA SER B 852 66.11 -16.90 -6.03
C SER B 852 65.25 -18.14 -6.28
N LEU B 853 64.87 -18.38 -7.53
CA LEU B 853 64.05 -19.54 -7.85
C LEU B 853 64.82 -20.84 -7.63
N ALA B 854 66.11 -20.86 -7.96
CA ALA B 854 66.93 -22.04 -7.70
C ALA B 854 67.03 -22.33 -6.21
N LEU B 855 67.22 -21.29 -5.40
CA LEU B 855 67.26 -21.47 -3.95
C LEU B 855 65.92 -21.96 -3.41
N LYS B 856 64.82 -21.42 -3.94
CA LYS B 856 63.50 -21.89 -3.53
C LYS B 856 63.30 -23.36 -3.86
N ALA B 857 63.72 -23.79 -5.06
CA ALA B 857 63.62 -25.19 -5.44
C ALA B 857 64.49 -26.06 -4.56
N PHE B 858 65.70 -25.60 -4.24
CA PHE B 858 66.58 -26.36 -3.35
C PHE B 858 65.98 -26.51 -1.97
N LEU B 859 65.37 -25.44 -1.44
CA LEU B 859 64.80 -25.50 -0.09
C LEU B 859 63.53 -26.35 -0.05
N LEU B 860 62.74 -26.31 -1.13
CA LEU B 860 61.48 -27.07 -1.14
C LEU B 860 61.74 -28.57 -1.12
N HIS B 861 62.65 -29.05 -1.97
CA HIS B 861 63.02 -30.47 -2.02
C HIS B 861 64.28 -30.64 -1.18
N GLN B 862 64.11 -30.66 0.13
CA GLN B 862 65.21 -30.78 1.08
C GLN B 862 65.93 -32.13 1.00
N PRO B 863 65.23 -33.28 1.00
CA PRO B 863 65.96 -34.56 1.03
C PRO B 863 66.71 -34.86 -0.25
N TRP B 864 67.84 -34.17 -0.45
CA TRP B 864 68.70 -34.44 -1.59
C TRP B 864 69.63 -35.61 -1.26
N ASN B 865 69.82 -36.51 -2.24
CA ASN B 865 70.72 -37.66 -2.22
C ASN B 865 70.90 -38.27 -0.84
N GLY B 866 69.79 -38.52 -0.14
CA GLY B 866 69.81 -39.19 1.13
C GLY B 866 69.88 -38.29 2.35
N GLN B 867 70.94 -37.51 2.47
CA GLN B 867 71.19 -36.72 3.67
C GLN B 867 70.55 -35.34 3.56
N TYR B 868 70.51 -34.64 4.69
CA TYR B 868 69.96 -33.30 4.78
C TYR B 868 71.09 -32.30 4.99
N SER B 869 71.14 -31.26 4.14
CA SER B 869 72.17 -30.24 4.25
C SER B 869 71.66 -28.95 3.64
N LEU B 870 72.27 -27.84 4.05
CA LEU B 870 71.86 -26.52 3.56
C LEU B 870 73.02 -25.78 2.93
N ASP B 871 73.85 -26.49 2.15
CA ASP B 871 74.94 -25.88 1.41
C ASP B 871 74.85 -26.27 -0.05
N ILE B 872 75.23 -25.33 -0.92
CA ILE B 872 75.13 -25.56 -2.36
C ILE B 872 76.14 -26.60 -2.84
N SER B 873 77.29 -26.72 -2.17
CA SER B 873 78.41 -27.52 -2.64
C SER B 873 78.18 -29.02 -2.53
N HIS B 874 76.97 -29.48 -2.22
CA HIS B 874 76.67 -30.90 -2.21
C HIS B 874 75.80 -31.34 -3.38
N VAL B 875 75.10 -30.41 -4.02
CA VAL B 875 74.21 -30.72 -5.15
C VAL B 875 74.87 -30.25 -6.44
N ASP B 876 74.59 -30.96 -7.53
CA ASP B 876 75.15 -30.60 -8.82
C ASP B 876 74.47 -29.33 -9.33
N TYR B 877 75.26 -28.28 -9.54
CA TYR B 877 74.73 -26.99 -9.95
C TYR B 877 75.85 -26.23 -10.66
N PRO B 878 76.00 -26.44 -11.97
CA PRO B 878 77.12 -25.85 -12.74
C PRO B 878 76.94 -24.37 -13.08
N GLU B 879 77.32 -23.51 -12.14
CA GLU B 879 77.25 -22.07 -12.32
C GLU B 879 78.52 -21.44 -11.79
N ASN B 880 78.62 -20.11 -11.91
CA ASN B 880 79.82 -19.41 -11.49
C ASN B 880 79.94 -19.39 -9.97
N GLU B 881 81.16 -19.09 -9.49
CA GLU B 881 81.44 -19.19 -8.06
C GLU B 881 80.86 -18.02 -7.28
N GLU B 882 80.77 -16.83 -7.89
CA GLU B 882 80.31 -15.66 -7.15
C GLU B 882 78.87 -15.81 -6.70
N ILE B 883 77.99 -16.26 -7.60
CA ILE B 883 76.59 -16.43 -7.24
C ILE B 883 76.42 -17.57 -6.23
N LYS B 884 77.25 -18.62 -6.35
CA LYS B 884 77.24 -19.68 -5.35
C LYS B 884 77.60 -19.14 -3.97
N ASN B 885 78.63 -18.30 -3.89
CA ASN B 885 79.01 -17.70 -2.62
C ASN B 885 77.91 -16.79 -2.09
N LEU B 886 77.26 -16.04 -2.97
CA LEU B 886 76.15 -15.20 -2.55
C LEU B 886 75.01 -16.03 -1.97
N LEU B 887 74.68 -17.14 -2.63
CA LEU B 887 73.64 -18.02 -2.10
C LEU B 887 74.05 -18.62 -0.75
N GLN B 888 75.32 -19.01 -0.62
CA GLN B 888 75.78 -19.59 0.63
C GLN B 888 75.70 -18.59 1.78
N GLU B 889 76.13 -17.34 1.53
CA GLU B 889 76.07 -16.33 2.59
C GLU B 889 74.64 -15.89 2.88
N GLN B 890 73.75 -15.92 1.89
CA GLN B 890 72.33 -15.67 2.17
C GLN B 890 71.74 -16.78 3.04
N LEU B 891 72.10 -18.02 2.77
CA LEU B 891 71.61 -19.14 3.58
C LEU B 891 72.18 -19.09 5.00
N ASN B 892 73.44 -18.68 5.14
CA ASN B 892 74.09 -18.66 6.45
C ASN B 892 73.50 -17.60 7.38
N SER B 893 72.69 -16.68 6.87
CA SER B 893 72.11 -15.61 7.68
C SER B 893 70.76 -15.97 8.29
N LEU B 894 70.26 -17.19 8.05
CA LEU B 894 68.98 -17.59 8.59
C LEU B 894 69.06 -17.82 10.09
N SER B 895 67.90 -17.76 10.74
CA SER B 895 67.83 -17.95 12.18
C SER B 895 68.07 -19.42 12.54
N ASN B 896 68.50 -19.63 13.79
CA ASN B 896 68.79 -20.99 14.25
C ASN B 896 67.53 -21.84 14.28
N ASP B 897 66.41 -21.29 14.73
CA ASP B 897 65.18 -22.06 14.81
C ASP B 897 64.66 -22.44 13.42
N ILE B 898 64.77 -21.54 12.45
CA ILE B 898 64.36 -21.87 11.08
C ILE B 898 65.23 -22.99 10.52
N LYS B 899 66.54 -22.92 10.75
CA LYS B 899 67.43 -23.97 10.28
C LYS B 899 67.12 -25.31 10.94
N LYS B 900 66.83 -25.30 12.24
CA LYS B 900 66.47 -26.52 12.94
C LYS B 900 65.17 -27.10 12.41
N LEU B 901 64.18 -26.24 12.14
CA LEU B 901 62.93 -26.72 11.55
C LEU B 901 63.15 -27.32 10.18
N LEU B 902 64.03 -26.71 9.37
CA LEU B 902 64.34 -27.25 8.05
C LEU B 902 65.01 -28.62 8.16
N LEU B 903 65.91 -28.80 9.13
CA LEU B 903 66.59 -30.07 9.35
C LEU B 903 65.77 -30.99 10.25
N ASP B 904 64.52 -31.25 9.86
CA ASP B 904 63.63 -32.11 10.62
C ASP B 904 63.05 -33.16 9.67
N PRO B 905 63.34 -34.45 9.88
CA PRO B 905 62.78 -35.48 9.00
C PRO B 905 61.25 -35.56 9.04
N GLU B 906 60.63 -35.12 10.13
CA GLU B 906 59.18 -35.17 10.28
C GLU B 906 58.49 -33.91 9.79
N PHE B 907 59.24 -32.97 9.22
CA PHE B 907 58.67 -31.73 8.69
C PHE B 907 58.16 -32.02 7.28
N THR B 908 56.84 -32.08 7.12
CA THR B 908 56.26 -32.55 5.87
C THR B 908 56.41 -31.49 4.77
N LEU B 909 56.04 -31.89 3.55
CA LEU B 909 56.22 -31.02 2.39
C LEU B 909 55.32 -29.79 2.47
N LEU B 910 54.08 -29.95 2.96
CA LEU B 910 53.17 -28.82 3.06
C LEU B 910 53.70 -27.76 4.04
N GLN B 911 54.22 -28.20 5.18
CA GLN B 911 54.82 -27.25 6.13
C GLN B 911 56.03 -26.57 5.53
N ARG B 912 56.84 -27.30 4.76
CA ARG B 912 57.98 -26.70 4.09
C ARG B 912 57.54 -25.64 3.10
N CYS B 913 56.50 -25.92 2.32
CA CYS B 913 55.97 -24.94 1.37
C CYS B 913 55.46 -23.69 2.08
N LEU B 914 54.73 -23.89 3.18
CA LEU B 914 54.22 -22.74 3.94
C LEU B 914 55.37 -21.92 4.52
N LEU B 915 56.41 -22.59 5.03
CA LEU B 915 57.56 -21.86 5.56
C LEU B 915 58.29 -21.08 4.47
N VAL B 916 58.42 -21.69 3.29
CA VAL B 916 59.07 -20.99 2.18
C VAL B 916 58.24 -19.77 1.76
N SER B 917 56.92 -19.93 1.70
CA SER B 917 56.06 -18.80 1.35
C SER B 917 56.16 -17.68 2.38
N ARG B 918 56.22 -18.04 3.67
CA ARG B 918 56.39 -17.03 4.71
C ARG B 918 57.73 -16.33 4.58
N LEU B 919 58.80 -17.09 4.30
CA LEU B 919 60.13 -16.50 4.21
C LEU B 919 60.25 -15.56 3.01
N TYR B 920 59.68 -15.94 1.87
CA TYR B 920 59.79 -15.15 0.66
C TYR B 920 58.87 -13.94 0.64
N GLY B 921 57.90 -13.86 1.56
CA GLY B 921 57.04 -12.70 1.66
C GLY B 921 55.95 -12.61 0.62
N ASP B 922 55.74 -13.65 -0.18
CA ASP B 922 54.69 -13.63 -1.18
C ASP B 922 53.33 -13.96 -0.59
N GLU B 923 52.28 -13.40 -1.19
CA GLU B 923 50.92 -13.54 -0.65
C GLU B 923 50.10 -14.61 -1.37
N SER B 924 50.32 -14.80 -2.67
CA SER B 924 49.51 -15.75 -3.43
C SER B 924 49.67 -17.17 -2.89
N GLU B 925 50.91 -17.63 -2.77
CA GLU B 925 51.14 -18.97 -2.23
C GLU B 925 50.77 -19.03 -0.74
N LEU B 926 50.95 -17.92 -0.02
CA LEU B 926 50.58 -17.90 1.39
C LEU B 926 49.08 -18.16 1.56
N HIS B 927 48.25 -17.55 0.72
CA HIS B 927 46.82 -17.81 0.78
C HIS B 927 46.45 -19.16 0.21
N PHE B 928 47.15 -19.61 -0.84
CA PHE B 928 46.80 -20.87 -1.49
C PHE B 928 47.11 -22.07 -0.60
N TRP B 929 48.33 -22.11 -0.04
CA TRP B 929 48.81 -23.32 0.61
C TRP B 929 48.09 -23.61 1.93
N THR B 930 47.76 -22.57 2.69
CA THR B 930 47.03 -22.80 3.95
C THR B 930 45.69 -23.47 3.68
N VAL B 931 44.91 -22.92 2.76
CA VAL B 931 43.61 -23.50 2.43
C VAL B 931 43.78 -24.90 1.85
N ALA B 932 44.75 -25.08 0.95
CA ALA B 932 44.95 -26.38 0.32
C ALA B 932 45.30 -27.45 1.35
N ALA B 933 46.24 -27.13 2.25
CA ALA B 933 46.64 -28.09 3.28
C ALA B 933 45.49 -28.38 4.23
N HIS B 934 44.74 -27.35 4.63
CA HIS B 934 43.62 -27.56 5.56
C HIS B 934 42.58 -28.48 4.93
N TYR B 935 42.22 -28.23 3.68
CA TYR B 935 41.19 -29.05 3.04
C TYR B 935 41.70 -30.45 2.75
N LEU B 936 42.98 -30.59 2.39
CA LEU B 936 43.54 -31.92 2.16
C LEU B 936 43.53 -32.74 3.44
N HIS B 937 43.91 -32.12 4.56
CA HIS B 937 43.91 -32.84 5.83
C HIS B 937 42.50 -33.15 6.29
N SER B 938 41.55 -32.25 6.02
CA SER B 938 40.16 -32.50 6.41
C SER B 938 39.57 -33.66 5.62
N LEU B 939 39.78 -33.68 4.30
CA LEU B 939 39.20 -34.73 3.46
C LEU B 939 39.97 -36.04 3.55
N SER B 940 41.25 -36.01 3.95
CA SER B 940 42.01 -37.24 4.06
C SER B 940 41.47 -38.14 5.16
N GLN B 941 41.10 -37.56 6.30
CA GLN B 941 40.57 -38.33 7.42
C GLN B 941 39.09 -38.65 7.22
N SER B 960 37.57 -29.25 16.73
CA SER B 960 37.13 -29.39 15.36
C SER B 960 38.14 -28.78 14.39
N ASN B 961 38.91 -27.81 14.89
CA ASN B 961 39.92 -27.08 14.13
C ASN B 961 39.31 -26.50 12.85
N PRO B 962 38.45 -25.49 12.96
CA PRO B 962 37.85 -24.89 11.76
C PRO B 962 38.71 -23.77 11.20
N LEU B 963 38.48 -23.50 9.91
CA LEU B 963 39.17 -22.40 9.25
C LEU B 963 38.70 -21.07 9.82
N ASP B 964 39.64 -20.12 9.92
CA ASP B 964 39.32 -18.81 10.47
C ASP B 964 38.34 -18.07 9.58
N ILE B 965 37.52 -17.20 10.20
CA ILE B 965 36.47 -16.50 9.48
C ILE B 965 37.01 -15.47 8.50
N CYS B 966 38.31 -15.20 8.51
CA CYS B 966 38.91 -14.23 7.59
C CYS B 966 38.86 -14.70 6.14
N TYR B 967 38.38 -15.92 5.85
CA TYR B 967 38.26 -16.41 4.49
C TYR B 967 36.83 -16.42 3.98
N ASP B 968 35.83 -16.22 4.85
CA ASP B 968 34.43 -16.07 4.45
C ASP B 968 33.89 -17.31 3.76
N VAL B 969 33.71 -17.24 2.44
CA VAL B 969 33.03 -18.28 1.68
C VAL B 969 33.87 -19.54 1.56
N LEU B 970 35.07 -19.52 2.15
CA LEU B 970 35.96 -20.67 2.12
C LEU B 970 35.87 -21.51 3.39
N CYS B 971 34.91 -21.21 4.27
CA CYS B 971 34.77 -21.93 5.53
C CYS B 971 33.67 -22.98 5.43
N GLU B 972 33.42 -23.66 6.55
CA GLU B 972 32.39 -24.69 6.60
C GLU B 972 31.00 -24.06 6.75
N ASN B 973 29.98 -24.90 6.54
CA ASN B 973 28.61 -24.40 6.57
C ASN B 973 28.19 -23.99 7.99
N ALA B 974 28.44 -24.87 8.98
CA ALA B 974 28.00 -24.58 10.34
C ALA B 974 28.75 -23.39 10.94
N TYR B 975 30.06 -23.33 10.71
CA TYR B 975 30.86 -22.22 11.24
C TYR B 975 30.40 -20.89 10.65
N PHE B 976 30.10 -20.85 9.35
CA PHE B 976 29.58 -19.64 8.73
C PHE B 976 28.20 -19.30 9.26
N GLN B 977 27.34 -20.31 9.42
CA GLN B 977 25.97 -20.08 9.87
C GLN B 977 25.94 -19.52 11.30
N LYS B 978 26.83 -20.00 12.16
CA LYS B 978 26.90 -19.47 13.52
C LYS B 978 27.26 -17.99 13.52
N PHE B 979 28.22 -17.60 12.67
CA PHE B 979 28.60 -16.19 12.61
C PHE B 979 27.48 -15.33 12.03
N GLN B 980 26.77 -15.85 11.03
CA GLN B 980 25.61 -15.10 10.51
C GLN B 980 24.53 -14.94 11.58
N LEU B 981 24.29 -15.99 12.37
CA LEU B 981 23.32 -15.88 13.46
C LEU B 981 23.76 -14.83 14.49
N GLU B 982 25.04 -14.83 14.83
CA GLU B 982 25.54 -13.82 15.77
C GLU B 982 25.39 -12.41 15.20
N ARG B 983 25.69 -12.24 13.91
CA ARG B 983 25.58 -10.93 13.28
C ARG B 983 24.12 -10.45 13.24
N VAL B 984 23.19 -11.35 12.89
CA VAL B 984 21.79 -10.93 12.84
C VAL B 984 21.26 -10.66 14.24
N ASN B 985 21.73 -11.39 15.25
CA ASN B 985 21.36 -11.07 16.62
C ASN B 985 21.85 -9.68 17.00
N LEU B 986 23.10 -9.35 16.63
CA LEU B 986 23.62 -8.01 16.91
C LEU B 986 22.80 -6.94 16.20
N GLN B 987 22.40 -7.21 14.94
CA GLN B 987 21.59 -6.26 14.20
C GLN B 987 20.22 -6.07 14.86
N GLU B 988 19.62 -7.16 15.32
CA GLU B 988 18.31 -7.08 15.96
C GLU B 988 18.38 -6.36 17.31
N VAL B 989 19.51 -6.46 18.00
CA VAL B 989 19.64 -5.84 19.32
C VAL B 989 19.47 -4.33 19.23
N LYS B 990 20.08 -3.70 18.22
CA LYS B 990 20.19 -2.24 18.15
C LYS B 990 19.32 -1.63 17.05
N ARG B 991 18.11 -2.15 16.87
CA ARG B 991 17.18 -1.51 15.95
C ARG B 991 16.70 -0.18 16.53
N SER B 992 16.56 0.82 15.67
CA SER B 992 16.18 2.16 16.11
C SER B 992 14.89 2.65 15.49
N THR B 993 14.73 2.55 14.17
CA THR B 993 13.58 3.12 13.49
C THR B 993 12.90 2.05 12.62
N TYR B 994 11.89 2.48 11.86
CA TYR B 994 11.15 1.58 10.99
C TYR B 994 11.95 1.15 9.77
N ASP B 995 13.00 1.90 9.41
CA ASP B 995 13.82 1.59 8.26
C ASP B 995 14.85 0.49 8.57
N HIS B 996 14.89 0.04 9.82
CA HIS B 996 15.81 -1.02 10.24
C HIS B 996 15.08 -2.30 10.65
N THR B 997 13.89 -2.17 11.23
CA THR B 997 13.12 -3.35 11.61
C THR B 997 12.72 -4.16 10.38
N ARG B 998 12.33 -3.49 9.30
CA ARG B 998 11.97 -4.18 8.08
C ARG B 998 13.13 -4.97 7.51
N LYS B 999 14.33 -4.36 7.49
CA LYS B 999 15.51 -5.04 6.99
C LYS B 999 15.89 -6.22 7.88
N CYS B 1000 15.79 -6.04 9.20
CA CYS B 1000 16.07 -7.14 10.11
C CYS B 1000 15.11 -8.30 9.90
N THR B 1001 13.82 -7.99 9.71
CA THR B 1001 12.84 -9.03 9.43
C THR B 1001 13.14 -9.74 8.12
N ASP B 1002 13.55 -8.97 7.10
CA ASP B 1002 13.90 -9.58 5.81
C ASP B 1002 15.08 -10.52 5.96
N GLN B 1003 16.11 -10.11 6.72
CA GLN B 1003 17.25 -10.99 6.95
C GLN B 1003 16.85 -12.24 7.72
N LEU B 1004 16.01 -12.08 8.75
CA LEU B 1004 15.59 -13.23 9.55
C LEU B 1004 14.72 -14.19 8.76
N LEU B 1005 13.98 -13.68 7.77
CA LEU B 1005 13.12 -14.51 6.94
C LEU B 1005 13.89 -15.34 5.91
N LEU B 1006 15.17 -15.02 5.71
CA LEU B 1006 16.04 -15.83 4.86
C LEU B 1006 17.11 -16.59 5.64
N LEU B 1007 17.35 -16.27 6.91
CA LEU B 1007 18.26 -17.05 7.74
C LEU B 1007 17.59 -18.25 8.39
N GLY B 1008 16.29 -18.46 8.17
CA GLY B 1008 15.57 -19.62 8.66
C GLY B 1008 14.80 -19.39 9.94
N GLN B 1009 15.08 -18.31 10.66
CA GLN B 1009 14.36 -18.02 11.90
C GLN B 1009 12.93 -17.62 11.56
N THR B 1010 11.98 -18.51 11.83
CA THR B 1010 10.58 -18.29 11.53
C THR B 1010 9.76 -17.92 12.76
N ASP B 1011 10.18 -18.36 13.94
CA ASP B 1011 9.44 -18.11 15.17
C ASP B 1011 9.65 -16.70 15.72
N ARG B 1012 10.85 -16.14 15.59
CA ARG B 1012 11.13 -14.80 16.09
C ARG B 1012 10.82 -13.71 15.07
N ALA B 1013 10.49 -14.08 13.83
CA ALA B 1013 10.12 -13.11 12.81
C ALA B 1013 8.65 -12.75 12.86
N VAL B 1014 7.78 -13.71 13.17
CA VAL B 1014 6.34 -13.44 13.26
C VAL B 1014 6.06 -12.46 14.40
N GLN B 1015 6.70 -12.66 15.55
CA GLN B 1015 6.51 -11.74 16.67
C GLN B 1015 6.99 -10.34 16.33
N LEU B 1016 8.13 -10.23 15.66
CA LEU B 1016 8.64 -8.93 15.27
C LEU B 1016 7.74 -8.26 14.22
N LEU B 1017 7.12 -9.05 13.36
CA LEU B 1017 6.19 -8.50 12.37
C LEU B 1017 4.94 -7.93 13.00
N LEU B 1018 4.47 -8.53 14.10
CA LEU B 1018 3.25 -8.07 14.78
C LEU B 1018 3.56 -6.94 15.75
N GLU B 1019 4.23 -5.89 15.25
CA GLU B 1019 4.53 -4.72 16.06
C GLU B 1019 4.34 -3.40 15.31
N THR B 1020 3.86 -3.43 14.07
CA THR B 1020 3.67 -2.21 13.30
C THR B 1020 2.54 -1.37 13.92
N SER B 1021 2.75 -0.05 13.95
CA SER B 1021 1.76 0.84 14.51
C SER B 1021 0.49 0.86 13.66
N ALA B 1022 -0.61 1.27 14.28
CA ALA B 1022 -1.91 1.30 13.63
C ALA B 1022 -2.05 2.45 12.63
N ASP B 1023 -1.09 3.36 12.58
CA ASP B 1023 -1.15 4.50 11.66
C ASP B 1023 -0.28 4.33 10.42
N ASN B 1024 0.67 3.40 10.42
CA ASN B 1024 1.51 3.19 9.25
C ASN B 1024 0.70 2.60 8.10
N GLN B 1025 1.06 2.99 6.87
CA GLN B 1025 0.37 2.50 5.69
C GLN B 1025 0.70 1.06 5.36
N HIS B 1026 1.72 0.47 5.98
CA HIS B 1026 2.14 -0.89 5.71
C HIS B 1026 1.65 -1.88 6.75
N TYR B 1027 0.75 -1.46 7.64
CA TYR B 1027 0.26 -2.35 8.70
C TYR B 1027 -0.47 -3.55 8.11
N TYR B 1028 -1.32 -3.32 7.11
CA TYR B 1028 -2.06 -4.42 6.51
C TYR B 1028 -1.12 -5.41 5.82
N CYS B 1029 -0.13 -4.91 5.10
CA CYS B 1029 0.82 -5.78 4.41
C CYS B 1029 1.62 -6.61 5.40
N ASP B 1030 2.10 -5.99 6.47
CA ASP B 1030 2.87 -6.72 7.47
C ASP B 1030 2.01 -7.77 8.19
N SER B 1031 0.76 -7.42 8.51
CA SER B 1031 -0.12 -8.38 9.15
C SER B 1031 -0.41 -9.57 8.23
N LEU B 1032 -0.68 -9.29 6.96
CA LEU B 1032 -0.93 -10.38 6.01
C LEU B 1032 0.30 -11.26 5.84
N LYS B 1033 1.49 -10.64 5.78
CA LYS B 1033 2.72 -11.42 5.66
C LYS B 1033 2.92 -12.30 6.89
N ALA B 1034 2.67 -11.77 8.08
CA ALA B 1034 2.84 -12.55 9.30
C ALA B 1034 1.87 -13.72 9.32
N CYS B 1035 0.60 -13.48 8.99
CA CYS B 1035 -0.37 -14.56 8.96
C CYS B 1035 -0.01 -15.61 7.93
N LEU B 1036 0.44 -15.19 6.73
CA LEU B 1036 0.84 -16.14 5.71
C LEU B 1036 2.01 -16.98 6.18
N VAL B 1037 3.04 -16.35 6.75
CA VAL B 1037 4.19 -17.10 7.25
C VAL B 1037 3.76 -18.08 8.32
N THR B 1038 2.82 -17.69 9.17
CA THR B 1038 2.31 -18.60 10.18
C THR B 1038 1.61 -19.80 9.55
N THR B 1039 0.83 -19.58 8.49
CA THR B 1039 0.00 -20.65 7.94
C THR B 1039 0.61 -21.37 6.75
N VAL B 1040 1.79 -20.97 6.27
CA VAL B 1040 2.36 -21.59 5.08
C VAL B 1040 3.47 -22.56 5.49
N THR B 1041 3.42 -23.02 6.75
CA THR B 1041 4.45 -23.92 7.26
C THR B 1041 4.43 -25.29 6.58
N SER B 1042 3.39 -25.62 5.83
CA SER B 1042 3.31 -26.89 5.11
C SER B 1042 3.87 -26.72 3.70
N SER B 1043 4.70 -27.67 3.30
CA SER B 1043 5.38 -27.61 2.00
C SER B 1043 4.98 -28.71 1.04
N GLY B 1044 4.20 -29.70 1.49
CA GLY B 1044 3.80 -30.79 0.62
C GLY B 1044 2.78 -30.37 -0.43
N PRO B 1045 1.55 -30.09 0.01
CA PRO B 1045 0.50 -29.72 -0.94
C PRO B 1045 0.33 -28.22 -1.12
N SER B 1046 -0.39 -27.83 -2.18
CA SER B 1046 -0.76 -26.44 -2.43
C SER B 1046 0.46 -25.52 -2.50
N GLN B 1047 1.45 -25.92 -3.31
CA GLN B 1047 2.66 -25.13 -3.49
C GLN B 1047 2.85 -24.65 -4.93
N SER B 1048 2.02 -25.12 -5.87
CA SER B 1048 2.19 -24.72 -7.27
C SER B 1048 1.82 -23.26 -7.48
N THR B 1049 0.68 -22.83 -6.93
CA THR B 1049 0.24 -21.44 -7.12
C THR B 1049 1.18 -20.46 -6.42
N ILE B 1050 1.72 -20.84 -5.27
CA ILE B 1050 2.66 -19.97 -4.58
C ILE B 1050 3.93 -19.79 -5.41
N LYS B 1051 4.44 -20.88 -5.99
CA LYS B 1051 5.60 -20.80 -6.87
C LYS B 1051 5.29 -19.96 -8.10
N LEU B 1052 4.09 -20.10 -8.66
CA LEU B 1052 3.71 -19.29 -9.81
C LEU B 1052 3.69 -17.80 -9.46
N VAL B 1053 3.13 -17.46 -8.30
CA VAL B 1053 3.11 -16.06 -7.86
C VAL B 1053 4.53 -15.54 -7.67
N ALA B 1054 5.40 -16.35 -7.05
CA ALA B 1054 6.79 -15.92 -6.86
C ALA B 1054 7.48 -15.69 -8.20
N THR B 1055 7.27 -16.60 -9.16
CA THR B 1055 7.89 -16.44 -10.47
C THR B 1055 7.37 -15.20 -11.18
N ASN B 1056 6.06 -14.94 -11.09
CA ASN B 1056 5.50 -13.74 -11.69
C ASN B 1056 6.08 -12.48 -11.07
N MET B 1057 6.19 -12.45 -9.73
CA MET B 1057 6.76 -11.29 -9.07
C MET B 1057 8.22 -11.08 -9.47
N ILE B 1058 8.97 -12.17 -9.60
CA ILE B 1058 10.36 -12.06 -10.06
C ILE B 1058 10.40 -11.51 -11.48
N ALA B 1059 9.52 -12.00 -12.35
CA ALA B 1059 9.51 -11.56 -13.75
C ALA B 1059 9.16 -10.08 -13.87
N ASN B 1060 8.17 -9.61 -13.11
CA ASN B 1060 7.75 -8.22 -13.22
C ASN B 1060 8.82 -7.23 -12.75
N GLY B 1061 9.80 -7.67 -11.96
CA GLY B 1061 10.86 -6.79 -11.52
C GLY B 1061 11.20 -6.93 -10.06
N LYS B 1062 10.22 -7.27 -9.23
CA LYS B 1062 10.44 -7.44 -7.79
C LYS B 1062 11.16 -8.75 -7.57
N LEU B 1063 12.48 -8.69 -7.41
CA LEU B 1063 13.32 -9.88 -7.26
C LEU B 1063 13.54 -10.26 -5.81
N ALA B 1064 13.74 -9.29 -4.92
CA ALA B 1064 13.99 -9.59 -3.52
C ALA B 1064 12.80 -10.29 -2.88
N GLU B 1065 11.58 -9.81 -3.15
CA GLU B 1065 10.38 -10.42 -2.58
C GLU B 1065 10.19 -11.84 -3.11
N GLY B 1066 10.41 -12.06 -4.40
CA GLY B 1066 10.25 -13.39 -4.96
C GLY B 1066 11.26 -14.37 -4.41
N VAL B 1067 12.52 -13.94 -4.31
CA VAL B 1067 13.56 -14.80 -3.74
C VAL B 1067 13.26 -15.12 -2.28
N GLN B 1068 12.82 -14.11 -1.52
CA GLN B 1068 12.48 -14.32 -0.12
C GLN B 1068 11.35 -15.33 0.02
N LEU B 1069 10.29 -15.18 -0.79
CA LEU B 1069 9.17 -16.10 -0.72
C LEU B 1069 9.58 -17.51 -1.12
N LEU B 1070 10.40 -17.64 -2.18
CA LEU B 1070 10.84 -18.95 -2.63
C LEU B 1070 11.65 -19.65 -1.56
N CYS B 1071 12.61 -18.94 -0.95
CA CYS B 1071 13.36 -19.52 0.15
C CYS B 1071 12.48 -19.80 1.35
N LEU B 1072 11.39 -19.05 1.49
CA LEU B 1072 10.50 -19.23 2.63
C LEU B 1072 9.68 -20.51 2.50
N ILE B 1073 9.23 -20.84 1.29
CA ILE B 1073 8.27 -21.93 1.18
C ILE B 1073 8.96 -23.30 1.25
N ASP B 1074 9.73 -23.68 0.21
CA ASP B 1074 10.49 -24.92 0.31
C ASP B 1074 11.79 -24.95 -0.47
N LYS B 1075 12.18 -23.89 -1.18
CA LYS B 1075 13.21 -24.00 -2.22
C LYS B 1075 14.17 -22.83 -2.16
N ALA B 1076 15.46 -23.14 -1.96
CA ALA B 1076 16.52 -22.13 -2.03
C ALA B 1076 17.35 -22.24 -3.29
N ALA B 1077 17.45 -23.42 -3.89
CA ALA B 1077 18.25 -23.59 -5.09
C ALA B 1077 17.69 -22.77 -6.26
N ASP B 1078 16.37 -22.79 -6.44
CA ASP B 1078 15.77 -22.00 -7.51
C ASP B 1078 15.97 -20.51 -7.27
N ALA B 1079 15.84 -20.06 -6.03
CA ALA B 1079 16.10 -18.66 -5.72
C ALA B 1079 17.54 -18.28 -6.02
N CYS B 1080 18.48 -19.17 -5.69
CA CYS B 1080 19.89 -18.93 -6.03
C CYS B 1080 20.08 -18.85 -7.54
N ARG B 1081 19.40 -19.72 -8.29
CA ARG B 1081 19.51 -19.68 -9.75
C ARG B 1081 18.99 -18.37 -10.32
N TYR B 1082 17.83 -17.90 -9.83
CA TYR B 1082 17.30 -16.63 -10.31
C TYR B 1082 18.21 -15.48 -9.89
N LEU B 1083 18.78 -15.53 -8.70
CA LEU B 1083 19.71 -14.48 -8.28
C LEU B 1083 20.95 -14.44 -9.17
N GLN B 1084 21.48 -15.61 -9.51
CA GLN B 1084 22.64 -15.67 -10.40
C GLN B 1084 22.30 -15.21 -11.80
N THR B 1085 21.06 -15.46 -12.25
CA THR B 1085 20.65 -15.05 -13.59
C THR B 1085 20.62 -13.53 -13.74
N TYR B 1086 20.31 -12.81 -12.65
CA TYR B 1086 20.18 -11.36 -12.69
C TYR B 1086 21.49 -10.64 -12.36
N GLY B 1087 22.56 -11.38 -12.07
CA GLY B 1087 23.87 -10.79 -11.88
C GLY B 1087 24.29 -10.58 -10.44
N GLU B 1088 23.48 -10.96 -9.47
CA GLU B 1088 23.82 -10.80 -8.05
C GLU B 1088 24.43 -12.10 -7.56
N TRP B 1089 25.71 -12.28 -7.83
CA TRP B 1089 26.40 -13.52 -7.51
C TRP B 1089 26.74 -13.62 -6.03
N ASN B 1090 27.08 -12.50 -5.39
CA ASN B 1090 27.49 -12.53 -3.99
C ASN B 1090 26.36 -12.97 -3.08
N ARG B 1091 25.16 -12.40 -3.27
CA ARG B 1091 24.03 -12.79 -2.44
C ARG B 1091 23.62 -14.24 -2.70
N ALA B 1092 23.70 -14.69 -3.96
CA ALA B 1092 23.40 -16.07 -4.27
C ALA B 1092 24.38 -17.02 -3.59
N ALA B 1093 25.67 -16.69 -3.61
CA ALA B 1093 26.66 -17.52 -2.93
C ALA B 1093 26.44 -17.53 -1.43
N TRP B 1094 26.11 -16.37 -0.85
CA TRP B 1094 25.83 -16.31 0.59
C TRP B 1094 24.61 -17.15 0.93
N LEU B 1095 23.56 -17.08 0.11
CA LEU B 1095 22.37 -17.89 0.34
C LEU B 1095 22.68 -19.38 0.24
N ALA B 1096 23.48 -19.77 -0.75
CA ALA B 1096 23.84 -21.18 -0.90
C ALA B 1096 24.72 -21.65 0.25
N LYS B 1097 25.53 -20.75 0.82
CA LYS B 1097 26.35 -21.14 1.97
C LYS B 1097 25.51 -21.27 3.23
N VAL B 1098 24.51 -20.40 3.41
CA VAL B 1098 23.71 -20.44 4.62
C VAL B 1098 22.80 -21.67 4.62
N ARG B 1099 21.90 -21.75 3.64
CA ARG B 1099 20.97 -22.86 3.53
C ARG B 1099 21.53 -23.92 2.59
N LEU B 1100 20.69 -24.87 2.18
CA LEU B 1100 20.97 -25.87 1.16
C LEU B 1100 21.95 -26.94 1.65
N ASN B 1101 21.69 -28.18 1.24
CA ASN B 1101 22.59 -29.29 1.57
C ASN B 1101 23.90 -29.16 0.81
N PRO B 1102 24.97 -29.80 1.30
CA PRO B 1102 26.27 -29.67 0.61
C PRO B 1102 26.34 -30.41 -0.71
N GLU B 1103 25.21 -30.98 -1.15
CA GLU B 1103 25.12 -31.60 -2.46
C GLU B 1103 24.53 -30.70 -3.53
N GLU B 1104 23.68 -29.75 -3.13
CA GLU B 1104 23.10 -28.79 -4.07
C GLU B 1104 23.91 -27.51 -4.20
N CYS B 1105 24.62 -27.10 -3.15
CA CYS B 1105 25.47 -25.92 -3.20
C CYS B 1105 26.67 -26.11 -4.10
N ALA B 1106 27.08 -27.36 -4.35
CA ALA B 1106 28.25 -27.61 -5.19
C ALA B 1106 28.03 -27.11 -6.61
N ASP B 1107 26.84 -27.36 -7.18
CA ASP B 1107 26.56 -26.89 -8.53
C ASP B 1107 26.55 -25.37 -8.60
N VAL B 1108 25.96 -24.72 -7.60
CA VAL B 1108 25.92 -23.26 -7.59
C VAL B 1108 27.33 -22.69 -7.50
N LEU B 1109 28.17 -23.27 -6.63
CA LEU B 1109 29.54 -22.78 -6.51
C LEU B 1109 30.36 -23.05 -7.76
N ARG B 1110 30.13 -24.19 -8.42
CA ARG B 1110 30.81 -24.45 -9.69
C ARG B 1110 30.39 -23.44 -10.76
N ARG B 1111 29.11 -23.11 -10.82
CA ARG B 1111 28.65 -22.09 -11.76
C ARG B 1111 29.26 -20.73 -11.43
N TRP B 1112 29.38 -20.40 -10.14
CA TRP B 1112 30.02 -19.16 -9.74
C TRP B 1112 31.50 -19.14 -10.16
N VAL B 1113 32.18 -20.28 -10.01
CA VAL B 1113 33.57 -20.38 -10.44
C VAL B 1113 33.68 -20.19 -11.95
N ASP B 1114 32.78 -20.82 -12.71
CA ASP B 1114 32.80 -20.67 -14.16
C ASP B 1114 32.57 -19.22 -14.57
N HIS B 1115 31.65 -18.54 -13.88
CA HIS B 1115 31.44 -17.12 -14.14
C HIS B 1115 32.68 -16.31 -13.80
N LEU B 1116 33.35 -16.65 -12.70
CA LEU B 1116 34.55 -15.93 -12.28
C LEU B 1116 35.71 -16.10 -13.25
N CYS B 1117 35.67 -17.12 -14.09
CA CYS B 1117 36.73 -17.37 -15.06
C CYS B 1117 36.55 -16.62 -16.37
N SER B 1118 35.49 -15.81 -16.49
CA SER B 1118 35.27 -15.05 -17.70
C SER B 1118 36.39 -14.02 -17.89
N PRO B 1119 36.75 -13.73 -19.15
CA PRO B 1119 37.83 -12.76 -19.39
C PRO B 1119 37.48 -11.34 -18.95
N GLN B 1120 36.20 -11.02 -18.76
CA GLN B 1120 35.82 -9.69 -18.32
C GLN B 1120 35.91 -9.51 -16.81
N VAL B 1121 36.21 -10.56 -16.07
CA VAL B 1121 36.33 -10.50 -14.61
C VAL B 1121 37.79 -10.66 -14.17
N ASN B 1122 38.45 -11.72 -14.63
CA ASN B 1122 39.85 -12.00 -14.32
C ASN B 1122 40.06 -12.11 -12.80
N GLN B 1123 39.41 -13.12 -12.21
CA GLN B 1123 39.50 -13.41 -10.79
C GLN B 1123 39.79 -14.88 -10.57
N LYS B 1124 40.82 -15.39 -11.27
CA LYS B 1124 41.13 -16.80 -11.24
C LYS B 1124 41.53 -17.30 -9.86
N SER B 1125 42.13 -16.43 -9.03
CA SER B 1125 42.55 -16.85 -7.69
C SER B 1125 41.35 -17.24 -6.83
N LYS B 1126 40.29 -16.42 -6.87
CA LYS B 1126 39.09 -16.75 -6.10
C LYS B 1126 38.43 -18.02 -6.62
N ALA B 1127 38.43 -18.23 -7.93
CA ALA B 1127 37.90 -19.47 -8.49
C ALA B 1127 38.70 -20.67 -8.01
N LEU B 1128 40.03 -20.53 -7.97
CA LEU B 1128 40.86 -21.61 -7.45
C LEU B 1128 40.56 -21.90 -5.98
N LEU B 1129 40.39 -20.84 -5.19
CA LEU B 1129 40.09 -21.05 -3.77
C LEU B 1129 38.75 -21.74 -3.58
N VAL B 1130 37.74 -21.33 -4.35
CA VAL B 1130 36.42 -21.96 -4.23
C VAL B 1130 36.48 -23.41 -4.71
N LEU B 1131 37.23 -23.68 -5.77
CA LEU B 1131 37.38 -25.06 -6.24
C LEU B 1131 38.06 -25.93 -5.19
N LEU B 1132 39.09 -25.39 -4.52
CA LEU B 1132 39.71 -26.13 -3.43
C LEU B 1132 38.72 -26.37 -2.30
N SER B 1133 37.89 -25.37 -1.98
CA SER B 1133 36.89 -25.54 -0.94
C SER B 1133 35.85 -26.60 -1.32
N LEU B 1134 35.58 -26.76 -2.62
CA LEU B 1134 34.64 -27.77 -3.08
C LEU B 1134 35.21 -29.18 -3.08
N GLY B 1135 36.50 -29.34 -2.81
CA GLY B 1135 37.11 -30.65 -2.79
C GLY B 1135 37.17 -31.32 -4.14
N CYS B 1136 37.55 -30.56 -5.17
CA CYS B 1136 37.75 -31.08 -6.52
C CYS B 1136 39.21 -30.83 -6.88
N PHE B 1137 40.08 -31.77 -6.49
CA PHE B 1137 41.52 -31.60 -6.64
C PHE B 1137 41.98 -31.84 -8.08
N PHE B 1138 41.34 -32.77 -8.80
CA PHE B 1138 41.73 -33.02 -10.19
C PHE B 1138 41.47 -31.80 -11.06
N SER B 1139 40.32 -31.16 -10.88
CA SER B 1139 40.02 -29.94 -11.64
C SER B 1139 40.99 -28.83 -11.28
N VAL B 1140 41.36 -28.72 -9.99
CA VAL B 1140 42.32 -27.70 -9.58
C VAL B 1140 43.67 -27.94 -10.26
N ALA B 1141 44.12 -29.20 -10.28
CA ALA B 1141 45.39 -29.51 -10.94
C ALA B 1141 45.31 -29.22 -12.44
N GLU B 1142 44.20 -29.58 -13.07
CA GLU B 1142 44.05 -29.35 -14.51
C GLU B 1142 44.08 -27.85 -14.83
N THR B 1143 43.35 -27.04 -14.06
CA THR B 1143 43.34 -25.61 -14.31
C THR B 1143 44.65 -24.93 -13.92
N LEU B 1144 45.39 -25.48 -12.95
CA LEU B 1144 46.71 -24.97 -12.64
C LEU B 1144 47.71 -25.27 -13.75
N HIS B 1145 47.63 -26.47 -14.34
CA HIS B 1145 48.45 -26.78 -15.49
C HIS B 1145 48.07 -25.94 -16.71
N SER B 1146 46.78 -25.62 -16.86
CA SER B 1146 46.35 -24.79 -17.98
C SER B 1146 46.85 -23.35 -17.86
N MET B 1147 47.12 -22.87 -16.65
CA MET B 1147 47.58 -21.51 -16.43
C MET B 1147 49.10 -21.40 -16.38
N ARG B 1148 49.83 -22.42 -16.83
CA ARG B 1148 51.29 -22.40 -16.89
C ARG B 1148 51.92 -22.12 -15.52
N TYR B 1149 51.38 -22.78 -14.50
CA TYR B 1149 51.95 -22.77 -13.15
C TYR B 1149 52.65 -24.11 -12.97
N PHE B 1150 53.92 -24.19 -13.38
CA PHE B 1150 54.63 -25.45 -13.47
C PHE B 1150 55.13 -25.97 -12.13
N ASP B 1151 55.22 -25.12 -11.10
CA ASP B 1151 55.71 -25.54 -9.79
C ASP B 1151 54.59 -25.79 -8.79
N ARG B 1152 53.62 -24.88 -8.71
CA ARG B 1152 52.48 -25.06 -7.80
C ARG B 1152 51.62 -26.25 -8.19
N ALA B 1153 51.56 -26.61 -9.48
CA ALA B 1153 50.83 -27.79 -9.91
C ALA B 1153 51.58 -29.07 -9.55
N ALA B 1154 52.90 -29.09 -9.76
CA ALA B 1154 53.68 -30.28 -9.39
C ALA B 1154 53.65 -30.51 -7.88
N LEU B 1155 53.80 -29.45 -7.10
CA LEU B 1155 53.74 -29.59 -5.64
C LEU B 1155 52.36 -30.06 -5.20
N PHE B 1156 51.30 -29.52 -5.81
CA PHE B 1156 49.94 -29.96 -5.49
C PHE B 1156 49.74 -31.43 -5.83
N VAL B 1157 50.25 -31.86 -6.98
CA VAL B 1157 50.13 -33.27 -7.37
C VAL B 1157 50.85 -34.17 -6.39
N GLU B 1158 52.07 -33.77 -5.99
CA GLU B 1158 52.82 -34.57 -5.02
C GLU B 1158 52.09 -34.64 -3.68
N ALA B 1159 51.55 -33.51 -3.22
CA ALA B 1159 50.80 -33.50 -1.96
C ALA B 1159 49.56 -34.38 -2.04
N CYS B 1160 48.84 -34.31 -3.16
CA CYS B 1160 47.65 -35.14 -3.32
C CYS B 1160 48.00 -36.62 -3.35
N LEU B 1161 49.09 -36.97 -4.03
CA LEU B 1161 49.53 -38.36 -4.07
C LEU B 1161 49.93 -38.84 -2.68
N LYS B 1162 50.63 -37.99 -1.91
CA LYS B 1162 51.02 -38.37 -0.57
C LYS B 1162 49.80 -38.55 0.34
N TYR B 1163 48.82 -37.65 0.23
CA TYR B 1163 47.64 -37.69 1.07
C TYR B 1163 46.54 -38.59 0.52
N GLY B 1164 46.71 -39.15 -0.67
CA GLY B 1164 45.74 -40.06 -1.22
C GLY B 1164 44.47 -39.39 -1.70
N ALA B 1165 44.59 -38.44 -2.63
CA ALA B 1165 43.45 -37.78 -3.24
C ALA B 1165 43.00 -38.45 -4.54
N PHE B 1166 43.95 -38.76 -5.42
CA PHE B 1166 43.65 -39.50 -6.64
C PHE B 1166 44.85 -40.38 -6.97
N GLU B 1167 44.57 -41.58 -7.49
CA GLU B 1167 45.60 -42.56 -7.79
C GLU B 1167 46.02 -42.44 -9.25
N VAL B 1168 47.15 -43.08 -9.57
CA VAL B 1168 47.70 -43.06 -10.92
C VAL B 1168 47.01 -44.19 -11.69
N THR B 1169 45.87 -43.87 -12.28
CA THR B 1169 45.10 -44.81 -13.07
C THR B 1169 45.44 -44.66 -14.54
N GLU B 1170 44.68 -45.33 -15.40
CA GLU B 1170 44.89 -45.25 -16.84
C GLU B 1170 44.41 -43.94 -17.44
N ASP B 1171 43.71 -43.11 -16.68
CA ASP B 1171 43.17 -41.85 -17.18
C ASP B 1171 43.87 -40.61 -16.62
N THR B 1172 44.40 -40.68 -15.40
CA THR B 1172 45.03 -39.54 -14.76
C THR B 1172 46.55 -39.53 -14.89
N GLU B 1173 47.13 -40.51 -15.57
CA GLU B 1173 48.59 -40.56 -15.69
C GLU B 1173 49.12 -39.55 -16.69
N LYS B 1174 48.34 -39.22 -17.73
CA LYS B 1174 48.83 -38.30 -18.75
C LYS B 1174 49.04 -36.90 -18.20
N LEU B 1175 48.09 -36.41 -17.40
CA LEU B 1175 48.23 -35.07 -16.82
C LEU B 1175 49.42 -35.00 -15.87
N ILE B 1176 49.59 -36.02 -15.03
CA ILE B 1176 50.71 -36.04 -14.10
C ILE B 1176 52.03 -36.08 -14.86
N THR B 1177 52.10 -36.90 -15.91
CA THR B 1177 53.33 -36.98 -16.71
C THR B 1177 53.63 -35.64 -17.37
N ALA B 1178 52.61 -34.98 -17.92
CA ALA B 1178 52.82 -33.69 -18.56
C ALA B 1178 53.28 -32.65 -17.56
N ILE B 1179 52.68 -32.63 -16.37
CA ILE B 1179 53.08 -31.68 -15.34
C ILE B 1179 54.53 -31.93 -14.92
N TYR B 1180 54.90 -33.20 -14.73
CA TYR B 1180 56.27 -33.52 -14.36
C TYR B 1180 57.26 -33.09 -15.45
N ALA B 1181 56.92 -33.34 -16.71
CA ALA B 1181 57.80 -32.93 -17.80
C ALA B 1181 57.95 -31.42 -17.87
N ASP B 1182 56.84 -30.69 -17.71
CA ASP B 1182 56.90 -29.24 -17.73
C ASP B 1182 57.74 -28.69 -16.59
N TYR B 1183 57.57 -29.23 -15.38
CA TYR B 1183 58.36 -28.77 -14.24
C TYR B 1183 59.83 -29.10 -14.43
N ALA B 1184 60.13 -30.28 -14.99
CA ALA B 1184 61.53 -30.63 -15.26
C ALA B 1184 62.14 -29.69 -16.28
N ARG B 1185 61.39 -29.33 -17.33
CA ARG B 1185 61.90 -28.38 -18.30
C ARG B 1185 62.13 -27.00 -17.66
N SER B 1186 61.21 -26.57 -16.80
CA SER B 1186 61.37 -25.29 -16.12
C SER B 1186 62.61 -25.30 -15.22
N LEU B 1187 62.83 -26.39 -14.51
CA LEU B 1187 64.02 -26.50 -13.66
C LEU B 1187 65.29 -26.54 -14.50
N LYS B 1188 65.25 -27.22 -15.65
CA LYS B 1188 66.41 -27.24 -16.54
C LYS B 1188 66.73 -25.84 -17.07
N ASN B 1189 65.70 -25.06 -17.37
CA ASN B 1189 65.90 -23.70 -17.86
C ASN B 1189 66.55 -22.78 -16.83
N LEU B 1190 66.59 -23.19 -15.56
CA LEU B 1190 67.19 -22.39 -14.50
C LEU B 1190 68.60 -22.82 -14.15
N GLY B 1191 69.12 -23.86 -14.80
CA GLY B 1191 70.45 -24.36 -14.51
C GLY B 1191 70.52 -25.39 -13.41
N PHE B 1192 69.42 -25.67 -12.72
CA PHE B 1192 69.39 -26.67 -11.65
C PHE B 1192 69.18 -28.04 -12.29
N LYS B 1193 70.27 -28.79 -12.43
CA LYS B 1193 70.22 -30.08 -13.11
C LYS B 1193 69.73 -31.20 -12.21
N GLN B 1194 69.98 -31.12 -10.90
CA GLN B 1194 69.58 -32.20 -10.00
C GLN B 1194 68.06 -32.37 -9.98
N GLY B 1195 67.33 -31.28 -9.74
CA GLY B 1195 65.88 -31.37 -9.74
C GLY B 1195 65.33 -31.72 -11.12
N ALA B 1196 65.98 -31.21 -12.17
CA ALA B 1196 65.54 -31.50 -13.52
C ALA B 1196 65.61 -33.00 -13.82
N VAL B 1197 66.75 -33.63 -13.51
CA VAL B 1197 66.89 -35.06 -13.76
C VAL B 1197 65.99 -35.86 -12.82
N LEU B 1198 65.83 -35.39 -11.57
CA LEU B 1198 64.96 -36.10 -10.64
C LEU B 1198 63.53 -36.14 -11.14
N PHE B 1199 63.03 -35.02 -11.67
CA PHE B 1199 61.66 -34.99 -12.19
C PHE B 1199 61.56 -35.67 -13.55
N ALA B 1200 62.61 -35.64 -14.36
CA ALA B 1200 62.59 -36.34 -15.63
C ALA B 1200 62.56 -37.85 -15.45
N SER B 1201 63.20 -38.35 -14.39
CA SER B 1201 63.13 -39.78 -14.09
C SER B 1201 61.70 -40.20 -13.78
N LYS B 1202 60.97 -39.39 -13.03
CA LYS B 1202 59.58 -39.70 -12.70
C LYS B 1202 58.62 -39.35 -13.84
N ALA B 1203 59.07 -38.57 -14.83
CA ALA B 1203 58.18 -38.19 -15.93
C ALA B 1203 57.75 -39.42 -16.73
N GLY B 1204 58.69 -40.31 -17.02
CA GLY B 1204 58.36 -41.53 -17.76
C GLY B 1204 58.69 -41.47 -19.23
N ALA B 1205 57.68 -41.63 -20.08
CA ALA B 1205 57.88 -41.70 -21.52
C ALA B 1205 57.92 -40.33 -22.19
N ALA B 1206 57.54 -39.27 -21.47
CA ALA B 1206 57.58 -37.91 -22.01
C ALA B 1206 58.79 -37.12 -21.54
N GLY B 1207 59.72 -37.77 -20.85
CA GLY B 1207 60.92 -37.10 -20.40
C GLY B 1207 62.18 -37.77 -20.91
N LYS B 1208 62.00 -38.80 -21.75
CA LYS B 1208 63.15 -39.49 -22.33
C LYS B 1208 63.94 -38.56 -23.24
N ASP B 1209 63.25 -37.73 -24.03
CA ASP B 1209 63.94 -36.77 -24.87
C ASP B 1209 64.69 -35.73 -24.04
N LEU B 1210 64.11 -35.30 -22.92
CA LEU B 1210 64.81 -34.36 -22.04
C LEU B 1210 66.04 -35.00 -21.43
N LEU B 1211 65.95 -36.27 -21.03
CA LEU B 1211 67.11 -36.98 -20.49
C LEU B 1211 68.15 -37.27 -21.56
N ASN B 1212 67.76 -37.35 -22.83
CA ASN B 1212 68.70 -37.55 -23.93
C ASN B 1212 69.61 -36.34 -24.14
N GLU B 1213 69.18 -35.15 -23.71
CA GLU B 1213 70.00 -33.95 -23.81
C GLU B 1213 70.57 -33.50 -22.47
N LEU B 1214 69.96 -33.89 -21.34
CA LEU B 1214 70.54 -33.57 -20.04
C LEU B 1214 71.84 -34.34 -19.82
N GLU B 1215 71.86 -35.62 -20.16
CA GLU B 1215 73.04 -36.45 -19.95
C GLU B 1215 73.64 -36.90 -21.27
N LYS C 385 -99.35 -12.95 -68.51
CA LYS C 385 -98.52 -11.77 -68.31
C LYS C 385 -97.11 -12.16 -67.87
N ARG C 386 -96.44 -11.28 -67.13
CA ARG C 386 -95.03 -11.44 -66.83
C ARG C 386 -94.80 -11.61 -65.33
N ILE C 387 -93.69 -12.27 -65.01
CA ILE C 387 -93.26 -12.48 -63.63
C ILE C 387 -92.17 -11.48 -63.31
N ALA C 388 -92.06 -11.08 -62.03
CA ALA C 388 -91.08 -10.08 -61.63
C ALA C 388 -90.24 -10.64 -60.49
N PHE C 389 -89.00 -10.14 -60.37
CA PHE C 389 -88.06 -10.57 -59.35
C PHE C 389 -87.66 -9.34 -58.52
N LEU C 390 -88.30 -9.19 -57.36
CA LEU C 390 -88.03 -8.05 -56.49
C LEU C 390 -86.67 -8.18 -55.83
N PHE C 391 -85.73 -7.32 -56.21
CA PHE C 391 -84.38 -7.33 -55.67
C PHE C 391 -83.97 -5.91 -55.27
N ASP C 392 -82.78 -5.79 -54.66
CA ASP C 392 -82.37 -4.52 -54.08
C ASP C 392 -81.05 -3.99 -54.65
N SER C 393 -80.60 -2.84 -54.15
CA SER C 393 -79.41 -2.18 -54.68
C SER C 393 -78.13 -2.98 -54.42
N THR C 394 -78.19 -3.97 -53.53
CA THR C 394 -77.00 -4.76 -53.23
C THR C 394 -76.51 -5.52 -54.47
N LEU C 395 -77.44 -6.11 -55.23
CA LEU C 395 -77.06 -6.85 -56.43
C LEU C 395 -76.43 -5.92 -57.46
N THR C 396 -77.02 -4.74 -57.67
CA THR C 396 -76.46 -3.77 -58.60
C THR C 396 -75.08 -3.33 -58.16
N ALA C 397 -74.90 -3.09 -56.86
CA ALA C 397 -73.60 -2.67 -56.35
C ALA C 397 -72.54 -3.73 -56.59
N PHE C 398 -72.88 -4.99 -56.32
CA PHE C 398 -71.91 -6.07 -56.52
C PHE C 398 -71.71 -6.45 -57.98
N LEU C 399 -72.63 -6.05 -58.87
CA LEU C 399 -72.44 -6.23 -60.30
C LEU C 399 -71.82 -5.01 -60.97
N MET C 400 -71.61 -3.92 -60.21
CA MET C 400 -71.00 -2.73 -60.78
C MET C 400 -69.52 -2.65 -60.44
N MET C 401 -69.00 -3.63 -59.71
CA MET C 401 -67.56 -3.78 -59.49
C MET C 401 -67.14 -5.23 -59.72
N ASN C 407 -68.49 -4.37 -71.17
CA ASN C 407 -69.70 -4.04 -71.92
C ASN C 407 -70.93 -4.21 -71.03
N LEU C 408 -70.73 -4.83 -69.86
CA LEU C 408 -71.83 -5.01 -68.92
C LEU C 408 -72.31 -3.69 -68.35
N LYS C 409 -71.45 -2.66 -68.33
CA LYS C 409 -71.83 -1.37 -67.76
C LYS C 409 -72.87 -0.67 -68.61
N SER C 410 -73.10 -1.15 -69.84
CA SER C 410 -74.09 -0.56 -70.73
C SER C 410 -75.47 -0.58 -70.09
N HIS C 411 -75.87 -1.72 -69.54
CA HIS C 411 -77.13 -1.83 -68.83
C HIS C 411 -76.96 -1.74 -67.32
N ALA C 412 -75.74 -1.85 -66.81
CA ALA C 412 -75.52 -1.78 -65.38
C ALA C 412 -75.78 -0.37 -64.84
N VAL C 413 -75.41 0.65 -65.62
CA VAL C 413 -75.71 2.02 -65.21
C VAL C 413 -77.22 2.24 -65.19
N THR C 414 -77.94 1.57 -66.11
CA THR C 414 -79.40 1.61 -66.11
C THR C 414 -79.98 0.94 -64.87
N MET C 415 -79.25 -0.04 -64.30
CA MET C 415 -79.70 -0.68 -63.08
C MET C 415 -79.76 0.32 -61.93
N PHE C 416 -78.84 1.28 -61.90
CA PHE C 416 -78.71 2.13 -60.74
C PHE C 416 -79.81 3.16 -60.65
N GLU C 417 -80.39 3.55 -61.78
CA GLU C 417 -81.42 4.59 -61.85
C GLU C 417 -82.79 4.04 -62.23
N VAL C 418 -82.89 3.34 -63.36
CA VAL C 418 -84.18 2.85 -63.84
C VAL C 418 -84.49 1.49 -63.22
N GLY C 419 -83.72 0.48 -63.63
CA GLY C 419 -83.98 -0.87 -63.16
C GLY C 419 -85.30 -1.42 -63.64
N LYS C 420 -85.61 -1.21 -64.92
CA LYS C 420 -86.87 -1.63 -65.51
C LYS C 420 -86.59 -2.48 -66.75
N LEU C 421 -85.82 -3.55 -66.57
CA LEU C 421 -85.56 -4.46 -67.68
C LEU C 421 -86.84 -5.09 -68.20
N SER C 422 -86.90 -5.27 -69.51
CA SER C 422 -87.92 -6.06 -70.18
C SER C 422 -87.26 -7.33 -70.73
N ASP C 423 -88.05 -8.21 -71.35
CA ASP C 423 -87.53 -9.51 -71.78
C ASP C 423 -86.61 -9.40 -72.99
N GLU C 424 -86.80 -8.35 -73.81
CA GLU C 424 -86.01 -8.21 -75.04
C GLU C 424 -84.53 -8.03 -74.75
N SER C 425 -84.20 -7.23 -73.72
CA SER C 425 -82.80 -6.98 -73.39
C SER C 425 -82.19 -8.11 -72.58
N LEU C 426 -83.03 -9.02 -72.05
CA LEU C 426 -82.52 -10.14 -71.26
C LEU C 426 -81.65 -11.06 -72.11
N ASP C 427 -81.95 -11.15 -73.41
CA ASP C 427 -81.15 -11.98 -74.30
C ASP C 427 -79.69 -11.53 -74.34
N SER C 428 -79.49 -10.21 -74.44
CA SER C 428 -78.13 -9.67 -74.43
C SER C 428 -77.54 -9.70 -73.02
N PHE C 429 -78.39 -9.50 -72.01
CA PHE C 429 -77.90 -9.48 -70.63
C PHE C 429 -77.36 -10.83 -70.21
N LEU C 430 -77.99 -11.92 -70.66
CA LEU C 430 -77.49 -13.26 -70.36
C LEU C 430 -76.11 -13.47 -70.95
N ILE C 431 -75.90 -13.05 -72.19
CA ILE C 431 -74.58 -13.15 -72.80
C ILE C 431 -73.55 -12.28 -72.09
N GLU C 432 -73.93 -11.06 -71.68
CA GLU C 432 -73.01 -10.22 -70.93
C GLU C 432 -72.64 -10.82 -69.57
N LEU C 433 -73.55 -11.57 -68.95
CA LEU C 433 -73.21 -12.31 -67.74
C LEU C 433 -72.47 -13.61 -68.02
N GLU C 434 -72.52 -14.11 -69.26
CA GLU C 434 -71.91 -15.40 -69.57
C GLU C 434 -70.39 -15.33 -69.64
N LYS C 435 -69.84 -14.20 -70.08
CA LYS C 435 -68.38 -14.10 -70.26
C LYS C 435 -67.66 -14.25 -68.93
N VAL C 436 -68.19 -13.65 -67.87
CA VAL C 436 -67.58 -13.73 -66.55
C VAL C 436 -67.86 -15.09 -65.92
N GLN C 445 -63.37 -14.21 -55.50
CA GLN C 445 -64.39 -15.07 -56.09
C GLN C 445 -65.78 -14.63 -55.62
N ARG C 446 -65.81 -13.80 -54.58
CA ARG C 446 -67.08 -13.32 -54.05
C ARG C 446 -67.83 -12.49 -55.08
N TYR C 447 -67.11 -11.67 -55.85
CA TYR C 447 -67.73 -10.98 -56.98
C TYR C 447 -68.21 -11.98 -58.02
N PHE C 448 -67.41 -13.02 -58.29
CA PHE C 448 -67.81 -14.05 -59.24
C PHE C 448 -69.03 -14.83 -58.74
N ASP C 449 -69.11 -15.08 -57.44
CA ASP C 449 -70.19 -15.85 -56.85
C ASP C 449 -71.54 -15.19 -57.09
N HIS C 450 -71.60 -13.86 -56.89
CA HIS C 450 -72.87 -13.15 -57.07
C HIS C 450 -73.34 -13.19 -58.52
N ALA C 451 -72.43 -13.01 -59.48
CA ALA C 451 -72.82 -12.97 -60.88
C ALA C 451 -73.15 -14.36 -61.42
N LEU C 452 -72.39 -15.37 -60.99
CA LEU C 452 -72.59 -16.72 -61.51
C LEU C 452 -73.96 -17.27 -61.14
N THR C 453 -74.41 -17.02 -59.92
CA THR C 453 -75.71 -17.54 -59.48
C THR C 453 -76.85 -16.92 -60.27
N LEU C 454 -76.68 -15.68 -60.74
CA LEU C 454 -77.74 -15.01 -61.49
C LEU C 454 -77.98 -15.69 -62.83
N ARG C 455 -76.94 -16.22 -63.47
CA ARG C 455 -77.07 -16.86 -64.77
C ARG C 455 -77.99 -18.08 -64.73
N ASN C 456 -78.07 -18.77 -63.59
CA ASN C 456 -78.96 -19.92 -63.45
C ASN C 456 -80.39 -19.52 -63.10
N THR C 457 -80.57 -18.46 -62.30
CA THR C 457 -81.91 -18.06 -61.90
C THR C 457 -82.73 -17.54 -63.08
N ILE C 458 -82.10 -16.77 -63.97
CA ILE C 458 -82.78 -16.20 -65.11
C ILE C 458 -83.10 -17.30 -66.12
N LEU C 459 -82.29 -18.37 -66.10
CA LEU C 459 -82.54 -19.52 -66.95
C LEU C 459 -83.44 -20.56 -66.30
N PHE C 460 -83.89 -20.33 -65.07
CA PHE C 460 -84.83 -21.22 -64.39
C PHE C 460 -86.23 -20.67 -64.29
N LEU C 461 -86.34 -19.36 -64.15
CA LEU C 461 -87.64 -18.74 -64.08
C LEU C 461 -88.17 -18.57 -65.50
N ARG C 462 -88.10 -19.60 -66.35
CA ARG C 462 -88.76 -19.51 -67.70
C ARG C 462 -89.25 -20.88 -68.15
N HIS C 463 -88.41 -21.93 -68.12
CA HIS C 463 -88.95 -23.28 -68.45
C HIS C 463 -89.56 -23.94 -67.22
N ASN C 464 -90.61 -24.76 -67.41
CA ASN C 464 -91.37 -25.37 -66.28
C ASN C 464 -91.95 -24.27 -65.42
N LYS C 465 -91.60 -24.21 -64.13
CA LYS C 465 -92.23 -23.24 -63.20
C LYS C 465 -93.66 -22.92 -63.64
N ASP C 466 -94.49 -23.96 -63.80
CA ASP C 466 -95.91 -23.78 -64.20
C ASP C 466 -96.66 -25.06 -63.81
N LEU C 467 -96.11 -25.81 -62.84
CA LEU C 467 -96.73 -27.10 -62.43
C LEU C 467 -98.21 -26.89 -62.13
N GLY C 480 -94.13 -20.53 -68.56
CA GLY C 480 -94.73 -20.09 -69.81
C GLY C 480 -95.08 -18.61 -69.82
N PHE C 481 -94.29 -17.82 -69.12
CA PHE C 481 -94.49 -16.38 -69.04
C PHE C 481 -93.18 -15.66 -69.31
N PRO C 482 -93.24 -14.46 -69.88
CA PRO C 482 -92.04 -13.64 -70.03
C PRO C 482 -91.55 -13.16 -68.67
N LEU C 483 -90.24 -12.93 -68.59
CA LEU C 483 -89.60 -12.58 -67.33
C LEU C 483 -89.00 -11.18 -67.42
N ASP C 484 -89.43 -10.30 -66.50
CA ASP C 484 -88.80 -8.99 -66.34
C ASP C 484 -87.85 -9.02 -65.16
N LEU C 485 -87.31 -7.86 -64.80
CA LEU C 485 -86.44 -7.75 -63.63
C LEU C 485 -86.50 -6.32 -63.08
N LEU C 486 -87.26 -6.13 -62.01
CA LEU C 486 -87.48 -4.81 -61.44
C LEU C 486 -86.88 -4.71 -60.04
N ARG C 487 -86.74 -3.48 -59.57
CA ARG C 487 -86.19 -3.19 -58.24
C ARG C 487 -87.33 -2.90 -57.28
N CYS C 488 -87.05 -3.01 -55.98
CA CYS C 488 -88.05 -2.68 -54.98
C CYS C 488 -88.32 -1.18 -54.97
N GLU C 489 -89.45 -0.77 -55.56
CA GLU C 489 -89.76 0.64 -55.68
C GLU C 489 -90.84 1.05 -54.68
N VAL C 502 -100.80 -0.93 -60.67
CA VAL C 502 -100.00 -1.30 -61.83
C VAL C 502 -99.50 -2.73 -61.68
N LEU C 503 -99.42 -3.20 -60.44
CA LEU C 503 -98.96 -4.55 -60.16
C LEU C 503 -99.95 -5.62 -60.59
N ASN C 504 -101.21 -5.27 -60.82
CA ASN C 504 -102.22 -6.22 -61.25
C ASN C 504 -102.43 -6.22 -62.76
N LYS C 505 -101.62 -5.45 -63.50
CA LYS C 505 -101.77 -5.33 -64.94
C LYS C 505 -100.80 -6.23 -65.70
N ASN C 506 -99.51 -6.13 -65.42
CA ASN C 506 -98.49 -6.88 -66.13
C ASN C 506 -97.81 -7.95 -65.29
N TYR C 507 -98.13 -8.03 -64.00
CA TYR C 507 -97.47 -8.96 -63.10
C TYR C 507 -98.49 -9.80 -62.35
N THR C 508 -98.18 -11.08 -62.20
CA THR C 508 -99.05 -12.02 -61.49
C THR C 508 -98.34 -12.84 -60.43
N LEU C 509 -97.01 -12.78 -60.34
CA LEU C 509 -96.26 -13.53 -59.35
C LEU C 509 -95.02 -12.74 -58.96
N LEU C 510 -94.86 -12.50 -57.67
CA LEU C 510 -93.73 -11.74 -57.14
C LEU C 510 -92.82 -12.69 -56.39
N VAL C 511 -91.57 -12.79 -56.83
CA VAL C 511 -90.56 -13.63 -56.20
C VAL C 511 -89.42 -12.73 -55.76
N SER C 512 -89.16 -12.69 -54.45
CA SER C 512 -88.09 -11.87 -53.91
C SER C 512 -86.82 -12.70 -53.77
N MET C 513 -85.75 -12.07 -53.31
CA MET C 513 -84.47 -12.72 -53.07
C MET C 513 -84.17 -12.77 -51.58
N ALA C 514 -83.20 -13.59 -51.21
CA ALA C 514 -82.80 -13.74 -49.83
C ALA C 514 -81.29 -13.53 -49.72
N PRO C 515 -80.81 -12.78 -48.72
CA PRO C 515 -81.65 -12.07 -47.75
C PRO C 515 -81.87 -10.61 -48.13
N LEU C 516 -83.11 -10.13 -48.04
CA LEU C 516 -83.40 -8.73 -48.33
C LEU C 516 -82.76 -7.85 -47.28
N THR C 517 -81.97 -6.86 -47.72
CA THR C 517 -81.30 -5.96 -46.80
C THR C 517 -82.32 -5.09 -46.07
N ASN C 518 -82.01 -4.79 -44.81
CA ASN C 518 -82.93 -4.02 -43.97
C ASN C 518 -83.01 -2.55 -44.36
N GLU C 519 -82.13 -2.08 -45.26
CA GLU C 519 -82.19 -0.68 -45.69
C GLU C 519 -83.52 -0.37 -46.37
N ILE C 520 -83.91 -1.19 -47.33
CA ILE C 520 -85.18 -1.03 -48.03
C ILE C 520 -85.93 -2.35 -48.01
N ARG C 521 -87.09 -2.36 -47.37
CA ARG C 521 -87.95 -3.54 -47.28
C ARG C 521 -87.20 -4.76 -46.77
N PRO C 528 -100.45 -8.92 -56.49
CA PRO C 528 -101.09 -10.22 -56.31
C PRO C 528 -100.33 -11.12 -55.34
N GLN C 529 -99.95 -12.31 -55.80
CA GLN C 529 -99.22 -13.24 -54.96
C GLN C 529 -97.78 -12.78 -54.76
N HIS C 530 -97.15 -13.29 -53.70
CA HIS C 530 -95.78 -12.93 -53.38
C HIS C 530 -95.15 -14.10 -52.63
N ILE C 531 -94.12 -14.70 -53.24
CA ILE C 531 -93.39 -15.79 -52.61
C ILE C 531 -92.26 -15.19 -51.78
N GLY C 532 -92.55 -14.86 -50.52
CA GLY C 532 -91.59 -14.25 -49.64
C GLY C 532 -92.26 -13.57 -48.48
N PRO C 533 -91.54 -12.65 -47.82
CA PRO C 533 -92.14 -11.90 -46.72
C PRO C 533 -93.34 -11.09 -47.18
N ALA C 534 -94.43 -11.17 -46.40
CA ALA C 534 -95.65 -10.44 -46.72
C ALA C 534 -95.57 -9.01 -46.20
N ILE C 535 -95.41 -8.86 -44.90
CA ILE C 535 -95.30 -7.54 -44.26
C ILE C 535 -93.82 -7.20 -44.12
N PRO C 536 -93.45 -5.91 -44.05
CA PRO C 536 -92.03 -5.57 -43.91
C PRO C 536 -91.44 -5.95 -42.57
N GLU C 537 -92.26 -6.31 -41.58
CA GLU C 537 -91.76 -6.73 -40.27
C GLU C 537 -91.15 -8.12 -40.29
N VAL C 538 -91.43 -8.92 -41.31
CA VAL C 538 -90.83 -10.26 -41.40
C VAL C 538 -89.33 -10.19 -41.64
N SER C 539 -88.87 -9.34 -42.55
CA SER C 539 -87.46 -9.19 -42.84
C SER C 539 -86.89 -8.04 -42.01
N SER C 540 -86.90 -8.23 -40.70
CA SER C 540 -86.42 -7.20 -39.78
C SER C 540 -86.01 -7.88 -38.47
N VAL C 541 -85.65 -7.08 -37.48
CA VAL C 541 -85.23 -7.61 -36.19
C VAL C 541 -86.37 -8.26 -35.41
N TRP C 542 -87.59 -7.73 -35.50
CA TRP C 542 -88.72 -8.22 -34.72
C TRP C 542 -89.05 -9.68 -34.99
N PHE C 543 -88.69 -10.21 -36.16
CA PHE C 543 -88.94 -11.61 -36.47
C PHE C 543 -87.96 -12.55 -35.77
N LYS C 544 -86.73 -12.09 -35.53
CA LYS C 544 -85.74 -12.93 -34.86
C LYS C 544 -86.18 -13.27 -33.45
N LEU C 545 -86.71 -12.29 -32.72
CA LEU C 545 -87.23 -12.55 -31.38
C LEU C 545 -88.50 -13.39 -31.39
N TYR C 546 -89.32 -13.25 -32.43
CA TYR C 546 -90.54 -14.05 -32.53
C TYR C 546 -90.21 -15.54 -32.67
N ILE C 547 -89.19 -15.86 -33.47
CA ILE C 547 -88.79 -17.25 -33.63
C ILE C 547 -88.28 -17.82 -32.31
N TYR C 548 -87.47 -17.05 -31.59
CA TYR C 548 -86.94 -17.52 -30.31
C TYR C 548 -88.06 -17.72 -29.29
N HIS C 549 -89.03 -16.82 -29.27
CA HIS C 549 -90.12 -16.91 -28.29
C HIS C 549 -90.97 -18.15 -28.52
N VAL C 550 -91.29 -18.47 -29.77
CA VAL C 550 -92.17 -19.61 -30.05
C VAL C 550 -91.44 -20.95 -29.98
N THR C 551 -90.12 -20.95 -29.96
CA THR C 551 -89.33 -22.18 -29.89
C THR C 551 -88.74 -22.43 -28.51
N GLY C 552 -88.14 -21.41 -27.90
CA GLY C 552 -87.51 -21.53 -26.60
C GLY C 552 -86.01 -21.69 -26.65
N GLN C 553 -85.43 -21.90 -27.82
CA GLN C 553 -83.99 -22.04 -27.97
C GLN C 553 -83.45 -20.96 -28.88
N GLY C 554 -82.33 -20.36 -28.47
CA GLY C 554 -81.70 -19.31 -29.24
C GLY C 554 -80.51 -18.71 -28.52
N PRO C 555 -79.69 -17.95 -29.25
CA PRO C 555 -78.53 -17.30 -28.63
C PRO C 555 -78.96 -16.16 -27.74
N PRO C 556 -78.12 -15.77 -26.76
CA PRO C 556 -78.45 -14.62 -25.92
C PRO C 556 -78.63 -13.34 -26.71
N SER C 557 -79.78 -12.69 -26.56
CA SER C 557 -80.10 -11.48 -27.32
C SER C 557 -80.44 -10.35 -26.37
N LEU C 558 -79.95 -9.15 -26.68
CA LEU C 558 -80.21 -7.95 -25.89
C LEU C 558 -80.53 -6.82 -26.85
N LEU C 559 -81.79 -6.43 -26.92
CA LEU C 559 -82.24 -5.35 -27.79
C LEU C 559 -82.28 -4.06 -26.98
N LEU C 560 -81.33 -3.17 -27.25
CA LEU C 560 -81.22 -1.91 -26.54
C LEU C 560 -81.88 -0.80 -27.34
N SER C 561 -82.73 -0.02 -26.69
CA SER C 561 -83.41 1.08 -27.36
C SER C 561 -82.43 2.22 -27.66
N LYS C 562 -82.84 3.09 -28.57
CA LYS C 562 -82.01 4.22 -28.96
C LYS C 562 -81.84 5.19 -27.78
N GLY C 563 -80.60 5.68 -27.63
CA GLY C 563 -80.27 6.60 -26.56
C GLY C 563 -79.79 5.95 -25.28
N THR C 564 -79.88 4.63 -25.16
CA THR C 564 -79.43 3.95 -23.96
C THR C 564 -77.91 4.05 -23.83
N ARG C 565 -77.44 4.29 -22.60
CA ARG C 565 -76.02 4.39 -22.32
C ARG C 565 -75.59 3.18 -21.50
N LEU C 566 -74.54 2.49 -21.98
CA LEU C 566 -74.00 1.33 -21.29
C LEU C 566 -72.79 1.74 -20.46
N ARG C 567 -72.80 1.37 -19.19
CA ARG C 567 -71.68 1.65 -18.29
C ARG C 567 -70.89 0.40 -17.92
N LYS C 568 -71.46 -0.80 -18.09
CA LYS C 568 -70.78 -2.04 -17.78
C LYS C 568 -71.15 -3.08 -18.82
N LEU C 569 -70.23 -4.03 -19.05
CA LEU C 569 -70.47 -5.12 -19.99
C LEU C 569 -71.33 -6.18 -19.31
N PRO C 570 -72.44 -6.60 -19.94
CA PRO C 570 -73.28 -7.64 -19.31
C PRO C 570 -72.50 -8.92 -19.09
N ASP C 571 -72.82 -9.61 -17.99
CA ASP C 571 -72.12 -10.84 -17.64
C ASP C 571 -72.36 -11.94 -18.66
N ILE C 572 -73.53 -11.95 -19.30
CA ILE C 572 -73.85 -12.97 -20.29
C ILE C 572 -73.02 -12.84 -21.54
N PHE C 573 -72.39 -11.69 -21.78
CA PHE C 573 -71.56 -11.47 -22.96
C PHE C 573 -70.09 -11.34 -22.62
N GLN C 574 -69.68 -11.79 -21.43
CA GLN C 574 -68.29 -11.71 -20.99
C GLN C 574 -67.50 -12.98 -21.29
N SER C 575 -68.17 -14.09 -21.59
CA SER C 575 -67.49 -15.34 -21.89
C SER C 575 -67.29 -15.56 -23.38
N TYR C 576 -68.02 -14.85 -24.23
CA TYR C 576 -67.90 -15.01 -25.67
C TYR C 576 -66.69 -14.24 -26.18
N ASP C 577 -66.06 -14.78 -27.23
CA ASP C 577 -64.92 -14.14 -27.86
C ASP C 577 -65.31 -13.27 -29.05
N ARG C 578 -66.43 -13.56 -29.71
CA ARG C 578 -66.92 -12.76 -30.82
C ARG C 578 -68.40 -12.50 -30.64
N LEU C 579 -68.82 -11.29 -30.99
CA LEU C 579 -70.21 -10.86 -30.83
C LEU C 579 -70.73 -10.37 -32.17
N LEU C 580 -72.02 -10.64 -32.42
CA LEU C 580 -72.69 -10.19 -33.63
C LEU C 580 -73.51 -8.95 -33.30
N ILE C 581 -73.20 -7.85 -33.96
CA ILE C 581 -73.86 -6.56 -33.72
C ILE C 581 -74.71 -6.22 -34.94
N THR C 582 -75.99 -6.00 -34.71
CA THR C 582 -76.94 -5.65 -35.76
C THR C 582 -77.56 -4.30 -35.46
N SER C 583 -77.50 -3.39 -36.42
CA SER C 583 -78.08 -2.06 -36.30
C SER C 583 -79.40 -2.01 -37.06
N TRP C 584 -80.28 -1.11 -36.61
CA TRP C 584 -81.59 -0.95 -37.25
C TRP C 584 -81.42 -0.43 -38.67
N GLY C 585 -81.78 -1.27 -39.65
CA GLY C 585 -81.68 -0.90 -41.04
C GLY C 585 -80.39 -1.35 -41.69
N HIS C 586 -79.31 -1.39 -40.91
CA HIS C 586 -78.00 -1.75 -41.43
C HIS C 586 -77.85 -3.28 -41.43
N ASP C 587 -76.65 -3.77 -41.69
CA ASP C 587 -76.37 -5.20 -41.78
C ASP C 587 -75.59 -5.66 -40.55
N PRO C 588 -75.74 -6.93 -40.15
CA PRO C 588 -75.03 -7.44 -38.98
C PRO C 588 -73.53 -7.50 -39.21
N GLY C 589 -72.78 -7.41 -38.12
CA GLY C 589 -71.33 -7.49 -38.17
C GLY C 589 -70.73 -8.16 -36.95
N VAL C 590 -69.56 -8.77 -37.11
CA VAL C 590 -68.88 -9.49 -36.05
C VAL C 590 -67.73 -8.63 -35.54
N VAL C 591 -67.69 -8.39 -34.23
CA VAL C 591 -66.66 -7.57 -33.61
C VAL C 591 -66.05 -8.32 -32.44
N PRO C 592 -64.79 -8.06 -32.08
CA PRO C 592 -64.21 -8.72 -30.91
C PRO C 592 -64.83 -8.24 -29.61
N THR C 593 -64.78 -9.11 -28.60
CA THR C 593 -65.39 -8.79 -27.31
C THR C 593 -64.57 -7.73 -26.57
N SER C 594 -63.26 -7.72 -26.77
CA SER C 594 -62.34 -6.88 -26.01
C SER C 594 -62.72 -5.40 -26.08
N ASN C 595 -62.89 -4.86 -27.29
CA ASN C 595 -63.26 -3.46 -27.46
C ASN C 595 -64.62 -3.39 -28.13
N VAL C 596 -65.66 -3.47 -27.31
CA VAL C 596 -67.04 -3.37 -27.78
C VAL C 596 -67.82 -2.27 -27.07
N LEU C 597 -67.45 -1.89 -25.86
CA LEU C 597 -68.20 -0.85 -25.15
C LEU C 597 -68.11 0.50 -25.84
N THR C 598 -66.92 0.86 -26.33
CA THR C 598 -66.75 2.14 -27.02
C THR C 598 -67.57 2.17 -28.30
N MET C 599 -67.55 1.08 -29.07
CA MET C 599 -68.31 1.03 -30.31
C MET C 599 -69.81 1.02 -30.03
N LEU C 600 -70.24 0.29 -28.99
CA LEU C 600 -71.66 0.24 -28.66
C LEU C 600 -72.18 1.60 -28.24
N ASN C 601 -71.41 2.33 -27.43
CA ASN C 601 -71.82 3.65 -27.00
C ASN C 601 -71.88 4.64 -28.16
N ASP C 602 -71.07 4.43 -29.21
CA ASP C 602 -71.11 5.28 -30.38
C ASP C 602 -72.19 4.89 -31.37
N ALA C 603 -72.60 3.62 -31.39
CA ALA C 603 -73.64 3.16 -32.30
C ALA C 603 -75.05 3.35 -31.76
N LEU C 604 -75.19 3.62 -30.47
CA LEU C 604 -76.50 3.84 -29.85
C LEU C 604 -76.95 5.29 -29.94
N THR C 605 -76.12 6.18 -30.47
CA THR C 605 -76.49 7.58 -30.64
C THR C 605 -77.18 7.85 -31.97
N HIS C 606 -77.31 6.84 -32.84
CA HIS C 606 -77.94 7.02 -34.14
C HIS C 606 -79.14 6.11 -34.37
N SER C 607 -79.09 4.86 -33.90
CA SER C 607 -80.18 3.92 -34.10
C SER C 607 -80.08 2.82 -33.04
N ALA C 608 -81.07 1.94 -33.04
CA ALA C 608 -81.10 0.83 -32.11
C ALA C 608 -80.04 -0.21 -32.48
N VAL C 609 -79.51 -0.89 -31.46
CA VAL C 609 -78.45 -1.87 -31.64
C VAL C 609 -78.87 -3.17 -30.95
N LEU C 610 -78.71 -4.28 -31.68
CA LEU C 610 -79.00 -5.61 -31.18
C LEU C 610 -77.68 -6.36 -30.98
N ILE C 611 -77.53 -6.98 -29.80
CA ILE C 611 -76.32 -7.72 -29.45
C ILE C 611 -76.68 -9.19 -29.35
N GLN C 612 -75.94 -10.02 -30.08
CA GLN C 612 -76.16 -11.46 -30.08
C GLN C 612 -74.83 -12.18 -29.93
N GLY C 613 -74.77 -13.16 -29.04
CA GLY C 613 -73.59 -13.99 -28.89
C GLY C 613 -73.32 -14.83 -30.12
N HIS C 614 -72.09 -14.79 -30.62
CA HIS C 614 -71.73 -15.49 -31.85
C HIS C 614 -70.90 -16.75 -31.60
N GLY C 615 -69.78 -16.63 -30.88
CA GLY C 615 -68.93 -17.78 -30.64
C GLY C 615 -68.26 -17.78 -29.28
N LEU C 616 -68.18 -18.95 -28.65
CA LEU C 616 -67.54 -19.06 -27.35
C LEU C 616 -66.03 -19.01 -27.44
N HIS C 617 -65.45 -19.50 -28.55
CA HIS C 617 -64.00 -19.55 -28.67
C HIS C 617 -63.51 -18.99 -30.01
N GLY C 618 -64.33 -18.22 -30.71
CA GLY C 618 -63.92 -17.65 -31.98
C GLY C 618 -65.12 -17.49 -32.90
N ILE C 619 -64.83 -17.58 -34.19
CA ILE C 619 -65.87 -17.44 -35.20
C ILE C 619 -66.79 -18.66 -35.17
N GLY C 620 -68.09 -18.40 -35.06
CA GLY C 620 -69.05 -19.48 -35.01
C GLY C 620 -69.27 -20.14 -36.37
N GLU C 621 -69.90 -21.30 -36.33
CA GLU C 621 -70.19 -22.08 -37.52
C GLU C 621 -71.67 -21.95 -37.85
N THR C 622 -71.97 -21.53 -39.08
CA THR C 622 -73.33 -21.36 -39.55
C THR C 622 -73.62 -22.31 -40.71
N VAL C 623 -74.74 -23.02 -40.61
CA VAL C 623 -75.16 -23.96 -41.63
C VAL C 623 -76.59 -23.62 -42.04
N HIS C 624 -76.82 -23.48 -43.34
CA HIS C 624 -78.14 -23.15 -43.86
C HIS C 624 -78.89 -24.41 -44.25
N VAL C 625 -80.11 -24.53 -43.76
CA VAL C 625 -80.98 -25.68 -44.01
C VAL C 625 -82.09 -25.23 -44.94
N PRO C 626 -82.14 -25.74 -46.18
CA PRO C 626 -83.19 -25.29 -47.11
C PRO C 626 -84.54 -25.92 -46.79
N PHE C 627 -85.60 -25.13 -46.97
CA PHE C 627 -86.97 -25.56 -46.80
C PHE C 627 -87.78 -25.15 -48.02
N PRO C 628 -88.92 -25.80 -48.31
CA PRO C 628 -89.67 -26.82 -47.58
C PRO C 628 -88.94 -28.16 -47.41
N PHE C 629 -89.27 -28.87 -46.34
CA PHE C 629 -88.65 -30.16 -46.05
C PHE C 629 -89.35 -31.28 -46.82
N ASP C 630 -88.56 -32.20 -47.34
CA ASP C 630 -89.07 -33.37 -48.03
C ASP C 630 -89.22 -34.51 -47.01
N GLU C 631 -89.63 -35.69 -47.48
CA GLU C 631 -89.81 -36.84 -46.60
C GLU C 631 -88.53 -37.62 -46.39
N THR C 632 -87.50 -37.37 -47.18
CA THR C 632 -86.24 -38.12 -47.07
C THR C 632 -85.39 -37.69 -45.90
N GLU C 633 -85.42 -36.40 -45.53
CA GLU C 633 -84.56 -35.88 -44.48
C GLU C 633 -85.26 -35.80 -43.12
N LEU C 634 -86.46 -36.35 -42.99
CA LEU C 634 -87.18 -36.39 -41.73
C LEU C 634 -87.21 -37.80 -41.15
N GLN C 635 -86.29 -38.67 -41.57
CA GLN C 635 -86.27 -40.06 -41.16
C GLN C 635 -84.97 -40.44 -40.44
N GLY C 636 -83.83 -39.95 -40.91
CA GLY C 636 -82.55 -40.33 -40.36
C GLY C 636 -82.24 -39.65 -39.04
N GLU C 637 -81.10 -40.03 -38.47
CA GLU C 637 -80.65 -39.46 -37.21
C GLU C 637 -80.01 -38.10 -37.43
N PHE C 638 -79.68 -37.44 -36.32
CA PHE C 638 -79.09 -36.11 -36.39
C PHE C 638 -77.64 -36.19 -36.86
N THR C 639 -77.33 -35.44 -37.91
CA THR C 639 -75.99 -35.40 -38.48
C THR C 639 -75.86 -34.07 -39.22
N ARG C 640 -74.62 -33.65 -39.50
CA ARG C 640 -74.40 -32.41 -40.22
C ARG C 640 -75.01 -32.44 -41.63
N VAL C 641 -75.00 -33.58 -42.30
CA VAL C 641 -75.59 -33.67 -43.63
C VAL C 641 -77.12 -33.58 -43.55
N ASN C 642 -77.71 -34.24 -42.56
CA ASN C 642 -79.15 -34.27 -42.39
C ASN C 642 -79.52 -33.60 -41.07
N MET C 643 -79.98 -32.35 -41.14
CA MET C 643 -80.29 -31.57 -39.94
C MET C 643 -81.76 -31.17 -39.89
N GLY C 644 -82.65 -32.00 -40.43
CA GLY C 644 -84.06 -31.68 -40.43
C GLY C 644 -84.83 -32.39 -39.32
N VAL C 645 -84.11 -32.90 -38.33
CA VAL C 645 -84.71 -33.63 -37.21
C VAL C 645 -84.59 -32.89 -35.90
N HIS C 646 -83.99 -31.70 -35.90
CA HIS C 646 -83.86 -30.91 -34.68
C HIS C 646 -85.24 -30.52 -34.16
N LYS C 647 -85.40 -30.58 -32.84
CA LYS C 647 -86.69 -30.25 -32.23
C LYS C 647 -87.07 -28.79 -32.43
N ALA C 648 -86.09 -27.90 -32.65
CA ALA C 648 -86.40 -26.50 -32.88
C ALA C 648 -87.19 -26.31 -34.18
N LEU C 649 -86.82 -27.04 -35.24
CA LEU C 649 -87.53 -26.95 -36.50
C LEU C 649 -88.88 -27.64 -36.49
N GLN C 650 -89.09 -28.59 -35.59
CA GLN C 650 -90.38 -29.26 -35.49
C GLN C 650 -91.49 -28.30 -35.04
N ILE C 651 -91.18 -27.46 -34.05
CA ILE C 651 -92.16 -26.48 -33.59
C ILE C 651 -92.40 -25.42 -34.65
N LEU C 652 -91.33 -24.97 -35.31
CA LEU C 652 -91.45 -23.93 -36.33
C LEU C 652 -92.28 -24.40 -37.52
N ARG C 653 -92.25 -25.70 -37.82
CA ARG C 653 -92.96 -26.23 -38.97
C ARG C 653 -94.48 -26.22 -38.81
N ASN C 654 -94.99 -26.09 -37.58
CA ASN C 654 -96.41 -26.15 -37.32
C ASN C 654 -97.03 -24.79 -37.05
N ARG C 655 -96.23 -23.72 -37.05
CA ARG C 655 -96.75 -22.39 -36.74
C ARG C 655 -96.45 -21.39 -37.84
N VAL C 656 -95.31 -21.55 -38.50
CA VAL C 656 -94.86 -20.59 -39.52
C VAL C 656 -95.34 -21.09 -40.88
N ASP C 657 -95.82 -22.34 -40.92
CA ASP C 657 -96.29 -22.97 -42.15
C ASP C 657 -95.18 -23.01 -43.19
N LEU C 658 -94.10 -23.74 -42.89
CA LEU C 658 -92.98 -23.88 -43.81
C LEU C 658 -93.22 -25.01 -44.80
N GLN C 659 -94.33 -24.95 -45.53
CA GLN C 659 -94.65 -25.98 -46.51
C GLN C 659 -94.94 -25.43 -47.90
N HIS C 660 -95.19 -24.13 -48.06
CA HIS C 660 -95.48 -23.54 -49.36
C HIS C 660 -94.60 -22.32 -49.62
N LEU C 661 -93.50 -22.20 -48.88
CA LEU C 661 -92.60 -21.06 -49.05
C LEU C 661 -91.17 -21.58 -49.14
N CYS C 662 -90.34 -20.85 -49.85
CA CYS C 662 -88.94 -21.21 -50.05
C CYS C 662 -88.02 -20.28 -49.25
N GLY C 663 -86.81 -20.76 -49.01
CA GLY C 663 -85.83 -19.98 -48.26
C GLY C 663 -84.81 -20.90 -47.61
N TYR C 664 -84.21 -20.40 -46.53
CA TYR C 664 -83.22 -21.14 -45.78
C TYR C 664 -83.32 -20.79 -44.30
N VAL C 665 -82.82 -21.69 -43.45
CA VAL C 665 -82.81 -21.51 -42.00
C VAL C 665 -81.36 -21.58 -41.55
N THR C 666 -80.91 -20.55 -40.83
CA THR C 666 -79.53 -20.49 -40.38
C THR C 666 -79.44 -20.99 -38.93
N MET C 667 -78.51 -21.92 -38.70
CA MET C 667 -78.29 -22.48 -37.37
C MET C 667 -76.86 -22.16 -36.94
N LEU C 668 -76.70 -21.67 -35.72
CA LEU C 668 -75.42 -21.22 -35.21
C LEU C 668 -74.88 -22.22 -34.18
N ASN C 669 -73.58 -22.51 -34.28
CA ASN C 669 -72.89 -23.40 -33.35
C ASN C 669 -71.73 -22.62 -32.73
N ALA C 670 -71.91 -22.14 -31.50
CA ALA C 670 -70.89 -21.34 -30.83
C ALA C 670 -69.88 -22.18 -30.07
N SER C 671 -70.11 -23.49 -29.94
CA SER C 671 -69.20 -24.37 -29.20
C SER C 671 -68.15 -25.01 -30.09
N SER C 672 -68.14 -24.73 -31.39
CA SER C 672 -67.16 -25.31 -32.29
C SER C 672 -65.78 -24.76 -32.01
N GLN C 673 -64.77 -25.65 -32.07
CA GLN C 673 -63.40 -25.25 -31.85
C GLN C 673 -62.78 -24.94 -33.19
N LEU C 674 -62.79 -25.86 -34.16
CA LEU C 674 -62.21 -25.60 -35.47
C LEU C 674 -63.29 -25.59 -36.55
N THR C 724 -72.14 -35.03 -33.72
CA THR C 724 -72.46 -33.89 -32.88
C THR C 724 -73.80 -34.09 -32.17
N THR C 725 -74.04 -33.28 -31.15
CA THR C 725 -75.27 -33.33 -30.38
C THR C 725 -76.26 -32.28 -30.86
N GLU C 726 -77.49 -32.37 -30.36
CA GLU C 726 -78.55 -31.45 -30.73
C GLU C 726 -78.64 -30.25 -29.81
N ALA C 727 -77.82 -30.20 -28.76
CA ALA C 727 -77.83 -29.08 -27.82
C ALA C 727 -76.81 -28.00 -28.18
N ASP C 728 -75.97 -28.23 -29.20
CA ASP C 728 -74.97 -27.26 -29.62
C ASP C 728 -75.41 -26.44 -30.83
N TRP C 729 -76.61 -26.69 -31.36
CA TRP C 729 -77.12 -25.99 -32.52
C TRP C 729 -78.41 -25.27 -32.15
N VAL C 730 -78.48 -23.98 -32.45
CA VAL C 730 -79.67 -23.18 -32.16
C VAL C 730 -80.06 -22.39 -33.41
N PRO C 731 -81.34 -22.11 -33.63
CA PRO C 731 -81.72 -21.29 -34.78
C PRO C 731 -81.23 -19.87 -34.63
N LEU C 732 -80.94 -19.23 -35.76
CA LEU C 732 -80.45 -17.85 -35.77
C LEU C 732 -81.33 -16.90 -36.57
N GLU C 733 -81.82 -17.33 -37.75
CA GLU C 733 -82.63 -16.46 -38.58
C GLU C 733 -83.47 -17.25 -39.57
N LEU C 734 -84.66 -16.76 -39.87
CA LEU C 734 -85.55 -17.37 -40.86
C LEU C 734 -85.72 -16.38 -42.01
N CYS C 735 -85.36 -16.81 -43.22
CA CYS C 735 -85.42 -15.96 -44.40
C CYS C 735 -86.29 -16.61 -45.47
N PHE C 736 -87.00 -15.76 -46.21
CA PHE C 736 -87.88 -16.19 -47.28
C PHE C 736 -87.40 -15.61 -48.61
N GLY C 737 -87.48 -16.42 -49.65
CA GLY C 737 -87.09 -16.02 -50.99
C GLY C 737 -86.07 -16.97 -51.59
N ILE C 738 -85.43 -16.52 -52.65
CA ILE C 738 -84.40 -17.29 -53.35
C ILE C 738 -83.04 -16.75 -52.94
N PRO C 739 -82.25 -17.49 -52.15
CA PRO C 739 -80.95 -16.97 -51.71
C PRO C 739 -79.94 -16.99 -52.86
N LEU C 740 -79.25 -15.87 -53.04
CA LEU C 740 -78.18 -15.74 -54.03
C LEU C 740 -76.92 -15.28 -53.31
N PHE C 741 -76.21 -16.23 -52.70
CA PHE C 741 -74.88 -15.96 -52.17
C PHE C 741 -73.95 -17.12 -52.45
N SER C 742 -74.51 -18.26 -52.84
CA SER C 742 -73.74 -19.46 -53.14
C SER C 742 -74.45 -20.26 -54.22
N SER C 743 -73.65 -21.00 -55.00
CA SER C 743 -74.20 -21.79 -56.09
C SER C 743 -74.88 -23.06 -55.59
N GLU C 744 -74.35 -23.67 -54.53
CA GLU C 744 -74.89 -24.94 -54.05
C GLU C 744 -76.31 -24.78 -53.51
N LEU C 745 -76.53 -23.77 -52.66
CA LEU C 745 -77.84 -23.60 -52.06
C LEU C 745 -78.89 -23.19 -53.09
N ASN C 746 -78.48 -22.41 -54.10
CA ASN C 746 -79.43 -21.94 -55.10
C ASN C 746 -80.02 -23.11 -55.90
N ARG C 747 -79.18 -24.07 -56.27
CA ARG C 747 -79.66 -25.21 -57.06
C ARG C 747 -80.65 -26.05 -56.27
N LYS C 748 -80.39 -26.28 -54.98
CA LYS C 748 -81.32 -27.05 -54.15
C LYS C 748 -82.65 -26.31 -54.00
N VAL C 749 -82.59 -24.99 -53.76
CA VAL C 749 -83.81 -24.22 -53.56
C VAL C 749 -84.66 -24.21 -54.83
N CYS C 750 -84.01 -23.99 -55.98
CA CYS C 750 -84.74 -23.96 -57.25
C CYS C 750 -85.39 -25.30 -57.56
N ARG C 751 -84.69 -26.40 -57.28
CA ARG C 751 -85.23 -27.72 -57.55
C ARG C 751 -86.45 -28.02 -56.70
N LYS C 752 -86.51 -27.47 -55.48
CA LYS C 752 -87.66 -27.71 -54.61
C LYS C 752 -88.90 -26.98 -55.10
N ILE C 753 -88.74 -26.00 -55.99
CA ILE C 753 -89.86 -25.21 -56.51
C ILE C 753 -90.30 -25.85 -57.81
N ALA C 754 -89.57 -26.86 -58.26
CA ALA C 754 -89.88 -27.53 -59.53
C ALA C 754 -90.46 -28.91 -59.27
N ALA C 755 -90.37 -29.38 -58.02
CA ALA C 755 -90.92 -30.67 -57.62
C ALA C 755 -92.20 -30.54 -56.80
N HIS C 756 -92.15 -29.76 -55.72
CA HIS C 756 -93.34 -29.58 -54.89
C HIS C 756 -94.43 -28.83 -55.64
N GLY C 757 -94.02 -27.87 -56.47
CA GLY C 757 -94.98 -27.07 -57.26
C GLY C 757 -95.54 -25.92 -56.46
N LEU C 758 -94.71 -24.94 -56.13
CA LEU C 758 -95.15 -23.83 -55.28
C LEU C 758 -95.51 -22.64 -56.17
N CYS C 759 -95.96 -22.89 -57.39
CA CYS C 759 -96.40 -21.78 -58.26
C CYS C 759 -97.61 -22.25 -59.07
N ARG C 760 -98.17 -23.40 -58.72
CA ARG C 760 -99.39 -23.90 -59.38
C ARG C 760 -100.58 -23.22 -58.68
N LYS C 761 -101.50 -22.61 -59.43
CA LYS C 761 -102.62 -21.83 -58.81
C LYS C 761 -103.34 -22.61 -57.70
N GLU C 762 -103.64 -23.88 -57.92
CA GLU C 762 -104.36 -24.70 -56.93
C GLU C 762 -103.68 -24.58 -55.58
N SER C 763 -102.36 -24.64 -55.56
CA SER C 763 -101.61 -24.51 -54.31
C SER C 763 -101.33 -23.06 -53.93
N LEU C 764 -101.51 -22.11 -54.85
CA LEU C 764 -101.27 -20.70 -54.52
C LEU C 764 -102.42 -20.11 -53.71
N GLN C 765 -103.62 -20.64 -53.86
CA GLN C 765 -104.75 -20.12 -53.10
C GLN C 765 -104.60 -20.40 -51.60
N ASN C 766 -103.85 -21.44 -51.25
CA ASN C 766 -103.54 -21.70 -49.85
C ASN C 766 -102.47 -20.77 -49.31
N LEU C 767 -101.69 -20.14 -50.18
CA LEU C 767 -100.68 -19.19 -49.74
C LEU C 767 -101.29 -17.93 -49.15
N LEU C 768 -102.43 -17.49 -49.65
CA LEU C 768 -103.06 -16.28 -49.14
C LEU C 768 -103.51 -16.44 -47.69
N HIS C 769 -104.08 -17.60 -47.36
CA HIS C 769 -104.53 -17.84 -46.00
C HIS C 769 -103.37 -17.84 -45.01
N SER C 770 -102.26 -18.47 -45.38
CA SER C 770 -101.09 -18.51 -44.51
C SER C 770 -100.43 -17.14 -44.37
N SER C 771 -100.42 -16.34 -45.44
CA SER C 771 -99.81 -15.03 -45.39
C SER C 771 -100.60 -14.06 -44.52
N ARG C 772 -101.92 -14.25 -44.43
CA ARG C 772 -102.77 -13.39 -43.60
C ARG C 772 -102.91 -13.90 -42.18
N LYS C 773 -102.22 -14.98 -41.82
CA LYS C 773 -102.18 -15.50 -40.46
C LYS C 773 -100.89 -15.14 -39.75
N LEU C 774 -99.75 -15.27 -40.43
CA LEU C 774 -98.48 -14.86 -39.83
C LEU C 774 -98.39 -13.35 -39.62
N SER C 775 -98.97 -12.57 -40.54
CA SER C 775 -98.94 -11.11 -40.42
C SER C 775 -99.66 -10.64 -39.16
N LEU C 776 -100.83 -11.22 -38.89
CA LEU C 776 -101.58 -10.87 -37.69
C LEU C 776 -100.85 -11.31 -36.42
N GLN C 777 -100.24 -12.50 -36.42
CA GLN C 777 -99.50 -12.97 -35.25
C GLN C 777 -98.27 -12.11 -34.98
N VAL C 778 -97.54 -11.73 -36.05
CA VAL C 778 -96.38 -10.88 -35.87
C VAL C 778 -96.78 -9.50 -35.37
N LEU C 779 -97.85 -8.94 -35.92
CA LEU C 779 -98.34 -7.62 -35.52
C LEU C 779 -98.91 -7.61 -34.11
N ASN C 780 -99.18 -8.77 -33.52
CA ASN C 780 -99.67 -8.87 -32.15
C ASN C 780 -98.54 -9.05 -31.14
N PHE C 781 -97.55 -9.89 -31.47
CA PHE C 781 -96.40 -10.05 -30.58
C PHE C 781 -95.59 -8.76 -30.48
N VAL C 782 -95.42 -8.06 -31.61
CA VAL C 782 -94.70 -6.78 -31.59
C VAL C 782 -95.47 -5.74 -30.78
N HIS C 783 -96.78 -5.66 -30.97
CA HIS C 783 -97.58 -4.69 -30.23
C HIS C 783 -97.66 -5.05 -28.75
N SER C 784 -97.51 -6.35 -28.43
CA SER C 784 -97.57 -6.78 -27.04
C SER C 784 -96.43 -6.19 -26.23
N PHE C 785 -95.20 -6.35 -26.72
CA PHE C 785 -94.03 -5.78 -26.05
C PHE C 785 -93.65 -4.40 -26.59
N GLN C 786 -94.61 -3.49 -26.67
CA GLN C 786 -94.34 -2.12 -27.10
C GLN C 786 -95.11 -1.14 -26.22
N GLU C 787 -96.08 -1.67 -25.47
CA GLU C 787 -96.92 -0.83 -24.60
C GLU C 787 -96.11 -0.22 -23.45
N GLY C 813 -91.49 3.10 -41.44
CA GLY C 813 -91.69 1.71 -41.76
C GLY C 813 -91.96 0.84 -40.54
N VAL C 814 -91.01 -0.03 -40.22
CA VAL C 814 -91.12 -0.91 -39.06
C VAL C 814 -91.08 -0.06 -37.79
N PRO C 815 -92.04 -0.24 -36.87
CA PRO C 815 -92.04 0.56 -35.63
C PRO C 815 -90.77 0.36 -34.82
N LEU C 816 -90.23 1.44 -34.28
CA LEU C 816 -89.01 1.36 -33.47
C LEU C 816 -89.33 0.81 -32.09
N PRO C 817 -88.45 0.00 -31.50
CA PRO C 817 -88.69 -0.50 -30.14
C PRO C 817 -88.68 0.64 -29.13
N ALA C 818 -89.49 0.48 -28.09
CA ALA C 818 -89.58 1.47 -27.02
C ALA C 818 -88.99 1.00 -25.70
N LYS C 819 -88.97 -0.30 -25.45
CA LYS C 819 -88.43 -0.85 -24.22
C LYS C 819 -87.21 -1.71 -24.52
N ASN C 820 -86.54 -2.13 -23.44
CA ASN C 820 -85.36 -2.98 -23.54
C ASN C 820 -85.76 -4.43 -23.25
N LEU C 821 -85.44 -5.33 -24.18
CA LEU C 821 -85.78 -6.74 -24.08
C LEU C 821 -84.53 -7.58 -24.05
N ILE C 822 -84.52 -8.60 -23.20
CA ILE C 822 -83.40 -9.52 -23.07
C ILE C 822 -83.92 -10.95 -23.21
N PHE C 823 -83.11 -11.79 -23.85
CA PHE C 823 -83.44 -13.19 -24.07
C PHE C 823 -82.35 -14.05 -23.44
N LYS C 824 -82.71 -14.77 -22.38
CA LYS C 824 -81.79 -15.67 -21.72
C LYS C 824 -82.57 -16.86 -21.18
N ASP C 825 -81.97 -18.05 -21.26
CA ASP C 825 -82.57 -19.29 -20.80
C ASP C 825 -83.89 -19.62 -21.48
N GLY C 826 -84.16 -19.02 -22.63
CA GLY C 826 -85.38 -19.27 -23.37
C GLY C 826 -86.58 -18.46 -22.96
N VAL C 827 -86.41 -17.44 -22.12
CA VAL C 827 -87.52 -16.61 -21.64
C VAL C 827 -87.29 -15.18 -22.07
N LEU C 828 -88.28 -14.57 -22.70
CA LEU C 828 -88.22 -13.17 -23.11
C LEU C 828 -88.85 -12.30 -22.03
N SER C 829 -88.10 -11.31 -21.56
CA SER C 829 -88.55 -10.42 -20.51
C SER C 829 -88.05 -9.01 -20.82
N GLU C 830 -88.17 -8.12 -19.84
CA GLU C 830 -87.75 -6.74 -19.98
C GLU C 830 -86.50 -6.53 -19.13
N TRP C 831 -85.42 -6.08 -19.76
CA TRP C 831 -84.15 -5.91 -19.07
C TRP C 831 -84.18 -4.68 -18.17
N SER C 832 -83.80 -4.88 -16.91
CA SER C 832 -83.80 -3.79 -15.94
C SER C 832 -82.55 -2.94 -16.08
N GLY C 833 -81.38 -3.55 -15.91
CA GLY C 833 -80.13 -2.83 -16.01
C GLY C 833 -79.10 -3.27 -14.98
N PHE D 8 -90.77 13.07 -5.28
CA PHE D 8 -89.53 13.21 -6.04
C PHE D 8 -88.66 14.30 -5.44
N LYS D 9 -87.84 13.93 -4.46
CA LYS D 9 -86.94 14.87 -3.80
C LYS D 9 -85.68 15.07 -4.62
N VAL D 10 -85.27 16.32 -4.78
CA VAL D 10 -84.09 16.70 -5.54
C VAL D 10 -83.06 17.28 -4.57
N SER D 11 -81.85 16.72 -4.61
CA SER D 11 -80.76 17.16 -3.76
C SER D 11 -79.73 17.93 -4.58
N ALA D 12 -79.05 18.86 -3.92
CA ALA D 12 -78.05 19.69 -4.60
C ALA D 12 -76.85 18.83 -4.99
N ARG D 13 -76.44 18.95 -6.26
CA ARG D 13 -75.31 18.19 -6.78
C ARG D 13 -74.73 18.93 -7.97
N THR D 14 -73.52 18.54 -8.35
CA THR D 14 -72.82 19.16 -9.46
C THR D 14 -72.32 18.07 -10.41
N LEU D 15 -72.19 18.45 -11.69
CA LEU D 15 -71.73 17.54 -12.74
C LEU D 15 -70.40 18.02 -13.28
N THR D 16 -69.51 17.08 -13.58
CA THR D 16 -68.17 17.36 -14.08
C THR D 16 -68.08 17.00 -15.55
N GLY D 17 -67.20 17.71 -16.26
CA GLY D 17 -67.02 17.49 -17.67
C GLY D 17 -65.61 17.09 -18.06
N ALA D 18 -65.02 17.81 -19.01
CA ALA D 18 -63.69 17.50 -19.50
C ALA D 18 -62.64 17.94 -18.48
N LEU D 19 -61.42 17.45 -18.68
CA LEU D 19 -60.29 17.78 -17.81
C LEU D 19 -59.44 18.87 -18.44
N ASN D 20 -58.54 19.43 -17.63
CA ASN D 20 -57.67 20.51 -18.04
C ASN D 20 -56.23 20.00 -18.17
N ALA D 21 -55.39 20.81 -18.81
CA ALA D 21 -54.00 20.44 -19.00
C ALA D 21 -53.23 20.41 -17.68
N HIS D 22 -53.67 21.16 -16.68
CA HIS D 22 -53.02 21.17 -15.38
C HIS D 22 -53.32 19.94 -14.54
N ASN D 23 -54.33 19.15 -14.93
CA ASN D 23 -54.70 17.92 -14.23
C ASN D 23 -54.18 16.68 -14.91
N LYS D 24 -53.01 16.78 -15.55
CA LYS D 24 -52.46 15.63 -16.27
C LYS D 24 -52.10 14.49 -15.31
N ALA D 25 -51.53 14.82 -14.16
CA ALA D 25 -51.08 13.83 -13.19
C ALA D 25 -51.82 13.97 -11.86
N ALA D 26 -53.13 14.21 -11.93
CA ALA D 26 -53.97 14.32 -10.74
C ALA D 26 -54.91 13.11 -10.72
N VAL D 27 -54.40 12.00 -10.18
CA VAL D 27 -55.17 10.75 -10.08
C VAL D 27 -54.46 9.82 -9.11
N ASP D 28 -55.22 9.04 -8.36
CA ASP D 28 -54.65 8.09 -7.41
C ASP D 28 -55.68 7.02 -7.09
N TRP D 29 -55.19 5.79 -6.88
CA TRP D 29 -56.03 4.66 -6.50
C TRP D 29 -55.58 4.19 -5.13
N GLY D 30 -56.40 4.45 -4.11
CA GLY D 30 -56.08 4.06 -2.76
C GLY D 30 -56.41 2.61 -2.46
N TRP D 31 -56.02 2.19 -1.26
CA TRP D 31 -56.28 0.83 -0.81
C TRP D 31 -57.73 0.61 -0.42
N GLN D 32 -58.51 1.68 -0.24
CA GLN D 32 -59.92 1.56 0.14
C GLN D 32 -60.80 1.06 -1.00
N GLY D 33 -60.30 1.05 -2.23
CA GLY D 33 -61.08 0.61 -3.37
C GLY D 33 -61.75 1.70 -4.16
N LEU D 34 -61.42 2.97 -3.92
CA LEU D 34 -62.03 4.10 -4.61
C LEU D 34 -60.99 4.81 -5.47
N ILE D 35 -61.44 5.33 -6.60
CA ILE D 35 -60.60 6.03 -7.56
C ILE D 35 -60.95 7.51 -7.53
N ALA D 36 -59.96 8.37 -7.34
CA ALA D 36 -60.14 9.81 -7.28
C ALA D 36 -59.27 10.47 -8.34
N TYR D 37 -59.86 11.40 -9.09
CA TYR D 37 -59.16 12.14 -10.12
C TYR D 37 -59.50 13.63 -10.01
N GLY D 38 -58.58 14.46 -10.48
CA GLY D 38 -58.74 15.90 -10.37
C GLY D 38 -59.42 16.54 -11.56
N CYS D 39 -60.55 17.22 -11.30
CA CYS D 39 -61.26 17.96 -12.33
C CYS D 39 -60.62 19.35 -12.48
N HIS D 40 -61.31 20.25 -13.19
CA HIS D 40 -60.81 21.61 -13.34
C HIS D 40 -60.63 22.29 -11.99
N SER D 41 -61.66 22.22 -11.14
CA SER D 41 -61.57 22.74 -9.78
C SER D 41 -62.26 21.82 -8.78
N LEU D 42 -62.53 20.57 -9.16
CA LEU D 42 -63.29 19.64 -8.34
C LEU D 42 -62.52 18.35 -8.16
N VAL D 43 -62.87 17.62 -7.10
CA VAL D 43 -62.32 16.30 -6.82
C VAL D 43 -63.47 15.30 -6.88
N VAL D 44 -63.34 14.30 -7.74
CA VAL D 44 -64.40 13.32 -7.98
C VAL D 44 -63.89 11.95 -7.56
N VAL D 45 -64.69 11.26 -6.74
CA VAL D 45 -64.36 9.92 -6.28
C VAL D 45 -65.32 8.95 -6.95
N ILE D 46 -64.76 7.97 -7.68
CA ILE D 46 -65.54 6.98 -8.40
C ILE D 46 -65.04 5.59 -8.03
N ASP D 47 -65.91 4.61 -8.25
CA ASP D 47 -65.59 3.22 -7.98
C ASP D 47 -65.22 2.50 -9.27
N SER D 48 -64.68 1.29 -9.11
CA SER D 48 -64.32 0.44 -10.24
C SER D 48 -65.37 -0.63 -10.53
N ILE D 49 -65.92 -1.25 -9.48
CA ILE D 49 -66.96 -2.24 -9.68
C ILE D 49 -68.26 -1.60 -10.14
N THR D 50 -68.65 -0.48 -9.52
CA THR D 50 -69.90 0.19 -9.82
C THR D 50 -69.76 1.27 -10.88
N ALA D 51 -68.65 2.00 -10.88
CA ALA D 51 -68.32 3.00 -11.91
C ALA D 51 -69.39 4.09 -11.99
N GLN D 52 -69.54 4.84 -10.90
CA GLN D 52 -70.42 5.99 -10.86
C GLN D 52 -69.86 7.03 -9.90
N THR D 53 -70.32 8.27 -10.07
CA THR D 53 -69.89 9.35 -9.19
C THR D 53 -70.43 9.14 -7.78
N LEU D 54 -69.57 9.35 -6.78
CA LEU D 54 -69.94 9.14 -5.38
C LEU D 54 -69.94 10.45 -4.60
N GLN D 55 -68.83 11.20 -4.62
CA GLN D 55 -68.71 12.42 -3.84
C GLN D 55 -67.88 13.44 -4.63
N VAL D 56 -68.34 14.69 -4.65
CA VAL D 56 -67.65 15.78 -5.31
C VAL D 56 -67.34 16.85 -4.27
N LEU D 57 -66.10 17.32 -4.25
CA LEU D 57 -65.63 18.29 -3.28
C LEU D 57 -65.37 19.63 -3.96
N GLU D 58 -65.80 20.71 -3.31
CA GLU D 58 -65.67 22.07 -3.85
C GLU D 58 -65.11 22.99 -2.75
N LYS D 59 -63.78 23.05 -2.67
CA LYS D 59 -63.12 24.02 -1.80
C LYS D 59 -61.93 24.72 -2.44
N HIS D 60 -61.27 24.12 -3.43
CA HIS D 60 -60.09 24.75 -4.03
C HIS D 60 -60.50 25.94 -4.89
N LYS D 61 -59.68 26.99 -4.85
CA LYS D 61 -59.91 28.19 -5.62
C LYS D 61 -59.15 28.21 -6.95
N ALA D 62 -58.45 27.13 -7.28
CA ALA D 62 -57.67 27.07 -8.52
C ALA D 62 -57.64 25.63 -8.99
N ASP D 63 -56.76 25.35 -9.96
CA ASP D 63 -56.65 24.01 -10.52
C ASP D 63 -56.00 23.07 -9.51
N VAL D 64 -56.41 21.80 -9.55
CA VAL D 64 -55.86 20.76 -8.70
C VAL D 64 -54.86 19.95 -9.51
N VAL D 65 -53.64 19.83 -8.99
CA VAL D 65 -52.57 19.17 -9.71
C VAL D 65 -52.15 17.83 -9.09
N LYS D 66 -52.33 17.66 -7.77
CA LYS D 66 -51.90 16.44 -7.10
C LYS D 66 -53.01 15.95 -6.17
N VAL D 67 -53.33 14.67 -6.27
CA VAL D 67 -54.30 14.03 -5.38
C VAL D 67 -53.70 12.70 -4.93
N LYS D 68 -53.64 12.49 -3.61
CA LYS D 68 -53.07 11.27 -3.04
C LYS D 68 -53.98 10.75 -1.94
N TRP D 69 -54.05 9.43 -1.83
CA TRP D 69 -54.86 8.77 -0.82
C TRP D 69 -54.01 8.41 0.41
N ALA D 70 -54.70 8.20 1.53
CA ALA D 70 -54.02 7.84 2.76
C ALA D 70 -53.56 6.38 2.72
N ARG D 71 -52.56 6.08 3.53
CA ARG D 71 -52.01 4.73 3.63
C ARG D 71 -52.46 4.10 4.95
N GLU D 72 -53.00 2.90 4.87
CA GLU D 72 -53.52 2.17 6.04
C GLU D 72 -52.60 0.98 6.31
N ASN D 73 -51.66 1.17 7.24
CA ASN D 73 -50.72 0.13 7.64
C ASN D 73 -50.62 0.09 9.17
N TYR D 74 -51.78 0.08 9.83
CA TYR D 74 -51.81 0.07 11.29
C TYR D 74 -53.04 -0.72 11.74
N HIS D 75 -52.99 -1.18 12.98
CA HIS D 75 -54.11 -1.91 13.56
C HIS D 75 -55.31 -1.01 13.75
N HIS D 76 -56.50 -1.55 13.51
CA HIS D 76 -57.74 -0.81 13.60
C HIS D 76 -58.52 -1.27 14.83
N ASN D 77 -59.00 -0.30 15.61
CA ASN D 77 -59.75 -0.59 16.82
C ASN D 77 -60.77 0.53 17.02
N ILE D 78 -61.33 0.62 18.23
CA ILE D 78 -62.32 1.65 18.52
C ILE D 78 -61.69 3.04 18.43
N GLY D 79 -60.49 3.20 19.00
CA GLY D 79 -59.83 4.48 18.97
C GLY D 79 -59.45 4.94 17.57
N SER D 80 -59.05 4.01 16.71
CA SER D 80 -58.65 4.30 15.34
C SER D 80 -59.45 3.42 14.39
N PRO D 81 -60.70 3.74 14.13
CA PRO D 81 -61.54 2.93 13.24
C PRO D 81 -61.26 3.26 11.78
N TYR D 82 -61.98 2.59 10.90
CA TYR D 82 -61.83 2.81 9.46
C TYR D 82 -62.36 4.19 9.10
N CYS D 83 -61.55 4.95 8.36
CA CYS D 83 -61.91 6.30 7.94
C CYS D 83 -61.35 6.56 6.55
N LEU D 84 -61.94 7.53 5.86
CA LEU D 84 -61.52 7.93 4.53
C LEU D 84 -60.80 9.28 4.63
N ARG D 85 -59.57 9.33 4.14
CA ARG D 85 -58.77 10.55 4.16
C ARG D 85 -58.17 10.78 2.79
N LEU D 86 -58.21 12.03 2.34
CA LEU D 86 -57.70 12.41 1.03
C LEU D 86 -56.88 13.69 1.17
N ALA D 87 -55.83 13.80 0.35
CA ALA D 87 -54.97 14.96 0.32
C ALA D 87 -54.91 15.51 -1.11
N SER D 88 -55.11 16.82 -1.24
CA SER D 88 -55.10 17.48 -2.54
C SER D 88 -54.23 18.73 -2.48
N ALA D 89 -53.62 19.05 -3.61
CA ALA D 89 -52.77 20.22 -3.73
C ALA D 89 -53.17 21.02 -4.97
N ASP D 90 -52.99 22.33 -4.90
CA ASP D 90 -53.34 23.24 -5.97
C ASP D 90 -52.09 24.00 -6.44
N VAL D 91 -52.29 24.88 -7.43
CA VAL D 91 -51.18 25.68 -7.94
C VAL D 91 -50.84 26.87 -7.05
N ASN D 92 -51.65 27.15 -6.04
CA ASN D 92 -51.42 28.26 -5.13
C ASN D 92 -50.63 27.86 -3.89
N GLY D 93 -50.19 26.60 -3.81
CA GLY D 93 -49.43 26.16 -2.65
C GLY D 93 -50.26 25.81 -1.44
N LYS D 94 -51.53 25.44 -1.64
CA LYS D 94 -52.44 25.10 -0.55
C LYS D 94 -52.66 23.60 -0.54
N ILE D 95 -52.48 22.98 0.63
CA ILE D 95 -52.69 21.56 0.82
C ILE D 95 -53.83 21.38 1.81
N ILE D 96 -54.86 20.65 1.41
CA ILE D 96 -56.06 20.46 2.22
C ILE D 96 -56.28 18.97 2.45
N VAL D 97 -56.48 18.61 3.71
CA VAL D 97 -56.82 17.23 4.07
C VAL D 97 -58.33 17.07 3.98
N TRP D 98 -58.76 16.05 3.24
CA TRP D 98 -60.17 15.86 2.94
C TRP D 98 -60.75 14.68 3.71
N ASP D 99 -62.01 14.83 4.12
CA ASP D 99 -62.77 13.77 4.78
C ASP D 99 -63.90 13.39 3.82
N VAL D 100 -63.74 12.23 3.15
CA VAL D 100 -64.69 11.83 2.14
C VAL D 100 -66.05 11.51 2.76
N ALA D 101 -66.04 10.93 3.97
CA ALA D 101 -67.30 10.54 4.60
C ALA D 101 -68.18 11.74 4.90
N ALA D 102 -67.60 12.82 5.39
CA ALA D 102 -68.37 14.01 5.75
C ALA D 102 -68.30 15.13 4.71
N GLY D 103 -67.34 15.08 3.79
CA GLY D 103 -67.19 16.13 2.81
C GLY D 103 -66.83 17.47 3.41
N VAL D 104 -66.06 17.48 4.49
CA VAL D 104 -65.64 18.70 5.18
C VAL D 104 -64.14 18.68 5.32
N ALA D 105 -63.49 19.80 4.99
CA ALA D 105 -62.05 19.92 5.10
C ALA D 105 -61.60 19.81 6.56
N GLN D 106 -60.41 19.28 6.78
CA GLN D 106 -59.90 19.07 8.13
C GLN D 106 -58.67 19.89 8.48
N CYS D 107 -57.80 20.19 7.53
CA CYS D 107 -56.59 20.96 7.81
C CYS D 107 -56.11 21.62 6.53
N GLU D 108 -55.62 22.85 6.66
CA GLU D 108 -55.09 23.60 5.53
C GLU D 108 -53.64 23.98 5.79
N ILE D 109 -52.80 23.77 4.79
CA ILE D 109 -51.37 24.07 4.88
C ILE D 109 -50.98 24.93 3.69
N GLN D 110 -50.30 26.05 3.95
CA GLN D 110 -49.91 26.96 2.89
C GLN D 110 -48.57 27.58 3.25
N GLU D 111 -47.54 27.28 2.45
CA GLU D 111 -46.22 27.88 2.57
C GLU D 111 -45.85 28.45 1.22
N HIS D 112 -45.82 29.78 1.12
CA HIS D 112 -45.57 30.50 -0.13
C HIS D 112 -46.69 30.23 -1.13
N ALA D 113 -46.62 30.83 -2.31
CA ALA D 113 -47.62 30.64 -3.36
C ALA D 113 -46.91 30.15 -4.62
N LYS D 114 -46.67 28.85 -4.69
CA LYS D 114 -46.10 28.18 -5.85
C LYS D 114 -46.82 26.85 -6.03
N PRO D 115 -46.92 26.36 -7.25
CA PRO D 115 -47.53 25.03 -7.45
C PRO D 115 -46.73 23.94 -6.75
N ILE D 116 -47.44 22.97 -6.20
CA ILE D 116 -46.81 21.87 -5.48
C ILE D 116 -46.34 20.82 -6.49
N GLN D 117 -45.05 20.52 -6.49
CA GLN D 117 -44.49 19.58 -7.45
C GLN D 117 -44.84 18.13 -7.13
N ASP D 118 -44.80 17.73 -5.86
CA ASP D 118 -45.07 16.34 -5.50
C ASP D 118 -45.47 16.21 -4.04
N VAL D 119 -46.47 15.39 -3.75
CA VAL D 119 -46.91 15.09 -2.40
C VAL D 119 -47.04 13.58 -2.26
N GLN D 120 -46.58 13.05 -1.13
CA GLN D 120 -46.61 11.62 -0.87
C GLN D 120 -46.72 11.36 0.62
N TRP D 121 -47.56 10.39 1.00
CA TRP D 121 -47.70 10.00 2.39
C TRP D 121 -46.58 9.05 2.80
N LEU D 122 -46.33 9.00 4.11
CA LEU D 122 -45.33 8.10 4.66
C LEU D 122 -45.94 6.74 4.96
N TRP D 123 -45.19 5.69 4.62
CA TRP D 123 -45.67 4.33 4.83
C TRP D 123 -45.38 3.80 6.23
N ASN D 124 -44.24 4.19 6.82
CA ASN D 124 -43.89 3.77 8.17
C ASN D 124 -44.62 4.67 9.16
N GLN D 125 -45.79 4.23 9.60
CA GLN D 125 -46.61 5.03 10.50
C GLN D 125 -46.96 4.27 11.78
N ASP D 126 -45.99 3.52 12.31
CA ASP D 126 -46.18 2.78 13.55
C ASP D 126 -46.35 3.66 14.77
N ALA D 127 -45.64 4.79 14.83
CA ALA D 127 -45.74 5.70 15.97
C ALA D 127 -46.66 6.89 15.71
N SER D 128 -46.79 7.32 14.46
CA SER D 128 -47.67 8.42 14.12
C SER D 128 -48.18 8.22 12.70
N ARG D 129 -49.49 8.36 12.52
CA ARG D 129 -50.13 8.11 11.24
C ARG D 129 -50.59 9.39 10.55
N ASP D 130 -50.09 10.55 10.98
CA ASP D 130 -50.49 11.84 10.43
C ASP D 130 -49.27 12.63 9.97
N LEU D 131 -48.37 11.96 9.24
CA LEU D 131 -47.16 12.57 8.71
C LEU D 131 -47.27 12.68 7.20
N LEU D 132 -47.04 13.88 6.67
CA LEU D 132 -47.14 14.13 5.24
C LEU D 132 -45.93 14.93 4.79
N LEU D 133 -45.38 14.56 3.63
CA LEU D 133 -44.23 15.23 3.04
C LEU D 133 -44.60 15.77 1.67
N ALA D 134 -44.21 17.02 1.40
CA ALA D 134 -44.51 17.68 0.15
C ALA D 134 -43.29 18.45 -0.31
N ILE D 135 -43.25 18.74 -1.61
CA ILE D 135 -42.15 19.47 -2.24
C ILE D 135 -42.56 20.91 -2.44
N HIS D 136 -41.78 21.84 -1.89
CA HIS D 136 -42.03 23.27 -2.05
C HIS D 136 -40.96 23.88 -2.94
N PRO D 137 -41.32 24.45 -4.09
CA PRO D 137 -40.33 25.01 -5.00
C PRO D 137 -39.58 26.17 -4.35
N PRO D 138 -38.33 26.43 -4.76
CA PRO D 138 -37.63 25.66 -5.80
C PRO D 138 -36.75 24.52 -5.25
N ASN D 139 -36.23 24.69 -4.04
CA ASN D 139 -35.29 23.73 -3.46
C ASN D 139 -35.60 23.49 -1.98
N TYR D 140 -36.88 23.30 -1.67
CA TYR D 140 -37.29 23.12 -0.29
C TYR D 140 -38.19 21.90 -0.16
N ILE D 141 -37.96 21.13 0.91
CA ILE D 141 -38.81 20.00 1.27
C ILE D 141 -39.17 20.14 2.74
N VAL D 142 -40.46 20.01 3.05
CA VAL D 142 -40.97 20.22 4.41
C VAL D 142 -41.83 19.02 4.79
N LEU D 143 -41.61 18.49 5.98
CA LEU D 143 -42.44 17.43 6.54
C LEU D 143 -43.59 18.07 7.31
N TRP D 144 -44.82 17.83 6.86
CA TRP D 144 -46.00 18.43 7.44
C TRP D 144 -46.78 17.40 8.24
N ASN D 145 -47.62 17.90 9.14
CA ASN D 145 -48.48 17.07 9.97
C ASN D 145 -49.91 17.15 9.46
N ALA D 146 -50.54 16.00 9.24
CA ALA D 146 -51.88 15.94 8.71
C ALA D 146 -52.96 16.09 9.78
N ASP D 147 -52.59 16.16 11.06
CA ASP D 147 -53.54 16.29 12.15
C ASP D 147 -53.70 17.73 12.62
N THR D 148 -52.59 18.43 12.86
CA THR D 148 -52.62 19.80 13.34
C THR D 148 -51.99 20.81 12.40
N GLY D 149 -51.35 20.36 11.32
CA GLY D 149 -50.71 21.30 10.40
C GLY D 149 -49.55 22.05 11.00
N THR D 150 -48.72 21.37 11.78
CA THR D 150 -47.57 21.98 12.43
C THR D 150 -46.29 21.52 11.74
N LYS D 151 -45.45 22.48 11.38
CA LYS D 151 -44.20 22.17 10.70
C LYS D 151 -43.25 21.44 11.65
N LEU D 152 -42.59 20.41 11.13
CA LEU D 152 -41.64 19.61 11.92
C LEU D 152 -40.20 20.08 11.70
N TRP D 153 -39.75 20.09 10.45
CA TRP D 153 -38.41 20.58 10.12
C TRP D 153 -38.42 21.10 8.70
N LYS D 154 -37.45 21.97 8.40
CA LYS D 154 -37.34 22.61 7.10
C LYS D 154 -35.92 22.45 6.59
N LYS D 155 -35.78 21.93 5.37
CA LYS D 155 -34.48 21.63 4.78
C LYS D 155 -34.34 22.34 3.44
N SER D 156 -33.14 22.87 3.19
CA SER D 156 -32.84 23.60 1.97
C SER D 156 -31.76 22.87 1.19
N TYR D 157 -31.93 22.83 -0.14
CA TYR D 157 -30.97 22.22 -1.04
C TYR D 157 -30.48 23.27 -2.04
N ALA D 158 -29.66 22.83 -2.99
CA ALA D 158 -29.08 23.70 -4.01
C ALA D 158 -29.30 23.11 -5.40
N ASP D 159 -30.46 22.51 -5.61
CA ASP D 159 -30.81 21.90 -6.89
C ASP D 159 -32.28 22.21 -7.17
N ASN D 160 -32.80 21.65 -8.26
CA ASN D 160 -34.21 21.80 -8.64
C ASN D 160 -34.87 20.43 -8.51
N ILE D 161 -35.44 20.16 -7.33
CA ILE D 161 -36.04 18.86 -7.07
C ILE D 161 -37.33 18.74 -7.86
N LEU D 162 -37.46 17.65 -8.62
CA LEU D 162 -38.64 17.41 -9.44
C LEU D 162 -39.57 16.33 -8.87
N SER D 163 -39.01 15.27 -8.30
CA SER D 163 -39.80 14.18 -7.75
C SER D 163 -38.95 13.41 -6.76
N PHE D 164 -39.59 12.58 -5.96
CA PHE D 164 -38.90 11.76 -4.97
C PHE D 164 -39.68 10.47 -4.76
N SER D 165 -38.99 9.45 -4.26
CA SER D 165 -39.58 8.17 -3.95
C SER D 165 -38.96 7.62 -2.67
N PHE D 166 -39.74 6.83 -1.94
CA PHE D 166 -39.30 6.24 -0.69
C PHE D 166 -38.95 4.78 -0.89
N ASP D 167 -37.97 4.31 -0.11
CA ASP D 167 -37.55 2.91 -0.18
C ASP D 167 -38.57 2.03 0.54
N PRO D 168 -39.20 1.08 -0.15
CA PRO D 168 -40.19 0.22 0.54
C PRO D 168 -39.60 -0.64 1.64
N PHE D 169 -38.30 -0.89 1.61
CA PHE D 169 -37.65 -1.75 2.60
C PHE D 169 -37.03 -0.98 3.76
N ASP D 170 -36.27 0.08 3.48
CA ASP D 170 -35.62 0.87 4.51
C ASP D 170 -36.30 2.23 4.65
N PRO D 171 -36.99 2.49 5.76
CA PRO D 171 -37.65 3.79 5.91
C PRO D 171 -36.68 4.96 6.00
N SER D 172 -35.41 4.71 6.32
CA SER D 172 -34.42 5.77 6.46
C SER D 172 -33.72 6.12 5.16
N HIS D 173 -34.09 5.48 4.05
CA HIS D 173 -33.49 5.73 2.75
C HIS D 173 -34.45 6.56 1.90
N LEU D 174 -33.94 7.69 1.38
CA LEU D 174 -34.73 8.58 0.55
C LEU D 174 -33.89 9.05 -0.63
N THR D 175 -34.52 9.18 -1.79
CA THR D 175 -33.85 9.63 -3.00
C THR D 175 -34.59 10.83 -3.58
N LEU D 176 -33.84 11.67 -4.30
CA LEU D 176 -34.37 12.87 -4.91
C LEU D 176 -34.00 12.91 -6.38
N LEU D 177 -34.95 13.31 -7.23
CA LEU D 177 -34.73 13.47 -8.66
C LEU D 177 -34.65 14.95 -8.99
N THR D 178 -33.47 15.41 -9.39
CA THR D 178 -33.27 16.82 -9.72
C THR D 178 -32.87 16.99 -11.18
N SER D 179 -32.64 18.24 -11.59
CA SER D 179 -32.23 18.53 -12.96
C SER D 179 -30.79 18.15 -13.26
N GLU D 180 -29.92 18.16 -12.26
CA GLU D 180 -28.51 17.82 -12.49
C GLU D 180 -28.30 16.30 -12.43
N GLY D 181 -28.66 15.69 -11.30
CA GLY D 181 -28.49 14.25 -11.12
C GLY D 181 -29.46 13.71 -10.11
N ILE D 182 -29.03 12.72 -9.34
CA ILE D 182 -29.85 12.06 -8.33
C ILE D 182 -29.18 12.25 -6.98
N VAL D 183 -29.96 12.68 -5.99
CA VAL D 183 -29.47 12.91 -4.63
C VAL D 183 -30.01 11.79 -3.75
N PHE D 184 -29.11 11.16 -3.00
CA PHE D 184 -29.45 10.05 -2.12
C PHE D 184 -29.34 10.50 -0.66
N ILE D 185 -30.37 10.18 0.12
CA ILE D 185 -30.42 10.51 1.54
C ILE D 185 -30.50 9.21 2.33
N SER D 186 -29.60 9.04 3.30
CA SER D 186 -29.54 7.84 4.12
C SER D 186 -29.68 8.15 5.60
N ASP D 187 -30.23 9.32 5.95
CA ASP D 187 -30.42 9.69 7.35
C ASP D 187 -31.78 10.33 7.57
N PHE D 188 -32.79 9.92 6.79
CA PHE D 188 -34.13 10.48 6.94
C PHE D 188 -34.73 10.09 8.28
N SER D 189 -35.31 11.06 8.98
CA SER D 189 -35.91 10.82 10.28
C SER D 189 -36.94 11.91 10.55
N PRO D 190 -38.07 11.59 11.17
CA PRO D 190 -39.09 12.61 11.47
C PRO D 190 -38.71 13.53 12.62
N SER D 191 -37.59 13.29 13.30
CA SER D 191 -37.19 14.10 14.44
C SER D 191 -36.25 15.23 14.06
N LYS D 192 -35.28 14.96 13.19
CA LYS D 192 -34.30 15.96 12.80
C LYS D 192 -34.15 15.99 11.29
N PRO D 193 -33.79 17.14 10.72
CA PRO D 193 -33.60 17.23 9.27
C PRO D 193 -32.33 16.51 8.85
N PRO D 194 -32.16 16.22 7.55
CA PRO D 194 -30.94 15.57 7.08
C PRO D 194 -29.69 16.38 7.37
N SER D 195 -28.56 15.70 7.54
CA SER D 195 -27.32 16.34 7.95
C SER D 195 -26.80 17.32 6.89
N GLY D 196 -26.56 16.83 5.68
CA GLY D 196 -26.00 17.66 4.64
C GLY D 196 -26.56 17.36 3.27
N PRO D 197 -25.85 17.79 2.23
CA PRO D 197 -26.34 17.56 0.86
C PRO D 197 -26.43 16.09 0.49
N GLY D 198 -25.58 15.24 1.06
CA GLY D 198 -25.59 13.83 0.72
C GLY D 198 -24.77 13.51 -0.51
N LYS D 199 -24.88 12.26 -0.93
CA LYS D 199 -24.15 11.75 -2.09
C LYS D 199 -24.96 12.01 -3.35
N LYS D 200 -24.35 12.69 -4.31
CA LYS D 200 -24.99 13.00 -5.58
C LYS D 200 -24.24 12.32 -6.71
N VAL D 201 -24.99 11.68 -7.61
CA VAL D 201 -24.43 10.96 -8.75
C VAL D 201 -24.96 11.60 -10.02
N TYR D 202 -24.08 11.78 -11.00
CA TYR D 202 -24.44 12.39 -12.28
C TYR D 202 -24.72 11.30 -13.31
N ILE D 203 -25.86 11.42 -13.99
CA ILE D 203 -26.27 10.47 -15.01
C ILE D 203 -25.88 11.02 -16.38
N SER D 204 -25.21 10.20 -17.18
CA SER D 204 -24.78 10.61 -18.51
C SER D 204 -25.74 10.08 -19.58
N ASN D 245 -31.67 14.72 -17.58
CA ASN D 245 -32.22 15.87 -18.29
C ASN D 245 -33.56 15.53 -18.92
N ASP D 246 -33.62 14.39 -19.60
CA ASP D 246 -34.83 13.92 -20.28
C ASP D 246 -35.46 12.74 -19.55
N CYS D 247 -35.20 12.60 -18.25
CA CYS D 247 -35.80 11.54 -17.46
C CYS D 247 -37.24 11.90 -17.13
N LEU D 248 -38.14 10.93 -17.28
CA LEU D 248 -39.57 11.16 -17.07
C LEU D 248 -40.10 10.63 -15.74
N GLN D 249 -39.45 9.61 -15.17
CA GLN D 249 -39.95 9.04 -13.93
C GLN D 249 -38.80 8.30 -13.23
N LEU D 250 -38.80 8.39 -11.90
CA LEU D 250 -37.82 7.68 -11.08
C LEU D 250 -38.53 7.14 -9.85
N ALA D 251 -38.64 5.81 -9.76
CA ALA D 251 -39.32 5.17 -8.64
C ALA D 251 -38.61 3.88 -8.28
N TYR D 252 -38.76 3.48 -7.02
CA TYR D 252 -38.14 2.25 -6.54
C TYR D 252 -38.89 1.03 -7.03
N LEU D 253 -38.23 -0.12 -6.94
CA LEU D 253 -38.84 -1.40 -7.31
C LEU D 253 -39.30 -2.11 -6.06
N PRO D 254 -40.60 -2.30 -5.85
CA PRO D 254 -41.08 -2.97 -4.63
C PRO D 254 -40.92 -4.48 -4.64
N SER D 255 -40.45 -5.07 -5.74
CA SER D 255 -40.25 -6.50 -5.82
C SER D 255 -38.80 -6.92 -5.61
N LYS D 256 -37.85 -6.04 -5.90
CA LYS D 256 -36.43 -6.32 -5.73
C LYS D 256 -35.82 -5.23 -4.84
N ARG D 257 -35.06 -5.66 -3.83
CA ARG D 257 -34.46 -4.72 -2.90
C ARG D 257 -33.31 -3.96 -3.56
N ASN D 258 -33.17 -2.68 -3.17
CA ASN D 258 -32.09 -1.83 -3.64
C ASN D 258 -32.06 -1.74 -5.17
N HIS D 259 -33.23 -1.64 -5.78
CA HIS D 259 -33.35 -1.52 -7.23
C HIS D 259 -34.41 -0.47 -7.56
N MET D 260 -34.12 0.35 -8.57
CA MET D 260 -35.07 1.33 -9.07
C MET D 260 -35.02 1.34 -10.58
N LEU D 261 -36.08 1.87 -11.19
CA LEU D 261 -36.23 1.90 -12.63
C LEU D 261 -36.12 3.33 -13.15
N LEU D 262 -35.50 3.49 -14.31
CA LEU D 262 -35.37 4.77 -14.98
C LEU D 262 -36.22 4.76 -16.24
N LEU D 263 -37.07 5.76 -16.39
CA LEU D 263 -37.99 5.86 -17.52
C LEU D 263 -37.40 6.77 -18.58
N TYR D 264 -37.35 6.27 -19.82
CA TYR D 264 -36.88 7.01 -20.98
C TYR D 264 -37.89 6.83 -22.10
N PRO D 265 -37.93 7.76 -23.06
CA PRO D 265 -38.89 7.62 -24.17
C PRO D 265 -38.74 6.33 -24.96
N ARG D 266 -37.52 5.80 -25.10
CA ARG D 266 -37.31 4.59 -25.87
C ARG D 266 -36.50 3.52 -25.15
N GLU D 267 -36.29 3.65 -23.84
CA GLU D 267 -35.47 2.70 -23.10
C GLU D 267 -35.94 2.63 -21.65
N ILE D 268 -35.67 1.50 -21.01
CA ILE D 268 -35.93 1.31 -19.58
C ILE D 268 -34.67 0.77 -18.94
N LEU D 269 -34.23 1.39 -17.85
CA LEU D 269 -33.00 1.03 -17.18
C LEU D 269 -33.27 0.55 -15.77
N ILE D 270 -32.62 -0.54 -15.38
CA ILE D 270 -32.68 -1.08 -14.03
C ILE D 270 -31.28 -1.03 -13.43
N LEU D 271 -31.15 -0.38 -12.27
CA LEU D 271 -29.86 -0.14 -11.65
C LEU D 271 -29.84 -0.76 -10.25
N ASP D 272 -28.64 -1.14 -9.82
CA ASP D 272 -28.41 -1.71 -8.50
C ASP D 272 -27.69 -0.69 -7.64
N LEU D 273 -28.21 -0.47 -6.41
CA LEU D 273 -27.69 0.60 -5.57
C LEU D 273 -26.26 0.32 -5.11
N GLU D 274 -25.97 -0.91 -4.72
CA GLU D 274 -24.64 -1.22 -4.19
C GLU D 274 -23.57 -1.22 -5.27
N VAL D 275 -23.97 -1.25 -6.55
CA VAL D 275 -23.01 -1.32 -7.64
C VAL D 275 -23.09 -0.11 -8.56
N ASN D 276 -24.24 0.54 -8.68
CA ASN D 276 -24.42 1.74 -9.51
C ASN D 276 -24.13 1.45 -10.98
N GLN D 277 -24.68 0.34 -11.46
CA GLN D 277 -24.60 -0.04 -12.87
C GLN D 277 -25.94 -0.60 -13.31
N THR D 278 -26.15 -0.60 -14.63
CA THR D 278 -27.39 -1.08 -15.22
C THR D 278 -27.27 -2.58 -15.48
N VAL D 279 -28.23 -3.34 -14.95
CA VAL D 279 -28.26 -4.79 -15.09
C VAL D 279 -29.46 -5.27 -15.89
N GLY D 280 -30.18 -4.35 -16.54
CA GLY D 280 -31.31 -4.72 -17.35
C GLY D 280 -31.77 -3.58 -18.24
N VAL D 281 -31.98 -3.87 -19.52
CA VAL D 281 -32.39 -2.86 -20.51
C VAL D 281 -33.64 -3.37 -21.20
N ILE D 282 -34.76 -2.67 -21.01
CA ILE D 282 -36.00 -2.97 -21.69
C ILE D 282 -36.22 -1.89 -22.74
N ALA D 283 -36.17 -2.27 -24.02
CA ALA D 283 -36.28 -1.34 -25.13
C ALA D 283 -37.34 -1.82 -26.11
N ILE D 284 -37.87 -0.87 -26.88
CA ILE D 284 -38.88 -1.14 -27.90
C ILE D 284 -38.21 -1.14 -29.26
N GLU D 285 -38.86 -1.77 -30.23
CA GLU D 285 -38.32 -1.83 -31.58
C GLU D 285 -38.38 -0.45 -32.25
N ARG D 286 -37.78 -0.36 -33.43
CA ARG D 286 -37.76 0.90 -34.16
C ARG D 286 -39.17 1.36 -34.52
N THR D 287 -40.02 0.44 -34.95
CA THR D 287 -41.42 0.76 -35.27
C THR D 287 -42.30 0.49 -34.05
N GLY D 288 -42.10 1.33 -33.03
CA GLY D 288 -42.84 1.21 -31.79
C GLY D 288 -43.22 2.56 -31.23
N VAL D 289 -44.22 2.55 -30.35
CA VAL D 289 -44.72 3.76 -29.73
C VAL D 289 -43.93 4.02 -28.45
N PRO D 290 -43.42 5.24 -28.26
CA PRO D 290 -42.64 5.53 -27.05
C PRO D 290 -43.48 5.39 -25.79
N PHE D 291 -42.82 5.03 -24.70
CA PHE D 291 -43.48 4.85 -23.41
C PHE D 291 -43.97 6.18 -22.86
N LEU D 292 -44.97 6.11 -22.00
CA LEU D 292 -45.53 7.29 -21.35
C LEU D 292 -45.55 7.18 -19.83
N GLN D 293 -45.82 6.00 -19.28
CA GLN D 293 -45.86 5.81 -17.84
C GLN D 293 -45.66 4.33 -17.53
N VAL D 294 -44.91 4.05 -16.48
CA VAL D 294 -44.62 2.69 -16.04
C VAL D 294 -44.97 2.57 -14.57
N ILE D 295 -45.69 1.49 -14.23
CA ILE D 295 -46.10 1.25 -12.84
C ILE D 295 -45.63 -0.13 -12.41
N PRO D 296 -44.70 -0.23 -11.46
CA PRO D 296 -44.25 -1.54 -10.99
C PRO D 296 -45.29 -2.22 -10.12
N CYS D 297 -45.14 -3.54 -9.99
CA CYS D 297 -46.01 -4.38 -9.19
C CYS D 297 -45.30 -4.82 -7.92
N PHE D 298 -46.09 -5.28 -6.94
CA PHE D 298 -45.58 -5.66 -5.63
C PHE D 298 -45.66 -7.16 -5.38
N GLN D 299 -46.85 -7.75 -5.50
CA GLN D 299 -47.01 -9.18 -5.20
C GLN D 299 -46.24 -10.05 -6.18
N ARG D 300 -46.21 -9.65 -7.45
CA ARG D 300 -45.49 -10.38 -8.48
C ARG D 300 -44.51 -9.44 -9.18
N ASP D 301 -43.42 -10.01 -9.69
CA ASP D 301 -42.39 -9.24 -10.39
C ASP D 301 -42.93 -8.89 -11.78
N GLY D 302 -43.59 -7.74 -11.87
CA GLY D 302 -44.14 -7.30 -13.14
C GLY D 302 -44.23 -5.78 -13.16
N LEU D 303 -44.34 -5.26 -14.38
CA LEU D 303 -44.44 -3.82 -14.61
C LEU D 303 -45.60 -3.54 -15.55
N PHE D 304 -46.38 -2.51 -15.23
CA PHE D 304 -47.46 -2.04 -16.10
C PHE D 304 -46.99 -0.80 -16.84
N CYS D 305 -47.07 -0.85 -18.17
CA CYS D 305 -46.55 0.21 -19.02
C CYS D 305 -47.67 0.87 -19.81
N LEU D 306 -47.57 2.18 -19.98
CA LEU D 306 -48.51 2.97 -20.75
C LEU D 306 -47.80 3.63 -21.92
N HIS D 307 -48.43 3.59 -23.09
CA HIS D 307 -47.87 4.15 -24.31
C HIS D 307 -48.56 5.46 -24.67
N GLU D 308 -47.98 6.14 -25.67
CA GLU D 308 -48.51 7.43 -26.10
C GLU D 308 -49.87 7.31 -26.78
N ASN D 309 -50.16 6.16 -27.39
CA ASN D 309 -51.42 5.96 -28.09
C ASN D 309 -52.53 5.42 -27.19
N GLY D 310 -52.27 5.27 -25.89
CA GLY D 310 -53.25 4.74 -24.98
C GLY D 310 -53.24 3.24 -24.80
N CYS D 311 -52.17 2.57 -25.22
CA CYS D 311 -52.08 1.12 -25.08
C CYS D 311 -51.39 0.77 -23.76
N ILE D 312 -51.92 -0.27 -23.11
CA ILE D 312 -51.40 -0.74 -21.83
C ILE D 312 -50.80 -2.13 -22.05
N THR D 313 -49.55 -2.29 -21.65
CA THR D 313 -48.83 -3.55 -21.79
C THR D 313 -48.34 -4.03 -20.43
N LEU D 314 -48.37 -5.35 -20.25
CA LEU D 314 -47.92 -5.99 -19.00
C LEU D 314 -46.75 -6.90 -19.30
N ARG D 315 -45.67 -6.75 -18.54
CA ARG D 315 -44.47 -7.56 -18.69
C ARG D 315 -44.18 -8.30 -17.40
N VAL D 316 -43.81 -9.57 -17.52
CA VAL D 316 -43.51 -10.42 -16.38
C VAL D 316 -42.07 -10.91 -16.51
N ARG D 317 -41.35 -10.93 -15.39
CA ARG D 317 -39.97 -11.38 -15.39
C ARG D 317 -39.87 -12.83 -15.81
N ARG D 318 -38.91 -13.13 -16.69
CA ARG D 318 -38.72 -14.48 -17.16
C ARG D 318 -38.25 -15.39 -16.03
N SER D 319 -38.84 -16.57 -15.94
CA SER D 319 -38.49 -17.54 -14.92
C SER D 319 -38.16 -18.93 -15.45
N TYR D 320 -38.58 -19.27 -16.66
CA TYR D 320 -38.31 -20.58 -17.23
C TYR D 320 -37.85 -20.41 -18.68
N ASN D 321 -37.10 -21.39 -19.16
CA ASN D 321 -36.59 -21.36 -20.53
C ASN D 321 -37.65 -21.84 -21.51
N GLN D 337 -25.63 -12.09 -20.09
CA GLN D 337 -26.53 -12.39 -18.98
C GLN D 337 -27.09 -11.11 -18.37
N GLU D 338 -28.40 -10.92 -18.52
CA GLU D 338 -29.06 -9.75 -17.98
C GLU D 338 -30.53 -10.08 -17.74
N LEU D 339 -31.19 -9.24 -16.94
CA LEU D 339 -32.61 -9.42 -16.68
C LEU D 339 -33.42 -9.14 -17.94
N THR D 340 -34.33 -10.06 -18.27
CA THR D 340 -35.17 -9.93 -19.44
C THR D 340 -36.63 -10.06 -19.04
N TYR D 341 -37.47 -9.19 -19.60
CA TYR D 341 -38.91 -9.19 -19.35
C TYR D 341 -39.64 -9.48 -20.65
N ASP D 342 -40.57 -10.42 -20.62
CA ASP D 342 -41.30 -10.86 -21.79
C ASP D 342 -42.73 -10.32 -21.75
N LEU D 343 -43.19 -9.79 -22.87
CA LEU D 343 -44.55 -9.29 -22.96
C LEU D 343 -45.55 -10.44 -22.86
N ARG D 344 -46.61 -10.22 -22.09
CA ARG D 344 -47.64 -11.23 -21.88
C ARG D 344 -49.00 -10.83 -22.43
N SER D 345 -49.48 -9.64 -22.10
CA SER D 345 -50.79 -9.18 -22.52
C SER D 345 -50.70 -7.79 -23.12
N GLN D 346 -51.58 -7.52 -24.07
CA GLN D 346 -51.65 -6.23 -24.72
C GLN D 346 -53.12 -5.86 -24.95
N CYS D 347 -53.39 -4.56 -25.00
CA CYS D 347 -54.73 -4.04 -25.20
C CYS D 347 -54.80 -3.30 -26.54
N ASP D 348 -55.95 -2.69 -26.80
CA ASP D 348 -56.18 -1.96 -28.04
C ASP D 348 -56.05 -0.46 -27.80
N ALA D 349 -55.27 0.21 -28.64
CA ALA D 349 -55.08 1.65 -28.50
C ALA D 349 -56.32 2.40 -28.94
N ILE D 350 -56.40 3.66 -28.50
CA ILE D 350 -57.52 4.52 -28.82
C ILE D 350 -57.08 5.52 -29.88
N ARG D 351 -58.04 6.24 -30.45
CA ARG D 351 -57.75 7.23 -31.48
C ARG D 351 -56.95 8.39 -30.90
N VAL D 352 -56.02 8.91 -31.69
CA VAL D 352 -55.16 10.01 -31.29
C VAL D 352 -55.56 11.25 -32.08
N THR D 353 -55.85 12.34 -31.36
CA THR D 353 -56.28 13.58 -31.97
C THR D 353 -55.67 14.73 -31.19
N LYS D 354 -55.54 15.89 -31.85
CA LYS D 354 -54.99 17.07 -31.20
C LYS D 354 -55.86 17.56 -30.06
N THR D 355 -57.12 17.15 -29.99
CA THR D 355 -58.04 17.60 -28.95
C THR D 355 -58.25 16.59 -27.84
N VAL D 356 -58.06 15.30 -28.10
CA VAL D 356 -58.28 14.26 -27.11
C VAL D 356 -57.00 13.42 -27.00
N ARG D 357 -56.58 13.15 -25.76
CA ARG D 357 -55.37 12.38 -25.51
C ARG D 357 -55.39 11.88 -24.08
N PRO D 358 -54.90 10.66 -23.81
CA PRO D 358 -54.84 10.18 -22.43
C PRO D 358 -53.80 10.94 -21.61
N PHE D 359 -54.09 11.09 -20.32
CA PHE D 359 -53.18 11.73 -19.39
C PHE D 359 -52.28 10.74 -18.65
N SER D 360 -52.88 9.80 -17.93
CA SER D 360 -52.12 8.84 -17.14
C SER D 360 -53.02 7.66 -16.81
N MET D 361 -52.41 6.64 -16.19
CA MET D 361 -53.14 5.45 -15.78
C MET D 361 -52.74 5.07 -14.37
N VAL D 362 -53.64 4.36 -13.69
CA VAL D 362 -53.42 3.91 -12.33
C VAL D 362 -53.81 2.44 -12.22
N CYS D 363 -53.31 1.79 -11.17
CA CYS D 363 -53.59 0.39 -10.90
C CYS D 363 -53.97 0.22 -9.44
N CYS D 364 -54.88 -0.73 -9.20
CA CYS D 364 -55.33 -1.01 -7.83
C CYS D 364 -54.24 -1.75 -7.07
N PRO D 365 -53.80 -1.25 -5.90
CA PRO D 365 -52.76 -1.96 -5.15
C PRO D 365 -53.26 -3.13 -4.34
N VAL D 366 -54.57 -3.27 -4.15
CA VAL D 366 -55.09 -4.36 -3.31
C VAL D 366 -54.90 -5.70 -4.01
N ASN D 367 -55.23 -5.79 -5.29
CA ASN D 367 -55.15 -7.04 -6.02
C ASN D 367 -54.39 -6.96 -7.34
N GLU D 368 -54.01 -5.76 -7.79
CA GLU D 368 -53.27 -5.53 -9.04
C GLU D 368 -53.79 -6.38 -10.20
N ASN D 369 -55.11 -6.55 -10.25
CA ASN D 369 -55.77 -7.28 -11.34
C ASN D 369 -56.63 -6.40 -12.22
N ALA D 370 -56.53 -5.08 -12.07
CA ALA D 370 -57.31 -4.16 -12.86
C ALA D 370 -56.54 -2.85 -13.03
N ALA D 371 -56.91 -2.10 -14.07
CA ALA D 371 -56.27 -0.82 -14.36
C ALA D 371 -57.32 0.18 -14.80
N ALA D 372 -57.03 1.45 -14.55
CA ALA D 372 -57.91 2.56 -14.91
C ALA D 372 -57.15 3.56 -15.76
N LEU D 373 -57.82 4.08 -16.80
CA LEU D 373 -57.23 5.04 -17.72
C LEU D 373 -58.03 6.33 -17.68
N VAL D 374 -57.32 7.46 -17.71
CA VAL D 374 -57.91 8.79 -17.67
C VAL D 374 -57.71 9.45 -19.02
N VAL D 375 -58.80 9.96 -19.60
CA VAL D 375 -58.76 10.60 -20.91
C VAL D 375 -59.11 12.07 -20.73
N SER D 376 -58.55 12.91 -21.61
CA SER D 376 -58.73 14.35 -21.50
C SER D 376 -60.18 14.79 -21.66
N ASP D 377 -61.00 13.99 -22.34
CA ASP D 377 -62.40 14.36 -22.58
C ASP D 377 -63.31 14.01 -21.41
N GLY D 378 -62.78 13.40 -20.35
CA GLY D 378 -63.59 13.00 -19.22
C GLY D 378 -64.04 11.55 -19.22
N ARG D 379 -63.50 10.73 -20.11
CA ARG D 379 -63.87 9.33 -20.21
C ARG D 379 -62.89 8.48 -19.39
N VAL D 380 -63.43 7.58 -18.58
CA VAL D 380 -62.63 6.70 -17.73
C VAL D 380 -62.83 5.27 -18.21
N MET D 381 -61.73 4.60 -18.52
CA MET D 381 -61.74 3.23 -19.01
C MET D 381 -61.19 2.31 -17.93
N ILE D 382 -61.93 1.23 -17.64
CA ILE D 382 -61.53 0.25 -16.64
C ILE D 382 -61.23 -1.06 -17.35
N TRP D 383 -60.02 -1.57 -17.16
CA TRP D 383 -59.58 -2.81 -17.77
C TRP D 383 -59.41 -3.88 -16.70
N GLU D 384 -59.80 -5.11 -17.04
CA GLU D 384 -59.71 -6.24 -16.13
C GLU D 384 -58.89 -7.36 -16.76
N LEU D 385 -58.08 -8.02 -15.96
CA LEU D 385 -57.22 -9.11 -16.41
C LEU D 385 -57.90 -10.44 -16.12
N LYS D 386 -57.95 -11.29 -17.14
CA LYS D 386 -58.56 -12.61 -17.02
C LYS D 386 -57.53 -13.69 -17.32
N SER D 387 -57.67 -14.83 -16.64
CA SER D 387 -56.75 -15.95 -16.78
C SER D 387 -57.49 -17.15 -17.33
N ALA D 388 -56.78 -17.97 -18.11
CA ALA D 388 -57.34 -19.17 -18.70
C ALA D 388 -56.29 -20.29 -18.61
N VAL D 389 -56.70 -21.50 -18.98
CA VAL D 389 -55.81 -22.65 -18.96
C VAL D 389 -55.65 -23.22 -20.35
N VAL D 401 -41.44 -16.47 -25.85
CA VAL D 401 -42.64 -16.79 -25.09
C VAL D 401 -42.31 -17.77 -23.98
N SER D 402 -41.86 -17.25 -22.84
CA SER D 402 -41.52 -18.10 -21.71
C SER D 402 -42.76 -18.71 -21.10
N PRO D 403 -42.69 -19.97 -20.69
CA PRO D 403 -43.86 -20.63 -20.09
C PRO D 403 -44.15 -20.13 -18.69
N LEU D 404 -45.43 -20.21 -18.31
CA LEU D 404 -45.89 -19.84 -16.98
C LEU D 404 -46.77 -20.97 -16.43
N TYR D 405 -46.77 -21.11 -15.12
CA TYR D 405 -47.49 -22.18 -14.45
C TYR D 405 -48.30 -21.63 -13.28
N SER D 406 -49.41 -22.32 -13.00
CA SER D 406 -50.26 -21.92 -11.89
C SER D 406 -49.57 -22.19 -10.56
N PRO D 407 -49.86 -21.38 -9.53
CA PRO D 407 -49.27 -21.62 -8.22
C PRO D 407 -49.98 -22.74 -7.48
N VAL D 408 -49.20 -23.58 -6.79
CA VAL D 408 -49.78 -24.70 -6.06
C VAL D 408 -50.61 -24.22 -4.88
N SER D 409 -50.18 -23.14 -4.23
CA SER D 409 -50.90 -22.61 -3.07
C SER D 409 -52.01 -21.68 -3.52
N PHE D 410 -53.21 -21.91 -3.00
CA PHE D 410 -54.39 -21.10 -3.31
C PHE D 410 -54.89 -20.45 -2.03
N CYS D 411 -54.94 -19.13 -2.01
CA CYS D 411 -55.38 -18.35 -0.86
C CYS D 411 -54.57 -18.72 0.40
N GLY D 412 -53.26 -18.84 0.22
CA GLY D 412 -52.37 -19.06 1.34
C GLY D 412 -51.85 -20.47 1.49
N ILE D 413 -52.72 -21.46 1.28
CA ILE D 413 -52.34 -22.85 1.50
C ILE D 413 -52.71 -23.66 0.26
N PRO D 414 -51.98 -24.74 -0.01
CA PRO D 414 -52.34 -25.61 -1.13
C PRO D 414 -53.71 -26.24 -0.93
N VAL D 415 -54.41 -26.45 -2.04
CA VAL D 415 -55.74 -27.02 -2.03
C VAL D 415 -55.78 -28.22 -2.96
N GLY D 416 -56.77 -29.09 -2.75
CA GLY D 416 -56.91 -30.27 -3.58
C GLY D 416 -57.45 -29.95 -4.96
N VAL D 417 -57.34 -30.93 -5.86
CA VAL D 417 -57.80 -30.74 -7.23
C VAL D 417 -59.32 -30.60 -7.29
N LEU D 418 -60.03 -31.35 -6.45
CA LEU D 418 -61.49 -31.32 -6.44
C LEU D 418 -61.99 -30.29 -5.42
N GLN D 419 -61.41 -29.09 -5.54
CA GLN D 419 -61.79 -27.97 -4.69
C GLN D 419 -62.13 -26.77 -5.56
N ASN D 420 -63.03 -25.93 -5.05
CA ASN D 420 -63.41 -24.71 -5.75
C ASN D 420 -62.29 -23.68 -5.62
N LYS D 421 -61.93 -23.05 -6.74
CA LYS D 421 -60.84 -22.09 -6.78
C LYS D 421 -61.29 -20.83 -7.52
N LEU D 422 -60.65 -19.71 -7.17
CA LEU D 422 -60.92 -18.42 -7.79
C LEU D 422 -59.60 -17.82 -8.25
N PRO D 423 -59.08 -18.26 -9.41
CA PRO D 423 -57.81 -17.72 -9.90
C PRO D 423 -57.86 -16.24 -10.23
N ASP D 424 -59.05 -15.68 -10.48
CA ASP D 424 -59.19 -14.29 -10.85
C ASP D 424 -59.33 -13.35 -9.65
N LEU D 425 -59.25 -13.88 -8.43
CA LEU D 425 -59.36 -13.04 -7.25
C LEU D 425 -58.20 -12.04 -7.17
N SER D 426 -56.99 -12.48 -7.49
CA SER D 426 -55.83 -11.62 -7.44
C SER D 426 -54.77 -12.15 -8.39
N LEU D 427 -53.78 -11.30 -8.69
CA LEU D 427 -52.73 -11.67 -9.64
C LEU D 427 -51.86 -12.79 -9.07
N ASP D 428 -51.61 -12.78 -7.76
CA ASP D 428 -50.77 -13.80 -7.15
C ASP D 428 -51.36 -15.20 -7.30
N ASN D 429 -52.67 -15.32 -7.44
CA ASN D 429 -53.32 -16.60 -7.68
C ASN D 429 -53.40 -16.95 -9.16
N MET D 430 -52.95 -16.06 -10.04
CA MET D 430 -52.96 -16.31 -11.48
C MET D 430 -51.67 -16.96 -11.96
N ILE D 431 -50.53 -16.53 -11.43
CA ILE D 431 -49.23 -17.06 -11.84
C ILE D 431 -48.45 -17.46 -10.59
N GLY D 432 -47.49 -18.37 -10.78
CA GLY D 432 -46.69 -18.87 -9.70
C GLY D 432 -45.56 -17.93 -9.32
N GLN D 433 -44.79 -18.34 -8.31
CA GLN D 433 -43.68 -17.55 -7.84
C GLN D 433 -42.53 -17.58 -8.85
N SER D 434 -41.66 -16.57 -8.75
CA SER D 434 -40.53 -16.46 -9.64
C SER D 434 -39.51 -17.58 -9.36
N ALA D 435 -38.77 -17.95 -10.40
CA ALA D 435 -37.77 -19.00 -10.28
C ALA D 435 -36.60 -18.68 -11.21
N ILE D 436 -35.47 -19.32 -10.93
CA ILE D 436 -34.26 -19.10 -11.71
C ILE D 436 -34.31 -19.97 -12.96
N ALA D 437 -34.20 -19.35 -14.13
CA ALA D 437 -34.22 -20.10 -15.38
C ALA D 437 -32.96 -20.93 -15.53
N GLY D 438 -33.10 -22.11 -16.14
CA GLY D 438 -32.00 -23.00 -16.34
C GLY D 438 -31.83 -24.08 -15.28
N GLU D 439 -32.82 -24.28 -14.42
CA GLU D 439 -32.74 -25.27 -13.36
C GLU D 439 -33.81 -26.33 -13.56
N GLU D 440 -33.49 -27.56 -13.16
CA GLU D 440 -34.42 -28.67 -13.32
C GLU D 440 -35.64 -28.47 -12.43
N HIS D 441 -36.81 -28.82 -12.96
CA HIS D 441 -38.06 -28.68 -12.22
C HIS D 441 -38.23 -29.79 -11.20
N SER D 445 -43.90 -31.29 -10.57
CA SER D 445 -44.72 -32.37 -11.08
C SER D 445 -45.78 -31.86 -12.05
N ILE D 446 -46.90 -31.36 -11.50
CA ILE D 446 -47.98 -30.84 -12.32
C ILE D 446 -47.57 -29.47 -12.86
N LEU D 447 -47.72 -29.26 -14.16
CA LEU D 447 -47.37 -28.01 -14.82
C LEU D 447 -48.49 -27.67 -15.81
N ARG D 448 -49.33 -26.70 -15.44
CA ARG D 448 -50.44 -26.25 -16.27
C ARG D 448 -50.14 -24.85 -16.79
N GLU D 449 -50.22 -24.68 -18.11
CA GLU D 449 -49.96 -23.39 -18.73
C GLU D 449 -51.14 -22.44 -18.51
N VAL D 450 -50.83 -21.15 -18.43
CA VAL D 450 -51.83 -20.12 -18.22
C VAL D 450 -51.64 -19.02 -19.26
N HIS D 451 -52.73 -18.32 -19.55
CA HIS D 451 -52.72 -17.19 -20.48
C HIS D 451 -53.50 -16.04 -19.88
N LEU D 452 -53.07 -14.82 -20.18
CA LEU D 452 -53.68 -13.61 -19.66
C LEU D 452 -54.14 -12.72 -20.81
N LYS D 453 -55.33 -12.14 -20.66
CA LYS D 453 -55.91 -11.27 -21.66
C LYS D 453 -56.54 -10.05 -20.98
N PHE D 454 -56.60 -8.94 -21.71
CA PHE D 454 -57.19 -7.71 -21.19
C PHE D 454 -58.60 -7.52 -21.76
N LEU D 455 -59.53 -7.15 -20.88
CA LEU D 455 -60.92 -6.95 -21.26
C LEU D 455 -61.41 -5.62 -20.70
N LEU D 456 -62.15 -4.89 -21.52
CA LEU D 456 -62.74 -3.62 -21.12
C LEU D 456 -64.13 -3.87 -20.56
N THR D 457 -64.32 -3.56 -19.28
CA THR D 457 -65.59 -3.81 -18.61
C THR D 457 -66.26 -2.56 -18.05
N GLY D 458 -65.62 -1.40 -18.11
CA GLY D 458 -66.20 -0.18 -17.59
C GLY D 458 -65.93 0.99 -18.49
N LEU D 459 -66.86 1.93 -18.51
CA LEU D 459 -66.74 3.13 -19.32
C LEU D 459 -67.62 4.22 -18.72
N LEU D 460 -67.03 5.40 -18.49
CA LEU D 460 -67.74 6.54 -17.95
C LEU D 460 -67.67 7.70 -18.93
N SER D 461 -68.69 8.56 -18.90
CA SER D 461 -68.79 9.70 -19.79
C SER D 461 -68.95 10.98 -18.99
N GLY D 462 -68.42 12.08 -19.53
CA GLY D 462 -68.51 13.36 -18.89
C GLY D 462 -69.19 14.38 -19.79
N LEU D 463 -69.36 15.58 -19.24
CA LEU D 463 -70.01 16.64 -19.99
C LEU D 463 -69.13 17.10 -21.16
N PRO D 464 -69.74 17.46 -22.29
CA PRO D 464 -68.96 17.90 -23.45
C PRO D 464 -68.37 19.30 -23.29
N ALA D 465 -67.82 19.81 -24.38
CA ALA D 465 -67.20 21.14 -24.39
C ALA D 465 -68.19 22.20 -23.91
N PRO D 466 -67.71 23.36 -23.49
CA PRO D 466 -68.60 24.40 -22.93
C PRO D 466 -69.55 24.97 -23.97
N GLN D 467 -70.27 26.01 -23.56
CA GLN D 467 -71.38 26.60 -24.29
C GLN D 467 -72.54 25.63 -24.42
N PHE D 468 -73.10 25.22 -23.29
CA PHE D 468 -74.27 24.36 -23.22
C PHE D 468 -75.53 25.17 -23.52
N ALA D 469 -76.63 24.45 -23.73
CA ALA D 469 -77.95 25.03 -23.84
C ALA D 469 -78.91 24.14 -23.04
N ILE D 470 -79.39 24.63 -21.92
CA ILE D 470 -80.15 23.82 -20.97
C ILE D 470 -81.60 24.29 -20.94
N ARG D 471 -82.48 23.36 -20.56
CA ARG D 471 -83.90 23.64 -20.40
C ARG D 471 -84.48 22.68 -19.38
N MET D 472 -85.62 23.06 -18.81
CA MET D 472 -86.25 22.30 -17.74
C MET D 472 -87.59 21.74 -18.20
N CYS D 473 -87.93 20.58 -17.66
CA CYS D 473 -89.22 19.96 -17.93
C CYS D 473 -90.33 20.75 -17.22
N PRO D 474 -91.58 20.59 -17.65
CA PRO D 474 -92.69 21.27 -16.99
C PRO D 474 -92.78 20.89 -15.52
N PRO D 475 -93.16 21.83 -14.66
CA PRO D 475 -93.16 21.56 -13.22
C PRO D 475 -94.24 20.57 -12.83
N LEU D 476 -94.03 19.95 -11.67
CA LEU D 476 -94.98 18.99 -11.13
C LEU D 476 -96.32 19.68 -10.86
N THR D 477 -97.41 19.02 -11.26
CA THR D 477 -98.75 19.50 -11.02
C THR D 477 -99.59 18.37 -10.41
N THR D 478 -100.79 18.73 -9.95
CA THR D 478 -101.69 17.74 -9.36
C THR D 478 -102.25 16.77 -10.38
N LYS D 479 -102.18 17.08 -11.67
CA LYS D 479 -102.73 16.22 -12.71
C LYS D 479 -101.71 15.26 -13.29
N ASN D 480 -100.41 15.52 -13.10
CA ASN D 480 -99.37 14.67 -13.64
C ASN D 480 -98.44 14.10 -12.58
N ILE D 481 -98.86 14.07 -11.31
CA ILE D 481 -97.99 13.57 -10.24
C ILE D 481 -97.73 12.08 -10.41
N LYS D 482 -98.69 11.35 -11.01
CA LYS D 482 -98.55 9.91 -11.15
C LYS D 482 -97.45 9.51 -12.12
N MET D 483 -97.03 10.42 -13.02
CA MET D 483 -96.03 10.08 -14.02
C MET D 483 -95.00 11.19 -14.20
N TYR D 484 -94.86 12.07 -13.21
CA TYR D 484 -93.92 13.17 -13.28
C TYR D 484 -92.49 12.65 -13.13
N GLN D 485 -91.56 13.26 -13.87
CA GLN D 485 -90.15 12.94 -13.80
C GLN D 485 -89.37 14.22 -14.07
N PRO D 486 -88.44 14.60 -13.18
CA PRO D 486 -87.67 15.84 -13.37
C PRO D 486 -86.52 15.69 -14.37
N LEU D 487 -86.87 15.57 -15.64
CA LEU D 487 -85.87 15.41 -16.69
C LEU D 487 -85.20 16.73 -17.02
N LEU D 488 -83.92 16.65 -17.37
CA LEU D 488 -83.12 17.81 -17.73
C LEU D 488 -82.50 17.60 -19.10
N ALA D 489 -82.52 18.65 -19.93
CA ALA D 489 -81.94 18.62 -21.27
C ALA D 489 -80.75 19.56 -21.31
N VAL D 490 -79.63 19.07 -21.83
CA VAL D 490 -78.39 19.85 -21.94
C VAL D 490 -77.95 19.84 -23.40
N GLY D 491 -77.70 21.03 -23.96
CA GLY D 491 -77.22 21.14 -25.31
C GLY D 491 -75.70 21.17 -25.40
N THR D 492 -75.19 20.93 -26.61
CA THR D 492 -73.76 20.91 -26.87
C THR D 492 -73.47 21.79 -28.09
N SER D 493 -72.21 21.76 -28.52
CA SER D 493 -71.77 22.49 -29.71
C SER D 493 -71.54 21.54 -30.88
N ASN D 494 -72.03 20.30 -30.78
CA ASN D 494 -71.87 19.31 -31.84
C ASN D 494 -73.19 18.72 -32.32
N GLY D 495 -74.32 19.13 -31.77
CA GLY D 495 -75.62 18.61 -32.18
C GLY D 495 -76.19 17.52 -31.32
N SER D 496 -75.57 17.19 -30.19
CA SER D 496 -76.06 16.15 -29.31
C SER D 496 -76.97 16.73 -28.23
N VAL D 497 -77.80 15.87 -27.66
CA VAL D 497 -78.73 16.25 -26.59
C VAL D 497 -78.51 15.32 -25.41
N LEU D 498 -78.26 15.91 -24.24
CA LEU D 498 -77.99 15.15 -23.03
C LEU D 498 -79.22 15.18 -22.13
N VAL D 499 -79.63 14.01 -21.65
CA VAL D 499 -80.82 13.87 -20.81
C VAL D 499 -80.38 13.39 -19.43
N TYR D 500 -80.78 14.13 -18.40
CA TYR D 500 -80.45 13.81 -17.02
C TYR D 500 -81.72 13.70 -16.19
N HIS D 501 -81.66 12.89 -15.14
CA HIS D 501 -82.81 12.66 -14.27
C HIS D 501 -82.85 13.62 -13.08
N LEU D 502 -81.70 14.20 -12.71
CA LEU D 502 -81.61 15.20 -11.65
C LEU D 502 -81.99 14.63 -10.28
N THR D 503 -82.20 13.32 -10.21
CA THR D 503 -82.51 12.65 -8.95
C THR D 503 -81.42 11.67 -8.53
N SER D 504 -81.08 10.71 -9.40
CA SER D 504 -80.02 9.76 -9.13
C SER D 504 -78.67 10.21 -9.64
N GLY D 505 -78.61 11.28 -10.43
CA GLY D 505 -77.36 11.76 -10.97
C GLY D 505 -76.80 10.92 -12.10
N LEU D 506 -77.64 10.16 -12.79
CA LEU D 506 -77.21 9.27 -13.86
C LEU D 506 -77.69 9.78 -15.21
N LEU D 507 -76.89 9.54 -16.23
CA LEU D 507 -77.24 9.96 -17.59
C LEU D 507 -78.36 9.08 -18.12
N HIS D 508 -79.44 9.71 -18.59
CA HIS D 508 -80.61 8.96 -19.04
C HIS D 508 -80.52 8.59 -20.52
N LYS D 509 -80.41 9.58 -21.39
CA LYS D 509 -80.38 9.35 -22.83
C LYS D 509 -79.34 10.24 -23.48
N GLU D 510 -78.83 9.77 -24.62
CA GLU D 510 -77.86 10.51 -25.42
C GLU D 510 -78.23 10.35 -26.88
N LEU D 511 -78.65 11.45 -27.51
CA LEU D 511 -79.13 11.41 -28.89
C LEU D 511 -78.44 12.50 -29.71
N SER D 512 -78.06 12.15 -30.94
CA SER D 512 -77.48 13.09 -31.88
C SER D 512 -78.55 13.47 -32.89
N ILE D 513 -78.82 14.78 -33.01
CA ILE D 513 -79.90 15.26 -33.86
C ILE D 513 -79.35 16.17 -34.94
N HIS D 514 -78.73 17.27 -34.54
CA HIS D 514 -78.24 18.28 -35.47
C HIS D 514 -76.75 18.06 -35.77
N SER D 515 -76.29 18.75 -36.81
CA SER D 515 -74.89 18.71 -37.22
C SER D 515 -74.13 19.97 -36.84
N CYS D 516 -74.77 20.88 -36.09
CA CYS D 516 -74.13 22.13 -35.69
C CYS D 516 -74.47 22.38 -34.22
N GLU D 517 -74.12 23.56 -33.74
CA GLU D 517 -74.37 23.91 -32.34
C GLU D 517 -75.85 24.12 -32.10
N VAL D 518 -76.36 23.55 -31.01
CA VAL D 518 -77.75 23.72 -30.63
C VAL D 518 -77.92 25.06 -29.92
N LYS D 519 -78.86 25.87 -30.41
CA LYS D 519 -79.08 27.20 -29.86
C LYS D 519 -80.13 27.22 -28.76
N GLY D 520 -81.22 26.49 -28.94
CA GLY D 520 -82.29 26.47 -27.95
C GLY D 520 -83.05 25.16 -27.98
N ILE D 521 -83.57 24.78 -26.82
CA ILE D 521 -84.33 23.55 -26.65
C ILE D 521 -85.64 23.90 -25.94
N GLU D 522 -86.76 23.42 -26.48
CA GLU D 522 -88.07 23.65 -25.89
C GLU D 522 -88.82 22.33 -25.82
N TRP D 523 -89.64 22.19 -24.77
CA TRP D 523 -90.42 20.99 -24.55
C TRP D 523 -91.89 21.25 -24.89
N THR D 524 -92.47 20.41 -25.74
CA THR D 524 -93.89 20.46 -26.05
C THR D 524 -94.72 19.59 -25.13
N SER D 525 -94.10 18.76 -24.30
CA SER D 525 -94.80 17.88 -23.38
C SER D 525 -93.79 17.36 -22.37
N LEU D 526 -94.22 16.41 -21.53
CA LEU D 526 -93.32 15.81 -20.55
C LEU D 526 -92.38 14.80 -21.18
N THR D 527 -92.64 14.38 -22.42
CA THR D 527 -91.81 13.40 -23.10
C THR D 527 -91.18 13.93 -24.38
N SER D 528 -91.93 14.69 -25.18
CA SER D 528 -91.39 15.22 -26.43
C SER D 528 -90.81 16.62 -26.21
N PHE D 529 -89.84 16.96 -27.06
CA PHE D 529 -89.22 18.29 -27.01
C PHE D 529 -88.71 18.63 -28.40
N LEU D 530 -88.36 19.91 -28.56
CA LEU D 530 -87.87 20.42 -29.84
C LEU D 530 -86.47 21.00 -29.67
N SER D 531 -85.71 20.96 -30.76
CA SER D 531 -84.36 21.53 -30.79
C SER D 531 -84.11 22.06 -32.20
N PHE D 532 -83.41 23.20 -32.28
CA PHE D 532 -83.13 23.84 -33.55
C PHE D 532 -81.67 24.28 -33.59
N ALA D 533 -81.14 24.36 -34.82
CA ALA D 533 -79.76 24.77 -35.04
C ALA D 533 -79.68 25.53 -36.35
N THR D 534 -78.63 26.34 -36.48
CA THR D 534 -78.41 27.15 -37.68
C THR D 534 -77.02 26.90 -38.20
N SER D 535 -76.89 26.81 -39.53
CA SER D 535 -75.59 26.60 -40.16
C SER D 535 -74.82 27.92 -40.23
N THR D 536 -73.63 27.85 -40.82
CA THR D 536 -72.82 29.06 -40.96
C THR D 536 -73.39 29.94 -42.07
N PRO D 537 -73.30 31.27 -41.93
CA PRO D 537 -73.76 32.15 -42.99
C PRO D 537 -72.90 32.04 -44.24
N ASN D 538 -73.51 32.31 -45.38
CA ASN D 538 -72.84 32.34 -46.66
C ASN D 538 -72.44 33.77 -46.99
N ASN D 539 -71.96 33.97 -48.23
CA ASN D 539 -71.58 35.31 -48.67
C ASN D 539 -72.78 36.26 -48.69
N MET D 540 -73.93 35.79 -49.16
CA MET D 540 -75.13 36.63 -49.17
C MET D 540 -75.66 36.86 -47.76
N GLY D 541 -75.70 35.81 -46.94
CA GLY D 541 -76.18 35.93 -45.58
C GLY D 541 -77.25 34.92 -45.22
N LEU D 542 -77.74 34.19 -46.23
CA LEU D 542 -78.78 33.20 -46.00
C LEU D 542 -78.22 32.02 -45.20
N VAL D 543 -79.01 31.54 -44.25
CA VAL D 543 -78.59 30.49 -43.33
C VAL D 543 -79.61 29.36 -43.38
N ARG D 544 -79.12 28.13 -43.55
CA ARG D 544 -79.99 26.96 -43.52
C ARG D 544 -80.51 26.72 -42.11
N ASN D 545 -81.77 26.34 -42.00
CA ASN D 545 -82.44 26.16 -40.72
C ASN D 545 -82.87 24.71 -40.55
N GLU D 546 -82.57 24.15 -39.38
CA GLU D 546 -82.94 22.79 -39.04
C GLU D 546 -83.68 22.80 -37.70
N LEU D 547 -84.90 22.26 -37.70
CA LEU D 547 -85.69 22.10 -36.48
C LEU D 547 -86.24 20.68 -36.47
N GLN D 548 -86.13 20.01 -35.33
CA GLN D 548 -86.47 18.60 -35.23
C GLN D 548 -87.34 18.34 -34.00
N LEU D 549 -88.16 17.30 -34.08
CA LEU D 549 -88.99 16.84 -32.97
C LEU D 549 -88.44 15.51 -32.48
N VAL D 550 -88.16 15.42 -31.18
CA VAL D 550 -87.50 14.26 -30.59
C VAL D 550 -88.38 13.69 -29.49
N ASP D 551 -88.56 12.37 -29.51
CA ASP D 551 -89.36 11.66 -28.51
C ASP D 551 -88.44 10.72 -27.76
N LEU D 552 -88.32 10.92 -26.43
CA LEU D 552 -87.31 10.19 -25.67
C LEU D 552 -87.52 8.68 -25.64
N PRO D 553 -88.73 8.14 -25.33
CA PRO D 553 -88.87 6.67 -25.28
C PRO D 553 -88.50 5.97 -26.58
N THR D 554 -88.75 6.62 -27.71
CA THR D 554 -88.49 6.01 -29.02
C THR D 554 -87.19 6.50 -29.65
N GLY D 555 -86.98 7.81 -29.67
CA GLY D 555 -85.83 8.39 -30.36
C GLY D 555 -86.11 8.87 -31.77
N ARG D 556 -87.37 8.85 -32.20
CA ARG D 556 -87.71 9.26 -33.55
C ARG D 556 -87.50 10.76 -33.74
N SER D 557 -86.93 11.13 -34.88
CA SER D 557 -86.71 12.53 -35.24
C SER D 557 -87.47 12.82 -36.52
N ILE D 558 -88.38 13.79 -36.47
CA ILE D 558 -89.21 14.16 -37.60
C ILE D 558 -89.13 15.66 -37.82
N ALA D 559 -89.12 16.06 -39.09
CA ALA D 559 -89.10 17.49 -39.42
C ALA D 559 -90.45 18.13 -39.14
N PHE D 560 -90.42 19.35 -38.63
CA PHE D 560 -91.64 20.09 -38.31
C PHE D 560 -92.06 20.99 -39.48
N ARG D 561 -91.19 21.92 -39.87
CA ARG D 561 -91.50 22.82 -40.97
C ARG D 561 -91.54 22.08 -42.30
N GLY D 562 -90.61 21.16 -42.53
CA GLY D 562 -90.59 20.40 -43.76
C GLY D 562 -89.46 20.77 -44.70
N GLU D 563 -89.76 20.86 -45.99
CA GLU D 563 -88.76 21.16 -47.01
C GLU D 563 -88.70 22.67 -47.28
N ARG D 564 -88.30 23.40 -46.24
CA ARG D 564 -88.19 24.86 -46.31
C ARG D 564 -86.93 25.33 -47.02
N GLY D 565 -86.20 24.43 -47.68
CA GLY D 565 -85.02 24.80 -48.41
C GLY D 565 -83.79 24.94 -47.53
N ASN D 566 -82.72 25.42 -48.17
CA ASN D 566 -81.43 25.62 -47.50
C ASN D 566 -81.00 27.08 -47.56
N ASP D 567 -81.91 27.97 -47.97
CA ASP D 567 -81.60 29.39 -48.07
C ASP D 567 -82.78 30.22 -47.58
N GLU D 568 -82.73 30.62 -46.31
CA GLU D 568 -83.81 31.37 -45.69
C GLU D 568 -83.25 32.14 -44.50
N SER D 569 -84.04 33.08 -43.99
CA SER D 569 -83.63 33.84 -42.81
C SER D 569 -83.46 32.93 -41.61
N ALA D 570 -82.44 33.22 -40.80
CA ALA D 570 -82.14 32.38 -39.65
C ALA D 570 -83.20 32.54 -38.56
N ILE D 571 -83.29 31.51 -37.72
CA ILE D 571 -84.23 31.49 -36.60
C ILE D 571 -83.46 31.78 -35.32
N GLU D 572 -83.93 32.77 -34.57
CA GLU D 572 -83.26 33.19 -33.34
C GLU D 572 -83.90 32.66 -32.08
N MET D 573 -85.22 32.46 -32.06
CA MET D 573 -85.88 31.93 -30.89
C MET D 573 -87.20 31.28 -31.30
N ILE D 574 -87.65 30.34 -30.46
CA ILE D 574 -88.96 29.70 -30.63
C ILE D 574 -89.67 29.72 -29.28
N LYS D 575 -90.98 29.95 -29.31
CA LYS D 575 -91.77 30.06 -28.10
C LYS D 575 -92.92 29.06 -28.13
N VAL D 576 -93.15 28.40 -27.01
CA VAL D 576 -94.25 27.46 -26.83
C VAL D 576 -95.07 27.91 -25.64
N SER D 577 -96.39 27.99 -25.82
CA SER D 577 -97.25 28.54 -24.79
C SER D 577 -97.40 27.57 -23.62
N HIS D 578 -98.15 28.02 -22.61
CA HIS D 578 -98.31 27.23 -21.39
C HIS D 578 -99.04 25.92 -21.66
N LEU D 579 -100.08 25.96 -22.49
CA LEU D 579 -100.91 24.80 -22.76
C LEU D 579 -100.38 23.93 -23.90
N LYS D 580 -99.22 24.28 -24.45
CA LYS D 580 -98.60 23.50 -25.53
C LYS D 580 -99.54 23.35 -26.72
N GLN D 581 -100.21 24.44 -27.08
CA GLN D 581 -101.18 24.45 -28.17
C GLN D 581 -100.65 25.14 -29.43
N TYR D 582 -100.13 26.36 -29.29
CA TYR D 582 -99.62 27.12 -30.42
C TYR D 582 -98.10 27.30 -30.30
N LEU D 583 -97.48 27.59 -31.43
CA LEU D 583 -96.04 27.76 -31.49
C LEU D 583 -95.72 28.96 -32.37
N ALA D 584 -94.61 29.63 -32.05
CA ALA D 584 -94.17 30.81 -32.79
C ALA D 584 -92.70 30.67 -33.16
N VAL D 585 -92.36 31.09 -34.38
CA VAL D 585 -91.00 31.06 -34.88
C VAL D 585 -90.62 32.48 -35.27
N VAL D 586 -89.47 32.95 -34.78
CA VAL D 586 -89.00 34.31 -35.01
C VAL D 586 -87.81 34.26 -35.95
N PHE D 587 -87.86 35.02 -37.03
CA PHE D 587 -86.80 35.12 -38.01
C PHE D 587 -86.09 36.46 -37.88
N ARG D 588 -84.91 36.54 -38.51
CA ARG D 588 -84.11 37.76 -38.44
C ARG D 588 -84.80 38.92 -39.14
N ASP D 589 -85.22 38.71 -40.39
CA ASP D 589 -85.85 39.78 -41.17
C ASP D 589 -87.05 39.23 -41.94
N LYS D 590 -87.81 38.33 -41.31
CA LYS D 590 -89.00 37.75 -41.92
C LYS D 590 -90.13 37.77 -40.90
N PRO D 591 -91.37 37.97 -41.34
CA PRO D 591 -92.50 37.91 -40.41
C PRO D 591 -92.59 36.57 -39.71
N LEU D 592 -93.01 36.59 -38.45
CA LEU D 592 -93.07 35.39 -37.64
C LEU D 592 -94.10 34.41 -38.18
N GLU D 593 -93.84 33.12 -37.94
CA GLU D 593 -94.72 32.05 -38.38
C GLU D 593 -95.35 31.37 -37.17
N LEU D 594 -96.65 31.11 -37.26
CA LEU D 594 -97.41 30.46 -36.20
C LEU D 594 -97.74 29.03 -36.62
N TRP D 595 -97.43 28.08 -35.74
CA TRP D 595 -97.65 26.67 -36.00
C TRP D 595 -98.46 26.05 -34.86
N ASP D 596 -98.91 24.83 -35.08
CA ASP D 596 -99.68 24.07 -34.09
C ASP D 596 -98.84 22.87 -33.68
N VAL D 597 -98.74 22.63 -32.37
CA VAL D 597 -97.93 21.52 -31.88
C VAL D 597 -98.60 20.19 -32.22
N ARG D 598 -99.92 20.09 -31.99
CA ARG D 598 -100.60 18.82 -32.17
C ARG D 598 -100.75 18.46 -33.65
N THR D 599 -101.09 19.44 -34.48
CA THR D 599 -101.37 19.19 -35.90
C THR D 599 -100.13 19.31 -36.77
N CYS D 600 -99.14 20.11 -36.36
CA CYS D 600 -97.89 20.30 -37.10
C CYS D 600 -98.16 20.88 -38.48
N THR D 601 -98.94 21.97 -38.52
CA THR D 601 -99.24 22.68 -39.75
C THR D 601 -99.07 24.18 -39.51
N LEU D 602 -98.98 24.92 -40.61
CA LEU D 602 -98.85 26.37 -40.55
C LEU D 602 -100.23 27.00 -40.44
N LEU D 603 -100.37 27.93 -39.50
CA LEU D 603 -101.65 28.59 -39.22
C LEU D 603 -101.75 29.98 -39.80
N ARG D 604 -100.75 30.83 -39.59
CA ARG D 604 -100.82 32.21 -40.06
C ARG D 604 -99.41 32.73 -40.31
N GLU D 605 -99.27 33.49 -41.40
CA GLU D 605 -98.01 34.15 -41.75
C GLU D 605 -98.28 35.65 -41.81
N MET D 606 -97.53 36.43 -41.04
CA MET D 606 -97.75 37.86 -40.97
C MET D 606 -97.33 38.52 -42.28
N SER D 607 -97.92 39.69 -42.54
CA SER D 607 -97.63 40.44 -43.75
C SER D 607 -96.26 41.11 -43.66
N LYS D 608 -95.80 41.62 -44.81
CA LYS D 608 -94.50 42.28 -44.87
C LYS D 608 -94.48 43.59 -44.09
N ASN D 609 -95.61 44.25 -43.91
CA ASN D 609 -95.69 45.48 -43.14
C ASN D 609 -95.82 45.18 -41.65
N PHE D 610 -94.86 44.45 -41.10
CA PHE D 610 -94.90 44.03 -39.71
C PHE D 610 -93.62 44.46 -38.99
N PRO D 611 -93.73 44.93 -37.74
CA PRO D 611 -92.54 45.37 -37.02
C PRO D 611 -91.58 44.23 -36.74
N THR D 612 -90.29 44.56 -36.66
CA THR D 612 -89.24 43.59 -36.41
C THR D 612 -89.40 43.02 -35.01
N ILE D 613 -89.29 41.69 -34.89
CA ILE D 613 -89.44 41.03 -33.59
C ILE D 613 -88.10 41.06 -32.87
N THR D 614 -88.10 41.57 -31.63
CA THR D 614 -86.91 41.59 -30.80
C THR D 614 -87.02 40.63 -29.62
N ALA D 615 -88.11 40.70 -28.86
CA ALA D 615 -88.37 39.78 -27.77
C ALA D 615 -89.86 39.47 -27.73
N LEU D 616 -90.20 38.29 -27.23
CA LEU D 616 -91.59 37.85 -27.19
C LEU D 616 -91.78 36.96 -25.97
N GLU D 617 -92.99 36.98 -25.43
CA GLU D 617 -93.33 36.19 -24.25
C GLU D 617 -94.82 35.86 -24.29
N TRP D 618 -95.16 34.71 -23.71
CA TRP D 618 -96.54 34.25 -23.61
C TRP D 618 -97.10 34.57 -22.23
N SER D 619 -98.41 34.44 -22.11
CA SER D 619 -99.10 34.70 -20.85
C SER D 619 -99.31 33.39 -20.10
N PRO D 620 -98.70 33.21 -18.92
CA PRO D 620 -98.91 31.97 -18.17
C PRO D 620 -100.33 31.75 -17.68
N SER D 621 -101.16 32.79 -17.65
CA SER D 621 -102.54 32.66 -17.20
C SER D 621 -103.39 31.89 -18.21
N ALA D 675 -108.96 27.56 -24.87
CA ALA D 675 -108.47 27.49 -26.25
C ALA D 675 -107.98 28.87 -26.71
N ARG D 676 -108.06 29.85 -25.80
CA ARG D 676 -107.62 31.22 -26.09
C ARG D 676 -106.36 31.50 -25.30
N GLU D 677 -105.33 32.00 -25.98
CA GLU D 677 -104.03 32.25 -25.39
C GLU D 677 -103.49 33.60 -25.88
N HIS D 678 -102.86 34.34 -24.98
CA HIS D 678 -102.35 35.67 -25.28
C HIS D 678 -100.82 35.69 -25.20
N PHE D 679 -100.23 36.48 -26.08
CA PHE D 679 -98.77 36.64 -26.11
C PHE D 679 -98.45 38.11 -26.40
N VAL D 680 -97.32 38.58 -25.89
CA VAL D 680 -96.91 39.96 -26.02
C VAL D 680 -95.47 40.01 -26.50
N PHE D 681 -95.15 41.06 -27.27
CA PHE D 681 -93.81 41.22 -27.81
C PHE D 681 -93.49 42.70 -27.90
N THR D 682 -92.19 43.00 -28.00
CA THR D 682 -91.69 44.35 -28.15
C THR D 682 -90.80 44.44 -29.38
N ASP D 683 -90.90 45.55 -30.10
CA ASP D 683 -90.11 45.77 -31.31
C ASP D 683 -88.86 46.58 -30.96
N ILE D 684 -88.12 46.99 -32.00
CA ILE D 684 -86.92 47.77 -31.80
C ILE D 684 -87.23 49.21 -31.39
N ASP D 685 -88.42 49.72 -31.72
CA ASP D 685 -88.79 51.09 -31.42
C ASP D 685 -89.40 51.26 -30.04
N GLY D 686 -89.51 50.18 -29.26
CA GLY D 686 -90.09 50.24 -27.95
C GLY D 686 -91.60 50.04 -27.90
N GLN D 687 -92.26 49.97 -29.05
CA GLN D 687 -93.69 49.69 -29.06
C GLN D 687 -93.97 48.30 -28.49
N VAL D 688 -95.06 48.20 -27.73
CA VAL D 688 -95.48 46.94 -27.14
C VAL D 688 -96.85 46.61 -27.72
N TYR D 689 -96.96 45.43 -28.32
CA TYR D 689 -98.19 45.00 -28.98
C TYR D 689 -98.74 43.76 -28.28
N HIS D 690 -100.05 43.75 -28.06
CA HIS D 690 -100.74 42.63 -27.43
C HIS D 690 -101.62 41.97 -28.48
N LEU D 691 -101.32 40.72 -28.80
CA LEU D 691 -102.08 39.94 -29.77
C LEU D 691 -102.61 38.68 -29.12
N THR D 692 -103.85 38.32 -29.44
CA THR D 692 -104.47 37.10 -28.97
C THR D 692 -104.75 36.20 -30.16
N VAL D 693 -104.70 34.88 -29.92
CA VAL D 693 -104.86 33.88 -30.98
C VAL D 693 -105.98 32.95 -30.59
N GLU D 694 -106.86 32.63 -31.55
CA GLU D 694 -107.94 31.67 -31.37
C GLU D 694 -107.98 30.80 -32.63
N GLY D 695 -107.25 29.69 -32.59
CA GLY D 695 -107.13 28.83 -33.76
C GLY D 695 -106.51 29.54 -34.94
N ASN D 696 -107.18 29.50 -36.09
CA ASN D 696 -106.67 30.18 -37.28
C ASN D 696 -106.80 31.70 -37.16
N SER D 697 -107.68 32.18 -36.29
CA SER D 697 -107.93 33.61 -36.18
C SER D 697 -106.91 34.27 -35.26
N VAL D 698 -106.39 35.42 -35.69
CA VAL D 698 -105.45 36.23 -34.91
C VAL D 698 -105.99 37.64 -34.86
N LYS D 699 -106.03 38.23 -33.66
CA LYS D 699 -106.60 39.55 -33.46
C LYS D 699 -105.67 40.40 -32.61
N ASP D 700 -105.84 41.72 -32.73
CA ASP D 700 -105.08 42.70 -31.96
C ASP D 700 -105.92 43.17 -30.78
N SER D 701 -105.29 43.28 -29.61
CA SER D 701 -106.00 43.66 -28.39
C SER D 701 -105.78 45.13 -28.03
N ALA D 702 -104.53 45.54 -27.85
CA ALA D 702 -104.23 46.91 -27.43
C ALA D 702 -102.77 47.21 -27.73
N ARG D 703 -102.38 48.45 -27.44
CA ARG D 703 -101.02 48.92 -27.68
C ARG D 703 -100.56 49.76 -26.49
N ILE D 704 -99.24 49.89 -26.38
CA ILE D 704 -98.60 50.57 -25.25
C ILE D 704 -97.63 51.62 -25.79
N PRO D 705 -97.56 52.78 -25.13
CA PRO D 705 -96.62 53.83 -25.56
C PRO D 705 -95.21 53.31 -25.73
N PRO D 706 -94.42 53.94 -26.60
CA PRO D 706 -93.11 53.38 -26.97
C PRO D 706 -92.07 53.39 -25.85
N ASP D 707 -92.35 54.01 -24.71
CA ASP D 707 -91.39 54.06 -23.62
C ASP D 707 -91.15 52.65 -23.07
N GLY D 708 -89.89 52.37 -22.74
CA GLY D 708 -89.51 51.06 -22.24
C GLY D 708 -89.57 50.96 -20.72
N MET D 710 -85.56 51.15 -19.84
CA MET D 710 -85.19 52.49 -20.29
C MET D 710 -84.25 52.42 -21.49
N GLY D 711 -84.68 51.71 -22.53
CA GLY D 711 -83.88 51.58 -23.73
C GLY D 711 -84.39 50.52 -24.67
N SER D 712 -83.49 49.75 -25.26
CA SER D 712 -83.86 48.67 -26.19
C SER D 712 -84.17 47.42 -25.37
N ILE D 713 -85.43 46.97 -25.45
CA ILE D 713 -85.84 45.78 -24.70
C ILE D 713 -85.23 44.55 -25.35
N THR D 714 -84.53 43.74 -24.54
CA THR D 714 -83.89 42.52 -25.01
C THR D 714 -84.44 41.26 -24.35
N CYS D 715 -85.34 41.41 -23.38
CA CYS D 715 -85.90 40.26 -22.68
C CYS D 715 -87.21 40.69 -22.02
N ILE D 716 -88.17 39.76 -22.01
CA ILE D 716 -89.50 40.01 -21.46
C ILE D 716 -89.85 38.88 -20.51
N ALA D 717 -90.31 39.23 -19.32
CA ALA D 717 -90.76 38.26 -18.32
C ALA D 717 -92.18 38.57 -17.90
N TRP D 718 -93.00 37.53 -17.78
CA TRP D 718 -94.41 37.71 -17.44
C TRP D 718 -94.87 36.55 -16.58
N LYS D 719 -95.47 36.87 -15.43
CA LYS D 719 -96.10 35.88 -14.57
C LYS D 719 -97.17 36.57 -13.74
N GLY D 720 -98.35 35.96 -13.65
CA GLY D 720 -99.43 36.57 -12.91
C GLY D 720 -99.90 37.84 -13.60
N ASP D 721 -99.94 38.92 -12.83
CA ASP D 721 -100.38 40.23 -13.34
C ASP D 721 -99.25 41.26 -13.29
N THR D 722 -98.00 40.81 -13.41
CA THR D 722 -96.85 41.69 -13.37
C THR D 722 -95.98 41.46 -14.60
N LEU D 723 -95.48 42.55 -15.17
CA LEU D 723 -94.62 42.51 -16.35
C LEU D 723 -93.25 43.06 -15.99
N VAL D 724 -92.21 42.31 -16.32
CA VAL D 724 -90.83 42.69 -16.06
C VAL D 724 -90.08 42.78 -17.39
N LEU D 725 -89.39 43.89 -17.59
CA LEU D 725 -88.66 44.14 -18.83
C LEU D 725 -87.22 44.52 -18.53
N GLY D 726 -86.32 44.11 -19.41
CA GLY D 726 -84.92 44.47 -19.30
C GLY D 726 -84.46 45.35 -20.44
N ASP D 727 -83.19 45.75 -20.44
CA ASP D 727 -82.66 46.62 -21.46
C ASP D 727 -81.16 46.40 -21.59
N MET D 728 -80.54 47.15 -22.50
CA MET D 728 -79.11 47.07 -22.74
C MET D 728 -78.29 47.79 -21.67
N ASP D 729 -78.91 48.69 -20.91
CA ASP D 729 -78.21 49.45 -19.88
C ASP D 729 -78.17 48.74 -18.53
N GLY D 730 -79.25 48.02 -18.18
CA GLY D 730 -79.27 47.30 -16.93
C GLY D 730 -80.53 47.55 -16.11
N ASN D 731 -81.32 48.53 -16.51
CA ASN D 731 -82.55 48.86 -15.79
C ASN D 731 -83.56 47.72 -15.95
N LEU D 732 -84.26 47.43 -14.86
CA LEU D 732 -85.27 46.36 -14.82
C LEU D 732 -86.60 46.98 -14.44
N ASN D 733 -87.37 47.39 -15.45
CA ASN D 733 -88.69 47.95 -15.20
C ASN D 733 -89.65 46.89 -14.70
N PHE D 734 -90.61 47.31 -13.87
CA PHE D 734 -91.60 46.40 -13.28
C PHE D 734 -92.99 46.95 -13.57
N TRP D 735 -93.53 46.58 -14.74
CA TRP D 735 -94.88 46.97 -15.11
C TRP D 735 -95.91 46.08 -14.41
N ASP D 736 -97.00 46.70 -13.98
CA ASP D 736 -98.12 45.98 -13.37
C ASP D 736 -99.41 46.33 -14.10
N LEU D 737 -100.20 45.31 -14.45
CA LEU D 737 -101.44 45.52 -15.17
C LEU D 737 -102.51 46.12 -14.27
N LYS D 738 -102.63 45.62 -13.04
CA LYS D 738 -103.67 46.11 -12.13
C LYS D 738 -103.33 47.50 -11.60
N GLY D 739 -102.08 47.71 -11.19
CA GLY D 739 -101.69 48.98 -10.61
C GLY D 739 -101.45 50.09 -11.60
N ARG D 740 -101.06 49.76 -12.84
CA ARG D 740 -100.77 50.74 -13.88
C ARG D 740 -99.74 51.77 -13.42
N VAL D 741 -98.73 51.30 -12.70
CA VAL D 741 -97.66 52.15 -12.19
C VAL D 741 -96.33 51.50 -12.52
N SER D 742 -95.35 52.32 -12.90
CA SER D 742 -94.03 51.84 -13.29
C SER D 742 -93.02 52.06 -12.18
N ARG D 743 -92.20 51.04 -11.93
CA ARG D 743 -91.14 51.10 -10.91
C ARG D 743 -89.84 50.68 -11.58
N GLY D 744 -89.04 51.66 -11.98
CA GLY D 744 -87.75 51.39 -12.61
C GLY D 744 -86.63 51.39 -11.59
N ILE D 745 -85.89 50.29 -11.55
CA ILE D 745 -84.81 50.13 -10.57
C ILE D 745 -83.48 49.96 -11.30
N PRO D 746 -82.59 50.95 -11.27
CA PRO D 746 -81.27 50.79 -11.88
C PRO D 746 -80.40 49.81 -11.09
N THR D 747 -80.12 48.65 -11.68
CA THR D 747 -79.34 47.62 -11.01
C THR D 747 -77.84 47.88 -11.05
N HIS D 748 -77.40 48.90 -11.79
CA HIS D 748 -75.97 49.24 -11.91
C HIS D 748 -75.15 48.04 -12.37
N ARG D 749 -75.68 47.31 -13.35
CA ARG D 749 -75.01 46.13 -13.87
C ARG D 749 -74.83 46.21 -15.38
N SER D 750 -74.38 45.13 -15.99
CA SER D 750 -74.14 45.07 -17.43
C SER D 750 -75.45 44.74 -18.15
N TRP D 751 -75.35 44.42 -19.44
CA TRP D 751 -76.53 44.09 -20.23
C TRP D 751 -77.20 42.84 -19.68
N VAL D 752 -78.52 42.91 -19.53
CA VAL D 752 -79.30 41.78 -19.02
C VAL D 752 -79.55 40.79 -20.16
N ARG D 753 -79.24 39.53 -19.92
CA ARG D 753 -79.38 38.48 -20.93
C ARG D 753 -80.75 37.82 -20.91
N LYS D 754 -81.18 37.30 -19.76
CA LYS D 754 -82.46 36.62 -19.66
C LYS D 754 -82.97 36.69 -18.23
N ILE D 755 -84.28 36.76 -18.08
CA ILE D 755 -84.94 36.74 -16.78
C ILE D 755 -86.07 35.72 -16.82
N ARG D 756 -86.13 34.86 -15.80
CA ARG D 756 -87.13 33.81 -15.74
C ARG D 756 -87.72 33.73 -14.34
N PHE D 757 -89.01 33.43 -14.26
CA PHE D 757 -89.68 33.27 -12.98
C PHE D 757 -89.46 31.85 -12.44
N ALA D 758 -89.99 31.61 -11.24
CA ALA D 758 -89.90 30.30 -10.60
C ALA D 758 -91.19 29.52 -10.80
N PRO D 759 -91.10 28.21 -11.03
CA PRO D 759 -92.32 27.41 -11.22
C PRO D 759 -93.14 27.32 -9.95
N GLY D 760 -94.45 27.17 -10.13
CA GLY D 760 -95.36 27.05 -9.02
C GLY D 760 -96.23 28.27 -8.83
N LYS D 761 -97.54 28.05 -8.62
CA LYS D 761 -98.45 29.16 -8.40
C LYS D 761 -98.18 29.83 -7.07
N GLY D 762 -98.36 31.15 -7.03
CA GLY D 762 -98.12 31.92 -5.83
C GLY D 762 -96.69 32.38 -5.64
N ASN D 763 -95.78 32.01 -6.53
CA ASN D 763 -94.38 32.43 -6.44
C ASN D 763 -94.22 33.72 -7.24
N GLN D 764 -93.92 34.81 -6.54
CA GLN D 764 -93.76 36.13 -7.16
C GLN D 764 -92.30 36.56 -7.22
N LYS D 765 -91.39 35.63 -7.49
CA LYS D 765 -89.96 35.92 -7.58
C LYS D 765 -89.40 35.42 -8.89
N LEU D 766 -88.33 36.07 -9.34
CA LEU D 766 -87.67 35.71 -10.59
C LEU D 766 -86.17 35.72 -10.38
N ILE D 767 -85.44 35.28 -11.41
CA ILE D 767 -83.99 35.30 -11.41
C ILE D 767 -83.53 36.17 -12.57
N ALA D 768 -82.52 37.01 -12.31
CA ALA D 768 -81.98 37.93 -13.30
C ALA D 768 -80.56 37.51 -13.65
N MET D 769 -80.28 37.40 -14.94
CA MET D 769 -78.97 37.01 -15.44
C MET D 769 -78.26 38.22 -16.04
N TYR D 770 -77.01 38.41 -15.66
CA TYR D 770 -76.19 39.51 -16.16
C TYR D 770 -74.99 38.95 -16.91
N ASN D 771 -74.11 39.85 -17.36
CA ASN D 771 -72.95 39.43 -18.13
C ASN D 771 -71.91 38.74 -17.26
N ASP D 772 -71.83 39.09 -15.97
CA ASP D 772 -70.81 38.55 -15.09
C ASP D 772 -71.42 38.04 -13.78
N GLY D 773 -72.64 37.53 -13.83
CA GLY D 773 -73.26 36.98 -12.65
C GLY D 773 -74.77 36.87 -12.82
N ALA D 774 -75.42 36.44 -11.74
CA ALA D 774 -76.87 36.29 -11.71
C ALA D 774 -77.40 36.81 -10.39
N GLU D 775 -78.67 37.23 -10.42
CA GLU D 775 -79.32 37.78 -9.23
C GLU D 775 -80.77 37.29 -9.18
N VAL D 776 -81.32 37.29 -7.97
CA VAL D 776 -82.71 36.90 -7.72
C VAL D 776 -83.43 38.08 -7.07
N TRP D 777 -84.59 38.42 -7.63
CA TRP D 777 -85.37 39.56 -7.16
C TRP D 777 -86.78 39.09 -6.78
N ASP D 778 -87.47 39.94 -6.03
CA ASP D 778 -88.84 39.68 -5.61
C ASP D 778 -89.74 40.72 -6.25
N THR D 779 -90.79 40.26 -6.93
CA THR D 779 -91.70 41.18 -7.62
C THR D 779 -92.63 41.92 -6.66
N LYS D 780 -93.09 41.28 -5.59
CA LYS D 780 -93.99 41.92 -4.65
C LYS D 780 -93.29 43.03 -3.87
N GLU D 781 -92.25 42.69 -3.11
CA GLU D 781 -91.40 43.67 -2.44
C GLU D 781 -90.07 43.67 -3.19
N VAL D 782 -89.78 44.78 -3.87
CA VAL D 782 -88.61 44.84 -4.76
C VAL D 782 -87.33 45.00 -3.96
N GLN D 783 -86.69 43.87 -3.66
CA GLN D 783 -85.43 43.83 -2.92
C GLN D 783 -84.56 42.76 -3.55
N MET D 784 -83.39 42.54 -2.95
CA MET D 784 -82.48 41.50 -3.40
C MET D 784 -82.42 40.37 -2.37
N VAL D 785 -82.41 39.13 -2.88
CA VAL D 785 -82.35 37.96 -2.04
C VAL D 785 -80.94 37.36 -1.99
N SER D 786 -80.27 37.22 -3.13
CA SER D 786 -78.90 36.74 -3.17
C SER D 786 -78.23 37.26 -4.43
N SER D 787 -76.90 37.32 -4.39
CA SER D 787 -76.14 37.86 -5.51
C SER D 787 -74.88 37.04 -5.71
N LEU D 788 -74.38 37.05 -6.95
CA LEU D 788 -73.13 36.39 -7.30
C LEU D 788 -72.42 37.23 -8.33
N ARG D 789 -71.19 37.64 -8.04
CA ARG D 789 -70.37 38.40 -8.96
C ARG D 789 -69.08 37.64 -9.24
N SER D 790 -68.65 37.66 -10.50
CA SER D 790 -67.47 36.94 -10.94
C SER D 790 -66.23 37.72 -10.50
N GLY D 791 -65.57 37.24 -9.44
CA GLY D 791 -64.41 37.91 -8.91
C GLY D 791 -64.56 38.28 -7.45
N ARG D 792 -65.79 38.61 -7.05
CA ARG D 792 -66.05 38.98 -5.65
C ARG D 792 -66.43 37.75 -4.83
N ASN D 793 -67.49 37.06 -5.22
CA ASN D 793 -67.98 35.89 -4.50
C ASN D 793 -67.67 34.57 -5.21
N VAL D 794 -67.66 34.57 -6.54
CA VAL D 794 -67.46 33.36 -7.32
C VAL D 794 -66.36 33.59 -8.33
N THR D 795 -65.71 32.51 -8.75
CA THR D 795 -64.61 32.56 -9.70
C THR D 795 -65.04 32.27 -11.13
N PHE D 796 -65.79 31.20 -11.36
CA PHE D 796 -66.21 30.86 -12.71
C PHE D 796 -67.37 31.76 -13.16
N ARG D 797 -67.63 31.76 -14.46
CA ARG D 797 -68.64 32.60 -15.09
C ARG D 797 -69.94 31.82 -15.23
N ILE D 798 -70.97 32.52 -15.72
CA ILE D 798 -72.30 31.96 -15.89
C ILE D 798 -72.67 32.01 -17.36
N LEU D 799 -73.07 30.85 -17.90
CA LEU D 799 -73.49 30.76 -19.29
C LEU D 799 -74.99 30.61 -19.47
N ASP D 800 -75.68 29.98 -18.53
CA ASP D 800 -77.12 29.82 -18.60
C ASP D 800 -77.66 29.58 -17.19
N VAL D 801 -78.90 29.98 -16.97
CA VAL D 801 -79.57 29.80 -15.69
C VAL D 801 -80.90 29.09 -15.92
N ASP D 802 -81.36 28.38 -14.90
CA ASP D 802 -82.61 27.65 -14.99
C ASP D 802 -83.10 27.35 -13.58
N TRP D 803 -84.40 27.03 -13.49
CA TRP D 803 -85.04 26.69 -12.23
C TRP D 803 -85.28 25.18 -12.18
N CYS D 804 -84.82 24.54 -11.11
CA CYS D 804 -85.03 23.10 -10.94
C CYS D 804 -86.35 22.83 -10.21
N THR D 805 -86.48 23.32 -8.98
CA THR D 805 -87.73 23.20 -8.23
C THR D 805 -88.15 24.56 -7.70
N SER D 806 -89.16 24.57 -6.82
CA SER D 806 -89.65 25.83 -6.27
C SER D 806 -88.65 26.48 -5.32
N ASP D 807 -87.62 25.75 -4.89
CA ASP D 807 -86.65 26.28 -3.94
C ASP D 807 -85.20 26.14 -4.42
N LYS D 808 -84.98 25.63 -5.62
CA LYS D 808 -83.63 25.43 -6.15
C LYS D 808 -83.54 25.95 -7.58
N VAL D 809 -82.32 26.33 -7.97
CA VAL D 809 -82.03 26.85 -9.30
C VAL D 809 -80.86 26.07 -9.89
N ILE D 810 -80.73 26.17 -11.21
CA ILE D 810 -79.68 25.48 -11.95
C ILE D 810 -78.80 26.55 -12.61
N LEU D 811 -77.49 26.46 -12.38
CA LEU D 811 -76.52 27.40 -12.93
C LEU D 811 -75.54 26.65 -13.81
N ALA D 812 -75.21 27.23 -14.95
CA ALA D 812 -74.25 26.65 -15.89
C ALA D 812 -72.93 27.39 -15.78
N SER D 813 -71.84 26.63 -15.64
CA SER D 813 -70.50 27.18 -15.47
C SER D 813 -69.79 27.26 -16.82
N ASP D 814 -68.76 28.11 -16.87
CA ASP D 814 -67.99 28.31 -18.09
C ASP D 814 -66.92 27.24 -18.29
N ASP D 815 -66.58 26.46 -17.26
CA ASP D 815 -65.55 25.44 -17.38
C ASP D 815 -66.10 24.08 -17.76
N GLY D 816 -67.42 23.97 -17.97
CA GLY D 816 -68.02 22.71 -18.35
C GLY D 816 -68.63 21.96 -17.19
N CYS D 817 -69.25 22.68 -16.26
CA CYS D 817 -69.88 22.09 -15.10
C CYS D 817 -71.27 22.67 -14.91
N ILE D 818 -72.18 21.85 -14.41
CA ILE D 818 -73.54 22.27 -14.09
C ILE D 818 -73.77 22.04 -12.60
N ARG D 819 -74.16 23.09 -11.89
CA ARG D 819 -74.34 23.05 -10.44
C ARG D 819 -75.78 23.39 -10.10
N VAL D 820 -76.37 22.62 -9.18
CA VAL D 820 -77.70 22.87 -8.67
C VAL D 820 -77.55 23.47 -7.27
N LEU D 821 -78.03 24.70 -7.09
CA LEU D 821 -77.87 25.43 -5.84
C LEU D 821 -79.24 25.78 -5.27
N GLU D 822 -79.23 26.54 -4.19
CA GLU D 822 -80.44 26.95 -3.48
C GLU D 822 -80.71 28.43 -3.74
N MET D 823 -81.72 28.96 -3.05
CA MET D 823 -82.11 30.35 -3.21
C MET D 823 -81.01 31.32 -2.83
N SER D 824 -80.13 30.95 -1.91
CA SER D 824 -79.00 31.78 -1.53
C SER D 824 -77.76 31.56 -2.39
N MET D 825 -77.76 30.52 -3.24
CA MET D 825 -76.64 30.21 -4.13
C MET D 825 -75.33 30.10 -3.37
N LYS D 826 -75.38 29.45 -2.21
CA LYS D 826 -74.22 29.22 -1.37
C LYS D 826 -73.78 27.78 -1.49
N SER D 827 -72.47 27.57 -1.68
CA SER D 827 -71.94 26.22 -1.81
C SER D 827 -72.18 25.43 -0.52
N ALA D 828 -72.69 24.22 -0.68
CA ALA D 828 -73.01 23.34 0.44
C ALA D 828 -71.96 22.24 0.54
N CYS D 829 -72.17 21.33 1.51
CA CYS D 829 -71.29 20.19 1.75
C CYS D 829 -72.11 18.92 1.56
N PHE D 830 -72.10 18.39 0.33
CA PHE D 830 -72.83 17.16 0.04
C PHE D 830 -72.19 15.99 0.78
N ARG D 831 -73.04 15.16 1.38
CA ARG D 831 -72.60 14.01 2.15
C ARG D 831 -73.07 12.72 1.50
N MET D 832 -72.31 11.64 1.71
CA MET D 832 -72.62 10.34 1.15
C MET D 832 -73.61 9.55 1.99
N ASP D 833 -74.31 10.20 2.91
CA ASP D 833 -75.31 9.54 3.75
C ASP D 833 -76.72 9.73 3.23
N GLU D 834 -77.08 10.94 2.79
CA GLU D 834 -78.40 11.21 2.22
C GLU D 834 -78.47 10.90 0.74
N GLN D 835 -77.36 10.49 0.13
CA GLN D 835 -77.34 10.16 -1.29
C GLN D 835 -78.13 8.88 -1.55
N GLU D 836 -78.85 8.87 -2.67
CA GLU D 836 -79.61 7.71 -3.12
C GLU D 836 -78.88 7.10 -4.30
N LEU D 837 -78.60 5.80 -4.21
CA LEU D 837 -77.82 5.09 -5.22
C LEU D 837 -78.63 3.93 -5.78
N THR D 838 -78.52 3.73 -7.09
CA THR D 838 -79.27 2.65 -7.74
C THR D 838 -78.69 1.29 -7.38
N GLU D 839 -77.45 1.03 -7.81
CA GLU D 839 -76.82 -0.26 -7.56
C GLU D 839 -75.97 -0.19 -6.30
N PRO D 840 -76.09 -1.18 -5.40
CA PRO D 840 -75.38 -1.12 -4.12
C PRO D 840 -73.87 -1.06 -4.31
N VAL D 841 -73.20 -0.34 -3.42
CA VAL D 841 -71.75 -0.22 -3.43
C VAL D 841 -71.19 -0.90 -2.18
N TRP D 842 -70.22 -1.78 -2.39
CA TRP D 842 -69.58 -2.51 -1.30
C TRP D 842 -68.42 -1.67 -0.77
N CYS D 843 -68.65 -0.99 0.35
CA CYS D 843 -67.61 -0.18 0.99
C CYS D 843 -67.90 -0.08 2.48
N PRO D 844 -67.17 -0.83 3.29
CA PRO D 844 -67.40 -0.78 4.75
C PRO D 844 -67.11 0.58 5.38
N TYR D 845 -66.34 1.43 4.71
CA TYR D 845 -65.97 2.72 5.30
C TYR D 845 -67.17 3.64 5.46
N LEU D 846 -68.21 3.45 4.63
CA LEU D 846 -69.42 4.27 4.77
C LEU D 846 -70.16 3.97 6.07
N LEU D 847 -69.97 2.78 6.62
CA LEU D 847 -70.67 2.38 7.83
C LEU D 847 -70.09 3.09 9.05
N VAL D 848 -70.84 3.04 10.14
CA VAL D 848 -70.42 3.63 11.41
C VAL D 848 -69.26 2.82 11.97
N PRO D 849 -68.41 3.40 12.82
CA PRO D 849 -67.23 2.65 13.30
C PRO D 849 -67.58 1.37 14.05
N ARG D 850 -68.74 1.32 14.71
CA ARG D 850 -69.11 0.14 15.48
C ARG D 850 -69.76 -0.95 14.64
N ALA D 851 -69.98 -0.70 13.35
CA ALA D 851 -70.57 -1.71 12.47
C ALA D 851 -69.56 -2.45 11.62
N SER D 852 -68.47 -1.79 11.21
CA SER D 852 -67.47 -2.45 10.38
C SER D 852 -66.82 -3.61 11.13
N LEU D 853 -66.44 -3.39 12.39
CA LEU D 853 -65.86 -4.45 13.21
C LEU D 853 -66.85 -5.59 13.48
N ALA D 854 -68.12 -5.28 13.73
CA ALA D 854 -69.13 -6.32 13.90
C ALA D 854 -69.30 -7.15 12.63
N LEU D 855 -69.31 -6.49 11.46
CA LEU D 855 -69.39 -7.21 10.20
C LEU D 855 -68.17 -8.08 9.99
N LYS D 856 -66.99 -7.58 10.33
CA LYS D 856 -65.77 -8.38 10.22
C LYS D 856 -65.83 -9.60 11.11
N ALA D 857 -66.29 -9.42 12.36
CA ALA D 857 -66.41 -10.56 13.28
C ALA D 857 -67.43 -11.58 12.77
N PHE D 858 -68.55 -11.10 12.22
CA PHE D 858 -69.55 -12.01 11.67
C PHE D 858 -68.99 -12.79 10.48
N LEU D 859 -68.22 -12.12 9.61
CA LEU D 859 -67.67 -12.81 8.45
C LEU D 859 -66.57 -13.79 8.84
N LEU D 860 -65.79 -13.47 9.87
CA LEU D 860 -64.69 -14.35 10.27
C LEU D 860 -65.22 -15.70 10.78
N HIS D 861 -66.16 -15.66 11.73
CA HIS D 861 -66.76 -16.87 12.26
C HIS D 861 -68.05 -17.16 11.50
N GLN D 862 -67.96 -17.97 10.46
CA GLN D 862 -69.10 -18.31 9.62
C GLN D 862 -70.02 -19.36 10.26
N PRO D 863 -69.49 -20.45 10.88
CA PRO D 863 -70.39 -21.44 11.46
C PRO D 863 -71.14 -20.92 12.68
N TRP D 864 -72.20 -20.15 12.45
CA TRP D 864 -73.03 -19.62 13.54
C TRP D 864 -74.19 -20.58 13.76
N ASN D 865 -74.16 -21.28 14.89
CA ASN D 865 -75.21 -22.24 15.27
C ASN D 865 -75.41 -23.31 14.20
N GLY D 866 -74.31 -23.75 13.60
CA GLY D 866 -74.36 -24.83 12.63
C GLY D 866 -74.60 -24.38 11.19
N GLN D 867 -75.75 -23.76 10.95
CA GLN D 867 -76.14 -23.36 9.61
C GLN D 867 -75.28 -22.18 9.13
N TYR D 868 -75.22 -22.03 7.80
CA TYR D 868 -74.43 -21.00 7.16
C TYR D 868 -75.37 -20.00 6.52
N SER D 869 -75.22 -18.71 6.87
CA SER D 869 -76.05 -17.65 6.32
C SER D 869 -75.28 -16.34 6.38
N LEU D 870 -75.72 -15.39 5.55
CA LEU D 870 -75.11 -14.06 5.49
C LEU D 870 -76.06 -12.97 5.98
N ASP D 871 -77.09 -13.35 6.74
CA ASP D 871 -78.05 -12.40 7.27
C ASP D 871 -77.96 -12.35 8.79
N ILE D 872 -78.15 -11.15 9.35
CA ILE D 872 -78.00 -10.95 10.79
C ILE D 872 -79.22 -11.46 11.56
N SER D 873 -80.28 -11.86 10.86
CA SER D 873 -81.53 -12.25 11.52
C SER D 873 -81.37 -13.47 12.42
N HIS D 874 -80.45 -14.38 12.10
CA HIS D 874 -80.29 -15.59 12.91
C HIS D 874 -79.33 -15.42 14.07
N VAL D 875 -78.68 -14.26 14.22
CA VAL D 875 -77.78 -14.01 15.34
C VAL D 875 -78.36 -12.88 16.18
N ASP D 876 -77.94 -12.85 17.44
CA ASP D 876 -78.45 -11.87 18.40
C ASP D 876 -77.53 -10.65 18.37
N TYR D 877 -77.99 -9.60 17.70
CA TYR D 877 -77.26 -8.34 17.58
C TYR D 877 -78.19 -7.22 18.01
N PRO D 878 -78.23 -6.88 19.30
CA PRO D 878 -79.19 -5.87 19.78
C PRO D 878 -78.81 -4.45 19.38
N GLU D 879 -79.12 -4.08 18.14
CA GLU D 879 -78.91 -2.72 17.65
C GLU D 879 -80.18 -2.24 16.96
N ASN D 880 -80.16 -0.97 16.55
CA ASN D 880 -81.30 -0.39 15.87
C ASN D 880 -81.45 -1.00 14.48
N GLU D 881 -82.67 -0.92 13.94
CA GLU D 881 -82.97 -1.52 12.65
C GLU D 881 -82.26 -0.85 11.49
N GLU D 882 -81.91 0.44 11.61
CA GLU D 882 -81.23 1.13 10.51
C GLU D 882 -79.84 0.54 10.27
N ILE D 883 -79.07 0.32 11.34
CA ILE D 883 -77.74 -0.24 11.20
C ILE D 883 -77.79 -1.66 10.65
N LYS D 884 -78.74 -2.47 11.13
CA LYS D 884 -78.89 -3.82 10.62
C LYS D 884 -79.28 -3.82 9.14
N ASN D 885 -80.16 -2.89 8.75
CA ASN D 885 -80.55 -2.78 7.35
C ASN D 885 -79.36 -2.38 6.49
N LEU D 886 -78.54 -1.44 6.97
CA LEU D 886 -77.34 -1.04 6.23
C LEU D 886 -76.37 -2.21 6.10
N LEU D 887 -76.21 -2.99 7.17
CA LEU D 887 -75.34 -4.15 7.11
C LEU D 887 -75.84 -5.17 6.10
N GLN D 888 -77.16 -5.43 6.09
CA GLN D 888 -77.72 -6.36 5.12
C GLN D 888 -77.54 -5.85 3.70
N GLU D 889 -77.74 -4.54 3.50
CA GLU D 889 -77.59 -3.96 2.17
C GLU D 889 -76.15 -4.09 1.68
N GLN D 890 -75.19 -3.83 2.57
CA GLN D 890 -73.77 -3.98 2.19
C GLN D 890 -73.42 -5.43 1.91
N LEU D 891 -73.96 -6.36 2.71
CA LEU D 891 -73.68 -7.78 2.50
C LEU D 891 -74.25 -8.27 1.18
N ASN D 892 -75.45 -7.80 0.81
CA ASN D 892 -76.06 -8.22 -0.45
C ASN D 892 -75.31 -7.70 -1.67
N SER D 893 -74.45 -6.68 -1.50
CA SER D 893 -73.71 -6.13 -2.62
C SER D 893 -72.49 -6.94 -2.99
N LEU D 894 -72.14 -7.97 -2.21
CA LEU D 894 -70.97 -8.77 -2.50
C LEU D 894 -71.18 -9.60 -3.76
N SER D 895 -70.07 -9.96 -4.40
CA SER D 895 -70.12 -10.73 -5.63
C SER D 895 -70.54 -12.17 -5.36
N ASN D 896 -70.99 -12.84 -6.43
CA ASN D 896 -71.48 -14.20 -6.30
C ASN D 896 -70.35 -15.19 -5.98
N ASP D 897 -69.19 -15.03 -6.61
CA ASP D 897 -68.07 -15.93 -6.35
C ASP D 897 -67.57 -15.80 -4.92
N ILE D 898 -67.48 -14.57 -4.40
CA ILE D 898 -67.04 -14.39 -3.01
C ILE D 898 -68.05 -15.01 -2.04
N LYS D 899 -69.34 -14.83 -2.32
CA LYS D 899 -70.37 -15.44 -1.46
C LYS D 899 -70.28 -16.96 -1.51
N LYS D 900 -70.04 -17.52 -2.70
CA LYS D 900 -69.89 -18.97 -2.81
C LYS D 900 -68.68 -19.47 -2.03
N LEU D 901 -67.57 -18.72 -2.10
CA LEU D 901 -66.38 -19.08 -1.34
C LEU D 901 -66.66 -19.03 0.16
N LEU D 902 -67.39 -18.01 0.61
CA LEU D 902 -67.75 -17.91 2.02
C LEU D 902 -68.67 -19.06 2.44
N LEU D 903 -69.60 -19.45 1.58
CA LEU D 903 -70.54 -20.53 1.87
C LEU D 903 -69.96 -21.89 1.45
N ASP D 904 -68.80 -22.25 2.01
CA ASP D 904 -68.16 -23.51 1.72
C ASP D 904 -67.70 -24.13 3.03
N PRO D 905 -68.08 -25.37 3.33
CA PRO D 905 -67.64 -26.00 4.58
C PRO D 905 -66.18 -26.42 4.54
N GLU D 906 -65.56 -26.31 3.36
CA GLU D 906 -64.16 -26.65 3.19
C GLU D 906 -63.25 -25.44 3.12
N PHE D 907 -63.77 -24.24 3.36
CA PHE D 907 -62.98 -23.01 3.34
C PHE D 907 -62.44 -22.80 4.75
N THR D 908 -61.14 -23.01 4.93
CA THR D 908 -60.54 -23.01 6.26
C THR D 908 -60.53 -21.60 6.85
N LEU D 909 -60.27 -21.55 8.16
CA LEU D 909 -60.28 -20.28 8.88
C LEU D 909 -59.18 -19.34 8.39
N LEU D 910 -58.01 -19.89 8.07
CA LEU D 910 -56.92 -19.05 7.57
C LEU D 910 -57.28 -18.40 6.24
N GLN D 911 -57.90 -19.18 5.34
CA GLN D 911 -58.35 -18.62 4.06
C GLN D 911 -59.45 -17.59 4.29
N ARG D 912 -60.32 -17.82 5.26
CA ARG D 912 -61.35 -16.84 5.59
C ARG D 912 -60.74 -15.53 6.05
N CYS D 913 -59.72 -15.61 6.93
CA CYS D 913 -59.05 -14.42 7.39
C CYS D 913 -58.36 -13.69 6.26
N LEU D 914 -57.71 -14.43 5.36
CA LEU D 914 -57.04 -13.81 4.21
C LEU D 914 -58.06 -13.12 3.31
N LEU D 915 -59.20 -13.76 3.06
CA LEU D 915 -60.24 -13.15 2.23
C LEU D 915 -60.81 -11.89 2.89
N VAL D 916 -61.01 -11.93 4.20
CA VAL D 916 -61.51 -10.75 4.91
C VAL D 916 -60.51 -9.61 4.82
N SER D 917 -59.22 -9.92 4.99
CA SER D 917 -58.19 -8.88 4.89
C SER D 917 -58.13 -8.30 3.48
N ARG D 918 -58.26 -9.16 2.46
CA ARG D 918 -58.29 -8.67 1.08
C ARG D 918 -59.49 -7.77 0.84
N LEU D 919 -60.66 -8.15 1.35
CA LEU D 919 -61.86 -7.34 1.16
C LEU D 919 -61.74 -6.00 1.86
N TYR D 920 -61.19 -5.98 3.08
CA TYR D 920 -61.07 -4.75 3.83
C TYR D 920 -59.95 -3.84 3.33
N GLY D 921 -59.08 -4.34 2.45
CA GLY D 921 -58.03 -3.52 1.88
C GLY D 921 -56.99 -3.03 2.86
N ASP D 922 -56.53 -3.92 3.75
CA ASP D 922 -55.49 -3.61 4.71
C ASP D 922 -54.19 -4.31 4.33
N GLU D 923 -53.06 -3.70 4.71
CA GLU D 923 -51.76 -4.21 4.33
C GLU D 923 -51.07 -4.99 5.45
N SER D 924 -51.05 -4.45 6.66
CA SER D 924 -50.36 -5.08 7.78
C SER D 924 -51.00 -6.43 8.12
N GLU D 925 -52.34 -6.46 8.18
CA GLU D 925 -53.02 -7.71 8.49
C GLU D 925 -52.80 -8.75 7.41
N LEU D 926 -52.84 -8.34 6.14
CA LEU D 926 -52.58 -9.27 5.05
C LEU D 926 -51.16 -9.83 5.11
N HIS D 927 -50.17 -8.97 5.34
CA HIS D 927 -48.79 -9.42 5.44
C HIS D 927 -48.58 -10.35 6.62
N PHE D 928 -49.21 -10.05 7.77
CA PHE D 928 -49.11 -10.94 8.91
C PHE D 928 -49.73 -12.30 8.60
N TRP D 929 -50.94 -12.30 8.03
CA TRP D 929 -51.68 -13.54 7.85
C TRP D 929 -51.04 -14.43 6.80
N THR D 930 -50.56 -13.85 5.69
CA THR D 930 -49.93 -14.67 4.66
C THR D 930 -48.71 -15.41 5.20
N VAL D 931 -47.82 -14.68 5.87
CA VAL D 931 -46.61 -15.29 6.42
C VAL D 931 -46.97 -16.31 7.50
N ALA D 932 -47.92 -15.97 8.38
CA ALA D 932 -48.29 -16.89 9.44
C ALA D 932 -48.87 -18.19 8.88
N ALA D 933 -49.76 -18.08 7.89
CA ALA D 933 -50.35 -19.27 7.28
C ALA D 933 -49.30 -20.11 6.58
N HIS D 934 -48.40 -19.46 5.82
CA HIS D 934 -47.37 -20.21 5.11
C HIS D 934 -46.48 -20.97 6.08
N TYR D 935 -46.02 -20.30 7.14
CA TYR D 935 -45.13 -20.96 8.09
C TYR D 935 -45.85 -22.03 8.89
N LEU D 936 -47.12 -21.80 9.24
CA LEU D 936 -47.88 -22.81 9.95
C LEU D 936 -48.06 -24.06 9.09
N HIS D 937 -48.37 -23.88 7.80
CA HIS D 937 -48.50 -25.02 6.91
C HIS D 937 -47.17 -25.73 6.72
N SER D 938 -46.08 -24.98 6.63
CA SER D 938 -44.77 -25.59 6.45
C SER D 938 -44.37 -26.43 7.66
N LEU D 939 -44.57 -25.87 8.87
CA LEU D 939 -44.14 -26.58 10.07
C LEU D 939 -45.10 -27.70 10.43
N SER D 940 -46.36 -27.60 10.02
CA SER D 940 -47.36 -28.61 10.34
C SER D 940 -47.01 -29.96 9.73
N GLN D 941 -46.56 -29.95 8.47
CA GLN D 941 -46.20 -31.17 7.77
C GLN D 941 -44.78 -31.61 8.12
N ILE D 965 -39.83 -13.82 -3.09
CA ILE D 965 -38.73 -12.87 -3.13
C ILE D 965 -39.22 -11.50 -2.66
N CYS D 966 -40.55 -11.36 -2.55
CA CYS D 966 -41.12 -10.11 -2.07
C CYS D 966 -40.68 -9.81 -0.65
N TYR D 967 -40.63 -10.84 0.20
CA TYR D 967 -40.13 -10.69 1.56
C TYR D 967 -38.65 -11.02 1.59
N ASP D 968 -37.85 -10.10 2.10
CA ASP D 968 -36.40 -10.25 2.05
C ASP D 968 -35.91 -11.28 3.07
N VAL D 969 -36.16 -11.03 4.37
CA VAL D 969 -35.65 -11.89 5.43
C VAL D 969 -36.66 -12.94 5.86
N LEU D 970 -37.84 -12.99 5.24
CA LEU D 970 -38.88 -13.93 5.61
C LEU D 970 -38.89 -15.18 4.74
N CYS D 971 -37.95 -15.31 3.81
CA CYS D 971 -37.92 -16.45 2.91
C CYS D 971 -36.97 -17.52 3.44
N GLU D 972 -36.96 -18.67 2.74
CA GLU D 972 -36.10 -19.77 3.12
C GLU D 972 -34.64 -19.45 2.83
N ASN D 973 -33.75 -20.19 3.49
CA ASN D 973 -32.31 -19.93 3.35
C ASN D 973 -31.80 -20.27 1.96
N ALA D 974 -32.20 -21.43 1.42
CA ALA D 974 -31.70 -21.84 0.10
C ALA D 974 -32.17 -20.88 -0.99
N TYR D 975 -33.44 -20.46 -0.92
CA TYR D 975 -33.96 -19.51 -1.90
C TYR D 975 -33.19 -18.20 -1.86
N PHE D 976 -32.94 -17.69 -0.65
CA PHE D 976 -32.20 -16.44 -0.51
C PHE D 976 -30.78 -16.58 -1.03
N GLN D 977 -30.11 -17.69 -0.70
CA GLN D 977 -28.75 -17.91 -1.19
C GLN D 977 -28.71 -18.00 -2.70
N LYS D 978 -29.69 -18.68 -3.31
CA LYS D 978 -29.73 -18.77 -4.77
C LYS D 978 -29.92 -17.40 -5.39
N PHE D 979 -30.81 -16.58 -4.81
CA PHE D 979 -31.00 -15.24 -5.35
C PHE D 979 -29.77 -14.34 -5.19
N GLN D 980 -29.09 -14.38 -4.05
CA GLN D 980 -27.86 -13.59 -3.95
C GLN D 980 -26.75 -14.11 -4.86
N LEU D 981 -26.71 -15.41 -5.10
CA LEU D 981 -25.75 -15.94 -6.06
C LEU D 981 -26.06 -15.47 -7.48
N GLU D 982 -27.35 -15.46 -7.85
CA GLU D 982 -27.73 -14.93 -9.16
C GLU D 982 -27.40 -13.45 -9.26
N ARG D 983 -27.59 -12.70 -8.18
CA ARG D 983 -27.26 -11.28 -8.18
C ARG D 983 -25.76 -11.06 -8.34
N VAL D 984 -24.94 -11.83 -7.62
CA VAL D 984 -23.49 -11.61 -7.69
C VAL D 984 -22.95 -12.05 -9.04
N ASN D 985 -23.55 -13.07 -9.66
CA ASN D 985 -23.15 -13.42 -11.01
C ASN D 985 -23.37 -12.27 -11.99
N LEU D 986 -24.55 -11.63 -11.93
CA LEU D 986 -24.83 -10.49 -12.79
C LEU D 986 -23.96 -9.29 -12.48
N GLN D 987 -23.61 -9.09 -11.21
CA GLN D 987 -22.67 -8.04 -10.84
C GLN D 987 -21.26 -8.32 -11.33
N GLU D 988 -20.85 -9.58 -11.39
CA GLU D 988 -19.55 -9.96 -11.94
C GLU D 988 -19.52 -9.93 -13.46
N VAL D 989 -20.66 -10.09 -14.13
CA VAL D 989 -20.67 -10.09 -15.58
C VAL D 989 -20.23 -8.75 -16.14
N LYS D 990 -20.70 -7.65 -15.54
CA LYS D 990 -20.53 -6.31 -16.10
C LYS D 990 -19.47 -5.48 -15.38
N ARG D 991 -18.36 -6.08 -14.96
CA ARG D 991 -17.30 -5.31 -14.34
C ARG D 991 -16.68 -4.34 -15.34
N SER D 992 -16.47 -3.10 -14.89
CA SER D 992 -15.92 -2.07 -15.76
C SER D 992 -14.57 -1.56 -15.27
N THR D 993 -14.51 -1.12 -14.01
CA THR D 993 -13.29 -0.52 -13.47
C THR D 993 -12.73 -1.45 -12.39
N TYR D 994 -11.63 -1.03 -11.76
CA TYR D 994 -10.98 -1.84 -10.73
C TYR D 994 -11.71 -1.81 -9.39
N ASP D 995 -12.36 -0.70 -9.04
CA ASP D 995 -13.10 -0.65 -7.79
C ASP D 995 -14.29 -1.59 -7.80
N HIS D 996 -14.98 -1.69 -8.94
CA HIS D 996 -16.06 -2.67 -9.07
C HIS D 996 -15.51 -4.09 -8.96
N THR D 997 -14.33 -4.33 -9.52
CA THR D 997 -13.70 -5.65 -9.37
C THR D 997 -13.38 -5.94 -7.91
N ARG D 998 -12.90 -4.93 -7.17
CA ARG D 998 -12.63 -5.11 -5.74
C ARG D 998 -13.91 -5.44 -4.97
N LYS D 999 -14.99 -4.71 -5.27
CA LYS D 999 -16.26 -4.99 -4.60
C LYS D 999 -16.77 -6.39 -4.93
N CYS D 1000 -16.65 -6.80 -6.20
CA CYS D 1000 -17.08 -8.13 -6.59
C CYS D 1000 -16.27 -9.21 -5.90
N THR D 1001 -14.95 -9.01 -5.80
CA THR D 1001 -14.10 -9.95 -5.10
C THR D 1001 -14.48 -10.04 -3.62
N ASP D 1002 -14.76 -8.89 -3.00
CA ASP D 1002 -15.17 -8.86 -1.61
C ASP D 1002 -16.47 -9.63 -1.41
N GLN D 1003 -17.44 -9.41 -2.29
CA GLN D 1003 -18.71 -10.11 -2.21
C GLN D 1003 -18.57 -11.61 -2.44
N LEU D 1004 -17.75 -12.03 -3.41
CA LEU D 1004 -17.52 -13.44 -3.65
C LEU D 1004 -16.81 -14.12 -2.50
N LEU D 1005 -15.81 -13.48 -1.90
CA LEU D 1005 -15.14 -14.05 -0.73
C LEU D 1005 -16.02 -14.07 0.50
N LEU D 1006 -16.95 -13.12 0.63
CA LEU D 1006 -17.92 -13.14 1.71
C LEU D 1006 -19.03 -14.16 1.48
N LEU D 1007 -19.29 -14.53 0.23
CA LEU D 1007 -20.32 -15.52 -0.08
C LEU D 1007 -19.80 -16.95 -0.06
N GLY D 1008 -18.50 -17.15 -0.08
CA GLY D 1008 -17.92 -18.48 -0.02
C GLY D 1008 -17.42 -19.06 -1.34
N GLN D 1009 -17.46 -18.30 -2.44
CA GLN D 1009 -16.98 -18.79 -3.73
C GLN D 1009 -15.51 -18.42 -3.90
N THR D 1010 -14.67 -19.14 -3.15
CA THR D 1010 -13.23 -18.87 -3.16
C THR D 1010 -12.58 -19.32 -4.46
N ASP D 1011 -13.09 -20.39 -5.08
CA ASP D 1011 -12.47 -20.92 -6.29
C ASP D 1011 -12.50 -19.90 -7.43
N ARG D 1012 -13.65 -19.25 -7.62
CA ARG D 1012 -13.75 -18.23 -8.65
C ARG D 1012 -13.25 -16.86 -8.19
N ALA D 1013 -12.96 -16.71 -6.90
CA ALA D 1013 -12.39 -15.48 -6.37
C ALA D 1013 -10.87 -15.45 -6.46
N VAL D 1014 -10.20 -16.60 -6.36
CA VAL D 1014 -8.75 -16.64 -6.51
C VAL D 1014 -8.35 -16.23 -7.92
N GLN D 1015 -9.08 -16.72 -8.94
CA GLN D 1015 -8.78 -16.33 -10.32
C GLN D 1015 -9.00 -14.84 -10.53
N LEU D 1016 -10.08 -14.30 -9.97
CA LEU D 1016 -10.36 -12.87 -10.07
C LEU D 1016 -9.36 -12.01 -9.31
N LEU D 1017 -8.72 -12.56 -8.27
CA LEU D 1017 -7.69 -11.86 -7.53
C LEU D 1017 -6.35 -11.81 -8.27
N LEU D 1018 -6.04 -12.82 -9.08
CA LEU D 1018 -4.80 -12.85 -9.85
C LEU D 1018 -4.97 -12.21 -11.21
N GLU D 1019 -5.51 -10.99 -11.23
CA GLU D 1019 -5.67 -10.26 -12.48
C GLU D 1019 -5.30 -8.78 -12.34
N THR D 1020 -4.57 -8.40 -11.30
CA THR D 1020 -4.20 -7.01 -11.07
C THR D 1020 -3.04 -6.64 -11.99
N SER D 1021 -3.12 -5.45 -12.58
CA SER D 1021 -2.07 -4.97 -13.48
C SER D 1021 -0.76 -4.79 -12.72
N ALA D 1022 0.36 -4.89 -13.44
CA ALA D 1022 1.68 -4.81 -12.83
C ALA D 1022 2.11 -3.36 -12.63
N ASP D 1023 1.15 -2.42 -12.67
CA ASP D 1023 1.45 -1.02 -12.43
C ASP D 1023 0.67 -0.44 -11.27
N ASN D 1024 -0.35 -1.12 -10.76
CA ASN D 1024 -1.13 -0.61 -9.64
C ASN D 1024 -0.36 -0.76 -8.33
N GLN D 1025 -0.70 0.08 -7.36
CA GLN D 1025 -0.03 0.07 -6.07
C GLN D 1025 -0.54 -1.03 -5.15
N HIS D 1026 -1.64 -1.69 -5.49
CA HIS D 1026 -2.23 -2.75 -4.68
C HIS D 1026 -1.89 -4.13 -5.21
N TYR D 1027 -0.94 -4.24 -6.14
CA TYR D 1027 -0.61 -5.54 -6.71
C TYR D 1027 -0.02 -6.48 -5.66
N TYR D 1028 0.85 -5.97 -4.79
CA TYR D 1028 1.50 -6.80 -3.79
C TYR D 1028 0.49 -7.36 -2.78
N CYS D 1029 -0.38 -6.49 -2.26
CA CYS D 1029 -1.37 -6.94 -1.29
C CYS D 1029 -2.35 -7.93 -1.89
N ASP D 1030 -2.82 -7.67 -3.11
CA ASP D 1030 -3.73 -8.58 -3.78
C ASP D 1030 -3.08 -9.90 -4.15
N SER D 1031 -1.79 -9.90 -4.48
CA SER D 1031 -1.08 -11.14 -4.76
C SER D 1031 -0.86 -11.96 -3.50
N LEU D 1032 -0.58 -11.29 -2.38
CA LEU D 1032 -0.44 -11.99 -1.11
C LEU D 1032 -1.78 -12.52 -0.59
N LYS D 1033 -2.88 -11.80 -0.84
CA LYS D 1033 -4.19 -12.25 -0.39
C LYS D 1033 -4.67 -13.49 -1.15
N ALA D 1034 -4.35 -13.58 -2.44
CA ALA D 1034 -4.79 -14.74 -3.22
C ALA D 1034 -4.19 -16.04 -2.71
N CYS D 1035 -2.90 -16.03 -2.36
CA CYS D 1035 -2.27 -17.20 -1.77
C CYS D 1035 -2.86 -17.51 -0.40
N LEU D 1036 -3.12 -16.48 0.41
CA LEU D 1036 -3.69 -16.69 1.73
C LEU D 1036 -5.05 -17.35 1.65
N VAL D 1037 -5.91 -16.89 0.73
CA VAL D 1037 -7.23 -17.48 0.58
C VAL D 1037 -7.12 -18.96 0.21
N THR D 1038 -6.15 -19.32 -0.62
CA THR D 1038 -5.97 -20.70 -1.05
C THR D 1038 -5.41 -21.59 0.06
N THR D 1039 -4.50 -21.06 0.89
CA THR D 1039 -3.79 -21.93 1.82
C THR D 1039 -4.53 -22.18 3.13
N VAL D 1040 -5.33 -21.23 3.60
CA VAL D 1040 -5.93 -21.33 4.93
C VAL D 1040 -7.35 -21.90 4.85
N THR D 1041 -7.69 -22.58 3.76
CA THR D 1041 -9.00 -23.20 3.62
C THR D 1041 -9.29 -24.23 4.70
N SER D 1042 -8.25 -24.83 5.28
CA SER D 1042 -8.42 -25.79 6.38
C SER D 1042 -8.41 -25.07 7.72
N SER D 1043 -9.09 -25.65 8.70
CA SER D 1043 -9.18 -25.08 10.05
C SER D 1043 -8.55 -26.07 11.03
N GLY D 1044 -7.27 -25.86 11.33
CA GLY D 1044 -6.54 -26.74 12.22
C GLY D 1044 -6.21 -26.07 13.54
N PRO D 1045 -5.02 -26.34 14.07
CA PRO D 1045 -4.63 -25.77 15.37
C PRO D 1045 -3.90 -24.44 15.23
N SER D 1046 -3.59 -24.05 14.00
CA SER D 1046 -2.88 -22.81 13.73
C SER D 1046 -3.81 -21.65 13.40
N GLN D 1047 -5.03 -21.67 13.93
CA GLN D 1047 -6.02 -20.64 13.61
C GLN D 1047 -6.20 -19.60 14.70
N SER D 1048 -5.68 -19.84 15.90
CA SER D 1048 -5.89 -18.92 17.01
C SER D 1048 -5.22 -17.57 16.75
N THR D 1049 -3.99 -17.57 16.24
CA THR D 1049 -3.28 -16.31 15.99
C THR D 1049 -3.96 -15.52 14.88
N ILE D 1050 -4.53 -16.21 13.89
CA ILE D 1050 -5.25 -15.53 12.82
C ILE D 1050 -6.49 -14.83 13.38
N LYS D 1051 -7.22 -15.50 14.27
CA LYS D 1051 -8.36 -14.88 14.93
C LYS D 1051 -7.95 -13.70 15.80
N LEU D 1052 -6.82 -13.83 16.52
CA LEU D 1052 -6.34 -12.72 17.33
C LEU D 1052 -5.99 -11.51 16.47
N VAL D 1053 -5.32 -11.75 15.34
CA VAL D 1053 -4.98 -10.66 14.42
C VAL D 1053 -6.25 -10.01 13.86
N ALA D 1054 -7.23 -10.82 13.49
CA ALA D 1054 -8.50 -10.27 12.99
C ALA D 1054 -9.20 -9.44 14.06
N THR D 1055 -9.22 -9.92 15.30
CA THR D 1055 -9.83 -9.17 16.39
C THR D 1055 -9.12 -7.84 16.62
N ASN D 1056 -7.78 -7.85 16.55
CA ASN D 1056 -7.03 -6.60 16.69
C ASN D 1056 -7.35 -5.62 15.56
N MET D 1057 -7.43 -6.12 14.32
CA MET D 1057 -7.76 -5.23 13.21
C MET D 1057 -9.17 -4.65 13.36
N ILE D 1058 -10.12 -5.47 13.82
CA ILE D 1058 -11.47 -4.97 14.05
C ILE D 1058 -11.48 -3.92 15.16
N ALA D 1059 -10.76 -4.16 16.25
CA ALA D 1059 -10.71 -3.21 17.35
C ALA D 1059 -9.90 -1.96 17.02
N ASN D 1060 -9.10 -2.00 15.94
CA ASN D 1060 -8.28 -0.86 15.55
C ASN D 1060 -9.00 0.08 14.60
N GLY D 1061 -10.26 -0.20 14.26
CA GLY D 1061 -11.02 0.69 13.43
C GLY D 1061 -11.57 0.05 12.16
N LYS D 1062 -10.78 -0.82 11.54
CA LYS D 1062 -11.17 -1.47 10.29
C LYS D 1062 -12.05 -2.67 10.60
N LEU D 1063 -13.34 -2.56 10.27
CA LEU D 1063 -14.33 -3.59 10.58
C LEU D 1063 -14.57 -4.55 9.43
N ALA D 1064 -14.80 -4.01 8.22
CA ALA D 1064 -15.11 -4.87 7.08
C ALA D 1064 -13.95 -5.80 6.74
N GLU D 1065 -12.72 -5.31 6.80
CA GLU D 1065 -11.56 -6.14 6.49
C GLU D 1065 -11.41 -7.31 7.47
N GLY D 1066 -11.70 -7.09 8.75
CA GLY D 1066 -11.69 -8.16 9.72
C GLY D 1066 -12.89 -9.08 9.70
N VAL D 1067 -14.07 -8.54 9.40
CA VAL D 1067 -15.28 -9.34 9.29
C VAL D 1067 -15.11 -10.30 8.12
N GLN D 1068 -14.54 -9.81 7.02
CA GLN D 1068 -14.28 -10.66 5.87
C GLN D 1068 -13.36 -11.82 6.23
N LEU D 1069 -12.27 -11.55 6.95
CA LEU D 1069 -11.35 -12.60 7.35
C LEU D 1069 -12.01 -13.60 8.29
N LEU D 1070 -12.78 -13.10 9.26
CA LEU D 1070 -13.47 -14.00 10.18
C LEU D 1070 -14.45 -14.91 9.46
N CYS D 1071 -15.18 -14.36 8.49
CA CYS D 1071 -16.05 -15.20 7.67
C CYS D 1071 -15.26 -16.19 6.85
N LEU D 1072 -14.09 -15.78 6.36
CA LEU D 1072 -13.28 -16.64 5.51
C LEU D 1072 -12.66 -17.80 6.27
N ILE D 1073 -12.32 -17.63 7.55
CA ILE D 1073 -11.54 -18.67 8.20
C ILE D 1073 -12.42 -19.84 8.64
N ASP D 1074 -13.23 -19.66 9.68
CA ASP D 1074 -14.30 -20.63 9.95
C ASP D 1074 -15.49 -19.95 10.62
N LYS D 1075 -15.35 -18.67 10.97
CA LYS D 1075 -16.18 -18.05 12.00
C LYS D 1075 -17.13 -17.02 11.39
N ALA D 1076 -18.29 -17.49 10.97
CA ALA D 1076 -19.37 -16.60 10.57
C ALA D 1076 -20.09 -15.99 11.77
N ALA D 1077 -20.28 -16.77 12.85
CA ALA D 1077 -21.03 -16.28 14.00
C ALA D 1077 -20.29 -15.16 14.73
N ASP D 1078 -18.96 -15.27 14.87
CA ASP D 1078 -18.20 -14.21 15.52
C ASP D 1078 -18.30 -12.91 14.72
N ALA D 1079 -18.19 -13.01 13.39
CA ALA D 1079 -18.33 -11.83 12.55
C ALA D 1079 -19.72 -11.24 12.65
N CYS D 1080 -20.74 -12.10 12.72
CA CYS D 1080 -22.11 -11.61 12.89
C CYS D 1080 -22.26 -10.85 14.20
N ARG D 1081 -21.74 -11.35 15.32
CA ARG D 1081 -21.94 -10.56 16.57
C ARG D 1081 -21.10 -9.29 16.49
N TYR D 1082 -19.88 -9.33 15.95
CA TYR D 1082 -19.14 -8.07 15.87
C TYR D 1082 -19.88 -7.05 15.02
N LEU D 1083 -20.51 -7.49 13.92
CA LEU D 1083 -21.30 -6.58 13.10
C LEU D 1083 -22.50 -6.04 13.88
N GLN D 1084 -23.17 -6.90 14.64
CA GLN D 1084 -24.31 -6.45 15.45
C GLN D 1084 -23.86 -5.47 16.53
N THR D 1085 -22.66 -5.67 17.08
CA THR D 1085 -22.17 -4.80 18.12
C THR D 1085 -21.91 -3.39 17.62
N TYR D 1086 -21.47 -3.25 16.36
CA TYR D 1086 -21.12 -1.95 15.80
C TYR D 1086 -22.26 -1.29 15.05
N GLY D 1087 -23.45 -1.89 15.06
CA GLY D 1087 -24.62 -1.28 14.47
C GLY D 1087 -24.95 -1.69 13.06
N GLU D 1088 -24.25 -2.65 12.49
CA GLU D 1088 -24.52 -3.15 11.14
C GLU D 1088 -25.52 -4.29 11.22
N TRP D 1089 -26.77 -3.93 11.53
CA TRP D 1089 -27.81 -4.95 11.74
C TRP D 1089 -28.22 -5.60 10.43
N ASN D 1090 -28.42 -4.82 9.37
CA ASN D 1090 -28.85 -5.38 8.10
C ASN D 1090 -27.80 -6.31 7.51
N ARG D 1091 -26.54 -5.89 7.53
CA ARG D 1091 -25.48 -6.73 6.97
C ARG D 1091 -25.28 -8.00 7.80
N ALA D 1092 -25.40 -7.88 9.13
CA ALA D 1092 -25.30 -9.06 9.98
C ALA D 1092 -26.44 -10.02 9.72
N ALA D 1093 -27.65 -9.50 9.52
CA ALA D 1093 -28.79 -10.36 9.20
C ALA D 1093 -28.59 -11.05 7.86
N TRP D 1094 -28.08 -10.31 6.87
CA TRP D 1094 -27.78 -10.92 5.57
C TRP D 1094 -26.75 -12.03 5.70
N LEU D 1095 -25.70 -11.78 6.50
CA LEU D 1095 -24.66 -12.78 6.71
C LEU D 1095 -25.23 -14.03 7.39
N ALA D 1096 -26.08 -13.84 8.40
CA ALA D 1096 -26.67 -14.97 9.10
C ALA D 1096 -27.63 -15.73 8.19
N LYS D 1097 -28.32 -15.04 7.29
CA LYS D 1097 -29.22 -15.72 6.36
C LYS D 1097 -28.45 -16.52 5.31
N VAL D 1098 -27.30 -15.99 4.86
CA VAL D 1098 -26.55 -16.66 3.80
C VAL D 1098 -25.86 -17.91 4.34
N ARG D 1099 -24.97 -17.73 5.31
CA ARG D 1099 -24.20 -18.83 5.86
C ARG D 1099 -24.89 -19.33 7.14
N LEU D 1100 -24.22 -20.21 7.89
CA LEU D 1100 -24.65 -20.72 9.18
C LEU D 1100 -25.82 -21.70 9.05
N ASN D 1101 -25.79 -22.76 9.84
CA ASN D 1101 -26.86 -23.74 9.90
C ASN D 1101 -28.10 -23.12 10.56
N PRO D 1102 -29.28 -23.70 10.33
CA PRO D 1102 -30.49 -23.13 10.96
C PRO D 1102 -30.60 -23.47 12.44
N GLU D 1103 -29.50 -23.33 13.17
CA GLU D 1103 -29.49 -23.45 14.63
C GLU D 1103 -28.79 -22.29 15.33
N GLU D 1104 -27.76 -21.68 14.74
CA GLU D 1104 -27.12 -20.50 15.29
C GLU D 1104 -27.71 -19.21 14.75
N CYS D 1105 -28.30 -19.25 13.55
CA CYS D 1105 -28.94 -18.05 13.00
C CYS D 1105 -30.14 -17.63 13.82
N ALA D 1106 -30.75 -18.58 14.53
CA ALA D 1106 -31.92 -18.26 15.36
C ALA D 1106 -31.56 -17.28 16.47
N ASP D 1107 -30.43 -17.50 17.14
CA ASP D 1107 -30.01 -16.59 18.20
C ASP D 1107 -29.71 -15.20 17.63
N VAL D 1108 -29.04 -15.16 16.47
CA VAL D 1108 -28.73 -13.88 15.84
C VAL D 1108 -30.00 -13.12 15.48
N LEU D 1109 -31.01 -13.82 14.96
CA LEU D 1109 -32.27 -13.18 14.61
C LEU D 1109 -33.08 -12.77 15.83
N ARG D 1110 -33.05 -13.53 16.92
CA ARG D 1110 -33.70 -13.07 18.15
C ARG D 1110 -33.00 -11.84 18.73
N ARG D 1111 -31.67 -11.79 18.66
CA ARG D 1111 -30.95 -10.60 19.11
C ARG D 1111 -31.28 -9.37 18.27
N TRP D 1112 -31.60 -9.56 16.99
CA TRP D 1112 -32.04 -8.46 16.13
C TRP D 1112 -33.49 -8.08 16.39
N VAL D 1113 -34.34 -9.06 16.71
CA VAL D 1113 -35.72 -8.77 17.09
C VAL D 1113 -35.75 -7.96 18.37
N ASP D 1114 -34.90 -8.29 19.33
CA ASP D 1114 -34.83 -7.54 20.58
C ASP D 1114 -34.47 -6.08 20.33
N HIS D 1115 -33.52 -5.85 19.42
CA HIS D 1115 -33.18 -4.48 19.05
C HIS D 1115 -34.35 -3.80 18.34
N LEU D 1116 -35.06 -4.54 17.47
CA LEU D 1116 -36.20 -3.97 16.75
C LEU D 1116 -37.35 -3.62 17.67
N CYS D 1117 -37.41 -4.20 18.87
CA CYS D 1117 -38.49 -3.93 19.82
C CYS D 1117 -38.15 -2.80 20.78
N SER D 1118 -37.01 -2.13 20.60
CA SER D 1118 -36.64 -1.03 21.46
C SER D 1118 -37.60 0.15 21.26
N PRO D 1119 -37.77 0.99 22.29
CA PRO D 1119 -38.69 2.13 22.15
C PRO D 1119 -38.17 3.23 21.26
N GLN D 1120 -36.96 3.04 20.71
CA GLN D 1120 -36.36 4.01 19.81
C GLN D 1120 -36.43 3.59 18.35
N VAL D 1121 -36.58 2.30 18.07
CA VAL D 1121 -36.67 1.84 16.68
C VAL D 1121 -38.12 1.78 16.20
N ASN D 1122 -39.06 1.46 17.09
CA ASN D 1122 -40.49 1.30 16.81
C ASN D 1122 -40.75 0.62 15.48
N GLN D 1123 -40.25 -0.61 15.33
CA GLN D 1123 -40.47 -1.45 14.16
C GLN D 1123 -41.03 -2.80 14.59
N LYS D 1124 -42.04 -2.75 15.46
CA LYS D 1124 -42.57 -3.96 16.07
C LYS D 1124 -43.19 -4.91 15.06
N SER D 1125 -43.72 -4.39 13.95
CA SER D 1125 -44.31 -5.25 12.93
C SER D 1125 -43.25 -6.15 12.29
N LYS D 1126 -42.09 -5.57 11.98
CA LYS D 1126 -41.00 -6.35 11.41
C LYS D 1126 -40.48 -7.39 12.40
N ALA D 1127 -40.42 -7.03 13.69
CA ALA D 1127 -40.04 -8.00 14.71
C ALA D 1127 -41.05 -9.14 14.80
N LEU D 1128 -42.34 -8.84 14.71
CA LEU D 1128 -43.36 -9.89 14.69
C LEU D 1128 -43.18 -10.80 13.48
N LEU D 1129 -42.91 -10.21 12.32
CA LEU D 1129 -42.69 -11.02 11.11
C LEU D 1129 -41.48 -11.94 11.27
N VAL D 1130 -40.39 -11.42 11.82
CA VAL D 1130 -39.19 -12.24 12.00
C VAL D 1130 -39.43 -13.32 13.04
N LEU D 1131 -40.19 -13.01 14.09
CA LEU D 1131 -40.52 -14.02 15.10
C LEU D 1131 -41.38 -15.12 14.50
N LEU D 1132 -42.32 -14.76 13.62
CA LEU D 1132 -43.08 -15.78 12.88
C LEU D 1132 -42.16 -16.61 12.00
N SER D 1133 -41.17 -15.97 11.37
CA SER D 1133 -40.22 -16.71 10.55
C SER D 1133 -39.44 -17.72 11.39
N LEU D 1134 -39.04 -17.34 12.60
CA LEU D 1134 -38.33 -18.26 13.49
C LEU D 1134 -39.20 -19.42 13.95
N GLY D 1135 -40.51 -19.32 13.86
CA GLY D 1135 -41.39 -20.39 14.28
C GLY D 1135 -41.75 -20.39 15.75
N CYS D 1136 -41.29 -19.40 16.53
CA CYS D 1136 -41.61 -19.31 17.95
C CYS D 1136 -43.01 -18.71 18.09
N PHE D 1137 -44.01 -19.56 17.89
CA PHE D 1137 -45.40 -19.10 17.91
C PHE D 1137 -45.84 -18.68 19.30
N PHE D 1138 -45.30 -19.31 20.35
CA PHE D 1138 -45.67 -18.93 21.71
C PHE D 1138 -45.22 -17.51 22.01
N SER D 1139 -44.00 -17.16 21.61
CA SER D 1139 -43.51 -15.79 21.81
C SER D 1139 -44.34 -14.80 21.01
N VAL D 1140 -44.74 -15.18 19.78
CA VAL D 1140 -45.58 -14.31 18.97
C VAL D 1140 -46.91 -14.06 19.66
N ALA D 1141 -47.53 -15.12 20.19
CA ALA D 1141 -48.80 -14.95 20.91
C ALA D 1141 -48.62 -14.08 22.15
N GLU D 1142 -47.53 -14.29 22.89
CA GLU D 1142 -47.29 -13.48 24.09
C GLU D 1142 -47.14 -12.01 23.74
N THR D 1143 -46.34 -11.69 22.72
CA THR D 1143 -46.13 -10.29 22.39
C THR D 1143 -47.35 -9.68 21.72
N LEU D 1144 -48.18 -10.50 21.06
CA LEU D 1144 -49.45 -10.00 20.52
C LEU D 1144 -50.42 -9.65 21.63
N HIS D 1145 -50.49 -10.50 22.66
CA HIS D 1145 -51.33 -10.18 23.82
C HIS D 1145 -50.78 -8.99 24.59
N SER D 1146 -49.47 -8.77 24.53
CA SER D 1146 -48.88 -7.64 25.23
C SER D 1146 -49.26 -6.31 24.58
N MET D 1147 -49.41 -6.27 23.25
CA MET D 1147 -49.64 -5.04 22.51
C MET D 1147 -51.13 -4.75 22.31
N ARG D 1148 -52.00 -5.34 23.11
CA ARG D 1148 -53.45 -5.16 22.99
C ARG D 1148 -53.92 -5.46 21.57
N TYR D 1149 -53.60 -6.68 21.11
CA TYR D 1149 -54.00 -7.15 19.78
C TYR D 1149 -54.87 -8.38 19.94
N PHE D 1150 -55.86 -8.30 20.84
CA PHE D 1150 -56.64 -9.48 21.20
C PHE D 1150 -57.38 -10.06 20.00
N ASP D 1151 -57.87 -9.19 19.10
CA ASP D 1151 -58.59 -9.68 17.94
C ASP D 1151 -57.71 -10.56 17.05
N ARG D 1152 -56.45 -10.15 16.83
CA ARG D 1152 -55.52 -10.97 16.07
C ARG D 1152 -54.98 -12.12 16.91
N ALA D 1153 -54.79 -11.89 18.22
CA ALA D 1153 -54.20 -12.92 19.08
C ALA D 1153 -55.11 -14.14 19.20
N ALA D 1154 -56.41 -13.91 19.35
CA ALA D 1154 -57.35 -15.04 19.47
C ALA D 1154 -57.36 -15.88 18.19
N LEU D 1155 -57.38 -15.22 17.03
CA LEU D 1155 -57.36 -15.95 15.77
C LEU D 1155 -56.05 -16.71 15.60
N PHE D 1156 -54.93 -16.09 15.97
CA PHE D 1156 -53.65 -16.79 15.88
C PHE D 1156 -53.60 -18.00 16.79
N VAL D 1157 -54.12 -17.87 18.02
CA VAL D 1157 -54.15 -19.00 18.95
C VAL D 1157 -55.03 -20.11 18.40
N GLU D 1158 -56.19 -19.75 17.85
CA GLU D 1158 -57.07 -20.77 17.28
C GLU D 1158 -56.41 -21.49 16.10
N ALA D 1159 -55.73 -20.73 15.23
CA ALA D 1159 -55.05 -21.36 14.10
C ALA D 1159 -53.93 -22.28 14.57
N CYS D 1160 -53.17 -21.85 15.58
CA CYS D 1160 -52.09 -22.69 16.10
C CYS D 1160 -52.64 -23.96 16.72
N LEU D 1161 -53.74 -23.85 17.46
CA LEU D 1161 -54.37 -25.03 18.04
C LEU D 1161 -54.88 -25.99 16.96
N LYS D 1162 -55.49 -25.44 15.91
CA LYS D 1162 -56.00 -26.27 14.84
C LYS D 1162 -54.86 -26.98 14.09
N TYR D 1163 -53.78 -26.27 13.82
CA TYR D 1163 -52.67 -26.82 13.05
C TYR D 1163 -51.66 -27.59 13.91
N GLY D 1164 -51.84 -27.61 15.22
CA GLY D 1164 -50.96 -28.37 16.09
C GLY D 1164 -49.59 -27.76 16.26
N ALA D 1165 -49.53 -26.58 16.83
CA ALA D 1165 -48.27 -25.93 17.15
C ALA D 1165 -47.92 -25.99 18.63
N PHE D 1166 -48.92 -25.85 19.51
CA PHE D 1166 -48.74 -26.02 20.94
C PHE D 1166 -50.06 -26.45 21.54
N GLU D 1167 -49.99 -27.33 22.54
CA GLU D 1167 -51.17 -27.89 23.17
C GLU D 1167 -51.48 -27.14 24.46
N VAL D 1168 -52.67 -27.40 25.00
CA VAL D 1168 -53.12 -26.75 26.23
C VAL D 1168 -52.58 -27.50 27.43
N THR D 1169 -51.39 -27.11 27.89
CA THR D 1169 -50.79 -27.73 29.06
C THR D 1169 -51.04 -26.88 30.29
N GLU D 1170 -50.42 -27.23 31.42
CA GLU D 1170 -50.57 -26.46 32.65
C GLU D 1170 -49.88 -25.11 32.61
N ASP D 1171 -49.00 -24.89 31.64
CA ASP D 1171 -48.26 -23.63 31.58
C ASP D 1171 -48.90 -22.65 30.58
N THR D 1172 -49.34 -23.14 29.43
CA THR D 1172 -49.87 -22.28 28.38
C THR D 1172 -51.36 -22.00 28.53
N GLU D 1173 -52.03 -22.60 29.51
CA GLU D 1173 -53.47 -22.39 29.65
C GLU D 1173 -53.78 -20.97 30.12
N LYS D 1174 -52.89 -20.39 30.93
CA LYS D 1174 -53.16 -19.06 31.47
C LYS D 1174 -53.20 -17.99 30.38
N LEU D 1175 -52.28 -18.05 29.42
CA LEU D 1175 -52.28 -17.08 28.34
C LEU D 1175 -53.48 -17.26 27.42
N ILE D 1176 -53.83 -18.51 27.10
CA ILE D 1176 -54.96 -18.78 26.22
C ILE D 1176 -56.26 -18.30 26.86
N THR D 1177 -56.43 -18.60 28.15
CA THR D 1177 -57.64 -18.16 28.86
C THR D 1177 -57.73 -16.63 28.89
N ALA D 1178 -56.62 -15.95 29.16
CA ALA D 1178 -56.62 -14.49 29.17
C ALA D 1178 -56.93 -13.92 27.80
N ILE D 1179 -56.38 -14.49 26.74
CA ILE D 1179 -56.65 -14.01 25.39
C ILE D 1179 -58.12 -14.20 25.04
N TYR D 1180 -58.68 -15.37 25.36
CA TYR D 1180 -60.10 -15.59 25.09
C TYR D 1180 -60.98 -14.65 25.88
N ALA D 1181 -60.68 -14.42 27.16
CA ALA D 1181 -61.45 -13.48 27.96
C ALA D 1181 -61.36 -12.06 27.44
N ASP D 1182 -60.17 -11.61 27.04
CA ASP D 1182 -60.03 -10.27 26.49
C ASP D 1182 -60.77 -10.12 25.16
N TYR D 1183 -60.71 -11.13 24.30
CA TYR D 1183 -61.48 -11.06 23.05
C TYR D 1183 -62.98 -11.06 23.30
N ALA D 1184 -63.44 -11.85 24.28
CA ALA D 1184 -64.86 -11.83 24.62
C ALA D 1184 -65.27 -10.47 25.16
N ARG D 1185 -64.43 -9.85 25.99
CA ARG D 1185 -64.72 -8.51 26.48
C ARG D 1185 -64.77 -7.49 25.34
N SER D 1186 -63.84 -7.58 24.39
CA SER D 1186 -63.86 -6.68 23.24
C SER D 1186 -65.12 -6.86 22.40
N LEU D 1187 -65.53 -8.12 22.17
CA LEU D 1187 -66.76 -8.36 21.43
C LEU D 1187 -67.99 -7.86 22.17
N LYS D 1188 -68.03 -8.01 23.49
CA LYS D 1188 -69.13 -7.46 24.27
C LYS D 1188 -69.16 -5.94 24.17
N ASN D 1189 -67.99 -5.30 24.24
CA ASN D 1189 -67.93 -3.85 24.09
C ASN D 1189 -68.40 -3.40 22.72
N LEU D 1190 -68.07 -4.17 21.68
CA LEU D 1190 -68.54 -3.85 20.34
C LEU D 1190 -70.06 -3.95 20.23
N GLY D 1191 -70.67 -4.95 20.85
CA GLY D 1191 -72.11 -5.09 20.83
C GLY D 1191 -72.58 -6.47 20.44
N PHE D 1192 -71.71 -7.25 19.79
CA PHE D 1192 -72.07 -8.59 19.35
C PHE D 1192 -72.05 -9.55 20.53
N LYS D 1193 -73.24 -10.05 20.92
CA LYS D 1193 -73.36 -10.83 22.13
C LYS D 1193 -73.09 -12.32 21.90
N GLN D 1194 -73.48 -12.85 20.75
CA GLN D 1194 -73.29 -14.28 20.49
C GLN D 1194 -71.82 -14.66 20.49
N GLY D 1195 -70.99 -13.88 19.80
CA GLY D 1195 -69.56 -14.14 19.82
C GLY D 1195 -68.97 -13.95 21.20
N ALA D 1196 -69.46 -12.96 21.93
CA ALA D 1196 -68.97 -12.71 23.28
C ALA D 1196 -69.21 -13.92 24.18
N VAL D 1197 -70.44 -14.45 24.18
CA VAL D 1197 -70.72 -15.61 25.03
C VAL D 1197 -69.98 -16.84 24.51
N LEU D 1198 -69.86 -17.00 23.19
CA LEU D 1198 -69.16 -18.16 22.65
C LEU D 1198 -67.70 -18.17 23.08
N PHE D 1199 -67.04 -17.01 23.05
CA PHE D 1199 -65.65 -16.95 23.48
C PHE D 1199 -65.49 -16.98 25.00
N ALA D 1200 -66.44 -16.43 25.75
CA ALA D 1200 -66.37 -16.47 27.20
C ALA D 1200 -66.58 -17.88 27.74
N SER D 1201 -67.42 -18.68 27.06
CA SER D 1201 -67.57 -20.08 27.46
C SER D 1201 -66.26 -20.83 27.30
N LYS D 1202 -65.54 -20.58 26.21
CA LYS D 1202 -64.24 -21.20 26.01
C LYS D 1202 -63.17 -20.62 26.93
N ALA D 1203 -63.36 -19.38 27.42
CA ALA D 1203 -62.36 -18.79 28.30
C ALA D 1203 -62.22 -19.58 29.59
N GLY D 1204 -63.33 -19.94 30.22
CA GLY D 1204 -63.29 -20.76 31.41
C GLY D 1204 -63.42 -20.00 32.72
N ALA D 1205 -62.40 -20.11 33.57
CA ALA D 1205 -62.45 -19.54 34.91
C ALA D 1205 -62.37 -18.01 34.93
N ALA D 1206 -61.69 -17.41 33.95
CA ALA D 1206 -61.55 -15.96 33.90
C ALA D 1206 -62.66 -15.30 33.08
N GLY D 1207 -63.62 -16.08 32.60
CA GLY D 1207 -64.74 -15.53 31.86
C GLY D 1207 -66.05 -15.74 32.58
N LYS D 1208 -65.98 -16.29 33.80
CA LYS D 1208 -67.19 -16.53 34.58
C LYS D 1208 -67.90 -15.21 34.92
N ASP D 1209 -67.13 -14.20 35.31
CA ASP D 1209 -67.72 -12.91 35.67
C ASP D 1209 -68.42 -12.28 34.47
N LEU D 1210 -67.80 -12.38 33.29
CA LEU D 1210 -68.41 -11.84 32.07
C LEU D 1210 -69.72 -12.55 31.76
N LEU D 1211 -69.74 -13.87 31.92
CA LEU D 1211 -70.98 -14.63 31.71
C LEU D 1211 -72.06 -14.23 32.71
N ASN D 1212 -71.68 -14.05 33.97
CA ASN D 1212 -72.64 -13.71 35.01
C ASN D 1212 -73.15 -12.27 34.91
N GLU D 1213 -72.40 -11.37 34.30
CA GLU D 1213 -72.86 -10.00 34.11
C GLU D 1213 -73.60 -9.79 32.81
N LEU D 1214 -73.22 -10.48 31.73
CA LEU D 1214 -73.92 -10.33 30.46
C LEU D 1214 -75.26 -11.06 30.43
N GLU D 1215 -75.40 -12.16 31.15
CA GLU D 1215 -76.67 -12.88 31.22
C GLU D 1215 -77.56 -12.32 32.31
#